data_8Y7X
#
_entry.id   8Y7X
#
loop_
_entity.id
_entity.type
_entity.pdbx_description
1 polymer 'Spike glycoprotein'
2 polymer 'Transmembrane protease serine 2'
3 branched 2-acetamido-2-deoxy-beta-D-glucopyranose-(1-4)-2-acetamido-2-deoxy-beta-D-glucopyranose
4 non-polymer 2-acetamido-2-deoxy-beta-D-glucopyranose
#
loop_
_entity_poly.entity_id
_entity_poly.type
_entity_poly.pdbx_seq_one_letter_code
_entity_poly.pdbx_strand_id
1 'polypeptide(L)'
;VIGDFNCTNFAINDLNTTVPRISEYVVDVSYGLGTYYILDRVYLNTTILFTGYFPKSGANFRDLSLKGTTYLSTLWYQKP
FLSDFNNGIFSRVKNTKLYVNKTLYSEFSTIVIGSVFINNSYTIVVQPHNGVLEITACQYTMCEYPHTICKSKGSSRNES
WHFDKSEPLCLFKKNFTYNVSTDWLYFHFYQERGTFYAYYADSGMPTTFLFSLYLGTLLSHYYVLPLTCNAISSNTDNET
LQYWVTPLSKRQYLLKFDNRGVITNAVDCSSSFFSEIQCKTKSLLPNTGVYDLSGFTVKPVATVHRRIPDLPDCDIDKWL
NNFNVPSPLNWERKIFSNCNFNLSTLLRLVHTDSFSCNNFDESKIYGSCFKSIVLDKFAIPNSRRSDLQLGSSGFLQSSN
YKIDTTSSSCQLYYSLPAINVTINNYNPSSWNRRYGFNNFNLSSHSVVYSRYCFSVNNTFCPCAKPSFASSCKSHKPPSA
SCPIGTNYRSCESTTVLDHTDWCRCSCLPDPITAYDPRSCSQKKSLVGVGEHCAGFGVDEEKCGVLDGSYNVSCLCSTDA
FLGWSYDTCVSNNRCNIFSNFILNGINSGTTCSNDLLQPNTEVFTDVCVDYDLYGITGQGIFKEVSAVYYNSWQNLLYDS
NGNIIGFKDFVTNKTYNIFPCYAGRVSAAFHQNASSLALLYRNLKCSYVLNNISLTTQPYFDSYLGCVFNADNLTDYSVS
SCALRMGSGFCVDYNSPSSSSSGGSGSSISASYRFVTFEPFNVSFVNDSIESVGGLYEIKIPTNFTIVGQEEFIQTNSPK
VTIDCSLFVCSNYAACHDLLSEYGTFCDNINSILDEVNGLLDTTQLHVADTLMQGVTLSSNLNTNLHFDVDNINFKSLVG
CLGPHCGSSSRSFFEDLLFDKVKLSDVGFVEAYNNCTGGSEIRDLLCVQSFNGIKVLPPILSESQISGYTTAATVAAMFP
PWSAAAGIPFSLNVQYRINGLGVTMDVLNKNQKLIATAFNNALLSIQNGFSATNSALAKIQSVVNSNAQALNSLLQQLFN
KFGAISSSLQEILSRLDPPEAQVQIDRLINGRLTALNAYVSQQLSDISLVKFGAALAMEKVNECVKSQSPRINFCGNGNH
ILSLVQNAPYGLLFMHFSYKPISFKTVLVSPGLCISGDVGIAPKQGYFIKHNDHWMFTGSSYYYPEPISDKNVVFMNTCS
VNFTKAPLVYLNHSVPKLSDFESELSHWFKNQTSIAPNLTLNLHTINATFLDLYYEMNLIQESIKSLN
;
B,A,C
2 'polypeptide(L)'
;MGSKCSNSGIECDSSGTCINPSNWCDGVSHCPGGEDENRCVRLYGPNFILQVYSSQRKSWHPVCQDDWNENYGRAACRDM
GYKNNFYSSQGIVDDSGSTSFMKLNTSAGNVDIYKKLYHSDACSSKAVVSLRCIACGVNLNDDDDKIVGGESALPGAWPW
QVSLHVQNVHVCGGSIITPEWIVTAAHCVEKPLNNPWHWTAFAGILRQSFMFYGAGYQVEKVISHPNYDSKTKNNDIALM
KLQKPLTFNDLVKPVCLPNPGMMLQPEQLCWISGWGATEEKGKTSEVLNAAKVLLIETQRCNSRYVYDNLITPAMICAGF
LQGNVDSCQGDSGGPLVTSKNNIWWLIGDTSWGSGCAKAYRPGVYGNVMVFTDWIYRQMRADG
;
x,y,z
#
# COMPACT_ATOMS: atom_id res chain seq x y z
N VAL A 1 9.67 9.95 -42.61
CA VAL A 1 8.63 10.83 -42.10
C VAL A 1 8.81 11.02 -40.60
N ILE A 2 9.59 12.03 -40.22
CA ILE A 2 9.84 12.29 -38.80
C ILE A 2 8.72 13.11 -38.20
N GLY A 3 8.21 14.10 -38.93
CA GLY A 3 7.14 14.95 -38.46
C GLY A 3 5.82 14.66 -39.15
N ASP A 4 4.83 15.50 -38.85
CA ASP A 4 3.49 15.37 -39.41
C ASP A 4 3.01 16.62 -40.13
N PHE A 5 3.44 17.80 -39.71
CA PHE A 5 3.00 19.03 -40.37
C PHE A 5 3.75 19.24 -41.67
N ASN A 6 2.99 19.60 -42.72
CA ASN A 6 3.56 19.91 -44.03
C ASN A 6 3.97 21.38 -44.02
N CYS A 7 5.28 21.63 -44.00
CA CYS A 7 5.80 22.98 -43.91
C CYS A 7 6.43 23.49 -45.19
N THR A 8 7.01 22.62 -46.01
CA THR A 8 7.60 23.03 -47.29
C THR A 8 7.73 21.83 -48.20
N ASN A 9 7.63 22.07 -49.50
CA ASN A 9 7.81 21.02 -50.51
C ASN A 9 8.32 21.69 -51.78
N PHE A 10 9.64 21.64 -51.98
CA PHE A 10 10.26 22.28 -53.13
C PHE A 10 10.46 21.28 -54.28
N ALA A 11 11.21 20.21 -54.03
CA ALA A 11 11.50 19.22 -55.07
C ALA A 11 11.78 17.89 -54.37
N ILE A 12 10.87 16.94 -54.53
CA ILE A 12 11.00 15.63 -53.92
C ILE A 12 11.66 14.67 -54.91
N ASN A 13 12.33 13.66 -54.38
CA ASN A 13 12.99 12.67 -55.21
C ASN A 13 13.04 11.35 -54.44
N ASP A 14 13.25 10.26 -55.18
CA ASP A 14 13.33 8.92 -54.60
C ASP A 14 14.42 8.15 -55.34
N LEU A 15 15.63 8.19 -54.79
CA LEU A 15 16.78 7.48 -55.34
C LEU A 15 17.51 6.75 -54.23
N ASN A 16 17.64 5.42 -54.37
CA ASN A 16 18.32 4.61 -53.38
C ASN A 16 19.81 4.56 -53.72
N THR A 17 20.52 5.60 -53.30
CA THR A 17 21.95 5.73 -53.54
C THR A 17 22.67 6.11 -52.26
N THR A 18 22.36 5.42 -51.16
CA THR A 18 22.97 5.70 -49.87
C THR A 18 23.04 4.43 -49.05
N VAL A 19 24.05 4.37 -48.19
CA VAL A 19 24.26 3.22 -47.29
C VAL A 19 25.21 3.65 -46.17
N PRO A 20 24.85 3.39 -44.91
CA PRO A 20 25.77 3.74 -43.81
C PRO A 20 27.04 2.91 -43.88
N ARG A 21 28.18 3.58 -43.80
CA ARG A 21 29.49 2.95 -43.88
C ARG A 21 30.01 2.64 -42.48
N ILE A 22 30.60 1.46 -42.34
CA ILE A 22 31.20 1.04 -41.07
C ILE A 22 32.65 1.50 -41.04
N SER A 23 32.99 2.35 -40.07
CA SER A 23 34.33 2.89 -39.98
C SER A 23 35.32 1.81 -39.53
N GLU A 24 36.60 2.06 -39.80
CA GLU A 24 37.67 1.15 -39.42
C GLU A 24 38.29 1.48 -38.06
N TYR A 25 37.76 2.48 -37.37
CA TYR A 25 38.27 2.87 -36.06
C TYR A 25 37.65 2.02 -34.97
N VAL A 26 38.49 1.57 -34.03
CA VAL A 26 38.07 0.73 -32.92
C VAL A 26 38.08 1.56 -31.65
N VAL A 27 37.05 1.37 -30.81
CA VAL A 27 36.96 2.11 -29.56
C VAL A 27 38.13 1.74 -28.65
N ASP A 28 38.88 2.75 -28.24
CA ASP A 28 40.05 2.56 -27.38
C ASP A 28 39.85 3.39 -26.12
N VAL A 29 39.63 2.71 -24.99
CA VAL A 29 39.40 3.37 -23.71
C VAL A 29 40.62 3.26 -22.80
N SER A 30 41.81 3.10 -23.36
CA SER A 30 42.99 2.92 -22.53
C SER A 30 43.47 4.25 -21.94
N TYR A 31 43.36 5.33 -22.71
CA TYR A 31 43.85 6.64 -22.28
C TYR A 31 42.73 7.61 -21.93
N GLY A 32 41.47 7.17 -21.95
CA GLY A 32 40.38 8.01 -21.53
C GLY A 32 39.31 8.25 -22.57
N LEU A 33 39.63 7.97 -23.84
CA LEU A 33 38.67 8.19 -24.91
C LEU A 33 37.48 7.25 -24.75
N GLY A 34 36.29 7.83 -24.65
CA GLY A 34 35.08 7.08 -24.42
C GLY A 34 34.54 7.14 -23.01
N THR A 35 35.20 7.89 -22.12
CA THR A 35 34.78 8.03 -20.74
C THR A 35 34.36 9.48 -20.49
N TYR A 36 33.60 9.69 -19.42
CA TYR A 36 33.13 11.02 -19.06
C TYR A 36 33.35 11.27 -17.58
N TYR A 37 33.63 12.53 -17.24
CA TYR A 37 33.68 12.93 -15.84
C TYR A 37 32.30 12.85 -15.22
N ILE A 38 32.26 12.75 -13.89
CA ILE A 38 31.00 12.75 -13.16
C ILE A 38 30.43 14.17 -13.23
N LEU A 39 29.17 14.32 -12.83
CA LEU A 39 28.45 15.59 -12.96
C LEU A 39 29.27 16.77 -12.45
N ASP A 40 29.58 16.79 -11.16
CA ASP A 40 30.48 17.78 -10.58
C ASP A 40 31.21 17.13 -9.41
N ARG A 41 32.38 16.58 -9.71
CA ARG A 41 33.20 15.90 -8.71
C ARG A 41 34.67 16.03 -9.11
N VAL A 42 35.53 16.10 -8.10
CA VAL A 42 36.97 16.20 -8.30
C VAL A 42 37.64 15.07 -7.52
N TYR A 43 38.54 14.35 -8.19
CA TYR A 43 39.31 13.27 -7.57
C TYR A 43 40.79 13.53 -7.79
N LEU A 44 41.59 13.32 -6.74
CA LEU A 44 43.02 13.58 -6.77
C LEU A 44 43.77 12.33 -6.36
N ASN A 45 44.52 11.75 -7.30
CA ASN A 45 45.43 10.63 -7.03
C ASN A 45 44.67 9.44 -6.45
N THR A 46 43.62 9.02 -7.15
CA THR A 46 42.82 7.89 -6.70
C THR A 46 42.53 6.93 -7.85
N THR A 47 41.86 5.82 -7.53
CA THR A 47 41.44 4.84 -8.53
C THR A 47 40.08 4.31 -8.10
N ILE A 48 39.04 4.59 -8.91
CA ILE A 48 37.68 4.32 -8.51
C ILE A 48 37.03 3.35 -9.50
N LEU A 49 35.98 2.68 -9.01
CA LEU A 49 35.16 1.79 -9.83
C LEU A 49 33.79 2.44 -9.99
N PHE A 50 33.47 2.87 -11.20
CA PHE A 50 32.24 3.59 -11.48
C PHE A 50 31.37 2.79 -12.42
N THR A 51 30.11 2.60 -12.04
CA THR A 51 29.13 1.93 -12.88
C THR A 51 28.26 2.97 -13.57
N GLY A 52 28.11 2.84 -14.88
CA GLY A 52 27.32 3.80 -15.62
C GLY A 52 27.19 3.42 -17.07
N TYR A 53 26.62 4.32 -17.86
CA TYR A 53 26.35 4.09 -19.27
C TYR A 53 27.60 4.45 -20.07
N PHE A 54 28.28 3.43 -20.58
CA PHE A 54 29.49 3.57 -21.36
C PHE A 54 29.39 2.75 -22.63
N PRO A 55 30.18 3.07 -23.65
CA PRO A 55 30.21 2.23 -24.86
C PRO A 55 31.02 0.97 -24.63
N LYS A 56 30.64 -0.08 -25.35
CA LYS A 56 31.33 -1.36 -25.26
C LYS A 56 32.67 -1.29 -25.97
N SER A 57 33.72 -1.76 -25.31
CA SER A 57 35.06 -1.72 -25.89
C SER A 57 35.16 -2.69 -27.07
N GLY A 58 36.00 -2.33 -28.03
CA GLY A 58 36.19 -3.15 -29.21
C GLY A 58 34.96 -3.21 -30.10
N ALA A 59 34.49 -2.05 -30.53
CA ALA A 59 33.31 -1.94 -31.38
C ALA A 59 33.65 -1.08 -32.59
N ASN A 60 32.69 -0.99 -33.51
CA ASN A 60 32.84 -0.21 -34.73
C ASN A 60 31.79 0.89 -34.79
N PHE A 61 32.08 1.92 -35.57
CA PHE A 61 31.19 3.06 -35.72
C PHE A 61 30.42 2.98 -37.03
N ARG A 62 29.31 3.70 -37.08
CA ARG A 62 28.47 3.79 -38.27
C ARG A 62 28.20 5.25 -38.58
N ASP A 63 28.44 5.65 -39.83
CA ASP A 63 28.26 7.03 -40.25
C ASP A 63 26.82 7.28 -40.69
N LEU A 64 26.29 8.43 -40.29
CA LEU A 64 24.93 8.83 -40.64
C LEU A 64 24.93 10.19 -41.35
N SER A 65 26.03 10.52 -42.02
CA SER A 65 26.13 11.79 -42.74
C SER A 65 25.62 11.62 -44.17
N LEU A 66 24.76 12.55 -44.60
CA LEU A 66 24.17 12.53 -45.93
C LEU A 66 24.45 13.85 -46.63
N LYS A 67 24.75 13.77 -47.92
CA LYS A 67 25.06 14.95 -48.73
C LYS A 67 24.06 15.07 -49.86
N GLY A 68 23.53 16.27 -50.06
CA GLY A 68 22.60 16.53 -51.14
C GLY A 68 22.72 17.96 -51.61
N THR A 69 22.58 18.12 -52.93
CA THR A 69 22.71 19.42 -53.56
C THR A 69 21.39 19.92 -54.14
N THR A 70 20.75 19.13 -55.00
CA THR A 70 19.50 19.53 -55.64
C THR A 70 18.33 18.61 -55.32
N TYR A 71 18.57 17.31 -55.16
CA TYR A 71 17.51 16.36 -54.87
C TYR A 71 17.85 15.58 -53.62
N LEU A 72 16.81 15.09 -52.95
CA LEU A 72 16.96 14.28 -51.74
C LEU A 72 15.93 13.16 -51.77
N SER A 73 16.35 11.98 -51.32
CA SER A 73 15.47 10.82 -51.33
C SER A 73 14.62 10.77 -50.07
N THR A 74 13.43 10.17 -50.21
CA THR A 74 12.54 9.99 -49.06
C THR A 74 13.09 8.96 -48.09
N LEU A 75 13.88 7.99 -48.56
CA LEU A 75 14.47 7.00 -47.67
C LEU A 75 15.42 7.62 -46.66
N TRP A 76 15.81 8.87 -46.87
CA TRP A 76 16.61 9.61 -45.90
C TRP A 76 15.82 10.00 -44.66
N TYR A 77 14.52 9.72 -44.63
CA TYR A 77 13.68 10.08 -43.49
C TYR A 77 13.05 8.85 -42.85
N GLN A 78 13.64 7.68 -43.05
CA GLN A 78 13.16 6.44 -42.46
C GLN A 78 14.37 5.63 -42.01
N LYS A 79 14.12 4.37 -41.66
CA LYS A 79 15.19 3.48 -41.25
C LYS A 79 16.07 3.15 -42.46
N PRO A 80 17.37 2.83 -42.23
CA PRO A 80 18.04 2.74 -40.94
C PRO A 80 18.53 4.09 -40.41
N PHE A 81 18.17 5.17 -41.09
CA PHE A 81 18.60 6.50 -40.66
C PHE A 81 17.83 7.01 -39.44
N LEU A 82 16.77 6.33 -39.04
CA LEU A 82 16.02 6.67 -37.83
C LEU A 82 16.17 5.50 -36.86
N SER A 83 17.20 5.56 -36.03
CA SER A 83 17.50 4.48 -35.10
C SER A 83 16.67 4.61 -33.82
N ASP A 84 16.89 3.69 -32.89
CA ASP A 84 16.16 3.66 -31.63
C ASP A 84 17.08 4.10 -30.50
N PHE A 85 16.63 5.07 -29.71
CA PHE A 85 17.38 5.56 -28.55
C PHE A 85 17.10 4.65 -27.36
N ASN A 86 17.82 3.53 -27.33
CA ASN A 86 17.57 2.52 -26.30
C ASN A 86 18.09 2.96 -24.94
N ASN A 87 19.40 3.20 -24.84
CA ASN A 87 19.99 3.59 -23.56
C ASN A 87 20.83 4.86 -23.71
N GLY A 88 21.43 5.06 -24.87
CA GLY A 88 22.25 6.23 -25.10
C GLY A 88 23.09 6.07 -26.34
N ILE A 89 23.81 7.16 -26.65
CA ILE A 89 24.65 7.23 -27.83
C ILE A 89 25.94 7.98 -27.49
N PHE A 90 27.04 7.52 -28.10
CA PHE A 90 28.32 8.21 -28.08
C PHE A 90 28.65 8.59 -29.51
N SER A 91 28.79 9.89 -29.77
CA SER A 91 28.93 10.40 -31.12
C SER A 91 30.27 11.08 -31.32
N ARG A 92 30.83 10.89 -32.50
CA ARG A 92 32.06 11.55 -32.92
C ARG A 92 31.77 12.31 -34.21
N VAL A 93 31.99 13.62 -34.18
CA VAL A 93 31.72 14.51 -35.30
C VAL A 93 33.04 15.07 -35.81
N LYS A 94 33.13 15.23 -37.13
CA LYS A 94 34.30 15.81 -37.77
C LYS A 94 34.04 17.28 -38.04
N ASN A 95 34.96 18.13 -37.58
CA ASN A 95 34.82 19.58 -37.72
C ASN A 95 35.13 19.96 -39.16
N THR A 96 34.08 20.21 -39.94
CA THR A 96 34.22 20.62 -41.32
C THR A 96 34.60 22.09 -41.37
N LYS A 97 35.74 22.38 -42.00
CA LYS A 97 36.27 23.73 -42.09
C LYS A 97 36.15 24.25 -43.51
N LEU A 98 35.76 25.52 -43.65
CA LEU A 98 35.68 26.18 -44.94
C LEU A 98 36.44 27.51 -44.87
N TYR A 99 36.87 28.00 -46.03
CA TYR A 99 37.63 29.23 -46.13
C TYR A 99 37.01 30.13 -47.18
N VAL A 100 36.56 31.32 -46.75
CA VAL A 100 35.98 32.31 -47.64
C VAL A 100 36.74 33.61 -47.44
N ASN A 101 37.53 34.00 -48.43
CA ASN A 101 38.35 35.20 -48.37
C ASN A 101 39.31 35.15 -47.16
N LYS A 102 39.95 33.99 -46.99
CA LYS A 102 40.92 33.77 -45.93
C LYS A 102 40.29 33.96 -44.54
N THR A 103 39.10 33.41 -44.38
CA THR A 103 38.40 33.40 -43.09
C THR A 103 37.89 32.00 -42.81
N LEU A 104 38.20 31.49 -41.63
CA LEU A 104 37.85 30.13 -41.27
C LEU A 104 36.42 30.05 -40.75
N TYR A 105 35.66 29.08 -41.24
CA TYR A 105 34.31 28.81 -40.79
C TYR A 105 34.20 27.33 -40.41
N SER A 106 33.74 27.07 -39.20
CA SER A 106 33.58 25.71 -38.69
C SER A 106 32.11 25.35 -38.66
N GLU A 107 31.76 24.21 -39.27
CA GLU A 107 30.37 23.79 -39.31
C GLU A 107 30.29 22.27 -39.31
N PHE A 108 29.18 21.75 -38.78
CA PHE A 108 28.90 20.32 -38.80
C PHE A 108 27.41 20.12 -38.62
N SER A 109 26.99 18.86 -38.76
CA SER A 109 25.57 18.55 -38.76
C SER A 109 24.98 18.70 -37.36
N THR A 110 23.66 18.87 -37.32
CA THR A 110 22.90 19.00 -36.08
C THR A 110 22.36 17.63 -35.68
N ILE A 111 21.56 17.61 -34.61
CA ILE A 111 20.96 16.36 -34.15
C ILE A 111 19.64 16.68 -33.46
N VAL A 112 18.65 15.81 -33.67
CA VAL A 112 17.34 15.93 -33.04
C VAL A 112 17.03 14.63 -32.32
N ILE A 113 16.42 14.73 -31.15
CA ILE A 113 16.03 13.57 -30.36
C ILE A 113 14.59 13.77 -29.90
N GLY A 114 13.70 12.84 -30.24
CA GLY A 114 12.31 12.96 -29.89
C GLY A 114 11.67 11.60 -29.72
N SER A 115 10.38 11.61 -29.40
CA SER A 115 9.60 10.39 -29.19
C SER A 115 8.52 10.21 -30.26
N VAL A 116 7.66 11.20 -30.45
CA VAL A 116 6.58 11.11 -31.43
C VAL A 116 6.62 12.34 -32.34
N PHE A 117 7.41 13.33 -31.95
CA PHE A 117 7.59 14.56 -32.72
C PHE A 117 6.26 15.29 -32.94
N ILE A 118 5.51 15.47 -31.86
CA ILE A 118 4.25 16.20 -31.87
C ILE A 118 4.37 17.37 -30.91
N ASN A 119 3.55 18.40 -31.14
CA ASN A 119 3.60 19.61 -30.34
C ASN A 119 3.35 19.34 -28.86
N ASN A 120 2.62 18.28 -28.52
CA ASN A 120 2.38 17.95 -27.12
C ASN A 120 3.52 17.17 -26.48
N SER A 121 4.58 16.88 -27.23
CA SER A 121 5.73 16.14 -26.73
C SER A 121 6.97 17.02 -26.76
N TYR A 122 8.02 16.55 -26.10
CA TYR A 122 9.27 17.29 -26.01
C TYR A 122 10.30 16.73 -26.98
N THR A 123 11.02 17.62 -27.64
CA THR A 123 12.10 17.24 -28.55
C THR A 123 13.32 18.13 -28.28
N ILE A 124 14.50 17.52 -28.28
CA ILE A 124 15.75 18.21 -27.98
C ILE A 124 16.57 18.28 -29.26
N VAL A 125 16.89 19.49 -29.69
CA VAL A 125 17.66 19.72 -30.91
C VAL A 125 18.95 20.44 -30.54
N VAL A 126 20.08 19.85 -30.92
CA VAL A 126 21.40 20.44 -30.70
C VAL A 126 21.95 20.85 -32.06
N GLN A 127 22.33 22.12 -32.19
CA GLN A 127 22.80 22.67 -33.45
C GLN A 127 23.90 23.68 -33.24
N PRO A 128 24.97 23.63 -34.04
CA PRO A 128 26.01 24.65 -33.95
C PRO A 128 25.74 25.83 -34.89
N HIS A 129 26.21 27.01 -34.46
CA HIS A 129 26.11 28.23 -35.26
C HIS A 129 27.48 28.88 -35.30
N ASN A 130 28.33 28.40 -36.22
CA ASN A 130 29.67 28.94 -36.48
C ASN A 130 30.40 29.30 -35.19
N GLY A 131 30.49 28.31 -34.29
CA GLY A 131 31.28 28.46 -33.08
C GLY A 131 30.50 28.44 -31.78
N VAL A 132 29.18 28.32 -31.82
CA VAL A 132 28.38 28.26 -30.61
C VAL A 132 27.35 27.15 -30.75
N LEU A 133 27.28 26.27 -29.75
CA LEU A 133 26.31 25.20 -29.71
C LEU A 133 25.06 25.67 -28.98
N GLU A 134 23.89 25.41 -29.57
CA GLU A 134 22.61 25.81 -29.01
C GLU A 134 21.72 24.58 -28.93
N ILE A 135 21.11 24.39 -27.76
CA ILE A 135 20.13 23.32 -27.54
C ILE A 135 18.75 23.94 -27.49
N THR A 136 17.73 23.13 -27.75
CA THR A 136 16.35 23.59 -27.77
C THR A 136 15.52 23.00 -26.64
N ALA A 137 15.40 21.67 -26.59
CA ALA A 137 14.61 20.99 -25.56
C ALA A 137 13.21 21.58 -25.43
N CYS A 138 12.62 21.93 -26.57
CA CYS A 138 11.33 22.59 -26.62
C CYS A 138 10.29 21.68 -27.25
N GLN A 139 9.05 22.16 -27.27
CA GLN A 139 7.93 21.45 -27.89
C GLN A 139 7.74 21.86 -29.34
N TYR A 140 8.81 21.76 -30.12
CA TYR A 140 8.76 22.20 -31.51
C TYR A 140 7.96 21.23 -32.37
N THR A 141 7.42 21.75 -33.47
CA THR A 141 6.72 20.96 -34.46
C THR A 141 7.66 20.70 -35.65
N MET A 142 7.94 19.44 -35.92
CA MET A 142 8.92 19.05 -36.92
C MET A 142 8.26 18.94 -38.29
N CYS A 143 8.95 19.44 -39.32
CA CYS A 143 8.48 19.28 -40.68
C CYS A 143 8.50 17.81 -41.07
N GLU A 144 7.68 17.45 -42.05
CA GLU A 144 7.66 16.08 -42.56
C GLU A 144 8.89 15.74 -43.39
N TYR A 145 9.61 16.75 -43.88
CA TYR A 145 10.86 16.55 -44.63
C TYR A 145 11.82 17.69 -44.32
N PRO A 146 12.46 17.65 -43.16
CA PRO A 146 13.38 18.71 -42.77
C PRO A 146 14.79 18.50 -43.30
N HIS A 147 15.58 19.56 -43.25
CA HIS A 147 16.97 19.53 -43.68
C HIS A 147 17.69 20.72 -43.04
N THR A 148 19.00 20.79 -43.28
CA THR A 148 19.84 21.85 -42.76
C THR A 148 20.74 22.38 -43.86
N ILE A 149 20.87 23.71 -43.92
CA ILE A 149 21.71 24.37 -44.90
C ILE A 149 22.87 25.05 -44.18
N CYS A 150 23.86 25.48 -44.97
CA CYS A 150 25.04 26.13 -44.44
C CYS A 150 24.87 27.65 -44.50
N LYS A 151 25.38 28.34 -43.49
CA LYS A 151 25.31 29.80 -43.48
C LYS A 151 26.19 30.41 -44.57
N SER A 152 27.47 30.04 -44.58
CA SER A 152 28.38 30.51 -45.62
C SER A 152 28.22 29.66 -46.87
N LYS A 153 28.25 30.32 -48.03
CA LYS A 153 28.06 29.67 -49.32
C LYS A 153 26.72 28.92 -49.36
N GLY A 154 25.65 29.67 -49.13
CA GLY A 154 24.31 29.11 -49.05
C GLY A 154 23.88 28.30 -50.26
N SER A 155 22.97 27.36 -50.04
CA SER A 155 22.48 26.49 -51.10
C SER A 155 21.29 27.14 -51.80
N SER A 156 20.63 26.35 -52.65
CA SER A 156 19.48 26.87 -53.40
C SER A 156 18.28 27.07 -52.48
N ARG A 157 18.01 26.09 -51.62
CA ARG A 157 16.87 26.17 -50.71
C ARG A 157 17.28 26.83 -49.41
N ASN A 158 16.34 26.92 -48.47
CA ASN A 158 16.57 27.57 -47.18
C ASN A 158 16.37 26.58 -46.05
N GLU A 159 17.00 26.86 -44.91
CA GLU A 159 16.85 26.01 -43.73
C GLU A 159 15.45 26.15 -43.16
N SER A 160 14.71 25.05 -43.14
CA SER A 160 13.36 25.06 -42.61
C SER A 160 13.05 23.68 -42.04
N TRP A 161 13.07 23.56 -40.71
CA TRP A 161 12.73 22.32 -40.04
C TRP A 161 11.61 22.44 -39.01
N HIS A 162 11.18 23.66 -38.66
CA HIS A 162 10.07 23.86 -37.76
C HIS A 162 9.28 25.08 -38.21
N PHE A 163 7.97 25.03 -37.96
CA PHE A 163 7.06 26.12 -38.32
C PHE A 163 6.31 26.55 -37.08
N ASP A 164 6.78 27.62 -36.43
CA ASP A 164 6.15 28.13 -35.22
C ASP A 164 6.11 29.65 -35.32
N LYS A 165 4.91 30.23 -35.32
CA LYS A 165 4.79 31.68 -35.36
C LYS A 165 5.38 32.31 -34.11
N SER A 166 5.11 31.72 -32.95
CA SER A 166 5.65 32.17 -31.68
C SER A 166 6.49 31.06 -31.05
N GLU A 167 7.29 31.43 -30.07
CA GLU A 167 8.14 30.47 -29.38
C GLU A 167 7.31 29.65 -28.41
N PRO A 168 7.22 28.34 -28.58
CA PRO A 168 6.44 27.51 -27.65
C PRO A 168 7.13 27.39 -26.30
N LEU A 169 6.46 26.68 -25.40
CA LEU A 169 6.97 26.50 -24.04
C LEU A 169 8.16 25.56 -24.07
N CYS A 170 9.35 26.08 -23.75
CA CYS A 170 10.57 25.30 -23.69
C CYS A 170 10.96 25.05 -22.24
N LEU A 171 11.74 23.99 -22.03
CA LEU A 171 12.15 23.62 -20.68
C LEU A 171 13.59 24.02 -20.37
N PHE A 172 14.49 23.97 -21.34
CA PHE A 172 15.89 24.27 -21.09
C PHE A 172 16.50 24.92 -22.32
N LYS A 173 17.14 26.08 -22.11
CA LYS A 173 17.75 26.83 -23.20
C LYS A 173 19.05 27.44 -22.71
N LYS A 174 20.16 27.08 -23.35
CA LYS A 174 21.46 27.63 -23.02
C LYS A 174 22.31 27.69 -24.29
N ASN A 175 23.47 28.33 -24.17
CA ASN A 175 24.43 28.42 -25.27
C ASN A 175 25.81 28.06 -24.74
N PHE A 176 26.54 27.26 -25.51
CA PHE A 176 27.87 26.83 -25.11
C PHE A 176 28.87 27.17 -26.21
N THR A 177 30.14 27.28 -25.82
CA THR A 177 31.20 27.66 -26.74
C THR A 177 32.18 26.51 -26.90
N TYR A 178 32.89 26.51 -28.04
CA TYR A 178 33.90 25.51 -28.32
C TYR A 178 34.93 26.10 -29.27
N ASN A 179 36.09 25.46 -29.32
CA ASN A 179 37.18 25.93 -30.17
C ASN A 179 36.90 25.54 -31.62
N VAL A 180 36.91 26.53 -32.52
CA VAL A 180 36.61 26.27 -33.93
C VAL A 180 37.82 25.73 -34.70
N SER A 181 38.98 25.69 -34.08
CA SER A 181 40.19 25.20 -34.75
C SER A 181 40.40 23.71 -34.55
N THR A 182 39.58 23.05 -33.75
CA THR A 182 39.73 21.62 -33.53
C THR A 182 39.28 20.85 -34.78
N ASP A 183 39.62 19.55 -34.80
CA ASP A 183 39.30 18.70 -35.93
C ASP A 183 38.25 17.64 -35.60
N TRP A 184 37.93 17.43 -34.33
CA TRP A 184 36.94 16.44 -33.93
C TRP A 184 36.09 16.99 -32.79
N LEU A 185 35.02 16.28 -32.48
CA LEU A 185 34.13 16.66 -31.38
C LEU A 185 33.46 15.40 -30.87
N TYR A 186 33.34 15.28 -29.55
CA TYR A 186 32.77 14.09 -28.93
C TYR A 186 31.54 14.46 -28.10
N PHE A 187 30.51 13.62 -28.22
CA PHE A 187 29.26 13.83 -27.52
C PHE A 187 28.83 12.55 -26.81
N HIS A 188 28.24 12.73 -25.63
CA HIS A 188 27.66 11.64 -24.84
C HIS A 188 26.23 12.01 -24.51
N PHE A 189 25.28 11.17 -24.91
CA PHE A 189 23.87 11.38 -24.57
C PHE A 189 23.34 10.09 -23.97
N TYR A 190 22.56 10.21 -22.89
CA TYR A 190 21.92 9.05 -22.30
C TYR A 190 20.82 9.53 -21.35
N GLN A 191 20.05 8.57 -20.84
CA GLN A 191 18.95 8.85 -19.94
C GLN A 191 18.90 7.78 -18.86
N GLU A 192 18.44 8.19 -17.68
CA GLU A 192 18.32 7.28 -16.53
C GLU A 192 17.25 7.83 -15.61
N ARG A 193 16.28 6.98 -15.25
CA ARG A 193 15.19 7.35 -14.36
C ARG A 193 14.41 8.54 -14.91
N GLY A 194 14.30 8.62 -16.23
CA GLY A 194 13.60 9.72 -16.87
C GLY A 194 14.39 11.01 -16.94
N THR A 195 15.64 11.03 -16.50
CA THR A 195 16.48 12.21 -16.53
C THR A 195 17.50 12.06 -17.66
N PHE A 196 17.55 13.04 -18.56
CA PHE A 196 18.43 13.02 -19.72
C PHE A 196 19.67 13.86 -19.43
N TYR A 197 20.84 13.26 -19.63
CA TYR A 197 22.11 13.92 -19.38
C TYR A 197 22.81 14.25 -20.70
N ALA A 198 23.72 15.21 -20.66
CA ALA A 198 24.49 15.55 -21.85
C ALA A 198 25.94 15.80 -21.48
N TYR A 199 26.86 15.39 -22.35
CA TYR A 199 28.28 15.62 -22.19
C TYR A 199 28.91 15.92 -23.56
N TYR A 200 29.94 16.76 -23.56
CA TYR A 200 30.60 17.09 -24.81
C TYR A 200 32.07 17.43 -24.54
N ALA A 201 32.89 17.26 -25.57
CA ALA A 201 34.32 17.54 -25.47
C ALA A 201 34.86 17.90 -26.84
N ASP A 202 35.90 18.74 -26.84
CA ASP A 202 36.52 19.23 -28.08
C ASP A 202 37.63 18.30 -28.57
N SER A 203 38.66 18.09 -27.76
CA SER A 203 39.80 17.31 -28.17
C SER A 203 39.65 15.85 -27.70
N GLY A 204 40.72 15.07 -27.88
CA GLY A 204 40.72 13.69 -27.46
C GLY A 204 40.85 13.54 -25.95
N MET A 205 39.82 13.96 -25.22
CA MET A 205 39.80 13.93 -23.77
C MET A 205 38.43 13.48 -23.31
N PRO A 206 38.32 12.98 -22.08
CA PRO A 206 37.00 12.62 -21.55
C PRO A 206 36.06 13.83 -21.52
N THR A 207 34.80 13.58 -21.86
CA THR A 207 33.84 14.66 -22.01
C THR A 207 33.52 15.29 -20.66
N THR A 208 32.94 16.50 -20.72
CA THR A 208 32.60 17.28 -19.54
C THR A 208 31.10 17.44 -19.46
N PHE A 209 30.63 17.79 -18.26
CA PHE A 209 29.20 17.93 -18.01
C PHE A 209 28.62 19.09 -18.81
N LEU A 210 27.46 18.86 -19.42
CA LEU A 210 26.74 19.90 -20.14
C LEU A 210 25.46 20.31 -19.43
N PHE A 211 24.54 19.37 -19.19
CA PHE A 211 23.30 19.68 -18.48
C PHE A 211 22.54 18.38 -18.22
N SER A 212 21.50 18.52 -17.40
CA SER A 212 20.54 17.46 -17.14
C SER A 212 19.14 18.03 -17.28
N LEU A 213 18.20 17.18 -17.67
CA LEU A 213 16.84 17.62 -17.92
C LEU A 213 15.86 16.56 -17.45
N TYR A 214 14.81 17.00 -16.74
CA TYR A 214 13.76 16.12 -16.26
C TYR A 214 12.59 16.17 -17.24
N LEU A 215 12.24 15.02 -17.80
CA LEU A 215 11.15 14.91 -18.75
C LEU A 215 10.03 13.99 -18.29
N GLY A 216 10.36 12.94 -17.55
CA GLY A 216 9.36 11.99 -17.10
C GLY A 216 8.91 10.99 -18.13
N THR A 217 9.35 11.12 -19.39
CA THR A 217 8.99 10.21 -20.46
C THR A 217 10.25 9.63 -21.09
N LEU A 218 10.12 8.42 -21.62
CA LEU A 218 11.25 7.72 -22.23
C LEU A 218 11.27 8.04 -23.73
N LEU A 219 12.31 8.74 -24.16
CA LEU A 219 12.48 9.05 -25.57
C LEU A 219 12.79 7.77 -26.35
N SER A 220 12.54 7.81 -27.65
CA SER A 220 12.63 6.61 -28.48
C SER A 220 13.43 6.77 -29.75
N HIS A 221 13.56 7.97 -30.32
CA HIS A 221 14.19 8.09 -31.62
C HIS A 221 15.12 9.30 -31.65
N TYR A 222 16.16 9.19 -32.49
CA TYR A 222 17.06 10.29 -32.76
C TYR A 222 17.37 10.31 -34.25
N TYR A 223 17.77 11.48 -34.75
CA TYR A 223 17.98 11.66 -36.17
C TYR A 223 19.02 12.75 -36.40
N VAL A 224 19.72 12.63 -37.53
CA VAL A 224 20.72 13.60 -37.95
C VAL A 224 20.24 14.20 -39.26
N LEU A 225 19.97 15.51 -39.26
CA LEU A 225 19.47 16.18 -40.45
C LEU A 225 20.59 16.32 -41.48
N PRO A 226 20.38 15.89 -42.73
CA PRO A 226 21.42 16.04 -43.74
C PRO A 226 21.71 17.50 -44.02
N LEU A 227 22.96 17.78 -44.39
CA LEU A 227 23.42 19.13 -44.68
C LEU A 227 23.44 19.35 -46.19
N THR A 228 22.71 20.37 -46.64
CA THR A 228 22.66 20.76 -48.05
C THR A 228 23.48 22.03 -48.21
N CYS A 229 24.60 21.93 -48.92
CA CYS A 229 25.50 23.07 -49.08
C CYS A 229 26.15 23.00 -50.45
N ASN A 230 26.61 24.15 -50.93
CA ASN A 230 27.28 24.25 -52.22
C ASN A 230 28.79 24.09 -52.11
N ALA A 231 29.30 23.73 -50.93
CA ALA A 231 30.74 23.58 -50.72
C ALA A 231 31.14 22.20 -50.24
N ILE A 232 30.22 21.44 -49.63
CA ILE A 232 30.54 20.10 -49.16
C ILE A 232 30.80 19.14 -50.31
N SER A 233 30.26 19.43 -51.49
CA SER A 233 30.47 18.56 -52.64
C SER A 233 31.96 18.46 -52.98
N SER A 234 32.39 17.26 -53.35
CA SER A 234 33.81 17.01 -53.64
C SER A 234 34.26 17.61 -54.97
N ASN A 235 33.34 18.20 -55.74
CA ASN A 235 33.73 18.77 -57.03
C ASN A 235 34.55 20.04 -56.86
N THR A 236 34.28 20.80 -55.80
CA THR A 236 34.94 22.08 -55.59
C THR A 236 35.86 22.12 -54.38
N ASP A 237 35.54 21.39 -53.31
CA ASP A 237 36.33 21.43 -52.09
C ASP A 237 36.93 20.08 -51.67
N ASN A 238 36.42 18.97 -52.18
CA ASN A 238 36.91 17.64 -51.82
C ASN A 238 36.83 17.39 -50.32
N GLU A 239 35.72 17.82 -49.71
CA GLU A 239 35.48 17.64 -48.30
C GLU A 239 34.32 16.67 -48.09
N THR A 240 34.31 16.03 -46.92
CA THR A 240 33.29 15.05 -46.57
C THR A 240 32.78 15.32 -45.16
N LEU A 241 31.52 14.93 -44.93
CA LEU A 241 30.90 15.03 -43.61
C LEU A 241 31.00 13.68 -42.92
N GLN A 242 31.34 13.70 -41.64
CA GLN A 242 31.49 12.48 -40.85
C GLN A 242 30.78 12.65 -39.51
N TYR A 243 29.89 11.71 -39.20
CA TYR A 243 29.13 11.75 -37.94
C TYR A 243 28.87 10.30 -37.53
N TRP A 244 29.75 9.77 -36.68
CA TRP A 244 29.67 8.39 -36.24
C TRP A 244 28.95 8.30 -34.89
N VAL A 245 28.19 7.22 -34.71
CA VAL A 245 27.40 7.00 -33.50
C VAL A 245 27.56 5.56 -33.07
N THR A 246 27.79 5.34 -31.77
CA THR A 246 27.86 4.01 -31.22
C THR A 246 26.93 3.90 -30.02
N PRO A 247 26.30 2.75 -29.83
CA PRO A 247 25.36 2.56 -28.71
C PRO A 247 26.09 2.54 -27.37
N LEU A 248 25.31 2.61 -26.30
CA LEU A 248 25.83 2.58 -24.93
C LEU A 248 25.16 1.46 -24.16
N SER A 249 25.78 1.10 -23.04
CA SER A 249 25.23 0.07 -22.17
C SER A 249 25.69 0.32 -20.74
N LYS A 250 24.95 -0.22 -19.79
CA LYS A 250 25.26 -0.05 -18.37
C LYS A 250 26.37 -1.03 -18.00
N ARG A 251 27.60 -0.52 -17.88
CA ARG A 251 28.74 -1.35 -17.53
C ARG A 251 29.46 -0.77 -16.32
N GLN A 252 30.62 -1.33 -15.99
CA GLN A 252 31.43 -0.88 -14.87
C GLN A 252 32.86 -0.67 -15.34
N TYR A 253 33.41 0.51 -15.05
CA TYR A 253 34.74 0.89 -15.48
C TYR A 253 35.61 1.19 -14.28
N LEU A 254 36.92 1.08 -14.48
CA LEU A 254 37.92 1.46 -13.50
C LEU A 254 38.65 2.69 -14.00
N LEU A 255 38.55 3.79 -13.26
CA LEU A 255 39.11 5.07 -13.67
C LEU A 255 40.24 5.47 -12.74
N LYS A 256 41.37 5.88 -13.31
CA LYS A 256 42.53 6.33 -12.55
C LYS A 256 42.72 7.83 -12.75
N PHE A 257 42.90 8.56 -11.65
CA PHE A 257 43.12 10.00 -11.68
C PHE A 257 44.55 10.31 -11.29
N ASP A 258 45.09 11.39 -11.84
CA ASP A 258 46.45 11.82 -11.54
C ASP A 258 46.43 12.79 -10.37
N ASN A 259 47.57 13.44 -10.12
CA ASN A 259 47.66 14.41 -9.02
C ASN A 259 46.87 15.67 -9.32
N ARG A 260 46.85 16.08 -10.60
CA ARG A 260 46.11 17.29 -10.96
C ARG A 260 44.61 17.05 -10.94
N GLY A 261 44.15 15.93 -11.51
CA GLY A 261 42.74 15.60 -11.47
C GLY A 261 42.18 15.11 -12.79
N VAL A 262 43.03 14.96 -13.79
CA VAL A 262 42.61 14.51 -15.12
C VAL A 262 42.68 12.99 -15.16
N ILE A 263 41.82 12.39 -15.99
CA ILE A 263 41.79 10.94 -16.15
C ILE A 263 42.98 10.50 -16.98
N THR A 264 43.68 9.46 -16.50
CA THR A 264 44.84 8.94 -17.19
C THR A 264 44.65 7.53 -17.73
N ASN A 265 43.91 6.67 -17.03
CA ASN A 265 43.71 5.30 -17.48
C ASN A 265 42.29 4.86 -17.16
N ALA A 266 41.75 4.01 -18.04
CA ALA A 266 40.42 3.47 -17.87
C ALA A 266 40.42 2.01 -18.30
N VAL A 267 39.76 1.18 -17.49
CA VAL A 267 39.68 -0.26 -17.73
C VAL A 267 38.22 -0.64 -17.86
N ASP A 268 37.91 -1.47 -18.87
CA ASP A 268 36.53 -1.81 -19.18
C ASP A 268 35.95 -2.83 -18.22
N CYS A 269 36.81 -3.64 -17.58
CA CYS A 269 36.41 -4.64 -16.59
C CYS A 269 35.60 -5.79 -17.20
N SER A 270 35.32 -5.72 -18.51
CA SER A 270 34.57 -6.78 -19.17
C SER A 270 35.07 -7.10 -20.57
N SER A 271 36.19 -6.51 -21.00
CA SER A 271 36.67 -6.73 -22.36
C SER A 271 37.33 -8.11 -22.50
N SER A 272 38.40 -8.35 -21.74
CA SER A 272 39.13 -9.60 -21.80
C SER A 272 39.30 -10.15 -20.38
N PHE A 273 40.11 -11.20 -20.27
CA PHE A 273 40.36 -11.80 -18.96
C PHE A 273 41.23 -10.91 -18.09
N PHE A 274 42.15 -10.17 -18.70
CA PHE A 274 43.02 -9.28 -17.94
C PHE A 274 42.32 -7.93 -17.73
N SER A 275 41.08 -7.96 -17.31
CA SER A 275 40.34 -6.79 -16.86
C SER A 275 39.65 -7.02 -15.53
N GLU A 276 39.10 -8.21 -15.31
CA GLU A 276 38.42 -8.49 -14.05
C GLU A 276 39.40 -8.48 -12.88
N ILE A 277 40.61 -9.00 -13.10
CA ILE A 277 41.62 -8.98 -12.04
C ILE A 277 41.99 -7.54 -11.70
N GLN A 278 42.18 -6.69 -12.72
CA GLN A 278 42.52 -5.30 -12.48
C GLN A 278 41.41 -4.57 -11.76
N CYS A 279 40.15 -4.88 -12.09
CA CYS A 279 39.05 -4.14 -11.50
C CYS A 279 38.66 -4.68 -10.13
N LYS A 280 39.06 -5.91 -9.81
CA LYS A 280 38.82 -6.42 -8.47
C LYS A 280 39.97 -6.08 -7.53
N THR A 281 41.18 -5.90 -8.06
CA THR A 281 42.30 -5.44 -7.26
C THR A 281 42.37 -3.93 -7.14
N LYS A 282 41.60 -3.20 -7.96
CA LYS A 282 41.58 -1.74 -7.97
C LYS A 282 42.98 -1.16 -8.21
N SER A 283 43.76 -1.83 -9.04
CA SER A 283 45.10 -1.37 -9.39
C SER A 283 45.34 -1.59 -10.87
N LEU A 284 46.30 -0.84 -11.41
CA LEU A 284 46.64 -0.95 -12.82
C LEU A 284 47.59 -2.11 -13.11
N LEU A 285 48.41 -2.51 -12.14
CA LEU A 285 49.32 -3.64 -12.28
C LEU A 285 49.10 -4.57 -11.10
N PRO A 286 48.27 -5.60 -11.26
CA PRO A 286 47.99 -6.51 -10.13
C PRO A 286 49.21 -7.30 -9.73
N ASN A 287 49.14 -7.86 -8.53
CA ASN A 287 50.24 -8.66 -7.98
C ASN A 287 50.17 -10.08 -8.54
N THR A 288 51.25 -10.82 -8.31
CA THR A 288 51.33 -12.21 -8.76
C THR A 288 50.42 -13.09 -7.92
N GLY A 289 49.57 -13.86 -8.57
CA GLY A 289 48.67 -14.73 -7.85
C GLY A 289 47.71 -15.43 -8.79
N VAL A 290 46.88 -16.28 -8.19
CA VAL A 290 45.85 -17.04 -8.91
C VAL A 290 44.49 -16.50 -8.50
N TYR A 291 43.66 -16.18 -9.49
CA TYR A 291 42.35 -15.60 -9.26
C TYR A 291 41.28 -16.45 -9.91
N ASP A 292 40.05 -16.32 -9.41
CA ASP A 292 38.89 -17.00 -9.96
C ASP A 292 38.00 -15.96 -10.64
N LEU A 293 37.80 -16.11 -11.94
CA LEU A 293 37.07 -15.13 -12.74
C LEU A 293 35.58 -15.45 -12.73
N SER A 294 34.83 -14.63 -13.46
CA SER A 294 33.38 -14.77 -13.51
C SER A 294 32.99 -16.05 -14.25
N GLY A 295 31.80 -16.55 -13.95
CA GLY A 295 31.32 -17.77 -14.57
C GLY A 295 30.97 -17.59 -16.03
N PHE A 296 30.85 -18.73 -16.72
CA PHE A 296 30.53 -18.77 -18.14
C PHE A 296 29.16 -19.42 -18.30
N THR A 297 28.14 -18.59 -18.55
CA THR A 297 26.76 -19.07 -18.73
C THR A 297 26.40 -18.93 -20.20
N VAL A 298 26.23 -20.05 -20.88
CA VAL A 298 25.85 -20.03 -22.30
C VAL A 298 24.40 -19.61 -22.43
N LYS A 299 24.07 -18.96 -23.54
CA LYS A 299 22.70 -18.48 -23.76
C LYS A 299 21.91 -19.53 -24.55
N PRO A 300 20.62 -19.67 -24.27
CA PRO A 300 19.80 -20.61 -25.04
C PRO A 300 19.67 -20.17 -26.50
N VAL A 301 19.38 -21.15 -27.36
CA VAL A 301 19.30 -20.87 -28.79
C VAL A 301 17.86 -20.61 -29.24
N ALA A 302 16.87 -21.22 -28.58
CA ALA A 302 15.47 -21.06 -28.97
C ALA A 302 14.62 -21.21 -27.73
N THR A 303 13.31 -21.42 -27.94
CA THR A 303 12.36 -21.60 -26.85
C THR A 303 11.41 -22.74 -27.21
N VAL A 304 11.24 -23.67 -26.28
CA VAL A 304 10.37 -24.82 -26.45
C VAL A 304 9.27 -24.75 -25.40
N HIS A 305 8.01 -24.79 -25.84
CA HIS A 305 6.88 -24.71 -24.94
C HIS A 305 5.94 -25.88 -25.19
N ARG A 306 5.24 -26.28 -24.13
CA ARG A 306 4.27 -27.36 -24.21
C ARG A 306 3.10 -27.04 -23.29
N ARG A 307 1.89 -27.36 -23.75
CA ARG A 307 0.68 -27.14 -22.95
C ARG A 307 -0.40 -28.09 -23.44
N ILE A 308 -1.30 -28.45 -22.53
CA ILE A 308 -2.43 -29.32 -22.84
C ILE A 308 -3.66 -28.44 -23.05
N PRO A 309 -4.38 -28.60 -24.16
CA PRO A 309 -5.56 -27.75 -24.38
C PRO A 309 -6.71 -28.14 -23.49
N ASP A 310 -7.43 -27.13 -22.99
CA ASP A 310 -8.56 -27.37 -22.13
C ASP A 310 -9.80 -27.78 -22.93
N LEU A 311 -10.15 -26.98 -23.93
CA LEU A 311 -11.32 -27.24 -24.76
C LEU A 311 -10.93 -27.95 -26.05
N PRO A 312 -11.78 -28.83 -26.56
CA PRO A 312 -11.47 -29.55 -27.80
C PRO A 312 -11.56 -28.64 -29.01
N ASP A 313 -11.26 -29.22 -30.17
CA ASP A 313 -11.26 -28.47 -31.42
C ASP A 313 -12.69 -28.34 -31.94
N CYS A 314 -12.95 -27.24 -32.66
CA CYS A 314 -14.27 -26.99 -33.20
C CYS A 314 -14.64 -27.91 -34.35
N ASP A 315 -13.67 -28.35 -35.15
CA ASP A 315 -13.90 -29.21 -36.32
C ASP A 315 -14.87 -28.55 -37.29
N ILE A 316 -14.55 -27.31 -37.67
CA ILE A 316 -15.40 -26.57 -38.60
C ILE A 316 -15.24 -27.12 -40.01
N ASP A 317 -14.04 -27.59 -40.35
CA ASP A 317 -13.80 -28.12 -41.68
C ASP A 317 -14.60 -29.38 -41.96
N LYS A 318 -14.85 -30.19 -40.92
CA LYS A 318 -15.64 -31.41 -41.10
C LYS A 318 -17.09 -31.08 -41.43
N TRP A 319 -17.60 -29.98 -40.89
CA TRP A 319 -18.98 -29.59 -41.16
C TRP A 319 -19.11 -28.82 -42.46
N LEU A 320 -18.10 -28.01 -42.81
CA LEU A 320 -18.14 -27.26 -44.05
C LEU A 320 -17.86 -28.13 -45.27
N ASN A 321 -17.33 -29.34 -45.08
CA ASN A 321 -17.05 -30.26 -46.18
C ASN A 321 -18.03 -31.42 -46.23
N ASN A 322 -19.23 -31.25 -45.67
CA ASN A 322 -20.23 -32.30 -45.69
C ASN A 322 -20.75 -32.51 -47.11
N PHE A 323 -21.07 -33.77 -47.42
CA PHE A 323 -21.50 -34.14 -48.77
C PHE A 323 -22.95 -33.78 -49.06
N ASN A 324 -23.72 -33.40 -48.03
CA ASN A 324 -25.12 -33.00 -48.21
C ASN A 324 -25.17 -31.48 -48.25
N VAL A 325 -25.10 -30.92 -49.45
CA VAL A 325 -25.10 -29.48 -49.65
C VAL A 325 -26.56 -29.00 -49.65
N PRO A 326 -26.96 -28.12 -48.73
CA PRO A 326 -28.34 -27.67 -48.70
C PRO A 326 -28.62 -26.62 -49.76
N SER A 327 -29.90 -26.52 -50.13
CA SER A 327 -30.35 -25.51 -51.08
C SER A 327 -30.60 -24.19 -50.37
N PRO A 328 -30.60 -23.06 -51.10
CA PRO A 328 -30.90 -21.77 -50.47
C PRO A 328 -32.27 -21.73 -49.82
N LEU A 329 -33.18 -22.59 -50.27
CA LEU A 329 -34.50 -22.67 -49.65
C LEU A 329 -34.43 -23.30 -48.26
N ASN A 330 -33.46 -24.18 -48.02
CA ASN A 330 -33.30 -24.84 -46.73
C ASN A 330 -31.88 -24.70 -46.22
N TRP A 331 -31.36 -23.48 -46.23
CA TRP A 331 -30.00 -23.21 -45.77
C TRP A 331 -29.79 -23.73 -44.35
N GLU A 332 -28.57 -24.17 -44.07
CA GLU A 332 -28.26 -24.77 -42.78
C GLU A 332 -27.60 -23.77 -41.85
N ARG A 333 -27.87 -23.93 -40.56
CA ARG A 333 -27.35 -23.04 -39.52
C ARG A 333 -26.80 -23.88 -38.38
N LYS A 334 -25.62 -23.51 -37.88
CA LYS A 334 -24.97 -24.22 -36.79
C LYS A 334 -24.32 -23.23 -35.84
N ILE A 335 -24.41 -23.51 -34.55
CA ILE A 335 -23.84 -22.66 -33.52
C ILE A 335 -22.62 -23.34 -32.92
N PHE A 336 -21.50 -22.60 -32.84
CA PHE A 336 -20.27 -23.09 -32.27
C PHE A 336 -19.88 -22.22 -31.09
N SER A 337 -19.51 -22.85 -29.98
CA SER A 337 -19.11 -22.13 -28.78
C SER A 337 -18.26 -23.05 -27.91
N ASN A 338 -17.34 -22.45 -27.16
CA ASN A 338 -16.46 -23.15 -26.24
C ASN A 338 -15.66 -24.24 -26.97
N CYS A 339 -14.84 -23.79 -27.92
CA CYS A 339 -13.96 -24.68 -28.67
C CYS A 339 -12.82 -23.85 -29.25
N ASN A 340 -11.80 -24.54 -29.75
CA ASN A 340 -10.63 -23.89 -30.34
C ASN A 340 -10.57 -24.24 -31.81
N PHE A 341 -10.21 -23.25 -32.64
CA PHE A 341 -10.14 -23.43 -34.08
C PHE A 341 -8.91 -22.73 -34.62
N ASN A 342 -8.46 -23.19 -35.78
CA ASN A 342 -7.31 -22.62 -36.49
C ASN A 342 -7.83 -22.05 -37.80
N LEU A 343 -7.84 -20.71 -37.90
CA LEU A 343 -8.36 -20.07 -39.10
C LEU A 343 -7.46 -20.34 -40.29
N SER A 344 -6.13 -20.31 -40.08
CA SER A 344 -5.21 -20.59 -41.18
C SER A 344 -5.38 -22.01 -41.70
N THR A 345 -5.47 -22.99 -40.80
CA THR A 345 -5.70 -24.37 -41.22
C THR A 345 -7.06 -24.52 -41.90
N LEU A 346 -8.07 -23.78 -41.44
CA LEU A 346 -9.38 -23.86 -42.06
C LEU A 346 -9.35 -23.31 -43.47
N LEU A 347 -8.64 -22.21 -43.70
CA LEU A 347 -8.53 -21.65 -45.04
C LEU A 347 -7.62 -22.50 -45.93
N ARG A 348 -6.69 -23.25 -45.33
CA ARG A 348 -5.80 -24.08 -46.12
C ARG A 348 -6.47 -25.38 -46.56
N LEU A 349 -7.18 -26.05 -45.64
CA LEU A 349 -7.82 -27.31 -45.98
C LEU A 349 -8.99 -27.10 -46.94
N VAL A 350 -9.92 -26.23 -46.58
CA VAL A 350 -11.06 -25.89 -47.44
C VAL A 350 -10.62 -24.81 -48.40
N HIS A 351 -10.78 -25.06 -49.70
CA HIS A 351 -10.36 -24.12 -50.73
C HIS A 351 -11.19 -22.84 -50.65
N THR A 352 -10.59 -21.76 -50.15
CA THR A 352 -11.28 -20.49 -49.98
C THR A 352 -11.12 -19.67 -51.25
N ASP A 353 -12.23 -19.41 -51.93
N ASP A 353 -12.23 -19.41 -51.93
CA ASP A 353 -12.19 -18.62 -53.17
CA ASP A 353 -12.19 -18.62 -53.17
C ASP A 353 -11.98 -17.14 -52.87
C ASP A 353 -11.98 -17.14 -52.87
N SER A 354 -12.57 -16.64 -51.79
CA SER A 354 -12.43 -15.25 -51.41
C SER A 354 -12.75 -15.12 -49.93
N PHE A 355 -11.99 -14.26 -49.25
CA PHE A 355 -12.17 -14.01 -47.81
C PHE A 355 -12.07 -12.51 -47.58
N SER A 356 -13.21 -11.83 -47.61
CA SER A 356 -13.28 -10.40 -47.38
C SER A 356 -14.68 -10.05 -46.93
N CYS A 357 -14.78 -9.16 -45.94
CA CYS A 357 -16.08 -8.80 -45.39
C CYS A 357 -15.96 -7.46 -44.68
N ASN A 358 -17.13 -6.88 -44.38
CA ASN A 358 -17.22 -5.57 -43.78
C ASN A 358 -17.53 -5.67 -42.29
N ASN A 359 -17.55 -4.50 -41.63
CA ASN A 359 -17.86 -4.36 -40.21
C ASN A 359 -16.83 -5.03 -39.31
N PHE A 360 -15.74 -5.54 -39.89
CA PHE A 360 -14.67 -6.17 -39.13
C PHE A 360 -13.46 -6.33 -40.05
N ASP A 361 -12.29 -5.99 -39.51
CA ASP A 361 -11.05 -6.07 -40.27
C ASP A 361 -10.54 -7.51 -40.29
N GLU A 362 -10.00 -7.93 -41.44
CA GLU A 362 -9.49 -9.28 -41.57
C GLU A 362 -8.29 -9.52 -40.66
N SER A 363 -7.45 -8.50 -40.46
CA SER A 363 -6.30 -8.66 -39.57
C SER A 363 -6.74 -8.78 -38.12
N LYS A 364 -7.88 -8.16 -37.77
CA LYS A 364 -8.36 -8.24 -36.40
C LYS A 364 -8.96 -9.60 -36.07
N ILE A 365 -9.24 -10.43 -37.07
CA ILE A 365 -9.77 -11.76 -36.81
C ILE A 365 -8.73 -12.63 -36.11
N TYR A 366 -7.46 -12.45 -36.45
CA TYR A 366 -6.38 -13.17 -35.80
C TYR A 366 -5.98 -12.48 -34.51
N GLY A 367 -6.95 -12.26 -33.62
CA GLY A 367 -6.68 -11.58 -32.37
C GLY A 367 -7.40 -12.20 -31.18
N SER A 368 -8.19 -11.39 -30.49
CA SER A 368 -8.92 -11.86 -29.32
C SER A 368 -10.04 -12.81 -29.74
N CYS A 369 -10.79 -13.30 -28.76
CA CYS A 369 -11.85 -14.28 -28.99
C CYS A 369 -13.20 -13.60 -28.93
N PHE A 370 -14.24 -14.37 -29.24
CA PHE A 370 -15.63 -13.94 -29.18
C PHE A 370 -16.42 -14.95 -28.36
N LYS A 371 -17.69 -14.62 -28.10
CA LYS A 371 -18.51 -15.50 -27.27
C LYS A 371 -18.94 -16.75 -28.04
N SER A 372 -19.52 -16.57 -29.22
CA SER A 372 -19.98 -17.71 -30.01
C SER A 372 -19.99 -17.31 -31.48
N ILE A 373 -20.10 -18.32 -32.35
CA ILE A 373 -20.13 -18.13 -33.78
C ILE A 373 -21.36 -18.83 -34.34
N VAL A 374 -22.03 -18.19 -35.30
CA VAL A 374 -23.17 -18.76 -36.00
C VAL A 374 -22.82 -18.87 -37.47
N LEU A 375 -22.86 -20.10 -37.99
CA LEU A 375 -22.50 -20.39 -39.37
C LEU A 375 -23.77 -20.71 -40.15
N ASP A 376 -24.05 -19.91 -41.17
CA ASP A 376 -25.19 -20.12 -42.05
C ASP A 376 -24.68 -20.38 -43.46
N LYS A 377 -24.91 -21.59 -43.98
CA LYS A 377 -24.34 -21.96 -45.26
C LYS A 377 -25.41 -22.51 -46.19
N PHE A 378 -25.21 -22.28 -47.49
CA PHE A 378 -26.05 -22.87 -48.53
C PHE A 378 -25.36 -22.73 -49.88
N ALA A 379 -25.85 -23.50 -50.84
CA ALA A 379 -25.25 -23.54 -52.16
C ALA A 379 -25.47 -22.23 -52.92
N ILE A 380 -24.71 -22.05 -53.99
CA ILE A 380 -24.74 -20.85 -54.82
C ILE A 380 -25.21 -21.24 -56.22
N PRO A 381 -26.29 -20.65 -56.73
CA PRO A 381 -26.67 -20.90 -58.12
C PRO A 381 -25.67 -20.26 -59.07
N ASN A 382 -25.46 -20.91 -60.22
CA ASN A 382 -24.51 -20.39 -61.19
C ASN A 382 -25.02 -19.12 -61.87
N SER A 383 -26.34 -18.99 -61.98
CA SER A 383 -26.93 -17.84 -62.66
C SER A 383 -27.20 -16.66 -61.74
N ARG A 384 -27.18 -16.88 -60.43
CA ARG A 384 -27.48 -15.84 -59.44
C ARG A 384 -26.28 -15.52 -58.55
N ARG A 385 -25.10 -15.42 -59.16
CA ARG A 385 -23.90 -15.12 -58.39
C ARG A 385 -23.89 -13.68 -57.90
N SER A 386 -24.47 -12.76 -58.68
CA SER A 386 -24.46 -11.35 -58.33
C SER A 386 -25.52 -10.98 -57.30
N ASP A 387 -26.41 -11.90 -56.94
CA ASP A 387 -27.45 -11.59 -55.96
C ASP A 387 -27.00 -11.79 -54.52
N LEU A 388 -25.73 -12.17 -54.30
CA LEU A 388 -25.20 -12.37 -52.97
C LEU A 388 -24.40 -11.17 -52.46
N GLN A 389 -24.49 -10.03 -53.15
CA GLN A 389 -23.75 -8.85 -52.72
C GLN A 389 -24.39 -8.23 -51.47
N LEU A 390 -23.64 -7.35 -50.84
CA LEU A 390 -24.10 -6.67 -49.62
C LEU A 390 -25.13 -5.63 -50.00
N GLY A 391 -26.40 -6.04 -50.08
CA GLY A 391 -27.47 -5.15 -50.45
C GLY A 391 -27.83 -5.25 -51.92
N SER A 392 -28.97 -5.90 -52.20
CA SER A 392 -29.40 -6.10 -53.58
C SER A 392 -30.87 -6.49 -53.58
N SER A 393 -31.64 -5.95 -54.52
CA SER A 393 -33.06 -6.28 -54.64
C SER A 393 -33.26 -7.52 -55.51
N GLY A 394 -32.60 -8.61 -55.14
CA GLY A 394 -32.70 -9.86 -55.85
C GLY A 394 -33.63 -10.85 -55.18
N PHE A 395 -33.82 -12.00 -55.83
CA PHE A 395 -34.70 -13.02 -55.30
C PHE A 395 -34.08 -13.77 -54.13
N LEU A 396 -32.75 -13.93 -54.13
CA LEU A 396 -32.10 -14.67 -53.06
C LEU A 396 -32.22 -13.94 -51.72
N GLN A 397 -31.95 -12.63 -51.72
CA GLN A 397 -31.96 -11.87 -50.48
C GLN A 397 -33.38 -11.56 -50.01
N SER A 398 -34.36 -11.71 -50.90
CA SER A 398 -35.74 -11.37 -50.58
C SER A 398 -36.65 -12.58 -50.40
N SER A 399 -36.18 -13.78 -50.69
CA SER A 399 -37.01 -14.98 -50.59
C SER A 399 -36.34 -16.14 -49.86
N ASN A 400 -35.02 -16.19 -49.78
CA ASN A 400 -34.32 -17.32 -49.16
C ASN A 400 -33.60 -16.92 -47.88
N TYR A 401 -32.71 -15.93 -47.95
CA TYR A 401 -31.93 -15.52 -46.78
C TYR A 401 -31.38 -14.13 -47.01
N LYS A 402 -31.49 -13.28 -45.99
CA LYS A 402 -30.99 -11.91 -46.05
C LYS A 402 -29.87 -11.75 -45.02
N ILE A 403 -28.78 -11.14 -45.46
CA ILE A 403 -27.61 -10.92 -44.61
C ILE A 403 -27.79 -9.58 -43.89
N ASP A 404 -27.75 -9.62 -42.56
CA ASP A 404 -27.88 -8.41 -41.78
C ASP A 404 -26.60 -7.60 -41.84
N THR A 405 -26.72 -6.30 -42.12
CA THR A 405 -25.58 -5.40 -42.22
C THR A 405 -25.35 -4.60 -40.95
N THR A 406 -26.23 -4.69 -39.96
CA THR A 406 -26.08 -3.97 -38.71
C THR A 406 -25.23 -4.72 -37.68
N SER A 407 -24.71 -5.89 -38.03
CA SER A 407 -23.87 -6.67 -37.13
C SER A 407 -22.54 -6.95 -37.80
N SER A 408 -21.57 -7.37 -36.99
CA SER A 408 -20.22 -7.68 -37.47
C SER A 408 -20.22 -9.09 -38.04
N SER A 409 -20.87 -9.23 -39.20
CA SER A 409 -20.93 -10.51 -39.89
C SER A 409 -19.87 -10.56 -40.99
N CYS A 410 -19.49 -11.78 -41.36
CA CYS A 410 -18.48 -11.99 -42.38
C CYS A 410 -18.96 -13.01 -43.41
N GLN A 411 -18.46 -12.86 -44.63
CA GLN A 411 -18.90 -13.64 -45.77
C GLN A 411 -17.74 -14.50 -46.27
N LEU A 412 -18.07 -15.68 -46.80
CA LEU A 412 -17.04 -16.56 -47.32
C LEU A 412 -17.61 -17.41 -48.45
N TYR A 413 -16.83 -17.59 -49.51
CA TYR A 413 -17.13 -18.55 -50.55
C TYR A 413 -16.18 -19.75 -50.46
N TYR A 414 -16.64 -20.90 -50.92
CA TYR A 414 -15.74 -22.05 -51.07
C TYR A 414 -16.32 -22.99 -52.10
N SER A 415 -15.53 -24.00 -52.45
CA SER A 415 -15.90 -24.95 -53.48
C SER A 415 -15.69 -26.38 -52.98
N LEU A 416 -16.50 -27.30 -53.48
CA LEU A 416 -16.43 -28.70 -53.11
C LEU A 416 -16.50 -29.57 -54.36
N PRO A 417 -15.64 -30.57 -54.46
CA PRO A 417 -15.67 -31.46 -55.63
C PRO A 417 -17.04 -32.10 -55.81
N ALA A 418 -17.65 -31.83 -56.96
CA ALA A 418 -19.01 -32.28 -57.25
C ALA A 418 -19.10 -33.78 -57.53
N ILE A 419 -18.01 -34.53 -57.37
CA ILE A 419 -18.05 -35.97 -57.59
C ILE A 419 -18.95 -36.67 -56.58
N ASN A 420 -18.98 -36.20 -55.34
CA ASN A 420 -19.81 -36.81 -54.30
C ASN A 420 -20.73 -35.79 -53.64
N VAL A 421 -21.25 -34.83 -54.40
CA VAL A 421 -22.12 -33.78 -53.89
C VAL A 421 -23.56 -34.13 -54.20
N THR A 422 -24.40 -34.17 -53.18
CA THR A 422 -25.84 -34.37 -53.33
C THR A 422 -26.58 -33.23 -52.64
N ILE A 423 -27.56 -32.67 -53.34
CA ILE A 423 -28.31 -31.52 -52.86
C ILE A 423 -29.60 -32.01 -52.22
N ASN A 424 -29.81 -31.67 -50.95
CA ASN A 424 -31.02 -32.03 -50.24
C ASN A 424 -32.03 -30.89 -50.38
N ASN A 425 -33.16 -31.17 -51.03
CA ASN A 425 -34.19 -30.18 -51.28
C ASN A 425 -35.34 -30.40 -50.31
N TYR A 426 -35.77 -29.32 -49.65
CA TYR A 426 -36.88 -29.39 -48.72
C TYR A 426 -37.56 -28.02 -48.67
N ASN A 427 -38.89 -28.05 -48.51
CA ASN A 427 -39.67 -26.82 -48.46
C ASN A 427 -40.07 -26.53 -47.03
N PRO A 428 -39.52 -25.49 -46.38
CA PRO A 428 -39.88 -25.13 -45.01
C PRO A 428 -41.21 -24.39 -44.90
N SER A 429 -42.24 -24.91 -45.55
CA SER A 429 -43.57 -24.32 -45.54
C SER A 429 -44.54 -25.32 -44.94
N SER A 430 -45.31 -24.86 -43.94
CA SER A 430 -46.24 -25.75 -43.26
C SER A 430 -47.54 -25.91 -44.05
N TRP A 431 -48.13 -24.78 -44.47
CA TRP A 431 -49.41 -24.83 -45.15
C TRP A 431 -49.30 -25.45 -46.55
N ASN A 432 -48.16 -25.26 -47.21
CA ASN A 432 -47.96 -25.90 -48.51
C ASN A 432 -47.85 -27.41 -48.36
N ARG A 433 -47.05 -27.87 -47.40
CA ARG A 433 -46.88 -29.30 -47.19
C ARG A 433 -48.16 -29.94 -46.66
N ARG A 434 -49.00 -29.15 -45.98
CA ARG A 434 -50.21 -29.71 -45.40
C ARG A 434 -51.22 -30.13 -46.47
N TYR A 435 -51.34 -29.34 -47.53
CA TYR A 435 -52.36 -29.57 -48.54
C TYR A 435 -51.87 -30.45 -49.69
N GLY A 436 -50.74 -31.13 -49.54
CA GLY A 436 -50.34 -32.13 -50.52
C GLY A 436 -49.08 -31.80 -51.30
N PHE A 437 -48.13 -31.12 -50.68
CA PHE A 437 -46.86 -30.85 -51.35
C PHE A 437 -45.93 -32.05 -51.19
N ASN A 438 -45.12 -32.27 -52.22
CA ASN A 438 -44.21 -33.41 -52.26
C ASN A 438 -42.84 -32.92 -52.73
N ASN A 439 -41.92 -33.85 -52.90
CA ASN A 439 -40.56 -33.51 -53.32
C ASN A 439 -40.56 -32.99 -54.75
N PHE A 440 -39.55 -32.17 -55.06
CA PHE A 440 -39.43 -31.61 -56.40
C PHE A 440 -39.06 -32.67 -57.41
N ASN A 441 -37.92 -33.33 -57.20
CA ASN A 441 -37.43 -34.40 -58.07
C ASN A 441 -37.30 -33.91 -59.52
N LEU A 442 -36.42 -32.92 -59.71
CA LEU A 442 -36.18 -32.34 -61.01
C LEU A 442 -34.92 -32.91 -61.67
N SER A 443 -33.77 -32.78 -61.01
CA SER A 443 -32.50 -33.27 -61.53
C SER A 443 -31.49 -33.21 -60.40
N SER A 444 -30.29 -33.74 -60.66
CA SER A 444 -29.21 -33.73 -59.70
C SER A 444 -28.33 -32.50 -59.91
N HIS A 445 -27.62 -32.11 -58.84
CA HIS A 445 -26.71 -30.96 -58.86
C HIS A 445 -27.43 -29.68 -59.25
N SER A 446 -28.71 -29.56 -58.88
CA SER A 446 -29.52 -28.39 -59.16
C SER A 446 -30.19 -27.90 -57.89
N VAL A 447 -30.10 -26.60 -57.64
CA VAL A 447 -30.69 -25.98 -56.46
C VAL A 447 -31.87 -25.13 -56.89
N VAL A 448 -32.90 -25.08 -56.04
CA VAL A 448 -34.13 -24.33 -56.31
C VAL A 448 -34.16 -23.11 -55.39
N TYR A 449 -34.30 -21.93 -55.98
CA TYR A 449 -34.42 -20.69 -55.24
C TYR A 449 -35.80 -20.09 -55.45
N SER A 450 -36.38 -19.59 -54.37
CA SER A 450 -37.72 -19.03 -54.44
C SER A 450 -37.70 -17.68 -55.15
N ARG A 451 -38.74 -17.42 -55.94
CA ARG A 451 -38.89 -16.16 -56.66
C ARG A 451 -39.96 -15.26 -56.05
N TYR A 452 -41.04 -15.84 -55.52
CA TYR A 452 -42.08 -15.09 -54.84
C TYR A 452 -42.46 -15.81 -53.56
N CYS A 453 -42.57 -15.04 -52.48
CA CYS A 453 -42.88 -15.59 -51.16
C CYS A 453 -44.21 -15.04 -50.67
N PHE A 454 -45.08 -15.94 -50.23
CA PHE A 454 -46.39 -15.56 -49.71
C PHE A 454 -46.58 -16.18 -48.33
N SER A 455 -47.19 -15.43 -47.42
CA SER A 455 -47.43 -15.86 -46.06
C SER A 455 -48.92 -15.80 -45.74
N VAL A 456 -49.42 -16.82 -45.06
CA VAL A 456 -50.83 -16.91 -44.69
C VAL A 456 -50.94 -17.26 -43.21
N ASN A 457 -52.12 -17.01 -42.66
CA ASN A 457 -52.42 -17.37 -41.28
C ASN A 457 -52.98 -18.79 -41.24
N ASN A 458 -53.31 -19.25 -40.03
CA ASN A 458 -53.83 -20.60 -39.83
C ASN A 458 -55.35 -20.68 -40.01
N THR A 459 -55.83 -20.15 -41.13
CA THR A 459 -57.25 -20.27 -41.46
C THR A 459 -57.52 -20.38 -42.95
N PHE A 460 -56.50 -20.39 -43.80
CA PHE A 460 -56.71 -20.42 -45.24
C PHE A 460 -56.92 -21.85 -45.72
N CYS A 461 -57.76 -21.99 -46.75
CA CYS A 461 -58.04 -23.30 -47.33
C CYS A 461 -58.23 -23.16 -48.84
N PRO A 462 -57.39 -23.83 -49.65
CA PRO A 462 -57.58 -23.85 -51.12
C PRO A 462 -58.78 -24.69 -51.55
N CYS A 463 -59.95 -24.37 -51.01
CA CYS A 463 -61.17 -25.11 -51.29
C CYS A 463 -62.33 -24.12 -51.38
N ALA A 464 -63.33 -24.49 -52.18
CA ALA A 464 -64.55 -23.72 -52.32
C ALA A 464 -65.71 -24.41 -51.62
N LYS A 465 -66.74 -23.66 -51.31
CA LYS A 465 -67.92 -24.22 -50.66
C LYS A 465 -68.69 -25.09 -51.65
N PRO A 466 -68.98 -26.35 -51.31
CA PRO A 466 -69.74 -27.20 -52.25
C PRO A 466 -71.13 -26.69 -52.54
N SER A 467 -71.87 -26.24 -51.51
CA SER A 467 -73.21 -25.72 -51.74
C SER A 467 -73.18 -24.45 -52.58
N PHE A 468 -72.17 -23.60 -52.37
CA PHE A 468 -72.06 -22.38 -53.15
C PHE A 468 -71.62 -22.67 -54.58
N ALA A 469 -70.70 -23.62 -54.76
CA ALA A 469 -70.22 -23.96 -56.09
C ALA A 469 -71.25 -24.76 -56.89
N SER A 470 -72.20 -25.40 -56.21
CA SER A 470 -73.23 -26.16 -56.93
C SER A 470 -74.14 -25.23 -57.73
N SER A 471 -74.47 -24.07 -57.18
CA SER A 471 -75.33 -23.11 -57.85
C SER A 471 -74.49 -22.11 -58.66
N CYS A 472 -73.75 -22.65 -59.61
CA CYS A 472 -72.89 -21.85 -60.49
C CYS A 472 -72.94 -22.47 -61.88
N LYS A 473 -73.79 -21.91 -62.74
CA LYS A 473 -73.91 -22.38 -64.11
C LYS A 473 -72.89 -21.77 -65.05
N SER A 474 -72.08 -20.83 -64.57
CA SER A 474 -71.05 -20.19 -65.39
C SER A 474 -69.79 -20.03 -64.56
N HIS A 475 -68.68 -20.60 -65.06
CA HIS A 475 -67.39 -20.56 -64.39
C HIS A 475 -67.48 -21.17 -62.98
N LYS A 476 -67.84 -22.44 -62.95
CA LYS A 476 -67.98 -23.15 -61.68
C LYS A 476 -66.61 -23.54 -61.16
N PRO A 477 -66.21 -23.05 -59.99
CA PRO A 477 -64.90 -23.42 -59.44
C PRO A 477 -64.95 -24.77 -58.76
N PRO A 478 -63.82 -25.47 -58.66
CA PRO A 478 -63.80 -26.75 -57.95
C PRO A 478 -63.98 -26.55 -56.45
N SER A 479 -64.72 -27.48 -55.84
CA SER A 479 -65.05 -27.39 -54.42
C SER A 479 -64.81 -28.73 -53.75
N ALA A 480 -64.39 -28.66 -52.49
CA ALA A 480 -64.16 -29.85 -51.67
C ALA A 480 -64.16 -29.43 -50.21
N SER A 481 -64.04 -30.43 -49.33
CA SER A 481 -64.11 -30.18 -47.90
C SER A 481 -62.73 -29.90 -47.31
N CYS A 482 -62.72 -29.11 -46.24
CA CYS A 482 -61.52 -28.80 -45.48
C CYS A 482 -61.63 -29.40 -44.09
N PRO A 483 -60.49 -29.64 -43.42
CA PRO A 483 -60.54 -30.14 -42.04
C PRO A 483 -61.25 -29.18 -41.09
N ILE A 484 -61.43 -29.60 -39.84
CA ILE A 484 -62.22 -28.86 -38.86
C ILE A 484 -61.56 -27.53 -38.53
N GLY A 485 -62.12 -26.45 -39.08
CA GLY A 485 -61.63 -25.11 -38.79
C GLY A 485 -60.78 -24.51 -39.90
N THR A 486 -61.37 -23.65 -40.70
CA THR A 486 -60.69 -22.98 -41.81
C THR A 486 -61.59 -21.83 -42.29
N ASN A 487 -61.22 -21.23 -43.41
CA ASN A 487 -62.02 -20.21 -44.08
C ASN A 487 -62.12 -20.56 -45.55
N TYR A 488 -63.35 -20.79 -46.02
CA TYR A 488 -63.56 -21.18 -47.41
C TYR A 488 -63.22 -20.03 -48.35
N ARG A 489 -63.06 -20.38 -49.64
CA ARG A 489 -62.71 -19.39 -50.64
C ARG A 489 -63.85 -18.41 -50.86
N SER A 490 -63.52 -17.13 -50.93
CA SER A 490 -64.52 -16.07 -51.10
C SER A 490 -65.00 -16.09 -52.55
N CYS A 491 -66.17 -16.69 -52.77
CA CYS A 491 -66.80 -16.75 -54.08
C CYS A 491 -68.20 -16.18 -53.98
N GLU A 492 -68.51 -15.22 -54.85
CA GLU A 492 -69.81 -14.56 -54.86
C GLU A 492 -70.46 -14.72 -56.22
N SER A 493 -71.78 -14.91 -56.23
CA SER A 493 -72.53 -15.09 -57.45
C SER A 493 -73.29 -13.80 -57.79
N THR A 494 -72.88 -13.14 -58.88
CA THR A 494 -73.53 -11.94 -59.35
C THR A 494 -74.24 -12.23 -60.67
N THR A 495 -75.08 -11.30 -61.09
CA THR A 495 -75.87 -11.42 -62.30
C THR A 495 -75.36 -10.45 -63.34
N VAL A 496 -75.37 -10.86 -64.60
CA VAL A 496 -74.95 -10.03 -65.74
C VAL A 496 -76.18 -9.77 -66.59
N LEU A 497 -76.00 -9.04 -67.69
CA LEU A 497 -77.05 -8.62 -68.62
C LEU A 497 -77.97 -9.82 -68.91
N ASP A 498 -77.42 -10.99 -69.25
CA ASP A 498 -78.28 -12.13 -69.55
C ASP A 498 -78.13 -13.25 -68.53
N HIS A 499 -76.89 -13.66 -68.24
CA HIS A 499 -76.67 -14.73 -67.27
C HIS A 499 -76.87 -14.20 -65.86
N THR A 500 -77.56 -14.99 -65.03
CA THR A 500 -77.84 -14.61 -63.64
C THR A 500 -77.13 -15.51 -62.65
N ASP A 501 -76.11 -16.24 -63.08
CA ASP A 501 -75.38 -17.15 -62.20
C ASP A 501 -73.87 -17.05 -62.43
N TRP A 502 -73.35 -15.83 -62.55
CA TRP A 502 -71.92 -15.63 -62.78
C TRP A 502 -71.18 -15.66 -61.45
N CYS A 503 -70.47 -16.75 -61.18
CA CYS A 503 -69.76 -16.93 -59.93
C CYS A 503 -68.31 -16.51 -60.08
N ARG A 504 -67.90 -15.52 -59.30
CA ARG A 504 -66.54 -15.01 -59.30
C ARG A 504 -65.91 -15.21 -57.93
N CYS A 505 -64.69 -15.74 -57.92
CA CYS A 505 -63.94 -15.98 -56.69
C CYS A 505 -62.79 -14.99 -56.58
N SER A 506 -62.00 -15.16 -55.54
CA SER A 506 -60.86 -14.29 -55.27
C SER A 506 -59.56 -14.93 -55.72
N CYS A 507 -58.48 -14.15 -55.63
CA CYS A 507 -57.14 -14.58 -56.03
C CYS A 507 -57.11 -15.06 -57.48
N LEU A 508 -57.44 -14.13 -58.38
CA LEU A 508 -57.48 -14.40 -59.80
C LEU A 508 -56.67 -13.36 -60.56
N PRO A 509 -55.94 -13.77 -61.61
CA PRO A 509 -55.82 -15.17 -62.06
C PRO A 509 -54.83 -15.97 -61.24
N ASP A 510 -53.78 -15.31 -60.76
CA ASP A 510 -52.73 -15.95 -59.97
C ASP A 510 -52.22 -14.95 -58.94
N PRO A 511 -51.70 -15.41 -57.81
CA PRO A 511 -51.20 -14.46 -56.80
C PRO A 511 -49.98 -13.69 -57.27
N ILE A 512 -49.25 -14.20 -58.26
CA ILE A 512 -48.08 -13.47 -58.77
C ILE A 512 -48.52 -12.25 -59.56
N THR A 513 -49.54 -12.40 -60.40
CA THR A 513 -50.02 -11.29 -61.23
C THR A 513 -51.48 -10.98 -60.91
N ALA A 514 -51.81 -10.90 -59.63
CA ALA A 514 -53.17 -10.61 -59.21
C ALA A 514 -53.51 -9.16 -59.54
N TYR A 515 -54.71 -8.94 -60.10
CA TYR A 515 -55.14 -7.59 -60.45
C TYR A 515 -55.40 -6.76 -59.20
N ASP A 516 -56.10 -7.32 -58.22
CA ASP A 516 -56.42 -6.65 -56.96
C ASP A 516 -55.95 -7.53 -55.81
N PRO A 517 -54.71 -7.35 -55.34
CA PRO A 517 -54.22 -8.17 -54.23
C PRO A 517 -54.94 -7.92 -52.92
N ARG A 518 -55.66 -6.79 -52.79
CA ARG A 518 -56.34 -6.49 -51.55
C ARG A 518 -57.51 -7.42 -51.27
N SER A 519 -58.02 -8.10 -52.30
CA SER A 519 -59.16 -9.02 -52.13
C SER A 519 -58.72 -10.47 -52.03
N CYS A 520 -57.43 -10.76 -52.15
CA CYS A 520 -56.92 -12.12 -52.07
C CYS A 520 -56.40 -12.38 -50.66
N SER A 521 -56.53 -13.64 -50.21
CA SER A 521 -56.13 -13.98 -48.85
C SER A 521 -54.61 -13.96 -48.70
N GLN A 522 -53.91 -14.73 -49.53
CA GLN A 522 -52.45 -14.79 -49.44
C GLN A 522 -51.83 -13.47 -49.90
N LYS A 523 -50.89 -12.97 -49.11
CA LYS A 523 -50.21 -11.71 -49.39
C LYS A 523 -48.72 -11.96 -49.55
N LYS A 524 -48.10 -11.17 -50.43
CA LYS A 524 -46.66 -11.30 -50.64
C LYS A 524 -45.90 -10.78 -49.43
N SER A 525 -44.87 -11.53 -49.03
CA SER A 525 -44.05 -11.18 -47.88
C SER A 525 -42.57 -11.36 -48.23
N LEU A 526 -41.72 -10.65 -47.50
CA LEU A 526 -40.28 -10.70 -47.70
C LEU A 526 -39.63 -11.32 -46.47
N VAL A 527 -38.66 -12.21 -46.71
CA VAL A 527 -37.97 -12.87 -45.61
C VAL A 527 -37.00 -11.91 -44.95
N GLY A 528 -36.70 -12.17 -43.68
CA GLY A 528 -35.78 -11.35 -42.91
C GLY A 528 -34.48 -12.07 -42.61
N VAL A 529 -33.95 -11.80 -41.42
CA VAL A 529 -32.70 -12.39 -40.97
C VAL A 529 -33.05 -13.42 -39.90
N GLY A 530 -32.89 -14.69 -40.23
CA GLY A 530 -33.14 -15.80 -39.33
C GLY A 530 -34.28 -16.70 -39.75
N GLU A 531 -35.33 -16.16 -40.34
CA GLU A 531 -36.48 -16.95 -40.77
C GLU A 531 -36.33 -17.35 -42.23
N HIS A 532 -36.99 -18.44 -42.60
CA HIS A 532 -36.94 -19.00 -43.94
C HIS A 532 -38.13 -18.50 -44.77
N CYS A 533 -38.27 -19.08 -45.96
CA CYS A 533 -39.36 -18.72 -46.84
C CYS A 533 -40.69 -19.20 -46.27
N ALA A 534 -41.72 -18.36 -46.38
CA ALA A 534 -43.04 -18.72 -45.85
C ALA A 534 -43.71 -19.76 -46.73
N GLY A 535 -43.61 -19.62 -48.04
CA GLY A 535 -44.22 -20.57 -48.95
C GLY A 535 -44.32 -20.01 -50.35
N PHE A 536 -44.61 -20.90 -51.28
CA PHE A 536 -44.73 -20.54 -52.69
C PHE A 536 -46.17 -20.14 -53.01
N GLY A 537 -46.34 -19.58 -54.21
CA GLY A 537 -47.66 -19.22 -54.67
C GLY A 537 -48.48 -20.44 -55.05
N VAL A 538 -49.76 -20.40 -54.70
CA VAL A 538 -50.68 -21.52 -54.93
C VAL A 538 -51.81 -21.03 -55.83
N ASP A 539 -52.02 -21.73 -56.93
CA ASP A 539 -53.10 -21.41 -57.87
C ASP A 539 -54.37 -22.10 -57.38
N GLU A 540 -55.32 -21.31 -56.89
CA GLU A 540 -56.55 -21.87 -56.34
C GLU A 540 -57.42 -22.53 -57.39
N GLU A 541 -57.18 -22.25 -58.67
CA GLU A 541 -58.00 -22.86 -59.73
C GLU A 541 -57.65 -24.33 -59.92
N LYS A 542 -56.40 -24.71 -59.68
CA LYS A 542 -55.95 -26.09 -59.87
C LYS A 542 -55.99 -26.92 -58.60
N CYS A 543 -56.66 -26.44 -57.55
CA CYS A 543 -56.76 -27.15 -56.28
C CYS A 543 -58.13 -27.76 -56.15
N GLY A 544 -58.19 -29.02 -55.71
CA GLY A 544 -59.44 -29.69 -55.47
C GLY A 544 -60.01 -30.35 -56.71
N VAL A 545 -61.23 -30.85 -56.56
CA VAL A 545 -61.96 -31.51 -57.64
C VAL A 545 -63.30 -30.81 -57.84
N LEU A 546 -63.94 -31.12 -58.96
CA LEU A 546 -65.23 -30.51 -59.29
C LEU A 546 -66.38 -31.36 -58.76
N ASP A 547 -67.39 -30.69 -58.19
CA ASP A 547 -68.59 -31.34 -57.66
C ASP A 547 -68.23 -32.37 -56.60
N GLY A 548 -67.63 -31.92 -55.50
CA GLY A 548 -67.29 -32.82 -54.42
C GLY A 548 -68.28 -32.68 -53.28
N SER A 549 -68.85 -33.81 -52.89
CA SER A 549 -69.85 -33.85 -51.82
C SER A 549 -69.21 -34.00 -50.44
N TYR A 550 -68.24 -33.13 -50.15
CA TYR A 550 -67.56 -33.09 -48.86
C TYR A 550 -66.96 -34.46 -48.51
N ASN A 551 -66.27 -35.06 -49.48
CA ASN A 551 -65.64 -36.37 -49.29
C ASN A 551 -64.25 -36.41 -49.90
N VAL A 552 -63.59 -35.25 -49.99
CA VAL A 552 -62.25 -35.17 -50.56
C VAL A 552 -61.53 -33.95 -50.00
N SER A 553 -60.24 -34.11 -49.70
CA SER A 553 -59.44 -33.01 -49.18
C SER A 553 -59.04 -32.07 -50.31
N CYS A 554 -58.36 -30.99 -49.95
CA CYS A 554 -57.96 -29.96 -50.91
C CYS A 554 -56.50 -30.20 -51.29
N LEU A 555 -56.30 -30.95 -52.37
CA LEU A 555 -54.96 -31.28 -52.86
C LEU A 555 -54.72 -30.56 -54.18
N CYS A 556 -53.68 -29.75 -54.21
CA CYS A 556 -53.30 -29.00 -55.41
C CYS A 556 -52.27 -29.81 -56.20
N SER A 557 -52.33 -29.68 -57.53
CA SER A 557 -51.39 -30.38 -58.39
C SER A 557 -49.99 -29.79 -58.24
N THR A 558 -49.01 -30.51 -58.78
CA THR A 558 -47.63 -30.04 -58.71
C THR A 558 -47.42 -28.79 -59.56
N ASP A 559 -48.20 -28.63 -60.64
CA ASP A 559 -48.10 -27.44 -61.48
C ASP A 559 -48.77 -26.22 -60.86
N ALA A 560 -49.53 -26.39 -59.78
CA ALA A 560 -50.20 -25.27 -59.14
C ALA A 560 -49.29 -24.46 -58.22
N PHE A 561 -48.05 -24.89 -58.03
CA PHE A 561 -47.09 -24.19 -57.19
C PHE A 561 -46.16 -23.36 -58.07
N LEU A 562 -46.16 -22.05 -57.86
CA LEU A 562 -45.34 -21.12 -58.63
C LEU A 562 -44.59 -20.20 -57.67
N GLY A 563 -43.50 -19.64 -58.17
CA GLY A 563 -42.69 -18.73 -57.37
C GLY A 563 -41.33 -19.30 -57.02
N TRP A 564 -40.77 -20.12 -57.90
CA TRP A 564 -39.47 -20.73 -57.68
C TRP A 564 -38.82 -21.02 -59.02
N SER A 565 -37.49 -21.16 -59.00
CA SER A 565 -36.73 -21.47 -60.19
C SER A 565 -35.55 -22.35 -59.82
N TYR A 566 -35.29 -23.35 -60.66
CA TYR A 566 -34.19 -24.28 -60.45
C TYR A 566 -33.03 -23.92 -61.36
N ASP A 567 -31.81 -24.11 -60.85
CA ASP A 567 -30.61 -23.80 -61.62
C ASP A 567 -29.48 -24.69 -61.13
N THR A 568 -28.61 -25.07 -62.06
CA THR A 568 -27.48 -25.94 -61.75
C THR A 568 -26.46 -25.20 -60.88
N CYS A 569 -25.61 -25.98 -60.22
CA CYS A 569 -24.56 -25.43 -59.36
C CYS A 569 -23.21 -26.04 -59.70
N VAL A 570 -23.04 -26.48 -60.96
CA VAL A 570 -21.81 -27.11 -61.40
C VAL A 570 -20.91 -26.05 -62.03
N SER A 571 -19.64 -26.04 -61.64
CA SER A 571 -18.66 -25.09 -62.18
C SER A 571 -17.28 -25.70 -62.04
N ASN A 572 -16.67 -26.04 -63.18
CA ASN A 572 -15.35 -26.68 -63.21
C ASN A 572 -15.35 -27.98 -62.38
N ASN A 573 -16.39 -28.79 -62.57
CA ASN A 573 -16.56 -30.06 -61.87
C ASN A 573 -16.57 -29.86 -60.35
N ARG A 574 -17.14 -28.74 -59.91
CA ARG A 574 -17.23 -28.42 -58.50
C ARG A 574 -18.50 -27.62 -58.24
N CYS A 575 -18.93 -27.63 -56.98
CA CYS A 575 -20.08 -26.88 -56.53
C CYS A 575 -19.62 -25.76 -55.58
N ASN A 576 -20.17 -24.56 -55.79
CA ASN A 576 -19.81 -23.39 -55.00
C ASN A 576 -20.82 -23.20 -53.89
N ILE A 577 -20.31 -23.03 -52.66
CA ILE A 577 -21.14 -22.87 -51.47
C ILE A 577 -20.74 -21.57 -50.79
N PHE A 578 -21.74 -20.89 -50.21
CA PHE A 578 -21.56 -19.65 -49.49
C PHE A 578 -21.84 -19.87 -48.02
N SER A 579 -21.02 -19.24 -47.18
CA SER A 579 -21.16 -19.31 -45.72
C SER A 579 -21.09 -17.91 -45.13
N ASN A 580 -21.83 -17.72 -44.04
CA ASN A 580 -21.90 -16.45 -43.33
C ASN A 580 -21.62 -16.72 -41.86
N PHE A 581 -20.66 -15.98 -41.31
CA PHE A 581 -20.27 -16.10 -39.91
C PHE A 581 -20.81 -14.90 -39.14
N ILE A 582 -21.51 -15.17 -38.05
CA ILE A 582 -22.03 -14.13 -37.16
C ILE A 582 -21.35 -14.31 -35.82
N LEU A 583 -20.57 -13.31 -35.41
CA LEU A 583 -19.82 -13.39 -34.16
C LEU A 583 -20.59 -12.69 -33.06
N ASN A 584 -20.61 -13.29 -31.87
CA ASN A 584 -21.27 -12.72 -30.71
C ASN A 584 -20.23 -12.10 -29.79
N GLY A 585 -20.34 -10.80 -29.56
CA GLY A 585 -19.40 -10.10 -28.69
C GLY A 585 -18.06 -9.85 -29.34
N ILE A 586 -17.24 -9.00 -28.72
CA ILE A 586 -15.91 -8.68 -29.22
C ILE A 586 -14.95 -8.62 -28.04
N ASN A 587 -13.75 -9.18 -28.23
CA ASN A 587 -12.69 -9.17 -27.23
C ASN A 587 -13.16 -9.79 -25.91
N SER A 588 -14.06 -10.76 -25.98
CA SER A 588 -14.57 -11.41 -24.78
C SER A 588 -15.15 -12.76 -25.19
N GLY A 589 -14.61 -13.83 -24.64
CA GLY A 589 -15.10 -15.16 -24.96
C GLY A 589 -14.02 -16.20 -24.71
N THR A 590 -14.33 -17.42 -25.12
CA THR A 590 -13.41 -18.56 -24.96
C THR A 590 -13.15 -19.27 -26.28
N THR A 591 -13.66 -18.74 -27.39
CA THR A 591 -13.45 -19.34 -28.71
C THR A 591 -12.28 -18.64 -29.41
N CYS A 592 -11.10 -18.78 -28.80
CA CYS A 592 -9.89 -18.18 -29.33
C CYS A 592 -9.18 -19.15 -30.27
N SER A 593 -8.22 -18.62 -31.04
CA SER A 593 -7.48 -19.39 -32.03
C SER A 593 -6.03 -19.52 -31.58
N ASN A 594 -5.50 -20.74 -31.65
CA ASN A 594 -4.11 -21.01 -31.33
C ASN A 594 -3.20 -20.92 -32.55
N ASP A 595 -3.63 -20.20 -33.60
CA ASP A 595 -2.85 -20.14 -34.83
C ASP A 595 -1.63 -19.24 -34.66
N LEU A 596 -1.80 -18.06 -34.07
CA LEU A 596 -0.70 -17.11 -33.90
C LEU A 596 -0.27 -16.99 -32.44
N LEU A 597 -0.98 -17.65 -31.54
CA LEU A 597 -0.66 -17.57 -30.11
C LEU A 597 0.73 -18.13 -29.83
N GLN A 598 0.91 -19.44 -30.03
CA GLN A 598 2.19 -20.09 -29.84
C GLN A 598 2.30 -21.32 -30.74
N PRO A 599 3.13 -21.28 -31.77
CA PRO A 599 3.28 -22.44 -32.65
C PRO A 599 4.22 -23.48 -32.07
N ASN A 600 3.93 -24.74 -32.34
CA ASN A 600 4.78 -25.86 -31.95
C ASN A 600 5.46 -26.42 -33.21
N THR A 601 6.79 -26.39 -33.21
CA THR A 601 7.56 -26.82 -34.37
C THR A 601 8.32 -28.12 -34.12
N GLU A 602 9.17 -28.16 -33.09
CA GLU A 602 10.01 -29.33 -32.82
C GLU A 602 10.75 -29.19 -31.49
N VAL A 603 11.56 -30.18 -31.16
CA VAL A 603 12.42 -30.16 -29.99
C VAL A 603 13.87 -30.26 -30.43
N PHE A 604 14.78 -29.80 -29.59
CA PHE A 604 16.21 -29.78 -29.89
C PHE A 604 16.96 -30.68 -28.91
N THR A 605 18.02 -31.31 -29.38
CA THR A 605 18.81 -32.22 -28.58
C THR A 605 20.28 -31.79 -28.57
N ASP A 606 20.95 -32.02 -27.44
CA ASP A 606 22.38 -31.75 -27.29
C ASP A 606 22.69 -30.27 -27.47
N VAL A 607 21.86 -29.43 -26.86
CA VAL A 607 22.08 -27.97 -26.87
C VAL A 607 21.32 -27.36 -25.71
N CYS A 608 21.97 -26.46 -24.97
CA CYS A 608 21.33 -25.82 -23.82
C CYS A 608 20.29 -24.83 -24.33
N VAL A 609 19.01 -25.16 -24.12
CA VAL A 609 17.90 -24.38 -24.62
C VAL A 609 16.96 -24.07 -23.48
N ASP A 610 16.11 -23.06 -23.68
CA ASP A 610 15.11 -22.65 -22.70
C ASP A 610 13.81 -23.39 -22.95
N TYR A 611 13.11 -23.73 -21.87
CA TYR A 611 11.86 -24.46 -21.96
C TYR A 611 10.84 -23.85 -21.00
N ASP A 612 9.57 -23.95 -21.40
CA ASP A 612 8.42 -23.44 -20.65
C ASP A 612 7.38 -24.54 -20.55
N LEU A 613 7.80 -25.72 -20.11
CA LEU A 613 7.01 -26.94 -20.28
C LEU A 613 5.97 -27.06 -19.17
N TYR A 614 4.71 -27.20 -19.55
CA TYR A 614 3.62 -27.56 -18.64
C TYR A 614 3.51 -26.59 -17.46
N GLY A 615 3.89 -25.34 -17.69
CA GLY A 615 3.79 -24.32 -16.67
C GLY A 615 5.04 -24.06 -15.86
N ILE A 616 6.08 -24.87 -16.03
CA ILE A 616 7.35 -24.65 -15.33
C ILE A 616 8.43 -24.34 -16.35
N THR A 617 9.21 -23.31 -16.05
CA THR A 617 10.25 -22.80 -16.93
C THR A 617 11.62 -23.25 -16.47
N GLY A 618 12.58 -23.17 -17.37
CA GLY A 618 13.95 -23.52 -17.04
C GLY A 618 14.82 -23.49 -18.28
N GLN A 619 16.07 -23.89 -18.09
CA GLN A 619 17.04 -24.01 -19.17
C GLN A 619 17.87 -25.27 -18.97
N GLY A 620 18.22 -25.92 -20.06
CA GLY A 620 19.06 -27.10 -19.97
C GLY A 620 19.12 -27.85 -21.29
N ILE A 621 19.76 -29.01 -21.24
CA ILE A 621 19.98 -29.87 -22.39
C ILE A 621 19.08 -31.09 -22.26
N PHE A 622 18.44 -31.47 -23.35
CA PHE A 622 17.58 -32.65 -23.39
C PHE A 622 18.34 -33.84 -23.96
N LYS A 623 17.79 -35.02 -23.73
CA LYS A 623 18.37 -36.27 -24.22
C LYS A 623 17.22 -37.15 -24.72
N GLU A 624 17.52 -38.42 -24.98
CA GLU A 624 16.51 -39.38 -25.42
C GLU A 624 16.72 -40.69 -24.70
N VAL A 625 15.72 -41.12 -23.93
CA VAL A 625 15.77 -42.37 -23.18
C VAL A 625 14.53 -43.18 -23.49
N SER A 626 14.50 -44.41 -22.98
CA SER A 626 13.38 -45.32 -23.17
C SER A 626 12.77 -45.60 -21.79
N ALA A 627 11.80 -44.76 -21.41
CA ALA A 627 11.13 -44.88 -20.13
C ALA A 627 9.83 -45.67 -20.28
N VAL A 628 9.50 -46.44 -19.23
CA VAL A 628 8.30 -47.26 -19.23
C VAL A 628 7.49 -46.99 -17.97
N TYR A 629 7.93 -46.02 -17.17
CA TYR A 629 7.27 -45.67 -15.92
C TYR A 629 6.30 -44.51 -16.05
N TYR A 630 5.93 -44.13 -17.27
CA TYR A 630 4.95 -43.08 -17.49
C TYR A 630 3.56 -43.67 -17.63
N ASN A 631 2.55 -42.94 -17.15
CA ASN A 631 1.16 -43.35 -17.21
C ASN A 631 0.39 -42.39 -18.11
N SER A 632 -0.93 -42.61 -18.17
CA SER A 632 -1.78 -41.80 -19.03
C SER A 632 -1.92 -40.36 -18.54
N TRP A 633 -1.74 -40.12 -17.24
CA TRP A 633 -1.87 -38.79 -16.67
C TRP A 633 -0.53 -38.19 -16.25
N GLN A 634 0.55 -38.95 -16.32
CA GLN A 634 1.86 -38.48 -15.89
C GLN A 634 2.66 -37.98 -17.09
N ASN A 635 3.14 -36.74 -16.98
CA ASN A 635 3.92 -36.12 -18.06
C ASN A 635 5.31 -35.67 -17.65
N LEU A 636 5.61 -35.56 -16.36
CA LEU A 636 6.91 -35.10 -15.88
C LEU A 636 7.51 -36.13 -14.94
N LEU A 637 8.83 -36.18 -14.91
CA LEU A 637 9.60 -36.98 -13.96
C LEU A 637 10.39 -36.04 -13.08
N TYR A 638 10.02 -35.99 -11.80
CA TYR A 638 10.52 -34.99 -10.86
C TYR A 638 11.56 -35.61 -9.94
N ASP A 639 12.34 -34.74 -9.28
CA ASP A 639 13.36 -35.18 -8.35
C ASP A 639 12.78 -35.20 -6.92
N SER A 640 13.55 -35.77 -6.00
CA SER A 640 13.14 -35.84 -4.59
C SER A 640 13.48 -34.59 -3.81
N ASN A 641 13.96 -33.54 -4.47
CA ASN A 641 14.31 -32.29 -3.81
C ASN A 641 13.66 -31.05 -4.39
N GLY A 642 12.99 -31.15 -5.54
CA GLY A 642 12.37 -30.00 -6.16
C GLY A 642 12.97 -29.63 -7.50
N ASN A 643 13.48 -30.62 -8.21
CA ASN A 643 14.08 -30.41 -9.53
C ASN A 643 13.39 -31.30 -10.55
N ILE A 644 13.58 -30.94 -11.82
CA ILE A 644 12.99 -31.68 -12.94
C ILE A 644 14.03 -32.65 -13.48
N ILE A 645 13.65 -33.92 -13.63
CA ILE A 645 14.55 -34.95 -14.11
C ILE A 645 14.27 -35.20 -15.59
N GLY A 646 12.98 -35.16 -15.96
CA GLY A 646 12.66 -35.40 -17.36
C GLY A 646 11.20 -35.09 -17.65
N PHE A 647 10.81 -35.30 -18.90
CA PHE A 647 9.44 -35.07 -19.32
C PHE A 647 9.11 -36.04 -20.45
N LYS A 648 7.87 -35.97 -20.94
CA LYS A 648 7.43 -36.80 -22.06
C LYS A 648 6.53 -35.96 -22.95
N ASP A 649 6.86 -35.93 -24.24
CA ASP A 649 6.12 -35.15 -25.22
C ASP A 649 4.93 -35.98 -25.70
N PHE A 650 3.71 -35.44 -25.55
CA PHE A 650 2.52 -36.18 -25.93
C PHE A 650 2.25 -36.15 -27.42
N VAL A 651 2.95 -35.29 -28.17
CA VAL A 651 2.71 -35.19 -29.60
C VAL A 651 3.29 -36.40 -30.33
N THR A 652 4.46 -36.88 -29.89
CA THR A 652 5.13 -38.00 -30.53
C THR A 652 5.30 -39.21 -29.62
N ASN A 653 4.94 -39.10 -28.35
CA ASN A 653 4.98 -40.22 -27.41
C ASN A 653 6.39 -40.81 -27.29
N LYS A 654 7.31 -39.97 -26.82
CA LYS A 654 8.67 -40.41 -26.53
C LYS A 654 9.19 -39.63 -25.32
N THR A 655 9.94 -40.32 -24.46
CA THR A 655 10.43 -39.76 -23.22
C THR A 655 11.84 -39.21 -23.39
N TYR A 656 12.10 -38.09 -22.76
CA TYR A 656 13.40 -37.42 -22.80
C TYR A 656 14.01 -37.38 -21.41
N ASN A 657 15.14 -36.68 -21.30
CA ASN A 657 15.84 -36.54 -20.02
C ASN A 657 16.57 -35.20 -20.04
N ILE A 658 16.16 -34.28 -19.18
CA ILE A 658 16.69 -32.93 -19.16
C ILE A 658 17.90 -32.88 -18.22
N PHE A 659 19.02 -32.37 -18.74
CA PHE A 659 20.25 -32.20 -17.97
C PHE A 659 20.66 -30.74 -17.92
N PRO A 660 21.18 -30.26 -16.79
CA PRO A 660 21.69 -28.89 -16.73
C PRO A 660 23.00 -28.76 -17.47
N CYS A 661 23.14 -27.67 -18.20
CA CYS A 661 24.32 -27.43 -19.01
C CYS A 661 25.37 -26.66 -18.22
N TYR A 662 26.59 -26.62 -18.77
CA TYR A 662 27.73 -26.11 -18.01
C TYR A 662 27.59 -24.64 -17.69
N ALA A 663 27.89 -24.29 -16.43
CA ALA A 663 27.97 -22.89 -16.01
C ALA A 663 29.03 -22.83 -14.91
N GLY A 664 30.28 -22.55 -15.30
CA GLY A 664 31.38 -22.54 -14.36
C GLY A 664 32.35 -21.42 -14.64
N ARG A 665 33.34 -21.30 -13.77
CA ARG A 665 34.34 -20.25 -13.82
C ARG A 665 35.69 -20.84 -14.25
N VAL A 666 36.67 -19.95 -14.40
CA VAL A 666 38.01 -20.33 -14.85
C VAL A 666 39.04 -19.74 -13.89
N SER A 667 40.15 -20.45 -13.73
CA SER A 667 41.25 -20.00 -12.88
C SER A 667 42.29 -19.32 -13.75
N ALA A 668 42.86 -18.22 -13.25
CA ALA A 668 43.85 -17.45 -14.00
C ALA A 668 45.04 -17.12 -13.12
N ALA A 669 46.21 -17.58 -13.54
CA ALA A 669 47.47 -17.28 -12.86
C ALA A 669 48.17 -16.13 -13.57
N PHE A 670 48.63 -15.16 -12.79
CA PHE A 670 49.25 -13.96 -13.34
C PHE A 670 50.50 -13.61 -12.55
N HIS A 671 51.55 -13.20 -13.27
CA HIS A 671 52.80 -12.77 -12.67
C HIS A 671 53.04 -11.30 -13.02
N GLN A 672 53.74 -10.60 -12.13
CA GLN A 672 53.94 -9.16 -12.32
C GLN A 672 54.81 -8.87 -13.53
N ASN A 673 55.89 -9.61 -13.71
CA ASN A 673 56.81 -9.38 -14.81
C ASN A 673 56.25 -9.82 -16.16
N ALA A 674 55.19 -10.61 -16.18
CA ALA A 674 54.62 -11.12 -17.42
C ALA A 674 53.56 -10.16 -17.96
N SER A 675 53.21 -10.37 -19.22
CA SER A 675 52.17 -9.59 -19.88
C SER A 675 50.91 -10.37 -20.18
N SER A 676 50.97 -11.70 -20.19
CA SER A 676 49.82 -12.55 -20.44
C SER A 676 49.45 -13.30 -19.17
N LEU A 677 48.44 -14.18 -19.29
CA LEU A 677 47.95 -14.95 -18.17
C LEU A 677 47.99 -16.44 -18.52
N ALA A 678 47.94 -17.27 -17.48
CA ALA A 678 47.86 -18.72 -17.64
C ALA A 678 46.47 -19.17 -17.22
N LEU A 679 45.74 -19.79 -18.14
CA LEU A 679 44.35 -20.15 -17.91
C LEU A 679 44.22 -21.63 -17.55
N LEU A 680 43.28 -21.92 -16.65
CA LEU A 680 43.04 -23.29 -16.21
C LEU A 680 41.53 -23.49 -16.06
N TYR A 681 40.96 -24.36 -16.89
CA TYR A 681 39.55 -24.75 -16.78
C TYR A 681 39.51 -26.05 -15.99
N ARG A 682 39.05 -25.97 -14.74
CA ARG A 682 39.08 -27.13 -13.86
C ARG A 682 38.04 -28.15 -14.28
N ASN A 683 38.46 -29.42 -14.35
CA ASN A 683 37.57 -30.55 -14.59
C ASN A 683 36.86 -30.42 -15.95
N LEU A 684 37.63 -30.03 -16.96
CA LEU A 684 37.10 -29.90 -18.32
C LEU A 684 38.18 -30.26 -19.31
N LYS A 685 37.81 -31.05 -20.32
CA LYS A 685 38.73 -31.36 -21.40
C LYS A 685 38.77 -30.22 -22.40
N CYS A 686 39.84 -30.19 -23.20
CA CYS A 686 40.04 -29.14 -24.18
C CYS A 686 39.28 -29.38 -25.48
N SER A 687 38.56 -30.49 -25.58
CA SER A 687 37.67 -30.72 -26.72
C SER A 687 36.28 -30.16 -26.44
N TYR A 688 35.96 -29.88 -25.18
CA TYR A 688 34.66 -29.33 -24.84
C TYR A 688 34.69 -27.81 -24.87
N VAL A 689 35.78 -27.21 -24.39
CA VAL A 689 35.84 -25.74 -24.30
C VAL A 689 36.08 -25.13 -25.68
N LEU A 690 36.94 -25.75 -26.50
CA LEU A 690 37.25 -25.18 -27.80
C LEU A 690 36.06 -25.28 -28.76
N ASN A 691 35.19 -26.26 -28.56
CA ASN A 691 34.06 -26.44 -29.47
C ASN A 691 32.81 -25.71 -28.96
N ASN A 692 32.53 -25.80 -27.67
CA ASN A 692 31.30 -25.25 -27.11
C ASN A 692 31.49 -23.87 -26.52
N ILE A 693 32.46 -23.72 -25.61
CA ILE A 693 32.60 -22.50 -24.82
C ILE A 693 33.10 -21.35 -25.70
N SER A 694 34.30 -21.49 -26.24
CA SER A 694 34.91 -20.43 -27.04
C SER A 694 36.03 -21.00 -27.89
N LEU A 695 36.29 -20.34 -29.02
CA LEU A 695 37.33 -20.76 -29.96
C LEU A 695 38.45 -19.73 -29.93
N THR A 696 39.61 -20.15 -29.42
CA THR A 696 40.79 -19.28 -29.34
C THR A 696 41.97 -19.98 -29.99
N THR A 697 43.01 -19.20 -30.26
CA THR A 697 44.23 -19.69 -30.91
C THR A 697 45.38 -19.51 -29.92
N GLN A 698 45.56 -20.50 -29.04
CA GLN A 698 46.63 -20.50 -28.05
C GLN A 698 47.02 -21.94 -27.78
N PRO A 699 48.27 -22.19 -27.39
CA PRO A 699 48.66 -23.56 -27.06
C PRO A 699 47.89 -24.09 -25.86
N TYR A 700 47.69 -25.41 -25.84
CA TYR A 700 46.92 -26.04 -24.78
C TYR A 700 47.35 -27.49 -24.65
N PHE A 701 47.08 -28.05 -23.47
CA PHE A 701 47.39 -29.44 -23.19
C PHE A 701 46.57 -29.89 -21.99
N ASP A 702 46.07 -31.11 -22.04
CA ASP A 702 45.28 -31.65 -20.94
C ASP A 702 46.17 -32.00 -19.76
N SER A 703 45.63 -31.81 -18.56
CA SER A 703 46.34 -32.06 -17.32
C SER A 703 45.46 -32.86 -16.37
N TYR A 704 45.96 -33.08 -15.15
CA TYR A 704 45.20 -33.81 -14.15
C TYR A 704 44.00 -33.03 -13.67
N LEU A 705 44.08 -31.70 -13.68
CA LEU A 705 42.98 -30.85 -13.23
C LEU A 705 42.09 -30.37 -14.37
N GLY A 706 42.53 -30.53 -15.61
CA GLY A 706 41.78 -30.08 -16.77
C GLY A 706 42.69 -29.95 -17.97
N CYS A 707 42.61 -28.81 -18.67
CA CYS A 707 43.60 -28.50 -19.69
C CYS A 707 44.01 -27.05 -19.53
N VAL A 708 45.31 -26.79 -19.69
CA VAL A 708 45.90 -25.50 -19.36
C VAL A 708 46.15 -24.73 -20.65
N PHE A 709 45.80 -23.45 -20.65
CA PHE A 709 46.06 -22.55 -21.77
C PHE A 709 47.19 -21.59 -21.43
N ASN A 710 48.08 -21.40 -22.41
CA ASN A 710 49.23 -20.50 -22.29
C ASN A 710 50.20 -20.99 -21.21
N ALA A 711 50.61 -22.26 -21.31
CA ALA A 711 51.59 -22.83 -20.41
C ALA A 711 52.14 -24.11 -21.03
N ASP A 712 53.42 -24.35 -20.81
CA ASP A 712 54.07 -25.54 -21.34
C ASP A 712 53.89 -26.72 -20.38
N ASN A 713 54.05 -27.92 -20.93
CA ASN A 713 53.91 -29.16 -20.16
C ASN A 713 55.31 -29.67 -19.82
N LEU A 714 55.79 -29.31 -18.63
CA LEU A 714 57.05 -29.79 -18.09
C LEU A 714 56.78 -30.28 -16.66
N THR A 715 56.34 -31.52 -16.55
CA THR A 715 56.00 -32.09 -15.25
C THR A 715 57.15 -32.87 -14.62
N ASP A 716 58.20 -33.16 -15.38
CA ASP A 716 59.38 -33.83 -14.84
C ASP A 716 60.26 -32.90 -14.02
N TYR A 717 60.03 -31.59 -14.09
CA TYR A 717 60.77 -30.64 -13.29
C TYR A 717 60.24 -30.59 -11.87
N SER A 718 61.00 -29.96 -10.98
CA SER A 718 60.62 -29.87 -9.58
C SER A 718 61.15 -28.57 -9.00
N VAL A 719 60.29 -27.88 -8.25
CA VAL A 719 60.64 -26.62 -7.60
C VAL A 719 60.29 -26.73 -6.12
N SER A 720 60.93 -25.87 -5.31
CA SER A 720 60.73 -25.87 -3.87
C SER A 720 59.86 -24.73 -3.37
N SER A 721 59.78 -23.62 -4.12
CA SER A 721 58.99 -22.47 -3.72
C SER A 721 58.16 -21.99 -4.92
N CYS A 722 56.89 -21.66 -4.66
CA CYS A 722 56.01 -21.19 -5.70
C CYS A 722 55.01 -20.20 -5.12
N ALA A 723 54.64 -19.20 -5.93
CA ALA A 723 53.56 -18.29 -5.59
C ALA A 723 52.28 -18.58 -6.34
N LEU A 724 52.32 -19.43 -7.36
CA LEU A 724 51.16 -19.83 -8.14
C LEU A 724 50.92 -21.32 -7.91
N ARG A 725 50.16 -21.63 -6.85
CA ARG A 725 49.86 -23.01 -6.50
C ARG A 725 48.45 -23.35 -6.95
N MET A 726 48.34 -24.34 -7.85
CA MET A 726 47.04 -24.76 -8.37
C MET A 726 46.40 -25.85 -7.53
N GLY A 727 47.19 -26.77 -6.99
CA GLY A 727 46.66 -27.86 -6.18
C GLY A 727 47.11 -29.21 -6.69
N SER A 728 46.96 -30.22 -5.83
CA SER A 728 47.32 -31.61 -6.17
C SER A 728 48.80 -31.72 -6.54
N GLY A 729 49.63 -30.87 -5.95
CA GLY A 729 51.05 -30.93 -6.18
C GLY A 729 51.50 -30.39 -7.53
N PHE A 730 50.92 -29.29 -7.99
CA PHE A 730 51.30 -28.68 -9.24
C PHE A 730 51.44 -27.17 -9.06
N CYS A 731 52.37 -26.58 -9.81
CA CYS A 731 52.64 -25.15 -9.73
C CYS A 731 52.85 -24.60 -11.13
N VAL A 732 52.75 -23.28 -11.24
CA VAL A 732 52.99 -22.57 -12.49
C VAL A 732 54.14 -21.60 -12.25
N ASP A 733 55.26 -21.85 -12.92
CA ASP A 733 56.47 -21.05 -12.76
C ASP A 733 56.68 -20.18 -13.98
N TYR A 734 57.18 -18.96 -13.75
CA TYR A 734 57.45 -17.99 -14.80
C TYR A 734 58.92 -17.62 -14.77
N ASN A 735 59.55 -17.66 -15.94
CA ASN A 735 60.96 -17.32 -16.07
C ASN A 735 61.18 -16.27 -17.14
N SER A 752 55.78 -17.64 -21.37
CA SER A 752 56.93 -18.20 -20.68
C SER A 752 56.52 -18.90 -19.39
N TYR A 753 55.32 -19.45 -19.38
CA TYR A 753 54.79 -20.17 -18.22
C TYR A 753 55.10 -21.65 -18.35
N ARG A 754 55.39 -22.29 -17.21
CA ARG A 754 55.69 -23.70 -17.15
C ARG A 754 54.86 -24.37 -16.07
N PHE A 755 54.21 -25.47 -16.44
CA PHE A 755 53.36 -26.23 -15.53
C PHE A 755 54.21 -27.35 -14.93
N VAL A 756 54.72 -27.13 -13.72
CA VAL A 756 55.69 -28.03 -13.12
C VAL A 756 55.13 -28.65 -11.84
N THR A 757 55.91 -29.52 -11.21
CA THR A 757 55.54 -30.19 -9.98
C THR A 757 56.08 -29.42 -8.78
N PHE A 758 55.34 -29.49 -7.67
CA PHE A 758 55.68 -28.76 -6.45
C PHE A 758 56.13 -29.76 -5.39
N GLU A 759 57.42 -29.75 -5.08
CA GLU A 759 58.01 -30.61 -4.05
C GLU A 759 58.74 -29.71 -3.07
N PRO A 760 58.09 -29.33 -1.96
CA PRO A 760 58.70 -28.37 -1.03
C PRO A 760 59.78 -28.97 -0.14
N PHE A 761 59.62 -30.24 0.25
CA PHE A 761 60.51 -30.88 1.19
C PHE A 761 61.12 -32.13 0.57
N ASN A 762 62.40 -32.36 0.85
CA ASN A 762 63.11 -33.54 0.39
C ASN A 762 63.79 -34.21 1.58
N VAL A 763 64.44 -35.34 1.30
CA VAL A 763 65.16 -36.11 2.31
C VAL A 763 66.64 -36.15 1.93
N SER A 764 67.50 -35.93 2.92
CA SER A 764 68.94 -35.99 2.68
C SER A 764 69.38 -37.43 2.45
N PHE A 765 70.27 -37.63 1.49
CA PHE A 765 70.77 -38.94 1.13
C PHE A 765 72.25 -39.02 1.45
N VAL A 766 72.66 -40.13 2.06
CA VAL A 766 74.06 -40.40 2.36
C VAL A 766 74.47 -41.68 1.63
N ASN A 767 75.76 -41.77 1.31
CA ASN A 767 76.32 -42.91 0.59
C ASN A 767 76.99 -43.83 1.61
N ASP A 768 76.18 -44.65 2.26
CA ASP A 768 76.67 -45.59 3.26
C ASP A 768 75.93 -46.91 3.11
N SER A 769 76.54 -47.97 3.62
CA SER A 769 75.94 -49.30 3.55
C SER A 769 74.93 -49.49 4.66
N ILE A 770 73.90 -50.29 4.38
CA ILE A 770 72.85 -50.59 5.33
C ILE A 770 72.99 -52.00 5.89
N GLU A 771 74.13 -52.65 5.67
CA GLU A 771 74.37 -54.00 6.16
C GLU A 771 75.41 -53.96 7.27
N SER A 772 75.45 -55.03 8.05
CA SER A 772 76.38 -55.17 9.16
C SER A 772 77.49 -56.14 8.77
N VAL A 773 78.70 -55.62 8.64
CA VAL A 773 79.87 -56.41 8.30
C VAL A 773 80.73 -56.55 9.56
N GLY A 774 80.77 -57.76 10.09
CA GLY A 774 81.52 -58.00 11.32
C GLY A 774 80.92 -57.37 12.56
N GLY A 775 79.63 -57.05 12.53
CA GLY A 775 78.98 -56.43 13.67
C GLY A 775 79.18 -54.94 13.79
N LEU A 776 79.63 -54.27 12.73
CA LEU A 776 79.88 -52.83 12.75
C LEU A 776 79.03 -52.15 11.69
N TYR A 777 78.55 -50.95 12.03
CA TYR A 777 77.76 -50.14 11.12
C TYR A 777 78.52 -48.87 10.76
N GLU A 778 78.22 -48.32 9.58
CA GLU A 778 78.85 -47.10 9.10
C GLU A 778 77.98 -45.91 9.47
N ILE A 779 78.54 -44.99 10.25
CA ILE A 779 77.79 -43.83 10.73
C ILE A 779 78.67 -42.60 10.59
N LYS A 780 78.07 -41.48 10.16
CA LYS A 780 78.77 -40.21 10.07
C LYS A 780 78.63 -39.45 11.38
N ILE A 781 79.76 -39.18 12.02
CA ILE A 781 79.81 -38.44 13.27
C ILE A 781 80.35 -37.05 12.97
N PRO A 782 79.76 -35.99 13.52
CA PRO A 782 80.30 -34.64 13.26
C PRO A 782 81.67 -34.46 13.89
N THR A 783 82.48 -33.61 13.25
CA THR A 783 83.80 -33.27 13.73
C THR A 783 83.98 -31.77 13.98
N ASN A 784 83.05 -30.94 13.53
CA ASN A 784 83.12 -29.50 13.73
C ASN A 784 81.70 -28.97 13.76
N PHE A 785 81.47 -27.94 14.57
CA PHE A 785 80.12 -27.48 14.82
C PHE A 785 80.09 -25.96 14.92
N THR A 786 78.87 -25.42 15.03
CA THR A 786 78.64 -24.00 15.23
C THR A 786 77.28 -23.82 15.89
N ILE A 787 76.95 -22.57 16.21
CA ILE A 787 75.70 -22.20 16.85
C ILE A 787 74.88 -21.35 15.89
N VAL A 788 73.62 -21.73 15.69
CA VAL A 788 72.72 -20.99 14.82
C VAL A 788 71.59 -20.42 15.65
N GLY A 789 70.94 -19.40 15.11
CA GLY A 789 69.85 -18.73 15.80
C GLY A 789 68.62 -18.62 14.93
N GLN A 790 67.46 -18.76 15.57
CA GLN A 790 66.18 -18.70 14.87
C GLN A 790 65.20 -17.86 15.68
N GLU A 791 64.46 -17.01 14.98
CA GLU A 791 63.47 -16.14 15.62
C GLU A 791 62.06 -16.64 15.36
N GLU A 792 61.17 -16.36 16.30
CA GLU A 792 59.77 -16.73 16.19
C GLU A 792 58.92 -15.71 16.92
N PHE A 793 57.72 -15.47 16.41
CA PHE A 793 56.81 -14.49 16.98
C PHE A 793 55.52 -15.19 17.40
N ILE A 794 55.03 -14.87 18.61
CA ILE A 794 53.77 -15.39 19.10
C ILE A 794 52.91 -14.23 19.55
N GLN A 795 51.70 -14.14 19.00
CA GLN A 795 50.78 -13.06 19.33
C GLN A 795 50.14 -13.29 20.68
N THR A 796 50.05 -12.23 21.48
CA THR A 796 49.48 -12.30 22.82
C THR A 796 48.25 -11.43 22.99
N ASN A 797 48.29 -10.17 22.57
CA ASN A 797 47.22 -9.22 22.76
C ASN A 797 46.56 -8.91 21.42
N SER A 798 45.56 -8.03 21.46
CA SER A 798 44.81 -7.64 20.27
C SER A 798 44.18 -6.28 20.54
N PRO A 799 44.01 -5.44 19.51
CA PRO A 799 43.43 -4.12 19.74
C PRO A 799 42.01 -4.21 20.28
N LYS A 800 41.71 -3.37 21.28
CA LYS A 800 40.41 -3.32 21.91
C LYS A 800 39.53 -2.31 21.18
N VAL A 801 38.47 -2.80 20.55
CA VAL A 801 37.58 -1.99 19.73
C VAL A 801 36.29 -1.75 20.50
N THR A 802 35.86 -0.49 20.56
CA THR A 802 34.61 -0.10 21.20
C THR A 802 33.71 0.55 20.18
N ILE A 803 32.44 0.12 20.15
CA ILE A 803 31.45 0.59 19.20
C ILE A 803 30.27 1.16 19.98
N ASP A 804 29.76 2.30 19.53
CA ASP A 804 28.58 2.93 20.13
C ASP A 804 27.37 2.63 19.24
N CYS A 805 26.34 2.03 19.84
CA CYS A 805 25.17 1.62 19.07
C CYS A 805 24.41 2.84 18.54
N SER A 806 24.12 3.80 19.41
CA SER A 806 23.31 4.96 19.02
C SER A 806 24.04 5.81 17.98
N LEU A 807 25.31 6.13 18.21
CA LEU A 807 26.05 6.96 17.29
C LEU A 807 26.30 6.24 15.96
N PHE A 808 26.07 4.94 15.91
CA PHE A 808 26.27 4.20 14.67
C PHE A 808 24.97 4.06 13.88
N VAL A 809 23.86 3.84 14.57
CA VAL A 809 22.59 3.61 13.89
C VAL A 809 21.76 4.88 13.79
N CYS A 810 21.53 5.55 14.93
CA CYS A 810 20.63 6.70 15.03
C CYS A 810 21.35 7.88 15.67
N SER A 811 22.52 8.22 15.13
CA SER A 811 23.48 9.16 15.71
C SER A 811 22.86 10.36 16.41
N ASN A 812 22.04 11.14 15.71
CA ASN A 812 21.51 12.37 16.27
C ASN A 812 20.00 12.51 16.16
N TYR A 813 19.37 11.87 15.17
CA TYR A 813 17.95 12.08 14.93
C TYR A 813 17.10 11.39 15.99
N ALA A 814 15.93 11.95 16.24
CA ALA A 814 15.04 11.46 17.30
C ALA A 814 14.04 10.42 16.81
N ALA A 815 13.52 10.59 15.59
CA ALA A 815 12.60 9.59 15.06
C ALA A 815 13.30 8.25 14.88
N CYS A 816 14.57 8.27 14.49
CA CYS A 816 15.35 7.05 14.41
C CYS A 816 15.44 6.35 15.76
N HIS A 817 15.67 7.12 16.83
CA HIS A 817 15.72 6.53 18.17
C HIS A 817 14.36 5.97 18.58
N ASP A 818 13.28 6.69 18.27
CA ASP A 818 11.95 6.21 18.62
C ASP A 818 11.61 4.93 17.87
N LEU A 819 12.13 4.79 16.65
CA LEU A 819 11.88 3.57 15.88
C LEU A 819 12.78 2.43 16.33
N LEU A 820 14.00 2.75 16.78
CA LEU A 820 14.95 1.73 17.23
C LEU A 820 14.62 1.24 18.64
N SER A 821 13.87 2.02 19.43
CA SER A 821 13.49 1.59 20.76
C SER A 821 12.77 0.25 20.78
N GLU A 822 12.21 -0.18 19.65
CA GLU A 822 11.59 -1.49 19.57
C GLU A 822 12.64 -2.60 19.73
N TYR A 823 13.79 -2.44 19.08
CA TYR A 823 14.89 -3.40 19.20
C TYR A 823 15.71 -3.02 20.43
N GLY A 824 15.11 -3.25 21.60
CA GLY A 824 15.73 -2.87 22.85
C GLY A 824 16.63 -3.90 23.49
N THR A 825 17.19 -4.82 22.72
CA THR A 825 18.05 -5.86 23.27
C THR A 825 19.35 -6.07 22.51
N PHE A 826 19.42 -5.68 21.23
CA PHE A 826 20.62 -5.95 20.44
C PHE A 826 21.81 -5.12 20.93
N CYS A 827 21.58 -3.83 21.17
CA CYS A 827 22.65 -2.94 21.61
C CYS A 827 23.25 -3.35 22.96
N ASP A 828 22.41 -3.70 23.93
CA ASP A 828 22.92 -4.12 25.23
C ASP A 828 23.72 -5.43 25.11
N ASN A 829 23.25 -6.35 24.27
CA ASN A 829 23.98 -7.59 24.06
C ASN A 829 25.34 -7.33 23.41
N ILE A 830 25.39 -6.44 22.41
CA ILE A 830 26.66 -6.12 21.77
C ILE A 830 27.61 -5.48 22.77
N ASN A 831 27.09 -4.56 23.59
CA ASN A 831 27.93 -3.91 24.60
C ASN A 831 28.47 -4.92 25.60
N SER A 832 27.62 -5.86 26.04
CA SER A 832 28.08 -6.86 27.00
C SER A 832 29.13 -7.78 26.38
N ILE A 833 28.96 -8.14 25.12
CA ILE A 833 29.95 -8.99 24.45
C ILE A 833 31.28 -8.26 24.33
N LEU A 834 31.24 -6.98 23.94
CA LEU A 834 32.47 -6.21 23.85
C LEU A 834 33.14 -6.08 25.21
N ASP A 835 32.35 -5.86 26.26
CA ASP A 835 32.91 -5.72 27.60
C ASP A 835 33.57 -7.01 28.07
N GLU A 836 32.91 -8.15 27.85
CA GLU A 836 33.51 -9.42 28.26
C GLU A 836 34.75 -9.75 27.43
N VAL A 837 34.75 -9.38 26.14
CA VAL A 837 35.94 -9.58 25.32
C VAL A 837 37.10 -8.76 25.86
N ASN A 838 36.86 -7.49 26.17
CA ASN A 838 37.92 -6.64 26.71
C ASN A 838 38.40 -7.15 28.06
N GLY A 839 37.49 -7.65 28.89
CA GLY A 839 37.90 -8.20 30.17
C GLY A 839 38.75 -9.45 30.02
N LEU A 840 38.39 -10.32 29.09
CA LEU A 840 39.20 -11.50 28.82
C LEU A 840 40.58 -11.12 28.31
N LEU A 841 40.65 -10.11 27.43
CA LEU A 841 41.94 -9.66 26.93
C LEU A 841 42.80 -9.08 28.06
N ASP A 842 42.19 -8.31 28.96
CA ASP A 842 42.94 -7.74 30.08
C ASP A 842 43.44 -8.82 31.02
N THR A 843 42.60 -9.83 31.30
CA THR A 843 43.02 -10.92 32.16
C THR A 843 44.16 -11.72 31.52
N THR A 844 44.07 -11.95 30.21
CA THR A 844 45.15 -12.64 29.50
C THR A 844 46.44 -11.86 29.57
N GLN A 845 46.38 -10.54 29.36
CA GLN A 845 47.59 -9.73 29.43
C GLN A 845 48.18 -9.75 30.83
N LEU A 846 47.33 -9.70 31.86
CA LEU A 846 47.82 -9.75 33.24
C LEU A 846 48.50 -11.08 33.53
N HIS A 847 47.90 -12.18 33.07
CA HIS A 847 48.51 -13.49 33.29
C HIS A 847 49.86 -13.60 32.57
N VAL A 848 49.93 -13.09 31.34
CA VAL A 848 51.19 -13.15 30.59
C VAL A 848 52.25 -12.31 31.28
N ALA A 849 51.88 -11.14 31.78
CA ALA A 849 52.84 -10.30 32.50
C ALA A 849 53.28 -10.95 33.81
N ASP A 850 52.39 -11.69 34.46
CA ASP A 850 52.74 -12.34 35.71
C ASP A 850 53.67 -13.53 35.48
N THR A 851 53.47 -14.25 34.37
CA THR A 851 54.29 -15.43 34.11
C THR A 851 55.73 -15.08 33.81
N LEU A 852 56.03 -13.80 33.55
CA LEU A 852 57.40 -13.39 33.25
C LEU A 852 58.24 -13.12 34.48
N MET A 853 57.62 -12.88 35.64
CA MET A 853 58.33 -12.51 36.86
C MET A 853 57.94 -13.43 38.00
N GLN A 854 57.93 -14.74 37.77
CA GLN A 854 57.54 -15.68 38.81
C GLN A 854 58.60 -15.79 39.89
N GLY A 855 59.81 -16.21 39.51
CA GLY A 855 60.88 -16.38 40.47
C GLY A 855 62.09 -15.50 40.18
N VAL A 856 61.85 -14.26 39.77
CA VAL A 856 62.94 -13.36 39.41
C VAL A 856 63.38 -12.60 40.65
N THR A 857 64.68 -12.66 40.95
CA THR A 857 65.28 -11.91 42.04
C THR A 857 66.58 -11.29 41.56
N LEU A 858 66.77 -10.01 41.86
CA LEU A 858 67.93 -9.27 41.39
C LEU A 858 68.66 -8.63 42.58
N SER A 859 69.86 -8.14 42.31
CA SER A 859 70.66 -7.48 43.34
C SER A 859 70.35 -5.98 43.37
N SER A 860 70.58 -5.37 44.52
CA SER A 860 70.30 -3.95 44.67
C SER A 860 71.34 -3.09 43.94
N ASN A 861 72.62 -3.43 44.10
CA ASN A 861 73.70 -2.68 43.48
C ASN A 861 73.98 -3.20 42.06
N LEU A 862 72.94 -3.10 41.21
CA LEU A 862 73.01 -3.55 39.83
C LEU A 862 72.52 -2.42 38.94
N ASN A 863 73.45 -1.63 38.40
CA ASN A 863 73.14 -0.54 37.48
C ASN A 863 73.58 -0.95 36.09
N THR A 864 72.66 -0.88 35.12
CA THR A 864 72.93 -1.32 33.75
C THR A 864 73.64 -0.20 33.00
N ASN A 865 74.85 0.12 33.47
CA ASN A 865 75.70 1.10 32.80
C ASN A 865 77.07 0.58 32.43
N LEU A 866 77.71 -0.25 33.26
CA LEU A 866 78.99 -0.87 32.91
C LEU A 866 78.96 -2.39 32.99
N HIS A 867 77.88 -2.98 33.49
CA HIS A 867 77.74 -4.43 33.58
C HIS A 867 76.87 -4.89 32.40
N PHE A 868 77.51 -5.16 31.27
CA PHE A 868 76.81 -5.57 30.06
C PHE A 868 77.32 -6.87 29.45
N ASP A 869 78.52 -7.33 29.79
CA ASP A 869 79.07 -8.55 29.24
C ASP A 869 79.76 -9.34 30.34
N VAL A 870 79.52 -10.65 30.35
CA VAL A 870 80.15 -11.56 31.31
C VAL A 870 80.57 -12.82 30.58
N ASP A 871 81.82 -13.24 30.80
CA ASP A 871 82.37 -14.46 30.21
C ASP A 871 82.29 -14.41 28.68
N ASN A 872 82.75 -13.30 28.11
CA ASN A 872 82.85 -13.06 26.67
C ASN A 872 81.49 -13.07 25.96
N ILE A 873 80.38 -13.01 26.69
CA ILE A 873 79.05 -12.99 26.10
C ILE A 873 78.52 -11.57 26.18
N ASN A 874 78.37 -10.92 25.03
CA ASN A 874 77.90 -9.55 24.95
C ASN A 874 76.38 -9.56 24.73
N PHE A 875 75.64 -8.97 25.68
CA PHE A 875 74.19 -8.90 25.62
C PHE A 875 73.71 -7.49 25.92
N LYS A 876 74.50 -6.48 25.51
CA LYS A 876 74.11 -5.10 25.75
C LYS A 876 72.91 -4.70 24.91
N SER A 877 72.75 -5.30 23.73
CA SER A 877 71.62 -4.99 22.85
C SER A 877 70.30 -5.56 23.38
N LEU A 878 70.33 -6.36 24.44
CA LEU A 878 69.11 -6.91 25.03
C LEU A 878 68.76 -6.30 26.36
N VAL A 879 69.69 -5.63 27.04
CA VAL A 879 69.41 -4.95 28.29
C VAL A 879 68.64 -3.68 27.99
N GLY A 880 67.58 -3.43 28.76
CA GLY A 880 66.68 -2.32 28.49
C GLY A 880 66.91 -1.11 29.37
N CYS A 881 66.18 -1.03 30.48
CA CYS A 881 66.20 0.15 31.34
C CYS A 881 67.61 0.46 31.83
N LEU A 882 67.86 1.74 32.09
CA LEU A 882 69.16 2.25 32.49
C LEU A 882 69.40 2.04 33.98
N GLY A 883 70.35 2.76 34.56
CA GLY A 883 70.63 2.67 35.97
C GLY A 883 69.52 3.28 36.80
N PRO A 884 69.86 3.77 38.00
CA PRO A 884 68.82 4.29 38.91
C PRO A 884 67.91 5.34 38.29
N HIS A 885 66.68 5.43 38.81
CA HIS A 885 65.66 6.35 38.32
C HIS A 885 65.34 6.08 36.84
N CYS A 886 64.84 4.87 36.59
CA CYS A 886 64.34 4.50 35.27
C CYS A 886 62.90 4.94 35.11
N GLY A 887 62.60 5.65 34.03
CA GLY A 887 61.25 6.15 33.81
C GLY A 887 60.52 5.47 32.68
N SER A 888 60.25 6.23 31.60
CA SER A 888 59.50 5.68 30.49
C SER A 888 60.42 4.90 29.54
N SER A 889 61.60 5.45 29.26
CA SER A 889 62.55 4.84 28.34
C SER A 889 63.16 3.62 29.03
N SER A 890 62.61 2.45 28.75
CA SER A 890 63.08 1.20 29.33
C SER A 890 63.29 0.10 28.30
N ARG A 891 63.09 0.40 27.02
CA ARG A 891 63.25 -0.60 25.97
C ARG A 891 64.72 -0.73 25.58
N SER A 892 65.07 -1.89 25.03
CA SER A 892 66.43 -2.16 24.60
C SER A 892 66.61 -1.76 23.13
N PHE A 893 67.83 -1.95 22.62
CA PHE A 893 68.10 -1.63 21.22
C PHE A 893 67.35 -2.57 20.29
N PHE A 894 67.22 -3.84 20.68
CA PHE A 894 66.46 -4.79 19.88
C PHE A 894 64.99 -4.39 19.79
N GLU A 895 64.38 -4.06 20.93
CA GLU A 895 62.98 -3.65 20.93
C GLU A 895 62.80 -2.31 20.21
N ASP A 896 63.77 -1.41 20.33
CA ASP A 896 63.68 -0.15 19.62
C ASP A 896 63.74 -0.36 18.11
N LEU A 897 64.61 -1.27 17.66
CA LEU A 897 64.68 -1.56 16.23
C LEU A 897 63.44 -2.29 15.74
N LEU A 898 62.80 -3.09 16.60
CA LEU A 898 61.62 -3.83 16.19
C LEU A 898 60.36 -2.97 16.21
N PHE A 899 60.29 -1.97 17.08
CA PHE A 899 59.09 -1.15 17.19
C PHE A 899 59.03 -0.06 16.12
N ASP A 900 60.18 0.36 15.58
CA ASP A 900 60.20 1.43 14.59
C ASP A 900 59.54 1.02 13.28
N LYS A 901 59.44 -0.29 13.01
CA LYS A 901 58.83 -0.74 11.76
C LYS A 901 57.31 -0.65 11.81
N VAL A 902 56.72 -0.74 12.99
CA VAL A 902 55.27 -0.69 13.17
C VAL A 902 54.90 0.67 13.73
N LYS A 903 54.06 1.40 12.99
CA LYS A 903 53.66 2.74 13.40
C LYS A 903 52.35 2.76 14.17
N LEU A 904 51.40 1.91 13.79
CA LEU A 904 50.06 1.91 14.39
C LEU A 904 50.02 0.99 15.60
N SER A 905 50.82 1.35 16.60
CA SER A 905 50.82 0.66 17.88
C SER A 905 49.87 1.37 18.84
N ASP A 906 49.90 1.00 20.12
CA ASP A 906 49.03 1.64 21.10
C ASP A 906 49.36 3.13 21.23
N VAL A 907 50.64 3.45 21.42
CA VAL A 907 51.05 4.85 21.42
C VAL A 907 50.77 5.49 20.08
N GLY A 908 50.88 4.73 19.00
CA GLY A 908 50.49 5.25 17.69
C GLY A 908 49.02 5.60 17.62
N PHE A 909 48.16 4.73 18.16
CA PHE A 909 46.73 5.03 18.20
C PHE A 909 46.45 6.27 19.03
N VAL A 910 47.13 6.40 20.18
CA VAL A 910 46.94 7.57 21.03
C VAL A 910 47.34 8.85 20.31
N GLU A 911 48.51 8.83 19.65
CA GLU A 911 48.98 10.02 18.95
C GLU A 911 48.10 10.34 17.74
N ALA A 912 47.51 9.32 17.12
CA ALA A 912 46.62 9.56 16.00
C ALA A 912 45.30 10.15 16.46
N TYR A 913 44.76 9.66 17.58
CA TYR A 913 43.51 10.20 18.11
C TYR A 913 43.70 11.60 18.68
N ASN A 914 44.92 11.92 19.16
CA ASN A 914 45.18 13.26 19.67
C ASN A 914 45.25 14.30 18.56
N ASN A 915 45.36 13.87 17.31
CA ASN A 915 45.47 14.78 16.17
C ASN A 915 44.14 14.99 15.45
N CYS A 916 43.04 14.54 16.05
CA CYS A 916 41.72 14.72 15.42
C CYS A 916 41.08 16.05 15.75
N THR A 917 41.69 16.85 16.62
CA THR A 917 41.19 18.18 16.98
C THR A 917 42.19 19.26 16.59
N GLY A 918 42.81 19.10 15.43
CA GLY A 918 43.78 20.06 14.95
C GLY A 918 44.52 19.58 13.72
N GLY A 919 44.87 20.50 12.83
CA GLY A 919 45.57 20.18 11.60
C GLY A 919 44.70 20.45 10.38
N SER A 920 45.26 20.11 9.22
CA SER A 920 44.60 20.30 7.94
C SER A 920 44.71 19.03 7.10
N GLU A 921 44.43 17.88 7.71
CA GLU A 921 44.48 16.58 7.05
C GLU A 921 43.18 15.85 7.30
N ILE A 922 42.57 15.34 6.22
CA ILE A 922 41.31 14.62 6.31
C ILE A 922 41.43 13.16 5.93
N ARG A 923 42.52 12.74 5.28
CA ARG A 923 42.68 11.36 4.86
C ARG A 923 42.80 10.38 6.02
N ASP A 924 42.89 10.87 7.26
CA ASP A 924 42.95 10.00 8.42
C ASP A 924 41.56 9.42 8.70
N LEU A 925 41.37 8.14 8.37
CA LEU A 925 40.08 7.50 8.60
C LEU A 925 39.80 7.26 10.08
N LEU A 926 40.85 7.29 10.92
CA LEU A 926 40.65 7.03 12.34
C LEU A 926 39.77 8.09 12.99
N CYS A 927 39.94 9.35 12.60
CA CYS A 927 39.12 10.41 13.18
C CYS A 927 37.66 10.27 12.75
N VAL A 928 37.42 9.88 11.50
CA VAL A 928 36.05 9.66 11.05
C VAL A 928 35.42 8.48 11.79
N GLN A 929 36.19 7.41 11.99
CA GLN A 929 35.68 6.26 12.74
C GLN A 929 35.36 6.65 14.18
N SER A 930 36.21 7.49 14.79
CA SER A 930 35.97 7.93 16.16
C SER A 930 34.72 8.80 16.24
N PHE A 931 34.54 9.69 15.26
CA PHE A 931 33.36 10.54 15.21
C PHE A 931 32.09 9.76 14.87
N ASN A 932 32.20 8.57 14.28
CA ASN A 932 31.04 7.75 13.98
C ASN A 932 30.73 6.72 15.07
N GLY A 933 31.66 6.45 15.98
CA GLY A 933 31.37 5.57 17.09
C GLY A 933 32.34 4.43 17.30
N ILE A 934 33.28 4.26 16.36
CA ILE A 934 34.25 3.18 16.41
C ILE A 934 35.56 3.74 16.95
N LYS A 935 36.04 3.21 18.06
CA LYS A 935 37.28 3.71 18.66
C LYS A 935 38.12 2.54 19.14
N VAL A 936 39.40 2.80 19.35
CA VAL A 936 40.35 1.81 19.85
C VAL A 936 40.88 2.28 21.19
N LEU A 937 40.78 1.43 22.21
CA LEU A 937 41.22 1.79 23.54
C LEU A 937 42.59 1.18 23.85
N PRO A 938 43.42 1.89 24.61
CA PRO A 938 44.73 1.34 24.95
C PRO A 938 44.61 0.27 26.02
N PRO A 939 45.56 -0.65 26.10
CA PRO A 939 45.50 -1.69 27.12
C PRO A 939 45.78 -1.15 28.51
N ILE A 940 45.51 -1.98 29.51
CA ILE A 940 45.72 -1.57 30.90
C ILE A 940 47.20 -1.50 31.26
N LEU A 941 48.05 -2.23 30.54
CA LEU A 941 49.48 -2.22 30.78
C LEU A 941 50.19 -1.72 29.53
N SER A 942 51.01 -0.69 29.70
CA SER A 942 51.75 -0.12 28.58
C SER A 942 52.88 -1.05 28.14
N GLU A 943 53.39 -0.81 26.93
CA GLU A 943 54.48 -1.61 26.41
C GLU A 943 55.78 -1.39 27.18
N SER A 944 55.94 -0.24 27.83
CA SER A 944 57.16 0.00 28.60
C SER A 944 57.25 -0.95 29.79
N GLN A 945 56.11 -1.27 30.42
CA GLN A 945 56.13 -2.18 31.55
C GLN A 945 56.52 -3.59 31.10
N ILE A 946 55.97 -4.06 29.98
CA ILE A 946 56.34 -5.37 29.46
C ILE A 946 57.81 -5.39 29.06
N SER A 947 58.29 -4.28 28.49
CA SER A 947 59.71 -4.20 28.14
C SER A 947 60.60 -4.29 29.37
N GLY A 948 60.22 -3.60 30.45
CA GLY A 948 60.98 -3.70 31.69
C GLY A 948 60.93 -5.10 32.29
N TYR A 949 59.78 -5.76 32.19
CA TYR A 949 59.67 -7.13 32.69
C TYR A 949 60.59 -8.07 31.91
N THR A 950 60.59 -7.94 30.58
CA THR A 950 61.48 -8.78 29.77
C THR A 950 62.95 -8.46 30.06
N THR A 951 63.27 -7.18 30.28
CA THR A 951 64.63 -6.80 30.63
C THR A 951 65.06 -7.45 31.95
N ALA A 952 64.19 -7.41 32.96
CA ALA A 952 64.51 -8.03 34.23
C ALA A 952 64.67 -9.54 34.09
N ALA A 953 63.79 -10.17 33.30
CA ALA A 953 63.88 -11.62 33.09
C ALA A 953 65.18 -11.99 32.39
N THR A 954 65.63 -11.15 31.45
CA THR A 954 66.88 -11.43 30.75
C THR A 954 68.09 -11.21 31.65
N VAL A 955 68.06 -10.15 32.46
CA VAL A 955 69.19 -9.86 33.33
C VAL A 955 69.31 -10.89 34.44
N ALA A 956 68.18 -11.47 34.88
CA ALA A 956 68.22 -12.45 35.96
C ALA A 956 69.00 -13.70 35.59
N ALA A 957 69.29 -13.92 34.32
CA ALA A 957 70.02 -15.09 33.87
C ALA A 957 71.50 -14.80 33.61
N MET A 958 72.02 -13.68 34.11
CA MET A 958 73.40 -13.30 33.85
C MET A 958 74.22 -12.98 35.10
N PHE A 959 73.60 -12.51 36.17
CA PHE A 959 74.32 -12.11 37.37
C PHE A 959 73.78 -12.85 38.58
N PRO A 960 74.62 -13.10 39.58
CA PRO A 960 74.17 -13.81 40.78
C PRO A 960 73.21 -12.95 41.60
N PRO A 961 72.13 -13.55 42.13
CA PRO A 961 71.79 -14.97 41.97
C PRO A 961 71.18 -15.27 40.61
N TRP A 962 71.61 -16.38 40.00
CA TRP A 962 71.15 -16.75 38.66
C TRP A 962 69.85 -17.55 38.77
N SER A 963 68.78 -16.83 39.09
CA SER A 963 67.47 -17.47 39.20
C SER A 963 66.77 -17.59 37.87
N ALA A 964 67.47 -18.08 36.86
CA ALA A 964 66.83 -18.46 35.59
C ALA A 964 67.49 -19.66 34.94
N ALA A 965 68.53 -20.26 35.55
CA ALA A 965 69.23 -21.39 34.97
C ALA A 965 69.57 -22.43 36.03
N ALA A 966 68.72 -22.57 37.05
CA ALA A 966 68.92 -23.52 38.15
C ALA A 966 70.19 -23.18 38.94
N GLY A 967 70.48 -21.90 39.07
CA GLY A 967 71.55 -21.45 39.93
C GLY A 967 72.96 -21.72 39.45
N ILE A 968 73.19 -21.71 38.14
CA ILE A 968 74.54 -21.88 37.60
C ILE A 968 74.80 -20.74 36.63
N PRO A 969 76.08 -20.38 36.43
CA PRO A 969 76.41 -19.31 35.49
C PRO A 969 75.92 -19.62 34.07
N PHE A 970 75.90 -18.57 33.25
CA PHE A 970 75.38 -18.70 31.89
C PHE A 970 76.28 -19.58 31.03
N SER A 971 77.59 -19.35 31.08
CA SER A 971 78.51 -20.13 30.26
C SER A 971 78.52 -21.60 30.66
N LEU A 972 78.50 -21.87 31.97
CA LEU A 972 78.44 -23.26 32.42
C LEU A 972 77.13 -23.92 32.02
N ASN A 973 76.03 -23.17 32.05
CA ASN A 973 74.74 -23.73 31.63
C ASN A 973 74.77 -24.07 30.14
N VAL A 974 75.32 -23.18 29.32
CA VAL A 974 75.43 -23.46 27.89
C VAL A 974 76.32 -24.66 27.64
N GLN A 975 77.43 -24.76 28.37
CA GLN A 975 78.34 -25.88 28.21
C GLN A 975 77.66 -27.20 28.59
N TYR A 976 76.90 -27.20 29.68
CA TYR A 976 76.19 -28.41 30.08
C TYR A 976 75.10 -28.78 29.08
N ARG A 977 74.39 -27.78 28.55
CA ARG A 977 73.36 -28.07 27.55
C ARG A 977 73.97 -28.64 26.28
N ILE A 978 75.15 -28.15 25.89
CA ILE A 978 75.80 -28.69 24.70
C ILE A 978 76.33 -30.10 24.97
N ASN A 979 76.86 -30.34 26.18
CA ASN A 979 77.37 -31.66 26.51
C ASN A 979 76.25 -32.69 26.61
N GLY A 980 75.05 -32.26 27.00
CA GLY A 980 73.92 -33.18 27.09
C GLY A 980 73.51 -33.77 25.76
N LEU A 981 73.89 -33.14 24.65
CA LEU A 981 73.54 -33.66 23.34
C LEU A 981 74.44 -34.81 22.90
N GLY A 982 75.61 -34.97 23.52
CA GLY A 982 76.52 -36.04 23.16
C GLY A 982 77.92 -35.55 22.86
N VAL A 983 78.20 -34.30 23.18
CA VAL A 983 79.50 -33.69 22.95
C VAL A 983 80.35 -33.87 24.21
N THR A 984 81.59 -34.30 24.04
CA THR A 984 82.47 -34.51 25.17
C THR A 984 82.81 -33.19 25.85
N MET A 985 83.20 -33.28 27.13
CA MET A 985 83.52 -32.11 27.92
C MET A 985 84.93 -31.58 27.68
N ASP A 986 85.84 -32.43 27.20
CA ASP A 986 87.22 -32.00 27.01
C ASP A 986 87.35 -31.01 25.86
N VAL A 987 86.37 -30.98 24.95
CA VAL A 987 86.44 -30.06 23.83
C VAL A 987 85.67 -28.78 24.12
N LEU A 988 84.74 -28.82 25.09
CA LEU A 988 83.94 -27.64 25.39
C LEU A 988 84.72 -26.66 26.26
N ASN A 989 85.42 -27.15 27.27
CA ASN A 989 86.19 -26.31 28.18
C ASN A 989 87.46 -25.76 27.54
N LYS A 990 87.80 -26.18 26.33
CA LYS A 990 88.97 -25.66 25.63
C LYS A 990 88.59 -24.56 24.63
N ASN A 991 87.57 -24.81 23.83
CA ASN A 991 87.10 -23.83 22.84
C ASN A 991 85.90 -23.05 23.39
N GLN A 992 86.15 -22.29 24.46
CA GLN A 992 85.10 -21.48 25.04
C GLN A 992 84.92 -20.17 24.28
N LYS A 993 86.03 -19.52 23.90
CA LYS A 993 85.94 -18.29 23.12
C LYS A 993 85.28 -18.53 21.77
N LEU A 994 85.49 -19.71 21.18
CA LEU A 994 84.82 -20.03 19.92
C LEU A 994 83.31 -20.08 20.10
N ILE A 995 82.84 -20.72 21.18
CA ILE A 995 81.40 -20.79 21.44
C ILE A 995 80.85 -19.39 21.72
N ALA A 996 81.61 -18.57 22.45
CA ALA A 996 81.16 -17.21 22.73
C ALA A 996 81.04 -16.40 21.44
N THR A 997 82.03 -16.50 20.56
CA THR A 997 81.97 -15.77 19.30
C THR A 997 80.84 -16.28 18.41
N ALA A 998 80.58 -17.59 18.44
CA ALA A 998 79.47 -18.13 17.67
C ALA A 998 78.14 -17.62 18.19
N PHE A 999 77.99 -17.55 19.52
CA PHE A 999 76.76 -17.02 20.11
C PHE A 999 76.58 -15.55 19.75
N ASN A 1000 77.66 -14.77 19.80
CA ASN A 1000 77.57 -13.35 19.45
C ASN A 1000 77.23 -13.17 17.98
N ASN A 1001 77.80 -14.00 17.11
CA ASN A 1001 77.49 -13.91 15.68
C ASN A 1001 76.05 -14.30 15.40
N ALA A 1002 75.53 -15.31 16.11
CA ALA A 1002 74.13 -15.68 15.96
C ALA A 1002 73.22 -14.55 16.42
N LEU A 1003 73.57 -13.91 17.53
CA LEU A 1003 72.79 -12.76 18.00
C LEU A 1003 72.80 -11.63 16.97
N LEU A 1004 73.97 -11.32 16.41
CA LEU A 1004 74.06 -10.27 15.42
C LEU A 1004 73.29 -10.62 14.15
N SER A 1005 73.30 -11.90 13.77
CA SER A 1005 72.54 -12.32 12.59
C SER A 1005 71.04 -12.23 12.82
N ILE A 1006 70.57 -12.55 14.03
CA ILE A 1006 69.15 -12.39 14.35
C ILE A 1006 68.78 -10.92 14.35
N GLN A 1007 69.68 -10.06 14.84
CA GLN A 1007 69.40 -8.63 14.88
C GLN A 1007 69.32 -8.05 13.47
N ASN A 1008 70.36 -8.25 12.67
CA ASN A 1008 70.41 -7.70 11.32
C ASN A 1008 69.68 -8.61 10.34
N GLY A 1009 68.41 -8.90 10.61
CA GLY A 1009 67.62 -9.74 9.73
C GLY A 1009 66.19 -9.27 9.61
N PHE A 1010 65.89 -8.11 10.17
CA PHE A 1010 64.54 -7.56 10.12
C PHE A 1010 64.32 -6.63 8.93
N SER A 1011 65.39 -6.15 8.30
CA SER A 1011 65.28 -5.29 7.13
C SER A 1011 65.14 -6.13 5.86
N ALA A 1012 64.18 -7.05 5.89
CA ALA A 1012 63.92 -7.95 4.78
C ALA A 1012 62.49 -8.47 4.93
N THR A 1013 62.16 -9.52 4.17
CA THR A 1013 60.84 -10.15 4.25
C THR A 1013 60.86 -11.26 5.30
N ASN A 1014 60.90 -10.85 6.55
CA ASN A 1014 60.93 -11.78 7.66
C ASN A 1014 59.53 -12.26 7.99
N SER A 1015 59.45 -13.27 8.86
CA SER A 1015 58.16 -13.85 9.22
C SER A 1015 57.46 -13.05 10.32
N ALA A 1016 58.20 -12.62 11.35
CA ALA A 1016 57.58 -11.87 12.44
C ALA A 1016 57.09 -10.52 11.97
N LEU A 1017 57.92 -9.78 11.23
CA LEU A 1017 57.50 -8.51 10.67
C LEU A 1017 56.34 -8.67 9.70
N ALA A 1018 56.25 -9.81 9.02
CA ALA A 1018 55.10 -10.08 8.17
C ALA A 1018 53.84 -10.30 8.98
N LYS A 1019 53.93 -11.09 10.05
CA LYS A 1019 52.74 -11.41 10.85
C LYS A 1019 52.21 -10.18 11.57
N ILE A 1020 53.10 -9.34 12.11
CA ILE A 1020 52.66 -8.15 12.82
C ILE A 1020 51.93 -7.20 11.89
N GLN A 1021 52.54 -6.89 10.74
CA GLN A 1021 51.88 -6.04 9.76
C GLN A 1021 50.59 -6.68 9.25
N SER A 1022 50.55 -8.01 9.17
CA SER A 1022 49.35 -8.69 8.70
C SER A 1022 48.20 -8.49 9.68
N VAL A 1023 48.45 -8.67 10.97
CA VAL A 1023 47.37 -8.51 11.94
C VAL A 1023 46.95 -7.04 12.03
N VAL A 1024 47.90 -6.12 11.91
CA VAL A 1024 47.55 -4.69 11.94
C VAL A 1024 46.68 -4.33 10.75
N ASN A 1025 47.06 -4.80 9.55
CA ASN A 1025 46.28 -4.50 8.36
C ASN A 1025 44.92 -5.20 8.42
N SER A 1026 44.85 -6.38 9.03
CA SER A 1026 43.57 -7.06 9.17
C SER A 1026 42.63 -6.27 10.07
N ASN A 1027 43.14 -5.77 11.20
CA ASN A 1027 42.32 -4.93 12.08
C ASN A 1027 41.86 -3.67 11.35
N ALA A 1028 42.77 -3.02 10.62
CA ALA A 1028 42.41 -1.80 9.90
C ALA A 1028 41.36 -2.07 8.83
N GLN A 1029 41.50 -3.19 8.11
CA GLN A 1029 40.53 -3.52 7.06
C GLN A 1029 39.18 -3.87 7.67
N ALA A 1030 39.17 -4.55 8.81
CA ALA A 1030 37.90 -4.83 9.48
C ALA A 1030 37.21 -3.54 9.91
N LEU A 1031 37.98 -2.60 10.47
CA LEU A 1031 37.40 -1.32 10.88
C LEU A 1031 36.85 -0.56 9.68
N ASN A 1032 37.60 -0.54 8.56
CA ASN A 1032 37.12 0.17 7.38
C ASN A 1032 35.89 -0.49 6.78
N SER A 1033 35.83 -1.82 6.77
CA SER A 1033 34.66 -2.51 6.24
C SER A 1033 33.44 -2.27 7.13
N LEU A 1034 33.65 -2.17 8.44
CA LEU A 1034 32.54 -1.86 9.33
C LEU A 1034 32.08 -0.42 9.14
N LEU A 1035 33.03 0.50 8.87
CA LEU A 1035 32.66 1.89 8.66
C LEU A 1035 31.90 2.09 7.35
N GLN A 1036 32.30 1.37 6.28
CA GLN A 1036 31.68 1.56 4.98
C GLN A 1036 30.24 1.07 4.91
N GLN A 1037 29.72 0.47 5.99
CA GLN A 1037 28.34 0.01 6.01
C GLN A 1037 27.33 1.14 6.19
N LEU A 1038 27.78 2.34 6.53
CA LEU A 1038 26.87 3.46 6.76
C LEU A 1038 26.48 4.18 5.47
N PHE A 1039 27.08 3.83 4.34
CA PHE A 1039 26.79 4.46 3.06
C PHE A 1039 26.10 3.51 2.09
N ASN A 1040 25.29 2.60 2.61
CA ASN A 1040 24.54 1.64 1.81
C ASN A 1040 23.05 1.94 1.92
N LYS A 1041 22.32 1.75 0.82
CA LYS A 1041 20.88 2.04 0.83
C LYS A 1041 20.09 0.90 1.44
N PHE A 1042 20.53 -0.35 1.22
CA PHE A 1042 19.87 -1.53 1.75
C PHE A 1042 18.39 -1.60 1.34
N GLY A 1043 18.10 -1.23 0.09
CA GLY A 1043 16.75 -1.25 -0.41
C GLY A 1043 15.98 0.04 -0.25
N ALA A 1044 16.52 1.01 0.48
CA ALA A 1044 15.84 2.29 0.66
C ALA A 1044 16.11 3.22 -0.52
N ILE A 1045 15.63 4.45 -0.42
CA ILE A 1045 15.84 5.44 -1.48
C ILE A 1045 17.07 6.30 -1.26
N SER A 1046 17.63 6.30 -0.05
CA SER A 1046 18.82 7.09 0.23
C SER A 1046 19.53 6.50 1.44
N SER A 1047 20.83 6.78 1.54
CA SER A 1047 21.65 6.29 2.64
C SER A 1047 21.77 7.29 3.79
N SER A 1048 21.15 8.46 3.66
CA SER A 1048 21.18 9.50 4.69
C SER A 1048 19.81 9.62 5.32
N LEU A 1049 19.78 9.83 6.64
CA LEU A 1049 18.52 9.96 7.37
C LEU A 1049 17.91 11.34 7.26
N GLN A 1050 18.73 12.39 7.18
CA GLN A 1050 18.19 13.74 7.09
C GLN A 1050 17.40 13.94 5.81
N GLU A 1051 17.97 13.55 4.66
CA GLU A 1051 17.25 13.68 3.40
C GLU A 1051 16.02 12.81 3.35
N ILE A 1052 16.13 11.55 3.78
CA ILE A 1052 15.00 10.64 3.74
C ILE A 1052 13.92 11.01 4.76
N LEU A 1053 14.24 11.88 5.73
CA LEU A 1053 13.25 12.32 6.70
C LEU A 1053 12.61 13.64 6.28
N SER A 1054 13.37 14.52 5.64
CA SER A 1054 12.82 15.80 5.22
C SER A 1054 12.14 15.69 3.86
N ARG A 1055 12.37 14.59 3.14
CA ARG A 1055 11.77 14.44 1.81
C ARG A 1055 10.37 13.86 1.89
N LEU A 1056 10.20 12.77 2.63
CA LEU A 1056 8.93 12.05 2.70
C LEU A 1056 8.28 12.26 4.06
N ASP A 1057 7.05 11.74 4.20
CA ASP A 1057 6.30 11.84 5.43
C ASP A 1057 6.71 10.72 6.40
N PRO A 1058 6.52 10.94 7.70
CA PRO A 1058 6.89 9.92 8.70
C PRO A 1058 6.22 8.58 8.45
N PRO A 1059 4.88 8.54 8.11
CA PRO A 1059 4.26 7.24 7.85
C PRO A 1059 4.92 6.48 6.70
N GLU A 1060 5.58 7.21 5.80
CA GLU A 1060 6.32 6.60 4.71
C GLU A 1060 7.82 6.53 4.98
N ALA A 1061 8.33 7.32 5.93
CA ALA A 1061 9.76 7.29 6.22
C ALA A 1061 10.09 6.19 7.23
N GLN A 1062 9.10 5.73 8.00
CA GLN A 1062 9.36 4.68 8.98
C GLN A 1062 9.75 3.37 8.31
N VAL A 1063 9.02 2.99 7.25
CA VAL A 1063 9.31 1.75 6.55
C VAL A 1063 10.66 1.81 5.84
N GLN A 1064 11.12 3.01 5.51
CA GLN A 1064 12.44 3.20 4.91
C GLN A 1064 13.57 3.20 5.93
N ILE A 1065 13.33 3.75 7.13
CA ILE A 1065 14.34 3.71 8.17
C ILE A 1065 14.48 2.29 8.73
N ASP A 1066 13.40 1.50 8.69
CA ASP A 1066 13.47 0.12 9.18
C ASP A 1066 14.52 -0.69 8.42
N ARG A 1067 14.61 -0.47 7.10
CA ARG A 1067 15.57 -1.23 6.30
C ARG A 1067 17.00 -0.90 6.71
N LEU A 1068 17.31 0.39 6.86
CA LEU A 1068 18.65 0.79 7.30
C LEU A 1068 18.95 0.24 8.68
N ILE A 1069 17.97 0.27 9.58
CA ILE A 1069 18.18 -0.25 10.94
C ILE A 1069 18.52 -1.73 10.88
N ASN A 1070 17.74 -2.50 10.11
CA ASN A 1070 17.99 -3.94 10.02
C ASN A 1070 19.36 -4.22 9.41
N GLY A 1071 19.73 -3.48 8.37
CA GLY A 1071 21.03 -3.70 7.75
C GLY A 1071 22.18 -3.40 8.70
N ARG A 1072 22.10 -2.29 9.42
CA ARG A 1072 23.17 -1.92 10.34
C ARG A 1072 23.25 -2.91 11.51
N LEU A 1073 22.10 -3.39 11.98
CA LEU A 1073 22.12 -4.39 13.05
C LEU A 1073 22.74 -5.70 12.57
N THR A 1074 22.43 -6.12 11.34
CA THR A 1074 23.04 -7.32 10.79
C THR A 1074 24.54 -7.16 10.65
N ALA A 1075 24.99 -5.99 10.19
CA ALA A 1075 26.42 -5.74 10.07
C ALA A 1075 27.11 -5.80 11.43
N LEU A 1076 26.50 -5.19 12.45
CA LEU A 1076 27.09 -5.23 13.79
C LEU A 1076 27.14 -6.65 14.32
N ASN A 1077 26.09 -7.44 14.09
CA ASN A 1077 26.09 -8.82 14.54
C ASN A 1077 27.19 -9.63 13.88
N ALA A 1078 27.38 -9.43 12.56
CA ALA A 1078 28.44 -10.14 11.86
C ALA A 1078 29.82 -9.75 12.40
N TYR A 1079 30.03 -8.45 12.62
CA TYR A 1079 31.30 -8.00 13.17
C TYR A 1079 31.57 -8.60 14.54
N VAL A 1080 30.55 -8.65 15.39
CA VAL A 1080 30.71 -9.23 16.72
C VAL A 1080 31.03 -10.72 16.62
N SER A 1081 30.34 -11.42 15.70
CA SER A 1081 30.59 -12.86 15.54
C SER A 1081 32.00 -13.13 15.08
N GLN A 1082 32.55 -12.26 14.21
CA GLN A 1082 33.93 -12.45 13.78
C GLN A 1082 34.92 -12.10 14.89
N GLN A 1083 34.64 -11.03 15.64
CA GLN A 1083 35.54 -10.62 16.70
C GLN A 1083 35.62 -11.68 17.81
N LEU A 1084 34.50 -12.35 18.08
CA LEU A 1084 34.52 -13.43 19.07
C LEU A 1084 35.53 -14.52 18.70
N SER A 1085 35.48 -14.97 17.45
CA SER A 1085 36.42 -16.01 17.01
C SER A 1085 37.86 -15.50 17.01
N ASP A 1086 38.07 -14.24 16.60
CA ASP A 1086 39.42 -13.69 16.62
C ASP A 1086 39.99 -13.67 18.03
N ILE A 1087 39.19 -13.22 19.01
CA ILE A 1087 39.66 -13.17 20.40
C ILE A 1087 39.87 -14.57 20.95
N SER A 1088 39.01 -15.51 20.56
CA SER A 1088 39.21 -16.90 20.98
C SER A 1088 40.55 -17.44 20.47
N LEU A 1089 40.88 -17.14 19.21
CA LEU A 1089 42.14 -17.61 18.66
C LEU A 1089 43.33 -16.96 19.36
N VAL A 1090 43.26 -15.65 19.63
CA VAL A 1090 44.39 -14.99 20.27
C VAL A 1090 44.56 -15.49 21.70
N LYS A 1091 43.44 -15.82 22.37
CA LYS A 1091 43.53 -16.38 23.72
C LYS A 1091 44.13 -17.78 23.69
N PHE A 1092 43.77 -18.59 22.70
CA PHE A 1092 44.39 -19.90 22.55
C PHE A 1092 45.87 -19.82 22.24
N GLY A 1093 46.31 -18.78 21.52
CA GLY A 1093 47.73 -18.61 21.27
C GLY A 1093 48.50 -18.08 22.46
N ALA A 1094 47.87 -17.26 23.29
CA ALA A 1094 48.56 -16.74 24.48
C ALA A 1094 48.94 -17.86 25.45
N ALA A 1095 48.13 -18.92 25.51
CA ALA A 1095 48.48 -20.04 26.37
C ALA A 1095 49.74 -20.74 25.88
N LEU A 1096 49.86 -20.94 24.56
CA LEU A 1096 51.09 -21.51 24.00
C LEU A 1096 52.27 -20.59 24.27
N ALA A 1097 52.06 -19.27 24.17
CA ALA A 1097 53.12 -18.32 24.49
C ALA A 1097 53.60 -18.50 25.93
N MET A 1098 52.65 -18.58 26.87
CA MET A 1098 53.02 -18.75 28.28
C MET A 1098 53.74 -20.06 28.51
N GLU A 1099 53.27 -21.14 27.89
CA GLU A 1099 53.94 -22.44 28.04
C GLU A 1099 55.35 -22.39 27.48
N LYS A 1100 55.54 -21.73 26.33
CA LYS A 1100 56.87 -21.58 25.76
C LYS A 1100 57.79 -20.81 26.70
N VAL A 1101 57.29 -19.70 27.26
CA VAL A 1101 58.09 -18.92 28.21
C VAL A 1101 58.48 -19.78 29.40
N ASN A 1102 57.53 -20.58 29.91
CA ASN A 1102 57.81 -21.35 31.12
C ASN A 1102 58.79 -22.48 30.88
N GLU A 1103 58.68 -23.15 29.73
CA GLU A 1103 59.43 -24.39 29.50
C GLU A 1103 60.57 -24.24 28.52
N CYS A 1104 60.90 -23.01 28.08
CA CYS A 1104 62.00 -22.84 27.15
C CYS A 1104 62.99 -21.78 27.59
N VAL A 1105 62.51 -20.78 28.34
CA VAL A 1105 63.36 -19.67 28.76
C VAL A 1105 63.89 -19.92 30.17
N LYS A 1106 62.98 -20.08 31.13
CA LYS A 1106 63.40 -20.26 32.52
C LYS A 1106 63.98 -21.65 32.75
N SER A 1107 63.53 -22.64 31.99
CA SER A 1107 64.02 -24.00 32.14
C SER A 1107 63.98 -24.70 30.79
N GLN A 1108 64.65 -25.85 30.72
CA GLN A 1108 64.68 -26.68 29.53
C GLN A 1108 64.08 -28.04 29.86
N SER A 1109 63.01 -28.40 29.16
CA SER A 1109 62.31 -29.65 29.41
C SER A 1109 62.67 -30.69 28.36
N PRO A 1110 62.67 -31.98 28.72
CA PRO A 1110 62.99 -33.02 27.74
C PRO A 1110 61.91 -33.20 26.69
N ARG A 1111 61.75 -32.21 25.82
CA ARG A 1111 60.76 -32.25 24.75
C ARG A 1111 61.45 -31.94 23.44
N ILE A 1112 61.42 -32.89 22.51
CA ILE A 1112 62.14 -32.75 21.25
C ILE A 1112 61.30 -31.94 20.27
N ASN A 1113 61.95 -30.97 19.61
CA ASN A 1113 61.31 -30.09 18.62
C ASN A 1113 60.13 -29.31 19.19
N PHE A 1114 60.22 -28.91 20.47
CA PHE A 1114 59.15 -28.11 21.06
C PHE A 1114 59.49 -26.63 21.05
N CYS A 1115 60.64 -26.26 21.62
CA CYS A 1115 61.03 -24.87 21.68
C CYS A 1115 61.47 -24.36 20.31
N GLY A 1116 62.51 -24.97 19.75
CA GLY A 1116 63.03 -24.58 18.46
C GLY A 1116 62.79 -25.66 17.41
N ASN A 1117 63.77 -25.84 16.54
CA ASN A 1117 63.70 -26.83 15.46
C ASN A 1117 65.09 -27.43 15.30
N GLY A 1118 65.33 -28.56 15.98
CA GLY A 1118 66.62 -29.22 15.93
C GLY A 1118 67.23 -29.43 17.30
N ASN A 1119 68.55 -29.44 17.38
CA ASN A 1119 69.26 -29.63 18.64
C ASN A 1119 69.19 -28.33 19.43
N HIS A 1120 68.13 -28.17 20.22
CA HIS A 1120 67.92 -26.94 20.98
C HIS A 1120 68.90 -26.85 22.14
N ILE A 1121 69.36 -25.63 22.42
CA ILE A 1121 70.29 -25.39 23.51
C ILE A 1121 69.64 -24.47 24.54
N LEU A 1122 69.21 -23.29 24.10
CA LEU A 1122 68.56 -22.34 24.99
C LEU A 1122 67.73 -21.38 24.15
N SER A 1123 67.02 -20.49 24.84
CA SER A 1123 66.15 -19.53 24.19
C SER A 1123 66.03 -18.28 25.06
N LEU A 1124 65.79 -17.16 24.40
CA LEU A 1124 65.57 -15.87 25.06
C LEU A 1124 64.25 -15.28 24.56
N VAL A 1125 63.71 -14.34 25.34
CA VAL A 1125 62.40 -13.77 25.07
C VAL A 1125 62.52 -12.25 25.09
N GLN A 1126 61.79 -11.60 24.17
CA GLN A 1126 61.70 -10.15 24.12
C GLN A 1126 60.27 -9.75 23.79
N ASN A 1127 59.97 -8.47 23.97
CA ASN A 1127 58.64 -7.96 23.66
C ASN A 1127 58.54 -7.61 22.18
N ALA A 1128 57.32 -7.53 21.67
CA ALA A 1128 57.07 -7.19 20.29
C ALA A 1128 55.66 -6.62 20.20
N PRO A 1129 55.40 -5.76 19.20
CA PRO A 1129 54.05 -5.18 19.07
C PRO A 1129 52.99 -6.26 19.03
N TYR A 1130 52.17 -6.29 20.08
CA TYR A 1130 51.11 -7.28 20.26
C TYR A 1130 51.67 -8.70 20.29
N GLY A 1131 52.64 -8.93 21.17
CA GLY A 1131 53.06 -10.29 21.45
C GLY A 1131 54.52 -10.35 21.88
N LEU A 1132 55.07 -11.56 21.78
CA LEU A 1132 56.43 -11.84 22.22
C LEU A 1132 57.24 -12.41 21.08
N LEU A 1133 58.56 -12.24 21.18
CA LEU A 1133 59.52 -12.72 20.18
C LEU A 1133 60.54 -13.60 20.87
N PHE A 1134 60.60 -14.85 20.47
CA PHE A 1134 61.53 -15.83 21.02
C PHE A 1134 62.71 -16.01 20.07
N MET A 1135 63.89 -16.18 20.66
CA MET A 1135 65.14 -16.38 19.93
C MET A 1135 65.76 -17.67 20.45
N HIS A 1136 65.75 -18.72 19.62
CA HIS A 1136 66.27 -20.02 19.98
C HIS A 1136 67.65 -20.22 19.39
N PHE A 1137 68.55 -20.81 20.17
CA PHE A 1137 69.91 -21.10 19.72
C PHE A 1137 70.09 -22.61 19.63
N SER A 1138 70.65 -23.07 18.51
CA SER A 1138 70.73 -24.48 18.20
C SER A 1138 72.15 -24.85 17.80
N TYR A 1139 72.45 -26.15 17.93
CA TYR A 1139 73.75 -26.73 17.63
C TYR A 1139 73.71 -27.29 16.21
N LYS A 1140 74.60 -26.84 15.35
CA LYS A 1140 74.58 -27.21 13.93
C LYS A 1140 75.95 -27.74 13.52
N PRO A 1141 76.06 -29.01 13.11
CA PRO A 1141 77.33 -29.50 12.57
C PRO A 1141 77.62 -28.91 11.20
N ILE A 1142 78.90 -28.90 10.84
CA ILE A 1142 79.33 -28.33 9.57
C ILE A 1142 80.20 -29.33 8.79
N SER A 1143 80.72 -30.34 9.49
CA SER A 1143 81.58 -31.32 8.85
C SER A 1143 81.39 -32.67 9.53
N PHE A 1144 81.34 -33.72 8.72
CA PHE A 1144 81.10 -35.07 9.20
C PHE A 1144 82.24 -35.98 8.79
N LYS A 1145 82.33 -37.12 9.48
CA LYS A 1145 83.33 -38.14 9.16
C LYS A 1145 82.70 -39.51 9.37
N THR A 1146 82.89 -40.40 8.39
CA THR A 1146 82.30 -41.73 8.44
C THR A 1146 83.20 -42.66 9.23
N VAL A 1147 82.61 -43.38 10.19
CA VAL A 1147 83.34 -44.31 11.04
C VAL A 1147 82.50 -45.58 11.20
N LEU A 1148 83.15 -46.60 11.76
CA LEU A 1148 82.51 -47.88 12.06
C LEU A 1148 82.23 -47.97 13.55
N VAL A 1149 80.99 -48.31 13.89
CA VAL A 1149 80.53 -48.32 15.27
C VAL A 1149 79.92 -49.67 15.60
N SER A 1150 79.77 -49.93 16.90
CA SER A 1150 79.17 -51.16 17.40
C SER A 1150 78.21 -50.78 18.53
N PRO A 1151 76.99 -51.32 18.53
CA PRO A 1151 76.01 -50.96 19.56
C PRO A 1151 76.26 -51.58 20.92
N GLY A 1152 77.13 -52.58 21.02
CA GLY A 1152 77.38 -53.22 22.31
C GLY A 1152 78.49 -54.23 22.19
N LEU A 1153 78.88 -54.76 23.34
CA LEU A 1153 79.98 -55.72 23.41
C LEU A 1153 79.66 -56.79 24.45
N CYS A 1154 80.37 -57.91 24.34
CA CYS A 1154 80.30 -59.02 25.30
C CYS A 1154 81.74 -59.31 25.70
N ILE A 1155 82.12 -58.95 26.93
CA ILE A 1155 83.53 -58.82 27.25
C ILE A 1155 84.12 -60.05 27.94
N SER A 1156 83.78 -60.28 29.21
CA SER A 1156 84.48 -61.28 30.00
C SER A 1156 83.57 -62.43 30.44
N GLY A 1157 82.48 -62.14 31.13
CA GLY A 1157 81.65 -63.19 31.70
C GLY A 1157 80.25 -63.25 31.15
N ASP A 1158 80.11 -63.09 29.83
CA ASP A 1158 78.81 -62.95 29.18
C ASP A 1158 78.09 -61.70 29.67
N VAL A 1159 78.88 -60.69 30.05
CA VAL A 1159 78.37 -59.42 30.53
C VAL A 1159 78.38 -58.42 29.39
N GLY A 1160 77.26 -57.74 29.18
CA GLY A 1160 77.11 -56.80 28.09
C GLY A 1160 77.32 -55.37 28.56
N ILE A 1161 77.87 -54.54 27.67
CA ILE A 1161 78.09 -53.13 27.95
C ILE A 1161 77.46 -52.32 26.82
N ALA A 1162 76.70 -51.30 27.19
CA ALA A 1162 75.99 -50.47 26.22
C ALA A 1162 76.37 -49.01 26.41
N PRO A 1163 76.50 -48.26 25.32
CA PRO A 1163 76.82 -46.84 25.43
C PRO A 1163 75.62 -46.05 25.97
N LYS A 1164 75.94 -44.99 26.71
CA LYS A 1164 74.90 -44.11 27.22
C LYS A 1164 74.44 -43.13 26.14
N GLN A 1165 75.36 -42.29 25.66
CA GLN A 1165 75.11 -41.40 24.53
C GLN A 1165 76.38 -41.40 23.67
N GLY A 1166 76.44 -42.32 22.72
CA GLY A 1166 77.60 -42.44 21.87
C GLY A 1166 77.69 -43.84 21.28
N TYR A 1167 78.91 -44.19 20.87
CA TYR A 1167 79.17 -45.46 20.21
C TYR A 1167 80.54 -45.99 20.64
N PHE A 1168 80.78 -47.26 20.31
CA PHE A 1168 82.08 -47.90 20.52
C PHE A 1168 82.79 -48.02 19.19
N ILE A 1169 84.00 -47.48 19.11
CA ILE A 1169 84.79 -47.53 17.89
C ILE A 1169 86.07 -48.31 18.16
N LYS A 1170 86.82 -48.62 17.09
CA LYS A 1170 88.06 -49.37 17.18
C LYS A 1170 89.20 -48.47 16.69
N HIS A 1171 89.93 -47.89 17.63
CA HIS A 1171 91.02 -46.96 17.33
C HIS A 1171 92.32 -47.54 17.89
N ASN A 1172 93.36 -47.55 17.06
CA ASN A 1172 94.67 -48.09 17.43
C ASN A 1172 94.54 -49.54 17.92
N ASP A 1173 93.67 -50.30 17.25
CA ASP A 1173 93.41 -51.71 17.59
C ASP A 1173 92.94 -51.85 19.03
N HIS A 1174 92.20 -50.84 19.52
CA HIS A 1174 91.66 -50.87 20.86
C HIS A 1174 90.23 -50.33 20.84
N TRP A 1175 89.37 -50.93 21.65
CA TRP A 1175 87.98 -50.51 21.74
C TRP A 1175 87.87 -49.26 22.60
N MET A 1176 87.43 -48.16 21.97
CA MET A 1176 87.25 -46.90 22.69
C MET A 1176 85.84 -46.39 22.53
N PHE A 1177 85.49 -45.33 23.26
CA PHE A 1177 84.15 -44.76 23.25
C PHE A 1177 84.19 -43.38 22.60
N THR A 1178 83.19 -43.09 21.76
CA THR A 1178 83.09 -41.80 21.12
C THR A 1178 81.67 -41.27 21.29
N GLY A 1179 81.53 -39.95 21.20
CA GLY A 1179 80.24 -39.32 21.34
C GLY A 1179 79.40 -39.42 20.08
N SER A 1180 78.10 -39.15 20.25
CA SER A 1180 77.16 -39.21 19.14
C SER A 1180 77.04 -37.90 18.38
N SER A 1181 77.65 -36.82 18.88
CA SER A 1181 77.58 -35.52 18.22
C SER A 1181 78.97 -34.92 17.99
N TYR A 1182 80.04 -35.62 18.36
CA TYR A 1182 81.40 -35.14 18.15
C TYR A 1182 82.35 -36.33 18.20
N TYR A 1183 83.33 -36.33 17.31
CA TYR A 1183 84.28 -37.43 17.21
C TYR A 1183 85.47 -37.15 18.12
N TYR A 1184 85.56 -37.88 19.22
CA TYR A 1184 86.66 -37.74 20.16
C TYR A 1184 86.85 -39.04 20.93
N PRO A 1185 87.81 -39.87 20.54
CA PRO A 1185 88.00 -41.16 21.21
C PRO A 1185 88.38 -40.99 22.67
N GLU A 1186 87.75 -41.78 23.52
CA GLU A 1186 87.99 -41.77 24.96
C GLU A 1186 88.00 -43.20 25.45
N PRO A 1187 88.76 -43.48 26.52
CA PRO A 1187 88.78 -44.84 27.07
C PRO A 1187 87.46 -45.21 27.73
N ILE A 1188 87.14 -46.50 27.67
CA ILE A 1188 85.90 -47.01 28.24
C ILE A 1188 86.01 -46.98 29.77
N SER A 1189 84.99 -46.42 30.41
CA SER A 1189 84.95 -46.31 31.86
C SER A 1189 83.53 -46.57 32.35
N ASP A 1190 83.34 -46.50 33.67
CA ASP A 1190 82.03 -46.74 34.25
C ASP A 1190 81.07 -45.56 34.06
N LYS A 1191 81.61 -44.34 33.93
CA LYS A 1191 80.76 -43.16 33.84
C LYS A 1191 80.08 -43.00 32.49
N ASN A 1192 80.45 -43.78 31.48
CA ASN A 1192 79.89 -43.68 30.14
C ASN A 1192 79.56 -45.07 29.60
N VAL A 1193 78.92 -45.90 30.41
CA VAL A 1193 78.56 -47.26 30.01
C VAL A 1193 77.43 -47.74 30.91
N VAL A 1194 76.67 -48.71 30.42
CA VAL A 1194 75.60 -49.36 31.17
C VAL A 1194 75.84 -50.86 31.12
N PHE A 1195 75.79 -51.51 32.28
CA PHE A 1195 76.10 -52.92 32.41
C PHE A 1195 74.84 -53.76 32.30
N MET A 1196 74.99 -54.97 31.77
CA MET A 1196 73.92 -55.95 31.64
C MET A 1196 74.45 -57.33 31.99
N ASN A 1197 73.72 -58.05 32.84
CA ASN A 1197 74.15 -59.37 33.28
C ASN A 1197 74.18 -60.40 32.16
N THR A 1198 73.54 -60.13 31.03
CA THR A 1198 73.55 -61.03 29.88
C THR A 1198 73.60 -60.21 28.60
N CYS A 1199 74.62 -60.44 27.78
CA CYS A 1199 74.80 -59.68 26.56
C CYS A 1199 73.92 -60.25 25.44
N SER A 1200 73.62 -59.40 24.47
CA SER A 1200 72.74 -59.79 23.38
C SER A 1200 73.42 -60.82 22.48
N VAL A 1201 72.63 -61.34 21.54
CA VAL A 1201 73.14 -62.39 20.66
C VAL A 1201 74.04 -61.80 19.57
N ASN A 1202 73.71 -60.59 19.10
CA ASN A 1202 74.45 -59.96 18.01
C ASN A 1202 75.38 -58.86 18.51
N PHE A 1203 75.93 -59.02 19.70
CA PHE A 1203 76.94 -58.10 20.20
C PHE A 1203 78.33 -58.60 19.83
N THR A 1204 79.21 -57.65 19.50
CA THR A 1204 80.57 -58.00 19.13
C THR A 1204 81.34 -58.56 20.32
N LYS A 1205 81.89 -59.76 20.15
CA LYS A 1205 82.60 -60.45 21.21
C LYS A 1205 84.05 -59.97 21.24
N ALA A 1206 84.47 -59.39 22.37
CA ALA A 1206 85.83 -58.91 22.56
C ALA A 1206 86.33 -59.40 23.93
N PRO A 1207 86.87 -60.61 23.98
CA PRO A 1207 87.33 -61.15 25.27
C PRO A 1207 88.68 -60.58 25.71
N LEU A 1208 88.85 -59.27 25.60
CA LEU A 1208 90.08 -58.62 26.00
C LEU A 1208 89.87 -57.36 26.84
N VAL A 1209 88.62 -56.88 26.96
CA VAL A 1209 88.32 -55.67 27.68
C VAL A 1209 87.83 -56.05 29.08
N TYR A 1210 88.50 -55.54 30.10
CA TYR A 1210 88.13 -55.77 31.49
C TYR A 1210 87.63 -54.47 32.10
N LEU A 1211 86.47 -54.53 32.75
CA LEU A 1211 85.87 -53.35 33.37
C LEU A 1211 84.99 -53.74 34.55
N VAL B 1 -10.27 36.00 23.69
CA VAL B 1 -11.47 35.45 23.06
C VAL B 1 -11.38 33.93 23.02
N ILE B 2 -12.16 33.26 23.87
CA ILE B 2 -12.18 31.82 23.93
C ILE B 2 -13.45 31.22 23.34
N GLY B 3 -14.61 31.87 23.51
CA GLY B 3 -15.86 31.38 22.97
C GLY B 3 -16.42 32.33 21.91
N ASP B 4 -17.58 31.94 21.40
CA ASP B 4 -18.28 32.71 20.37
C ASP B 4 -19.59 33.30 20.89
N PHE B 5 -20.45 32.47 21.45
CA PHE B 5 -21.73 32.96 21.95
C PHE B 5 -21.53 33.82 23.19
N ASN B 6 -21.73 35.13 23.04
CA ASN B 6 -21.60 36.04 24.16
C ASN B 6 -22.79 35.92 25.09
N CYS B 7 -22.49 35.82 26.39
CA CYS B 7 -23.53 35.64 27.39
C CYS B 7 -23.36 36.48 28.64
N THR B 8 -22.40 37.41 28.68
CA THR B 8 -22.21 38.27 29.84
C THR B 8 -21.67 39.62 29.37
N ASN B 9 -22.40 40.68 29.74
CA ASN B 9 -22.02 42.03 29.36
C ASN B 9 -22.26 43.08 30.43
N PHE B 10 -22.22 42.74 31.72
CA PHE B 10 -22.49 43.69 32.79
C PHE B 10 -21.49 44.83 32.81
N ALA B 11 -20.21 44.52 33.03
CA ALA B 11 -19.16 45.52 33.11
C ALA B 11 -17.89 44.98 32.45
N ILE B 12 -17.31 45.77 31.54
CA ILE B 12 -16.10 45.41 30.83
C ILE B 12 -15.06 46.50 31.04
N ASN B 13 -13.81 46.07 31.25
CA ASN B 13 -12.72 47.00 31.48
C ASN B 13 -11.50 46.52 30.68
N ASP B 14 -10.54 47.43 30.51
CA ASP B 14 -9.32 47.15 29.75
C ASP B 14 -8.14 47.71 30.53
N LEU B 15 -7.54 46.88 31.37
CA LEU B 15 -6.37 47.25 32.15
C LEU B 15 -5.31 46.16 32.04
N ASN B 16 -4.05 46.58 32.08
CA ASN B 16 -2.90 45.67 32.01
C ASN B 16 -2.09 45.85 33.29
N THR B 17 -2.47 45.11 34.33
CA THR B 17 -1.81 45.17 35.63
C THR B 17 -1.55 43.76 36.16
N THR B 18 -1.05 42.88 35.30
CA THR B 18 -0.77 41.51 35.69
C THR B 18 0.42 40.99 34.91
N VAL B 19 1.11 40.01 35.49
CA VAL B 19 2.28 39.39 34.88
C VAL B 19 2.56 38.07 35.57
N PRO B 20 2.79 36.98 34.83
CA PRO B 20 3.12 35.71 35.49
C PRO B 20 4.44 35.80 36.24
N ARG B 21 4.44 35.29 37.47
CA ARG B 21 5.60 35.33 38.34
C ARG B 21 6.34 34.01 38.29
N ILE B 22 7.67 34.06 38.17
CA ILE B 22 8.49 32.87 38.17
C ILE B 22 8.64 32.37 39.60
N SER B 23 8.29 31.11 39.83
CA SER B 23 8.30 30.55 41.17
C SER B 23 9.74 30.36 41.67
N GLU B 24 9.86 30.21 42.98
CA GLU B 24 11.15 29.96 43.62
C GLU B 24 11.38 28.47 43.84
N TYR B 25 10.33 27.71 44.11
CA TYR B 25 10.47 26.27 44.31
C TYR B 25 10.90 25.59 43.02
N VAL B 26 11.84 24.67 43.14
CA VAL B 26 12.38 23.94 41.99
C VAL B 26 11.90 22.50 42.05
N VAL B 27 11.85 21.86 40.89
CA VAL B 27 11.35 20.49 40.80
C VAL B 27 12.35 19.54 41.46
N ASP B 28 11.86 18.68 42.35
CA ASP B 28 12.68 17.70 43.03
C ASP B 28 12.03 16.33 42.86
N VAL B 29 12.57 15.51 41.95
CA VAL B 29 12.01 14.20 41.67
C VAL B 29 12.72 13.09 42.45
N SER B 30 13.48 13.43 43.49
CA SER B 30 14.24 12.41 44.21
C SER B 30 13.34 11.58 45.12
N TYR B 31 12.39 12.23 45.80
CA TYR B 31 11.54 11.55 46.77
C TYR B 31 10.22 11.08 46.18
N GLY B 32 9.89 11.47 44.95
CA GLY B 32 8.68 11.00 44.33
C GLY B 32 7.81 12.09 43.73
N LEU B 33 8.03 13.34 44.15
CA LEU B 33 7.26 14.45 43.61
C LEU B 33 7.53 14.62 42.13
N GLY B 34 6.50 14.94 41.36
CA GLY B 34 6.60 15.06 39.92
C GLY B 34 6.41 13.78 39.16
N THR B 35 6.42 12.62 39.83
CA THR B 35 6.20 11.33 39.21
C THR B 35 4.80 10.85 39.51
N TYR B 36 4.12 10.36 38.48
CA TYR B 36 2.76 9.88 38.60
C TYR B 36 2.75 8.35 38.61
N TYR B 37 1.75 7.79 39.28
CA TYR B 37 1.57 6.34 39.26
C TYR B 37 1.21 5.88 37.86
N ILE B 38 1.65 4.67 37.52
CA ILE B 38 1.36 4.05 36.23
C ILE B 38 -0.13 3.69 36.21
N LEU B 39 -0.61 3.24 35.06
CA LEU B 39 -2.00 2.79 34.88
C LEU B 39 -2.23 1.64 35.88
N ASP B 40 -3.45 1.12 36.00
CA ASP B 40 -3.83 0.35 37.18
C ASP B 40 -3.07 -0.97 37.26
N ARG B 41 -1.78 -0.82 37.60
CA ARG B 41 -0.87 -1.92 37.81
C ARG B 41 -0.20 -1.75 39.16
N VAL B 42 0.39 -2.82 39.67
CA VAL B 42 1.06 -2.83 40.96
C VAL B 42 2.45 -3.43 40.78
N TYR B 43 3.45 -2.79 41.37
CA TYR B 43 4.81 -3.31 41.40
C TYR B 43 5.27 -3.40 42.86
N LEU B 44 5.91 -4.51 43.19
CA LEU B 44 6.30 -4.80 44.58
C LEU B 44 7.79 -5.07 44.66
N ASN B 45 8.49 -4.22 45.40
CA ASN B 45 9.92 -4.41 45.70
C ASN B 45 10.74 -4.61 44.44
N THR B 46 10.81 -3.58 43.59
CA THR B 46 11.53 -3.70 42.33
C THR B 46 12.02 -2.33 41.90
N THR B 47 12.70 -2.31 40.76
CA THR B 47 13.20 -1.08 40.16
C THR B 47 13.07 -1.20 38.64
N ILE B 48 12.28 -0.32 38.04
CA ILE B 48 11.96 -0.42 36.62
C ILE B 48 12.29 0.89 35.91
N LEU B 49 12.37 0.80 34.59
CA LEU B 49 12.57 1.96 33.73
C LEU B 49 11.29 2.21 32.94
N PHE B 50 10.80 3.45 32.99
CA PHE B 50 9.55 3.81 32.35
C PHE B 50 9.77 5.01 31.44
N THR B 51 9.38 4.89 30.19
CA THR B 51 9.47 5.96 29.20
C THR B 51 8.10 6.62 29.12
N GLY B 52 7.99 7.83 29.67
CA GLY B 52 6.72 8.51 29.70
C GLY B 52 6.81 10.02 29.75
N TYR B 53 5.65 10.69 29.84
CA TYR B 53 5.59 12.14 29.86
C TYR B 53 5.77 12.62 31.30
N PHE B 54 6.93 13.17 31.60
CA PHE B 54 7.29 13.66 32.93
C PHE B 54 7.84 15.08 32.80
N PRO B 55 7.85 15.83 33.90
CA PRO B 55 8.49 17.14 33.86
C PRO B 55 10.01 17.02 33.88
N LYS B 56 10.66 18.12 33.50
CA LYS B 56 12.11 18.18 33.47
C LYS B 56 12.64 18.60 34.84
N SER B 57 13.62 17.86 35.34
CA SER B 57 14.19 18.16 36.64
C SER B 57 14.95 19.48 36.60
N GLY B 58 14.84 20.26 37.66
CA GLY B 58 15.48 21.55 37.73
C GLY B 58 14.83 22.58 36.82
N ALA B 59 13.56 22.88 37.08
CA ALA B 59 12.81 23.84 36.28
C ALA B 59 12.01 24.74 37.21
N ASN B 60 11.58 25.89 36.67
CA ASN B 60 10.81 26.87 37.40
C ASN B 60 9.35 26.84 36.95
N PHE B 61 8.46 27.23 37.87
CA PHE B 61 7.03 27.23 37.60
C PHE B 61 6.58 28.61 37.14
N ARG B 62 5.27 28.80 37.00
CA ARG B 62 4.70 30.08 36.62
C ARG B 62 3.25 30.12 37.07
N ASP B 63 2.85 31.23 37.68
CA ASP B 63 1.52 31.39 38.23
C ASP B 63 0.56 31.91 37.16
N LEU B 64 -0.69 31.49 37.24
CA LEU B 64 -1.74 31.88 36.31
C LEU B 64 -3.02 32.22 37.06
N SER B 65 -2.89 32.88 38.21
CA SER B 65 -4.05 33.26 38.99
C SER B 65 -4.64 34.57 38.48
N LEU B 66 -5.97 34.64 38.47
CA LEU B 66 -6.69 35.82 37.96
C LEU B 66 -7.84 36.11 38.91
N LYS B 67 -7.75 37.22 39.63
CA LYS B 67 -8.80 37.67 40.53
C LYS B 67 -9.38 39.00 40.05
N GLY B 68 -10.70 39.10 40.12
CA GLY B 68 -11.37 40.31 39.68
C GLY B 68 -12.73 40.44 40.35
N THR B 69 -13.23 41.68 40.34
CA THR B 69 -14.53 42.02 40.92
C THR B 69 -15.32 42.80 39.88
N THR B 70 -16.26 42.12 39.23
CA THR B 70 -17.12 42.71 38.20
C THR B 70 -16.28 43.33 37.08
N TYR B 71 -15.16 42.67 36.76
CA TYR B 71 -14.24 43.16 35.74
C TYR B 71 -13.73 41.97 34.95
N LEU B 72 -13.96 42.00 33.64
CA LEU B 72 -13.50 40.96 32.71
C LEU B 72 -12.62 41.63 31.66
N SER B 73 -11.32 41.72 31.97
CA SER B 73 -10.40 42.40 31.07
C SER B 73 -10.15 41.56 29.82
N THR B 74 -9.97 42.25 28.69
CA THR B 74 -9.70 41.54 27.44
C THR B 74 -8.33 40.90 27.44
N LEU B 75 -7.32 41.60 27.96
CA LEU B 75 -5.96 41.06 27.98
C LEU B 75 -5.86 39.80 28.84
N TRP B 76 -6.76 39.65 29.81
CA TRP B 76 -6.78 38.44 30.62
C TRP B 76 -7.23 37.21 29.83
N TYR B 77 -7.80 37.40 28.64
CA TYR B 77 -8.22 36.29 27.78
C TYR B 77 -7.30 36.13 26.58
N GLN B 78 -6.03 36.54 26.72
CA GLN B 78 -5.05 36.44 25.65
C GLN B 78 -3.74 35.93 26.23
N LYS B 79 -2.72 35.86 25.37
CA LYS B 79 -1.40 35.45 25.81
C LYS B 79 -0.80 36.50 26.74
N PRO B 80 0.13 36.10 27.64
CA PRO B 80 0.68 34.76 27.83
C PRO B 80 -0.22 33.84 28.66
N PHE B 81 -1.39 34.34 29.07
CA PHE B 81 -2.29 33.54 29.89
C PHE B 81 -2.99 32.46 29.09
N LEU B 82 -3.08 32.60 27.76
CA LEU B 82 -3.64 31.56 26.90
C LEU B 82 -2.48 30.78 26.30
N SER B 83 -1.92 29.89 27.12
CA SER B 83 -0.75 29.12 26.70
C SER B 83 -1.16 28.01 25.75
N ASP B 84 -0.16 27.23 25.32
CA ASP B 84 -0.36 26.13 24.38
C ASP B 84 -0.21 24.81 25.11
N PHE B 85 -1.11 23.87 24.81
CA PHE B 85 -1.08 22.53 25.39
C PHE B 85 -0.36 21.61 24.41
N ASN B 86 0.97 21.63 24.48
CA ASN B 86 1.77 20.86 23.53
C ASN B 86 1.73 19.37 23.84
N ASN B 87 2.19 18.98 25.03
CA ASN B 87 2.21 17.57 25.40
C ASN B 87 1.50 17.34 26.72
N GLY B 88 1.58 18.30 27.63
CA GLY B 88 0.94 18.16 28.92
C GLY B 88 1.46 19.20 29.89
N ILE B 89 0.79 19.25 31.05
CA ILE B 89 1.12 20.19 32.11
C ILE B 89 1.13 19.47 33.44
N PHE B 90 1.96 19.96 34.35
CA PHE B 90 1.99 19.53 35.74
C PHE B 90 1.76 20.76 36.60
N SER B 91 0.66 20.76 37.35
CA SER B 91 0.23 21.94 38.08
C SER B 91 0.17 21.67 39.58
N ARG B 92 0.51 22.70 40.35
CA ARG B 92 0.39 22.69 41.80
C ARG B 92 -0.53 23.83 42.22
N VAL B 93 -1.56 23.49 42.99
CA VAL B 93 -2.59 24.45 43.42
C VAL B 93 -2.56 24.54 44.93
N LYS B 94 -2.69 25.76 45.44
CA LYS B 94 -2.75 26.00 46.87
C LYS B 94 -4.20 25.96 47.34
N ASN B 95 -4.45 25.19 48.39
CA ASN B 95 -5.80 25.01 48.93
C ASN B 95 -6.14 26.23 49.79
N THR B 96 -6.86 27.19 49.20
CA THR B 96 -7.24 28.41 49.91
C THR B 96 -8.29 28.07 50.96
N LYS B 97 -7.89 28.06 52.23
CA LYS B 97 -8.79 27.76 53.33
C LYS B 97 -9.43 29.06 53.82
N LEU B 98 -10.76 29.09 53.86
CA LEU B 98 -11.51 30.22 54.36
C LEU B 98 -12.34 29.81 55.57
N TYR B 99 -12.54 30.75 56.49
CA TYR B 99 -13.29 30.50 57.70
C TYR B 99 -14.51 31.42 57.73
N VAL B 100 -15.70 30.85 57.59
CA VAL B 100 -16.92 31.64 57.55
C VAL B 100 -17.86 31.12 58.60
N ASN B 101 -18.16 31.93 59.62
CA ASN B 101 -19.01 31.48 60.74
C ASN B 101 -18.55 30.15 61.27
N LYS B 102 -17.28 30.06 61.68
CA LYS B 102 -16.70 28.80 62.19
C LYS B 102 -16.92 27.60 61.29
N THR B 103 -16.82 27.80 59.98
CA THR B 103 -16.95 26.68 59.04
C THR B 103 -15.83 26.79 58.02
N LEU B 104 -15.08 25.71 57.85
CA LEU B 104 -13.98 25.72 56.90
C LEU B 104 -14.50 25.50 55.48
N TYR B 105 -14.00 26.30 54.54
CA TYR B 105 -14.35 26.18 53.14
C TYR B 105 -13.08 26.13 52.30
N SER B 106 -13.09 25.30 51.26
CA SER B 106 -11.97 25.14 50.35
C SER B 106 -12.44 25.38 48.92
N GLU B 107 -11.69 26.20 48.19
CA GLU B 107 -12.04 26.53 46.82
C GLU B 107 -10.82 27.12 46.11
N PHE B 108 -10.67 26.80 44.83
CA PHE B 108 -9.57 27.32 44.03
C PHE B 108 -10.05 27.45 42.59
N SER B 109 -9.14 27.90 41.72
CA SER B 109 -9.50 28.17 40.34
C SER B 109 -9.77 26.88 39.57
N THR B 110 -10.57 26.99 38.52
CA THR B 110 -10.92 25.89 37.66
C THR B 110 -10.15 25.98 36.34
N ILE B 111 -10.06 24.85 35.65
CA ILE B 111 -9.22 24.76 34.45
C ILE B 111 -10.08 24.26 33.30
N VAL B 112 -9.75 24.72 32.09
CA VAL B 112 -10.39 24.25 30.87
C VAL B 112 -9.29 23.88 29.88
N ILE B 113 -9.53 22.82 29.10
CA ILE B 113 -8.60 22.36 28.08
C ILE B 113 -9.42 22.05 26.83
N GLY B 114 -9.03 22.65 25.71
CA GLY B 114 -9.79 22.48 24.48
C GLY B 114 -8.95 22.75 23.26
N SER B 115 -9.44 22.23 22.13
CA SER B 115 -8.75 22.45 20.85
C SER B 115 -9.19 23.78 20.22
N VAL B 116 -10.50 24.00 20.14
CA VAL B 116 -11.03 25.22 19.54
C VAL B 116 -11.99 25.89 20.54
N PHE B 117 -12.36 25.16 21.59
CA PHE B 117 -13.26 25.66 22.63
C PHE B 117 -14.62 26.02 22.06
N ILE B 118 -15.07 25.26 21.07
CA ILE B 118 -16.39 25.42 20.48
C ILE B 118 -17.21 24.17 20.79
N ASN B 119 -18.52 24.26 20.52
CA ASN B 119 -19.41 23.13 20.76
C ASN B 119 -19.44 22.23 19.55
N ASN B 120 -18.37 22.23 18.76
CA ASN B 120 -18.28 21.44 17.54
C ASN B 120 -17.73 20.05 17.77
N SER B 121 -16.58 19.92 18.45
CA SER B 121 -15.93 18.63 18.63
C SER B 121 -15.98 18.16 20.09
N TYR B 122 -15.38 18.92 21.01
CA TYR B 122 -15.29 18.52 22.41
C TYR B 122 -14.61 19.63 23.19
N THR B 123 -14.58 19.47 24.52
CA THR B 123 -13.86 20.33 25.45
C THR B 123 -13.88 19.66 26.81
N ILE B 124 -12.91 20.03 27.66
CA ILE B 124 -12.76 19.44 28.99
C ILE B 124 -12.71 20.56 30.01
N VAL B 125 -13.44 20.41 31.11
CA VAL B 125 -13.48 21.38 32.19
C VAL B 125 -13.37 20.65 33.52
N VAL B 126 -12.48 21.13 34.40
CA VAL B 126 -12.30 20.58 35.73
C VAL B 126 -12.52 21.70 36.73
N GLN B 127 -13.44 21.48 37.68
CA GLN B 127 -13.81 22.53 38.62
C GLN B 127 -14.11 21.96 40.01
N PRO B 128 -13.62 22.60 41.07
CA PRO B 128 -13.99 22.17 42.43
C PRO B 128 -15.26 22.86 42.91
N HIS B 129 -16.06 22.11 43.68
CA HIS B 129 -17.29 22.62 44.28
C HIS B 129 -17.31 22.28 45.76
N ASN B 130 -16.65 23.12 46.56
CA ASN B 130 -16.64 23.03 48.01
C ASN B 130 -16.38 21.60 48.50
N GLY B 131 -15.25 21.06 48.05
CA GLY B 131 -14.79 19.77 48.52
C GLY B 131 -14.95 18.61 47.55
N VAL B 132 -15.60 18.82 46.41
CA VAL B 132 -15.77 17.78 45.40
C VAL B 132 -15.27 18.32 44.06
N LEU B 133 -14.61 17.46 43.29
CA LEU B 133 -14.07 17.82 41.99
C LEU B 133 -14.96 17.24 40.90
N GLU B 134 -15.35 18.10 39.96
CA GLU B 134 -16.21 17.71 38.84
C GLU B 134 -15.43 17.90 37.55
N ILE B 135 -15.28 16.81 36.80
CA ILE B 135 -14.64 16.82 35.48
C ILE B 135 -15.71 16.58 34.43
N THR B 136 -15.74 17.43 33.41
CA THR B 136 -16.77 17.37 32.38
C THR B 136 -16.38 16.44 31.23
N ALA B 137 -15.32 16.77 30.49
CA ALA B 137 -14.86 15.99 29.34
C ALA B 137 -16.02 15.72 28.38
N CYS B 138 -16.72 16.80 28.03
CA CYS B 138 -17.91 16.68 27.21
C CYS B 138 -18.08 17.97 26.41
N GLN B 139 -18.90 17.89 25.36
CA GLN B 139 -19.14 19.03 24.48
C GLN B 139 -19.97 20.06 25.23
N TYR B 140 -19.32 21.11 25.72
CA TYR B 140 -19.97 22.17 26.47
C TYR B 140 -19.88 23.48 25.69
N THR B 141 -21.02 24.15 25.57
CA THR B 141 -21.04 25.47 24.93
C THR B 141 -20.43 26.50 25.87
N MET B 142 -19.34 27.11 25.42
CA MET B 142 -18.59 28.06 26.23
C MET B 142 -18.88 29.48 25.78
N CYS B 143 -19.11 30.36 26.76
CA CYS B 143 -19.31 31.77 26.46
C CYS B 143 -17.99 32.42 26.10
N GLU B 144 -18.07 33.68 25.66
CA GLU B 144 -16.88 34.42 25.29
C GLU B 144 -16.09 34.87 26.53
N TYR B 145 -16.77 35.07 27.66
CA TYR B 145 -16.14 35.50 28.91
C TYR B 145 -16.59 34.59 30.05
N PRO B 146 -16.00 33.40 30.17
CA PRO B 146 -16.33 32.52 31.30
C PRO B 146 -15.73 33.06 32.59
N HIS B 147 -16.25 32.56 33.70
CA HIS B 147 -15.78 32.96 35.03
C HIS B 147 -16.29 31.94 36.05
N THR B 148 -15.86 32.11 37.30
CA THR B 148 -16.26 31.25 38.39
C THR B 148 -16.25 32.08 39.67
N ILE B 149 -17.26 31.90 40.51
CA ILE B 149 -17.47 32.74 41.68
C ILE B 149 -17.24 31.93 42.95
N CYS B 150 -17.13 32.65 44.07
CA CYS B 150 -17.06 32.02 45.37
C CYS B 150 -18.46 31.70 45.89
N LYS B 151 -18.53 30.77 46.85
CA LYS B 151 -19.79 30.36 47.45
C LYS B 151 -20.09 31.13 48.73
N SER B 152 -19.21 31.04 49.71
CA SER B 152 -19.35 31.82 50.93
C SER B 152 -18.79 33.23 50.72
N LYS B 153 -19.24 34.16 51.56
CA LYS B 153 -18.83 35.56 51.47
C LYS B 153 -19.15 36.11 50.08
N GLY B 154 -20.45 36.34 49.83
CA GLY B 154 -20.92 36.60 48.49
C GLY B 154 -20.15 37.69 47.75
N SER B 155 -20.31 37.67 46.43
CA SER B 155 -19.46 38.44 45.53
C SER B 155 -20.30 38.87 44.33
N SER B 156 -19.62 39.23 43.26
CA SER B 156 -20.23 39.81 42.05
C SER B 156 -21.01 38.71 41.33
N ARG B 157 -21.49 39.02 40.11
CA ARG B 157 -22.44 38.22 39.37
C ARG B 157 -22.03 36.74 39.35
N ASN B 158 -23.02 35.85 39.25
CA ASN B 158 -22.85 34.42 39.42
C ASN B 158 -22.11 33.81 38.23
N GLU B 159 -21.93 32.49 38.27
CA GLU B 159 -21.20 31.75 37.25
C GLU B 159 -22.07 31.56 36.01
N SER B 160 -21.55 31.95 34.85
CA SER B 160 -22.25 31.74 33.58
C SER B 160 -21.28 31.28 32.50
N TRP B 161 -20.36 30.38 32.84
CA TRP B 161 -19.37 29.93 31.86
C TRP B 161 -19.97 29.04 30.79
N HIS B 162 -21.15 28.46 31.03
CA HIS B 162 -21.81 27.62 30.04
C HIS B 162 -23.29 27.95 30.01
N PHE B 163 -23.89 27.79 28.83
CA PHE B 163 -25.31 28.03 28.62
C PHE B 163 -25.88 26.89 27.79
N ASP B 164 -26.49 25.91 28.45
CA ASP B 164 -27.08 24.75 27.80
C ASP B 164 -28.40 24.42 28.48
N LYS B 165 -29.50 24.55 27.75
CA LYS B 165 -30.80 24.21 28.30
C LYS B 165 -30.89 22.71 28.60
N SER B 166 -30.36 21.88 27.70
CA SER B 166 -30.33 20.44 27.86
C SER B 166 -28.89 19.96 27.88
N GLU B 167 -28.66 18.85 28.56
CA GLU B 167 -27.32 18.29 28.66
C GLU B 167 -26.90 17.73 27.30
N PRO B 168 -25.78 18.19 26.74
CA PRO B 168 -25.36 17.69 25.42
C PRO B 168 -24.88 16.25 25.47
N LEU B 169 -24.47 15.72 24.32
CA LEU B 169 -23.98 14.34 24.25
C LEU B 169 -22.63 14.24 24.93
N CYS B 170 -22.57 13.45 26.00
CA CYS B 170 -21.36 13.32 26.80
C CYS B 170 -20.88 11.88 26.79
N LEU B 171 -19.56 11.70 26.81
CA LEU B 171 -18.94 10.38 26.83
C LEU B 171 -18.49 9.96 28.23
N PHE B 172 -17.87 10.86 28.98
CA PHE B 172 -17.41 10.59 30.33
C PHE B 172 -17.97 11.62 31.30
N LYS B 173 -18.39 11.15 32.47
CA LYS B 173 -18.93 12.03 33.50
C LYS B 173 -18.80 11.33 34.84
N LYS B 174 -18.10 11.98 35.78
CA LYS B 174 -17.87 11.39 37.09
C LYS B 174 -17.39 12.49 38.03
N ASN B 175 -17.64 12.28 39.32
CA ASN B 175 -17.20 13.17 40.38
C ASN B 175 -16.11 12.49 41.19
N PHE B 176 -15.32 13.30 41.90
CA PHE B 176 -14.27 12.77 42.76
C PHE B 176 -14.22 13.57 44.06
N THR B 177 -13.64 12.96 45.08
CA THR B 177 -13.51 13.58 46.39
C THR B 177 -12.05 13.75 46.76
N TYR B 178 -11.80 14.68 47.69
CA TYR B 178 -10.45 14.94 48.16
C TYR B 178 -10.51 15.49 49.58
N ASN B 179 -9.37 15.49 50.25
CA ASN B 179 -9.29 15.98 51.62
C ASN B 179 -9.40 17.49 51.64
N VAL B 180 -10.26 18.02 52.50
CA VAL B 180 -10.46 19.46 52.60
C VAL B 180 -9.34 20.12 53.40
N SER B 181 -8.76 19.42 54.36
CA SER B 181 -7.74 19.99 55.22
C SER B 181 -6.35 20.01 54.61
N THR B 182 -6.20 19.56 53.37
CA THR B 182 -4.89 19.56 52.73
C THR B 182 -4.46 20.98 52.38
N ASP B 183 -3.17 21.14 52.09
CA ASP B 183 -2.60 22.44 51.77
C ASP B 183 -2.20 22.59 50.32
N TRP B 184 -1.86 21.50 49.64
CA TRP B 184 -1.47 21.54 48.23
C TRP B 184 -2.18 20.45 47.46
N LEU B 185 -2.36 20.67 46.17
CA LEU B 185 -3.04 19.71 45.30
C LEU B 185 -2.28 19.64 43.98
N TYR B 186 -1.86 18.44 43.60
CA TYR B 186 -1.06 18.26 42.39
C TYR B 186 -1.92 17.63 41.29
N PHE B 187 -1.74 18.15 40.08
CA PHE B 187 -2.41 17.61 38.89
C PHE B 187 -1.37 17.28 37.84
N HIS B 188 -1.78 16.45 36.88
CA HIS B 188 -0.86 15.99 35.84
C HIS B 188 -1.70 15.60 34.62
N PHE B 189 -1.72 16.47 33.61
CA PHE B 189 -2.51 16.22 32.41
C PHE B 189 -1.57 16.02 31.23
N TYR B 190 -1.92 15.08 30.35
CA TYR B 190 -1.15 14.92 29.12
C TYR B 190 -1.99 14.19 28.09
N GLN B 191 -1.45 14.10 26.87
CA GLN B 191 -2.10 13.44 25.76
C GLN B 191 -1.07 12.68 24.94
N GLU B 192 -1.52 11.60 24.32
CA GLU B 192 -0.65 10.75 23.50
C GLU B 192 -1.51 9.88 22.60
N ARG B 193 -1.21 9.91 21.30
CA ARG B 193 -1.92 9.11 20.30
C ARG B 193 -3.43 9.37 20.34
N GLY B 194 -3.80 10.64 20.53
CA GLY B 194 -5.20 11.01 20.61
C GLY B 194 -5.91 10.61 21.88
N THR B 195 -5.18 10.10 22.87
CA THR B 195 -5.76 9.69 24.14
C THR B 195 -5.31 10.64 25.24
N PHE B 196 -6.28 11.13 26.01
CA PHE B 196 -6.05 12.10 27.07
C PHE B 196 -6.01 11.39 28.42
N TYR B 197 -5.01 11.72 29.23
CA TYR B 197 -4.83 11.15 30.56
C TYR B 197 -4.71 12.26 31.59
N ALA B 198 -5.34 12.05 32.74
CA ALA B 198 -5.34 13.01 33.84
C ALA B 198 -5.03 12.27 35.15
N TYR B 199 -4.27 12.94 36.01
CA TYR B 199 -3.87 12.39 37.29
C TYR B 199 -3.98 13.47 38.36
N TYR B 200 -4.37 13.07 39.56
CA TYR B 200 -4.53 14.01 40.67
C TYR B 200 -3.98 13.41 41.95
N ALA B 201 -3.54 14.28 42.84
CA ALA B 201 -3.00 13.87 44.13
C ALA B 201 -3.28 14.96 45.16
N ASP B 202 -3.74 14.53 46.34
CA ASP B 202 -4.16 15.46 47.37
C ASP B 202 -3.07 15.80 48.39
N SER B 203 -1.95 15.07 48.37
CA SER B 203 -0.86 15.29 49.32
C SER B 203 0.47 15.23 48.57
N GLY B 204 1.55 15.35 49.33
CA GLY B 204 2.89 15.27 48.77
C GLY B 204 3.30 13.84 48.48
N MET B 205 2.67 13.24 47.48
CA MET B 205 2.90 11.85 47.12
C MET B 205 2.82 11.75 45.60
N PRO B 206 3.30 10.64 45.02
CA PRO B 206 3.13 10.44 43.58
C PRO B 206 1.67 10.49 43.18
N THR B 207 1.43 11.00 41.97
CA THR B 207 0.07 11.28 41.51
C THR B 207 -0.69 9.99 41.24
N THR B 208 -1.98 9.99 41.56
CA THR B 208 -2.85 8.83 41.36
C THR B 208 -3.64 8.98 40.07
N PHE B 209 -4.20 7.86 39.62
CA PHE B 209 -4.91 7.79 38.35
C PHE B 209 -6.35 8.27 38.49
N LEU B 210 -6.84 8.97 37.46
CA LEU B 210 -8.21 9.46 37.44
C LEU B 210 -9.05 8.79 36.35
N PHE B 211 -8.64 8.88 35.09
CA PHE B 211 -9.41 8.33 33.98
C PHE B 211 -8.57 8.44 32.71
N SER B 212 -9.10 7.85 31.64
CA SER B 212 -8.52 7.95 30.31
C SER B 212 -9.64 8.20 29.31
N LEU B 213 -9.36 9.05 28.33
CA LEU B 213 -10.38 9.43 27.36
C LEU B 213 -9.85 9.24 25.95
N TYR B 214 -10.67 8.66 25.08
CA TYR B 214 -10.32 8.45 23.68
C TYR B 214 -11.10 9.43 22.82
N LEU B 215 -10.39 10.34 22.16
CA LEU B 215 -11.02 11.37 21.33
C LEU B 215 -10.60 11.27 19.87
N GLY B 216 -9.30 11.12 19.60
CA GLY B 216 -8.80 11.13 18.25
C GLY B 216 -8.43 12.48 17.71
N THR B 217 -8.74 13.56 18.42
CA THR B 217 -8.38 14.91 18.02
C THR B 217 -7.39 15.50 19.01
N LEU B 218 -6.42 16.25 18.49
CA LEU B 218 -5.38 16.82 19.32
C LEU B 218 -5.83 18.15 19.91
N LEU B 219 -5.66 18.30 21.23
CA LEU B 219 -5.98 19.55 21.88
C LEU B 219 -4.94 20.61 21.53
N SER B 220 -5.32 21.87 21.73
CA SER B 220 -4.42 22.96 21.36
C SER B 220 -4.13 23.92 22.50
N HIS B 221 -5.12 24.22 23.35
CA HIS B 221 -4.93 25.26 24.35
C HIS B 221 -5.53 24.83 25.68
N TYR B 222 -5.05 25.47 26.75
CA TYR B 222 -5.58 25.31 28.09
C TYR B 222 -5.60 26.67 28.76
N TYR B 223 -6.53 26.83 29.70
CA TYR B 223 -6.75 28.13 30.34
C TYR B 223 -7.22 27.91 31.76
N VAL B 224 -6.88 28.88 32.62
CA VAL B 224 -7.32 28.88 34.01
C VAL B 224 -8.37 29.97 34.17
N LEU B 225 -9.60 29.56 34.46
CA LEU B 225 -10.69 30.52 34.53
C LEU B 225 -10.52 31.44 35.74
N PRO B 226 -10.79 32.74 35.60
CA PRO B 226 -10.61 33.65 36.73
C PRO B 226 -11.66 33.39 37.81
N LEU B 227 -11.21 33.50 39.06
CA LEU B 227 -12.07 33.28 40.21
C LEU B 227 -12.50 34.62 40.79
N THR B 228 -13.76 34.99 40.54
CA THR B 228 -14.32 36.23 41.05
C THR B 228 -14.77 36.02 42.49
N CYS B 229 -14.06 36.65 43.43
CA CYS B 229 -14.32 36.46 44.85
C CYS B 229 -14.22 37.77 45.60
N ASN B 230 -14.37 37.72 46.92
CA ASN B 230 -14.29 38.93 47.74
C ASN B 230 -13.29 38.77 48.87
N ALA B 231 -13.19 37.55 49.42
CA ALA B 231 -12.35 37.30 50.57
C ALA B 231 -10.87 37.17 50.22
N ILE B 232 -10.54 36.85 48.97
CA ILE B 232 -9.15 36.65 48.58
C ILE B 232 -8.34 37.94 48.59
N SER B 233 -9.00 39.09 48.64
CA SER B 233 -8.29 40.36 48.71
C SER B 233 -7.47 40.44 49.99
N SER B 234 -6.26 41.00 49.88
CA SER B 234 -5.34 41.07 51.01
C SER B 234 -5.76 42.11 52.04
N ASN B 235 -6.82 42.88 51.78
CA ASN B 235 -7.24 43.90 52.74
C ASN B 235 -8.05 43.28 53.87
N THR B 236 -8.77 42.20 53.60
CA THR B 236 -9.65 41.58 54.58
C THR B 236 -9.12 40.27 55.15
N ASP B 237 -8.50 39.42 54.34
CA ASP B 237 -8.01 38.14 54.80
C ASP B 237 -6.51 37.90 54.61
N ASN B 238 -5.83 38.73 53.80
CA ASN B 238 -4.39 38.59 53.55
C ASN B 238 -4.07 37.21 52.98
N GLU B 239 -4.84 36.80 51.99
CA GLU B 239 -4.66 35.53 51.31
C GLU B 239 -4.35 35.76 49.84
N THR B 240 -3.81 34.72 49.19
CA THR B 240 -3.44 34.81 47.79
C THR B 240 -3.82 33.50 47.09
N LEU B 241 -3.97 33.58 45.77
CA LEU B 241 -4.22 32.42 44.94
C LEU B 241 -2.93 32.01 44.23
N GLN B 242 -2.63 30.72 44.27
CA GLN B 242 -1.43 30.18 43.64
C GLN B 242 -1.79 29.01 42.75
N TYR B 243 -1.33 29.07 41.50
CA TYR B 243 -1.58 27.99 40.54
C TYR B 243 -0.35 27.92 39.63
N TRP B 244 0.58 27.05 40.00
CA TRP B 244 1.84 26.93 39.26
C TRP B 244 1.74 25.83 38.21
N VAL B 245 2.30 26.09 37.04
CA VAL B 245 2.24 25.16 35.92
C VAL B 245 3.65 24.98 35.36
N THR B 246 4.01 23.73 35.09
CA THR B 246 5.26 23.42 34.42
C THR B 246 5.01 22.49 33.24
N PRO B 247 5.77 22.65 32.15
CA PRO B 247 5.55 21.80 30.97
C PRO B 247 5.99 20.36 31.19
N LEU B 248 5.69 19.50 30.22
CA LEU B 248 6.05 18.09 30.27
C LEU B 248 6.89 17.73 29.05
N SER B 249 7.51 16.56 29.11
CA SER B 249 8.31 16.06 28.00
C SER B 249 8.42 14.55 28.11
N LYS B 250 8.58 13.90 26.96
CA LYS B 250 8.70 12.44 26.91
C LYS B 250 10.12 12.06 27.27
N ARG B 251 10.31 11.63 28.52
CA ARG B 251 11.62 11.26 29.05
C ARG B 251 11.60 9.82 29.53
N GLN B 252 12.71 9.38 30.10
CA GLN B 252 12.84 8.05 30.66
C GLN B 252 13.28 8.15 32.11
N TYR B 253 12.48 7.59 33.00
CA TYR B 253 12.72 7.67 34.44
C TYR B 253 12.96 6.27 34.99
N LEU B 254 13.60 6.25 36.16
CA LEU B 254 13.86 5.01 36.90
C LEU B 254 13.08 5.08 38.20
N LEU B 255 12.13 4.16 38.39
CA LEU B 255 11.25 4.16 39.54
C LEU B 255 11.52 2.95 40.42
N LYS B 256 11.56 3.18 41.72
CA LYS B 256 11.78 2.13 42.71
C LYS B 256 10.52 1.93 43.55
N PHE B 257 10.04 0.70 43.61
CA PHE B 257 8.86 0.35 44.39
C PHE B 257 9.26 -0.52 45.58
N ASP B 258 8.67 -0.23 46.74
CA ASP B 258 8.98 -0.94 47.96
C ASP B 258 8.17 -2.24 48.02
N ASN B 259 8.18 -2.90 49.18
CA ASN B 259 7.50 -4.17 49.34
C ASN B 259 5.98 -4.04 49.31
N ARG B 260 5.44 -2.88 49.66
CA ARG B 260 3.99 -2.68 49.66
C ARG B 260 3.44 -2.10 48.37
N GLY B 261 4.23 -1.29 47.66
CA GLY B 261 3.79 -0.72 46.41
C GLY B 261 3.87 0.79 46.36
N VAL B 262 4.55 1.38 47.34
CA VAL B 262 4.68 2.83 47.43
C VAL B 262 5.96 3.25 46.72
N ILE B 263 5.84 4.25 45.85
CA ILE B 263 7.01 4.76 45.13
C ILE B 263 7.93 5.46 46.12
N THR B 264 9.19 5.03 46.16
CA THR B 264 10.18 5.58 47.08
C THR B 264 11.17 6.51 46.38
N ASN B 265 11.84 6.04 45.34
CA ASN B 265 12.87 6.82 44.66
C ASN B 265 12.58 6.90 43.17
N ALA B 266 12.95 8.03 42.59
CA ALA B 266 12.80 8.27 41.16
C ALA B 266 14.03 9.00 40.65
N VAL B 267 14.55 8.53 39.53
CA VAL B 267 15.75 9.09 38.91
C VAL B 267 15.40 9.57 37.51
N ASP B 268 15.87 10.77 37.17
CA ASP B 268 15.56 11.42 35.91
C ASP B 268 16.26 10.79 34.71
N CYS B 269 17.43 10.18 34.93
CA CYS B 269 18.25 9.50 33.91
C CYS B 269 18.84 10.46 32.88
N SER B 270 18.59 11.78 32.99
CA SER B 270 19.15 12.72 32.04
C SER B 270 19.60 14.02 32.71
N SER B 271 19.56 14.11 34.04
CA SER B 271 19.94 15.35 34.71
C SER B 271 21.46 15.54 34.70
N SER B 272 22.21 14.48 35.01
CA SER B 272 23.65 14.55 35.06
C SER B 272 24.22 13.18 34.66
N PHE B 273 25.53 13.01 34.84
CA PHE B 273 26.16 11.76 34.48
C PHE B 273 25.85 10.67 35.50
N PHE B 274 25.69 11.04 36.77
CA PHE B 274 25.36 10.06 37.80
C PHE B 274 24.00 9.42 37.53
N SER B 275 23.04 10.22 37.02
CA SER B 275 21.74 9.66 36.69
C SER B 275 21.85 8.64 35.56
N GLU B 276 22.68 8.94 34.56
CA GLU B 276 22.88 7.99 33.47
C GLU B 276 23.55 6.71 33.97
N ILE B 277 24.52 6.84 34.87
CA ILE B 277 25.17 5.66 35.42
C ILE B 277 24.19 4.83 36.22
N GLN B 278 23.29 5.49 36.97
CA GLN B 278 22.31 4.76 37.76
C GLN B 278 21.27 4.07 36.89
N CYS B 279 20.86 4.71 35.79
CA CYS B 279 19.79 4.15 34.97
C CYS B 279 20.32 3.09 33.99
N LYS B 280 21.59 3.17 33.61
CA LYS B 280 22.16 2.17 32.73
C LYS B 280 22.39 0.83 33.41
N THR B 281 22.36 0.80 34.75
CA THR B 281 22.52 -0.44 35.50
C THR B 281 21.26 -0.84 36.25
N LYS B 282 20.21 -0.02 36.23
CA LYS B 282 18.95 -0.29 36.92
C LYS B 282 19.18 -0.53 38.41
N SER B 283 19.87 0.40 39.05
CA SER B 283 20.15 0.32 40.47
C SER B 283 20.24 1.73 41.05
N LEU B 284 19.96 1.83 42.35
CA LEU B 284 20.05 3.11 43.05
C LEU B 284 21.47 3.47 43.44
N LEU B 285 22.30 2.49 43.76
CA LEU B 285 23.71 2.70 44.11
C LEU B 285 24.56 1.81 43.21
N PRO B 286 25.08 2.34 42.10
CA PRO B 286 25.84 1.50 41.17
C PRO B 286 27.11 0.95 41.80
N ASN B 287 27.64 -0.10 41.17
CA ASN B 287 28.87 -0.71 41.63
C ASN B 287 30.07 0.13 41.22
N THR B 288 31.24 -0.25 41.75
CA THR B 288 32.48 0.45 41.44
C THR B 288 32.99 0.02 40.08
N GLY B 289 33.29 0.99 39.23
CA GLY B 289 33.81 0.68 37.92
C GLY B 289 33.85 1.91 37.02
N VAL B 290 34.28 1.68 35.78
CA VAL B 290 34.39 2.72 34.78
C VAL B 290 33.33 2.47 33.71
N TYR B 291 32.59 3.51 33.35
CA TYR B 291 31.50 3.43 32.39
C TYR B 291 31.73 4.43 31.26
N ASP B 292 31.36 4.00 30.05
CA ASP B 292 31.37 4.89 28.89
C ASP B 292 29.95 5.40 28.67
N LEU B 293 29.78 6.72 28.80
CA LEU B 293 28.47 7.34 28.78
C LEU B 293 28.07 7.71 27.35
N SER B 294 26.93 8.38 27.22
CA SER B 294 26.41 8.72 25.91
C SER B 294 27.28 9.78 25.25
N GLY B 295 27.53 9.59 23.95
CA GLY B 295 28.36 10.53 23.20
C GLY B 295 27.58 11.73 22.72
N PHE B 296 27.89 12.91 23.27
CA PHE B 296 27.21 14.13 22.89
C PHE B 296 27.70 14.62 21.53
N THR B 297 26.80 15.29 20.81
CA THR B 297 27.10 15.84 19.49
C THR B 297 26.79 17.33 19.50
N VAL B 298 27.76 18.13 19.05
CA VAL B 298 27.58 19.58 19.03
C VAL B 298 26.55 19.93 17.95
N LYS B 299 25.58 20.77 18.32
CA LYS B 299 24.54 21.15 17.39
C LYS B 299 25.09 22.18 16.38
N PRO B 300 24.63 22.13 15.14
CA PRO B 300 25.09 23.14 14.16
C PRO B 300 24.55 24.52 14.52
N VAL B 301 25.41 25.52 14.36
CA VAL B 301 25.05 26.89 14.72
C VAL B 301 24.34 27.60 13.57
N ALA B 302 24.83 27.42 12.35
CA ALA B 302 24.25 28.14 11.21
C ALA B 302 23.90 27.19 10.07
N THR B 303 23.31 27.74 9.01
CA THR B 303 22.91 26.97 7.83
C THR B 303 23.41 27.70 6.58
N VAL B 304 24.09 26.94 5.72
CA VAL B 304 24.64 27.45 4.47
C VAL B 304 24.00 26.70 3.32
N HIS B 305 23.26 27.42 2.48
CA HIS B 305 22.58 26.83 1.34
C HIS B 305 23.15 27.40 0.05
N ARG B 306 23.47 26.52 -0.89
CA ARG B 306 23.99 26.92 -2.19
C ARG B 306 23.32 26.08 -3.26
N ARG B 307 22.79 26.74 -4.29
CA ARG B 307 22.10 26.08 -5.38
C ARG B 307 22.70 26.54 -6.71
N ILE B 308 22.89 25.58 -7.61
CA ILE B 308 23.40 25.87 -8.95
C ILE B 308 22.39 26.78 -9.65
N PRO B 309 22.84 27.79 -10.41
CA PRO B 309 21.88 28.68 -11.07
C PRO B 309 21.08 28.00 -12.17
N ASP B 310 20.26 28.77 -12.87
CA ASP B 310 19.35 28.25 -13.87
C ASP B 310 19.16 29.28 -14.98
N LEU B 311 18.11 29.11 -15.79
CA LEU B 311 17.73 29.99 -16.90
C LEU B 311 17.97 31.45 -16.54
N PRO B 312 18.63 32.22 -17.40
CA PRO B 312 19.06 33.56 -17.02
C PRO B 312 17.89 34.51 -16.82
N ASP B 313 18.17 35.57 -16.06
CA ASP B 313 17.15 36.57 -15.76
C ASP B 313 16.87 37.41 -17.00
N CYS B 314 15.61 37.81 -17.16
CA CYS B 314 15.18 38.61 -18.31
C CYS B 314 15.42 40.10 -18.13
N ASP B 315 15.77 40.55 -16.92
CA ASP B 315 16.08 41.94 -16.63
C ASP B 315 14.92 42.87 -17.01
N ILE B 316 13.81 42.65 -16.30
CA ILE B 316 12.62 43.48 -16.52
C ILE B 316 12.90 44.92 -16.11
N ASP B 317 13.70 45.11 -15.07
CA ASP B 317 14.01 46.46 -14.60
C ASP B 317 14.83 47.24 -15.61
N LYS B 318 15.68 46.56 -16.38
CA LYS B 318 16.48 47.25 -17.38
C LYS B 318 15.62 47.76 -18.52
N TRP B 319 14.57 47.02 -18.88
CA TRP B 319 13.68 47.47 -19.94
C TRP B 319 12.68 48.50 -19.44
N LEU B 320 12.29 48.41 -18.16
CA LEU B 320 11.37 49.38 -17.59
C LEU B 320 12.04 50.72 -17.35
N ASN B 321 13.36 50.73 -17.17
CA ASN B 321 14.11 51.96 -16.91
C ASN B 321 14.77 52.51 -18.18
N ASN B 322 14.24 52.17 -19.36
CA ASN B 322 14.79 52.69 -20.59
C ASN B 322 14.51 54.18 -20.72
N PHE B 323 15.42 54.89 -21.37
CA PHE B 323 15.33 56.34 -21.52
C PHE B 323 14.44 56.78 -22.68
N ASN B 324 14.10 55.87 -23.58
CA ASN B 324 13.23 56.19 -24.72
C ASN B 324 11.80 55.86 -24.33
N VAL B 325 11.14 56.81 -23.67
CA VAL B 325 9.77 56.63 -23.21
C VAL B 325 8.83 56.78 -24.40
N PRO B 326 8.05 55.75 -24.74
CA PRO B 326 7.14 55.86 -25.89
C PRO B 326 5.89 56.64 -25.55
N SER B 327 5.26 57.19 -26.58
CA SER B 327 4.02 57.92 -26.44
C SER B 327 2.85 56.96 -26.26
N PRO B 328 1.74 57.44 -25.68
CA PRO B 328 0.55 56.58 -25.58
C PRO B 328 0.03 56.08 -26.91
N LEU B 329 0.35 56.77 -28.01
CA LEU B 329 -0.01 56.28 -29.33
C LEU B 329 0.97 55.22 -29.82
N ASN B 330 2.19 55.24 -29.33
CA ASN B 330 3.24 54.29 -29.72
C ASN B 330 3.58 53.34 -28.58
N TRP B 331 2.56 52.87 -27.86
CA TRP B 331 2.75 51.98 -26.72
C TRP B 331 3.56 50.75 -27.15
N GLU B 332 4.61 50.46 -26.40
CA GLU B 332 5.52 49.37 -26.72
C GLU B 332 5.13 48.09 -25.97
N ARG B 333 5.13 46.99 -26.72
CA ARG B 333 4.78 45.67 -26.20
C ARG B 333 5.99 44.76 -26.31
N LYS B 334 6.31 44.06 -25.23
CA LYS B 334 7.43 43.13 -25.17
C LYS B 334 6.98 41.82 -24.57
N ILE B 335 7.49 40.72 -25.10
CA ILE B 335 7.13 39.38 -24.66
C ILE B 335 8.26 38.84 -23.79
N PHE B 336 7.91 38.08 -22.75
CA PHE B 336 8.89 37.48 -21.86
C PHE B 336 8.47 36.05 -21.54
N SER B 337 9.42 35.12 -21.63
CA SER B 337 9.19 33.72 -21.32
C SER B 337 10.52 33.05 -21.01
N ASN B 338 10.45 31.96 -20.25
CA ASN B 338 11.63 31.20 -19.84
C ASN B 338 12.62 32.10 -19.10
N CYS B 339 12.16 32.62 -17.96
CA CYS B 339 12.95 33.54 -17.15
C CYS B 339 12.73 33.21 -15.68
N ASN B 340 13.29 34.05 -14.81
CA ASN B 340 13.11 33.93 -13.37
C ASN B 340 13.19 35.32 -12.76
N PHE B 341 12.04 35.90 -12.44
CA PHE B 341 11.96 37.28 -11.99
C PHE B 341 11.53 37.32 -10.52
N ASN B 342 11.98 38.37 -9.84
CA ASN B 342 11.60 38.65 -8.45
C ASN B 342 10.81 39.96 -8.47
N LEU B 343 9.49 39.85 -8.31
CA LEU B 343 8.64 41.04 -8.37
C LEU B 343 8.96 42.01 -7.23
N SER B 344 9.38 41.49 -6.07
CA SER B 344 9.76 42.36 -4.97
C SER B 344 10.99 43.19 -5.33
N THR B 345 11.99 42.56 -5.95
CA THR B 345 13.18 43.29 -6.39
C THR B 345 12.82 44.31 -7.47
N LEU B 346 11.86 43.98 -8.34
CA LEU B 346 11.43 44.93 -9.36
C LEU B 346 10.75 46.14 -8.75
N LEU B 347 9.89 45.91 -7.75
CA LEU B 347 9.22 47.03 -7.08
C LEU B 347 10.18 47.83 -6.22
N ARG B 348 11.27 47.21 -5.76
CA ARG B 348 12.23 47.93 -4.93
C ARG B 348 13.19 48.76 -5.76
N LEU B 349 13.74 48.19 -6.84
CA LEU B 349 14.70 48.93 -7.65
C LEU B 349 14.04 50.08 -8.40
N VAL B 350 12.91 49.82 -9.05
CA VAL B 350 12.16 50.85 -9.78
C VAL B 350 11.13 51.42 -8.82
N HIS B 351 11.13 52.75 -8.68
CA HIS B 351 10.21 53.42 -7.76
C HIS B 351 8.78 53.23 -8.21
N THR B 352 8.03 52.38 -7.50
CA THR B 352 6.67 52.04 -7.86
C THR B 352 5.70 52.95 -7.12
N ASP B 353 4.87 53.68 -7.86
N ASP B 353 4.87 53.68 -7.86
CA ASP B 353 3.88 54.57 -7.26
CA ASP B 353 3.88 54.57 -7.26
C ASP B 353 2.56 53.85 -6.97
C ASP B 353 2.56 53.85 -6.97
N SER B 354 2.14 52.94 -7.83
CA SER B 354 0.91 52.20 -7.63
C SER B 354 0.99 50.88 -8.38
N PHE B 355 0.40 49.85 -7.77
CA PHE B 355 0.41 48.52 -8.37
C PHE B 355 -0.86 47.80 -7.99
N SER B 356 -1.64 47.38 -8.99
CA SER B 356 -2.87 46.63 -8.77
C SER B 356 -2.93 45.47 -9.74
N CYS B 357 -3.92 44.59 -9.54
CA CYS B 357 -4.14 43.44 -10.40
C CYS B 357 -5.63 43.17 -10.52
N ASN B 358 -6.10 42.97 -11.75
CA ASN B 358 -7.49 42.67 -12.03
C ASN B 358 -7.65 41.19 -12.38
N ASN B 359 -8.73 40.60 -11.86
CA ASN B 359 -9.06 39.18 -12.06
C ASN B 359 -7.98 38.26 -11.49
N PHE B 360 -7.16 38.76 -10.58
CA PHE B 360 -6.11 37.95 -9.95
C PHE B 360 -5.65 38.67 -8.69
N ASP B 361 -5.10 37.89 -7.76
CA ASP B 361 -4.66 38.41 -6.47
C ASP B 361 -3.15 38.64 -6.49
N GLU B 362 -2.72 39.73 -5.86
CA GLU B 362 -1.30 40.05 -5.81
C GLU B 362 -0.55 39.05 -4.94
N SER B 363 -1.19 38.57 -3.87
CA SER B 363 -0.54 37.61 -2.98
C SER B 363 -0.30 36.28 -3.67
N LYS B 364 -1.18 35.92 -4.62
CA LYS B 364 -1.02 34.67 -5.35
C LYS B 364 0.15 34.71 -6.31
N ILE B 365 0.64 35.91 -6.67
CA ILE B 365 1.80 36.00 -7.55
C ILE B 365 3.05 35.48 -6.86
N TYR B 366 3.16 35.71 -5.56
CA TYR B 366 4.29 35.24 -4.77
C TYR B 366 4.20 33.72 -4.63
N GLY B 367 5.03 33.01 -5.37
CA GLY B 367 5.05 31.57 -5.33
C GLY B 367 4.30 30.86 -6.43
N SER B 368 4.26 31.44 -7.63
CA SER B 368 3.54 30.85 -8.75
C SER B 368 4.46 30.82 -9.97
N CYS B 369 3.96 30.22 -11.05
CA CYS B 369 4.71 30.06 -12.29
C CYS B 369 3.81 30.46 -13.45
N PHE B 370 4.28 31.40 -14.27
CA PHE B 370 3.56 31.86 -15.46
C PHE B 370 4.34 31.44 -16.70
N LYS B 371 3.64 30.97 -17.72
CA LYS B 371 4.30 30.49 -18.93
C LYS B 371 4.85 31.63 -19.77
N SER B 372 4.16 32.77 -19.78
CA SER B 372 4.60 33.91 -20.57
C SER B 372 3.94 35.17 -20.03
N ILE B 373 4.62 36.30 -20.22
CA ILE B 373 4.16 37.59 -19.73
C ILE B 373 4.36 38.63 -20.83
N VAL B 374 3.29 39.39 -21.12
CA VAL B 374 3.35 40.46 -22.11
C VAL B 374 3.30 41.79 -21.37
N LEU B 375 4.26 42.66 -21.65
CA LEU B 375 4.38 43.95 -21.00
C LEU B 375 4.10 45.06 -22.01
N ASP B 376 3.06 45.84 -21.75
CA ASP B 376 2.69 46.97 -22.59
C ASP B 376 2.87 48.25 -21.80
N LYS B 377 3.84 49.08 -22.19
CA LYS B 377 4.17 50.26 -21.41
C LYS B 377 4.07 51.51 -22.26
N PHE B 378 3.67 52.62 -21.63
CA PHE B 378 3.61 53.91 -22.29
C PHE B 378 3.48 55.00 -21.23
N ALA B 379 3.80 56.23 -21.63
CA ALA B 379 3.78 57.35 -20.71
C ALA B 379 2.35 57.69 -20.29
N ILE B 380 2.24 58.50 -19.24
CA ILE B 380 0.96 58.88 -18.65
C ILE B 380 0.75 60.36 -18.86
N PRO B 381 -0.31 60.78 -19.55
CA PRO B 381 -0.62 62.22 -19.63
C PRO B 381 -1.14 62.72 -18.29
N ASN B 382 -0.72 63.95 -17.93
CA ASN B 382 -1.13 64.52 -16.65
C ASN B 382 -2.61 64.91 -16.67
N SER B 383 -3.08 65.45 -17.81
CA SER B 383 -4.46 65.92 -17.88
C SER B 383 -5.45 64.76 -17.91
N ARG B 384 -5.12 63.69 -18.63
CA ARG B 384 -6.01 62.56 -18.80
C ARG B 384 -5.53 61.32 -18.02
N ARG B 385 -4.96 61.52 -16.84
CA ARG B 385 -4.52 60.38 -16.04
C ARG B 385 -5.71 59.58 -15.52
N SER B 386 -6.77 60.27 -15.08
CA SER B 386 -7.94 59.60 -14.55
C SER B 386 -8.63 58.71 -15.58
N ASP B 387 -8.34 58.91 -16.87
CA ASP B 387 -8.89 58.04 -17.91
C ASP B 387 -8.25 56.66 -17.92
N LEU B 388 -7.21 56.44 -17.11
CA LEU B 388 -6.56 55.14 -17.01
C LEU B 388 -7.29 54.18 -16.06
N GLN B 389 -8.49 54.55 -15.61
CA GLN B 389 -9.25 53.68 -14.73
C GLN B 389 -9.73 52.45 -15.49
N LEU B 390 -10.01 51.38 -14.75
CA LEU B 390 -10.47 50.13 -15.34
C LEU B 390 -11.89 50.31 -15.84
N GLY B 391 -12.02 50.69 -17.11
CA GLY B 391 -13.32 50.92 -17.70
C GLY B 391 -13.74 52.37 -17.70
N SER B 392 -13.68 53.01 -18.88
CA SER B 392 -14.04 54.41 -19.02
C SER B 392 -14.15 54.74 -20.50
N SER B 393 -15.01 55.70 -20.81
CA SER B 393 -15.18 56.17 -22.19
C SER B 393 -14.26 57.34 -22.49
N GLY B 394 -12.97 57.18 -22.22
CA GLY B 394 -11.98 58.21 -22.43
C GLY B 394 -11.30 58.09 -23.79
N PHE B 395 -10.50 59.10 -24.11
CA PHE B 395 -9.78 59.12 -25.38
C PHE B 395 -8.68 58.08 -25.42
N LEU B 396 -7.98 57.89 -24.29
CA LEU B 396 -6.86 56.95 -24.24
C LEU B 396 -7.33 55.52 -24.50
N GLN B 397 -8.43 55.13 -23.85
CA GLN B 397 -8.90 53.75 -23.97
C GLN B 397 -9.61 53.51 -25.30
N SER B 398 -10.12 54.57 -25.92
CA SER B 398 -10.90 54.42 -27.15
C SER B 398 -10.10 54.68 -28.42
N SER B 399 -8.91 55.27 -28.32
CA SER B 399 -8.12 55.59 -29.50
C SER B 399 -6.64 55.23 -29.40
N ASN B 400 -6.11 54.95 -28.21
CA ASN B 400 -4.70 54.63 -28.05
C ASN B 400 -4.43 53.22 -27.57
N TYR B 401 -5.05 52.81 -26.46
CA TYR B 401 -4.82 51.47 -25.91
C TYR B 401 -5.94 51.15 -24.93
N LYS B 402 -6.57 49.99 -25.15
CA LYS B 402 -7.65 49.52 -24.28
C LYS B 402 -7.19 48.29 -23.52
N ILE B 403 -7.55 48.23 -22.24
CA ILE B 403 -7.16 47.13 -21.36
C ILE B 403 -8.32 46.16 -21.29
N ASP B 404 -8.10 44.94 -21.79
CA ASP B 404 -9.13 43.91 -21.72
C ASP B 404 -9.32 43.43 -20.30
N THR B 405 -10.58 43.30 -19.88
CA THR B 405 -10.91 42.89 -18.52
C THR B 405 -11.44 41.47 -18.45
N THR B 406 -11.37 40.71 -19.55
CA THR B 406 -11.84 39.33 -19.56
C THR B 406 -10.78 38.33 -19.11
N SER B 407 -9.59 38.80 -18.75
CA SER B 407 -8.51 37.93 -18.32
C SER B 407 -7.81 38.55 -17.11
N SER B 408 -6.98 37.74 -16.45
CA SER B 408 -6.24 38.19 -15.28
C SER B 408 -5.02 38.98 -15.72
N SER B 409 -4.92 40.23 -15.30
CA SER B 409 -3.81 41.09 -15.66
C SER B 409 -3.41 41.94 -14.46
N CYS B 410 -2.38 42.76 -14.64
CA CYS B 410 -1.93 43.66 -13.60
C CYS B 410 -1.52 45.00 -14.20
N GLN B 411 -1.68 46.05 -13.40
CA GLN B 411 -1.35 47.41 -13.81
C GLN B 411 -0.32 47.99 -12.84
N LEU B 412 0.63 48.74 -13.36
CA LEU B 412 1.70 49.32 -12.57
C LEU B 412 1.99 50.73 -13.05
N TYR B 413 1.76 51.71 -12.18
CA TYR B 413 2.09 53.11 -12.45
C TYR B 413 3.36 53.44 -11.68
N TYR B 414 4.42 53.81 -12.40
CA TYR B 414 5.69 54.12 -11.76
C TYR B 414 6.20 55.46 -12.28
N SER B 415 7.35 55.87 -11.75
CA SER B 415 7.93 57.16 -12.13
C SER B 415 9.35 57.00 -12.63
N LEU B 416 9.85 58.01 -13.34
CA LEU B 416 11.21 57.98 -13.86
C LEU B 416 11.78 59.39 -13.88
N PRO B 417 13.04 59.59 -13.47
CA PRO B 417 13.63 60.93 -13.48
C PRO B 417 13.58 61.60 -14.85
N ALA B 418 12.90 62.75 -14.92
CA ALA B 418 12.70 63.44 -16.19
C ALA B 418 13.97 64.10 -16.72
N ILE B 419 15.10 63.98 -16.01
CA ILE B 419 16.34 64.59 -16.46
C ILE B 419 16.85 63.99 -17.77
N ASN B 420 16.69 62.69 -17.97
CA ASN B 420 17.15 62.02 -19.19
C ASN B 420 16.02 61.31 -19.92
N VAL B 421 14.84 61.91 -19.99
CA VAL B 421 13.68 61.31 -20.64
C VAL B 421 13.51 61.95 -22.02
N THR B 422 13.49 61.11 -23.05
CA THR B 422 13.21 61.55 -24.42
C THR B 422 12.03 60.76 -24.96
N ILE B 423 11.16 61.45 -25.69
CA ILE B 423 9.95 60.85 -26.24
C ILE B 423 10.10 60.76 -27.75
N ASN B 424 9.94 59.55 -28.29
CA ASN B 424 10.00 59.30 -29.72
C ASN B 424 8.58 59.10 -30.23
N ASN B 425 8.04 60.11 -30.89
CA ASN B 425 6.67 60.08 -31.40
C ASN B 425 6.64 59.46 -32.80
N TYR B 426 5.58 58.72 -33.07
CA TYR B 426 5.40 58.07 -34.36
C TYR B 426 3.92 57.84 -34.60
N ASN B 427 3.54 57.79 -35.88
CA ASN B 427 2.16 57.57 -36.26
C ASN B 427 2.02 56.18 -36.86
N PRO B 428 1.40 55.22 -36.15
CA PRO B 428 1.22 53.86 -36.68
C PRO B 428 0.07 53.74 -37.68
N SER B 429 0.04 54.65 -38.66
CA SER B 429 -0.98 54.68 -39.68
C SER B 429 -0.31 54.50 -41.04
N SER B 430 -0.88 53.61 -41.86
CA SER B 430 -0.30 53.32 -43.17
C SER B 430 -0.73 54.36 -44.20
N TRP B 431 -2.05 54.56 -44.33
CA TRP B 431 -2.56 55.46 -45.36
C TRP B 431 -2.23 56.92 -45.06
N ASN B 432 -2.13 57.28 -43.79
CA ASN B 432 -1.73 58.65 -43.45
C ASN B 432 -0.28 58.90 -43.82
N ARG B 433 0.60 57.96 -43.50
CA ARG B 433 2.01 58.12 -43.85
C ARG B 433 2.23 58.00 -45.35
N ARG B 434 1.32 57.32 -46.05
CA ARG B 434 1.47 57.13 -47.49
C ARG B 434 1.33 58.45 -48.25
N TYR B 435 0.43 59.32 -47.80
CA TYR B 435 0.12 60.54 -48.54
C TYR B 435 0.90 61.75 -48.04
N GLY B 436 1.97 61.55 -47.28
CA GLY B 436 2.85 62.65 -46.95
C GLY B 436 2.90 63.06 -45.48
N PHE B 437 2.70 62.12 -44.57
CA PHE B 437 2.80 62.43 -43.16
C PHE B 437 4.27 62.45 -42.73
N ASN B 438 4.56 63.26 -41.72
CA ASN B 438 5.93 63.44 -41.25
C ASN B 438 5.92 63.50 -39.72
N ASN B 439 7.09 63.78 -39.14
CA ASN B 439 7.21 63.84 -37.70
C ASN B 439 6.47 65.05 -37.14
N PHE B 440 6.09 64.94 -35.86
CA PHE B 440 5.37 66.04 -35.21
C PHE B 440 6.32 67.20 -34.93
N ASN B 441 7.36 66.97 -34.13
CA ASN B 441 8.36 67.98 -33.78
C ASN B 441 7.69 69.20 -33.14
N LEU B 442 7.08 68.94 -31.99
CA LEU B 442 6.37 69.97 -31.24
C LEU B 442 7.20 70.54 -30.09
N SER B 443 7.64 69.69 -29.16
CA SER B 443 8.43 70.12 -28.01
C SER B 443 8.96 68.87 -27.33
N SER B 444 9.75 69.08 -26.28
CA SER B 444 10.30 67.99 -25.49
C SER B 444 9.46 67.75 -24.24
N HIS B 445 9.57 66.54 -23.69
CA HIS B 445 8.83 66.13 -22.51
C HIS B 445 7.32 66.27 -22.69
N SER B 446 6.84 66.02 -23.91
CA SER B 446 5.42 66.10 -24.23
C SER B 446 5.00 64.85 -24.98
N VAL B 447 3.84 64.33 -24.61
CA VAL B 447 3.28 63.12 -25.22
C VAL B 447 2.01 63.50 -25.97
N VAL B 448 1.78 62.85 -27.10
CA VAL B 448 0.62 63.14 -27.95
C VAL B 448 -0.35 61.98 -27.86
N TYR B 449 -1.61 62.28 -27.58
CA TYR B 449 -2.67 61.29 -27.51
C TYR B 449 -3.73 61.61 -28.56
N SER B 450 -4.22 60.57 -29.24
CA SER B 450 -5.21 60.76 -30.28
C SER B 450 -6.60 60.94 -29.66
N ARG B 451 -7.40 61.80 -30.28
CA ARG B 451 -8.75 62.10 -29.82
C ARG B 451 -9.83 61.41 -30.65
N TYR B 452 -9.57 61.21 -31.94
CA TYR B 452 -10.51 60.54 -32.84
C TYR B 452 -9.76 59.58 -33.74
N CYS B 453 -10.38 58.44 -34.02
CA CYS B 453 -9.79 57.41 -34.88
C CYS B 453 -10.70 57.16 -36.06
N PHE B 454 -10.11 57.06 -37.25
CA PHE B 454 -10.85 56.81 -38.49
C PHE B 454 -10.20 55.69 -39.25
N SER B 455 -11.01 54.77 -39.77
CA SER B 455 -10.53 53.63 -40.53
C SER B 455 -11.02 53.70 -41.96
N VAL B 456 -10.15 53.31 -42.90
CA VAL B 456 -10.46 53.34 -44.32
C VAL B 456 -10.06 52.00 -44.94
N ASN B 457 -10.56 51.76 -46.14
CA ASN B 457 -10.20 50.59 -46.92
C ASN B 457 -9.05 50.94 -47.86
N ASN B 458 -8.60 49.93 -48.61
CA ASN B 458 -7.47 50.13 -49.52
C ASN B 458 -7.93 50.68 -50.86
N THR B 459 -8.73 51.76 -50.83
CA THR B 459 -9.08 52.44 -52.07
C THR B 459 -9.25 53.94 -51.88
N PHE B 460 -9.02 54.48 -50.68
CA PHE B 460 -9.27 55.89 -50.43
C PHE B 460 -8.12 56.75 -50.94
N CYS B 461 -8.47 57.94 -51.43
CA CYS B 461 -7.48 58.90 -51.90
C CYS B 461 -7.95 60.32 -51.61
N PRO B 462 -7.18 61.11 -50.85
CA PRO B 462 -7.50 62.53 -50.63
C PRO B 462 -7.29 63.39 -51.86
N CYS B 463 -7.94 63.01 -52.97
CA CYS B 463 -7.79 63.69 -54.25
C CYS B 463 -9.14 63.70 -54.95
N ALA B 464 -9.41 64.79 -55.67
CA ALA B 464 -10.60 64.90 -56.49
C ALA B 464 -10.26 64.67 -57.95
N LYS B 465 -11.28 64.42 -58.75
CA LYS B 465 -11.08 64.20 -60.18
C LYS B 465 -10.74 65.52 -60.86
N PRO B 466 -9.67 65.58 -61.66
CA PRO B 466 -9.34 66.85 -62.33
C PRO B 466 -10.40 67.32 -63.31
N SER B 467 -10.89 66.42 -64.16
CA SER B 467 -11.91 66.82 -65.14
C SER B 467 -13.21 67.19 -64.46
N PHE B 468 -13.55 66.53 -63.35
CA PHE B 468 -14.78 66.87 -62.64
C PHE B 468 -14.65 68.19 -61.90
N ALA B 469 -13.48 68.44 -61.29
CA ALA B 469 -13.28 69.69 -60.56
C ALA B 469 -13.09 70.88 -61.50
N SER B 470 -12.67 70.62 -62.74
CA SER B 470 -12.48 71.71 -63.70
C SER B 470 -13.80 72.36 -64.06
N SER B 471 -14.85 71.56 -64.22
CA SER B 471 -16.16 72.09 -64.57
C SER B 471 -16.94 72.49 -63.32
N CYS B 472 -16.34 73.33 -62.47
CA CYS B 472 -16.97 73.79 -61.24
C CYS B 472 -16.59 75.27 -61.06
N LYS B 473 -17.45 76.16 -61.54
CA LYS B 473 -17.20 77.59 -61.41
C LYS B 473 -17.51 78.14 -60.03
N SER B 474 -18.16 77.35 -59.17
CA SER B 474 -18.51 77.77 -57.82
C SER B 474 -18.02 76.71 -56.83
N HIS B 475 -17.15 77.11 -55.93
CA HIS B 475 -16.59 76.22 -54.90
C HIS B 475 -15.88 75.02 -55.55
N LYS B 476 -14.87 75.33 -56.34
CA LYS B 476 -14.11 74.29 -57.04
C LYS B 476 -13.22 73.55 -56.06
N PRO B 477 -13.37 72.24 -55.88
CA PRO B 477 -12.52 71.53 -54.94
C PRO B 477 -11.14 71.28 -55.54
N PRO B 478 -10.11 71.16 -54.72
CA PRO B 478 -8.77 70.87 -55.25
C PRO B 478 -8.69 69.44 -55.76
N SER B 479 -8.03 69.27 -56.90
CA SER B 479 -7.92 67.97 -57.56
C SER B 479 -6.49 67.72 -57.98
N ALA B 480 -6.08 66.45 -57.91
CA ALA B 480 -4.74 66.05 -58.33
C ALA B 480 -4.75 64.56 -58.62
N SER B 481 -3.60 64.05 -59.04
CA SER B 481 -3.49 62.65 -59.44
C SER B 481 -3.15 61.77 -58.24
N CYS B 482 -3.66 60.53 -58.28
CA CYS B 482 -3.41 59.52 -57.27
C CYS B 482 -2.61 58.39 -57.89
N PRO B 483 -1.84 57.65 -57.09
CA PRO B 483 -1.14 56.46 -57.60
C PRO B 483 -2.11 55.45 -58.18
N ILE B 484 -1.53 54.42 -58.80
CA ILE B 484 -2.28 53.44 -59.59
C ILE B 484 -3.16 52.64 -58.64
N GLY B 485 -4.46 52.90 -58.68
CA GLY B 485 -5.44 52.15 -57.92
C GLY B 485 -5.91 52.87 -56.67
N THR B 486 -7.03 53.57 -56.77
CA THR B 486 -7.65 54.29 -55.66
C THR B 486 -9.07 54.67 -56.08
N ASN B 487 -9.72 55.49 -55.25
CA ASN B 487 -11.03 56.03 -55.54
C ASN B 487 -11.01 57.53 -55.25
N TYR B 488 -11.22 58.34 -56.28
CA TYR B 488 -11.14 59.78 -56.13
C TYR B 488 -12.31 60.31 -55.31
N ARG B 489 -12.24 61.59 -54.96
CA ARG B 489 -13.27 62.22 -54.15
C ARG B 489 -14.58 62.30 -54.93
N SER B 490 -15.67 61.92 -54.28
CA SER B 490 -17.00 61.91 -54.91
C SER B 490 -17.55 63.32 -54.89
N CYS B 491 -17.49 64.01 -56.03
CA CYS B 491 -18.02 65.35 -56.19
C CYS B 491 -18.99 65.36 -57.37
N GLU B 492 -20.18 65.89 -57.14
CA GLU B 492 -21.22 65.96 -58.17
C GLU B 492 -21.69 67.40 -58.32
N SER B 493 -21.95 67.80 -59.56
CA SER B 493 -22.42 69.14 -59.88
C SER B 493 -23.95 69.13 -59.92
N THR B 494 -24.57 69.89 -59.04
CA THR B 494 -26.03 69.98 -58.95
C THR B 494 -26.49 71.34 -59.43
N THR B 495 -27.61 71.36 -60.14
CA THR B 495 -28.16 72.59 -60.70
C THR B 495 -28.91 73.35 -59.61
N VAL B 496 -28.79 74.67 -59.62
CA VAL B 496 -29.48 75.55 -58.69
C VAL B 496 -30.40 76.45 -59.49
N LEU B 497 -31.05 77.39 -58.81
CA LEU B 497 -31.98 78.35 -59.43
C LEU B 497 -31.23 79.07 -60.55
N ASP B 498 -30.14 79.80 -60.26
CA ASP B 498 -29.41 80.49 -61.31
C ASP B 498 -28.02 79.92 -61.53
N HIS B 499 -27.43 79.29 -60.52
CA HIS B 499 -26.10 78.71 -60.65
C HIS B 499 -26.20 77.33 -61.28
N THR B 500 -25.35 77.08 -62.28
CA THR B 500 -25.33 75.80 -62.97
C THR B 500 -23.99 75.07 -62.81
N ASP B 501 -23.09 75.58 -61.97
CA ASP B 501 -21.78 74.97 -61.76
C ASP B 501 -21.50 74.78 -60.28
N TRP B 502 -22.54 74.55 -59.48
CA TRP B 502 -22.39 74.34 -58.05
C TRP B 502 -22.07 72.88 -57.79
N CYS B 503 -20.83 72.60 -57.39
CA CYS B 503 -20.36 71.24 -57.16
C CYS B 503 -20.25 70.97 -55.67
N ARG B 504 -20.78 69.84 -55.24
CA ARG B 504 -20.66 69.37 -53.86
C ARG B 504 -19.74 68.17 -53.81
N CYS B 505 -19.20 67.89 -52.64
CA CYS B 505 -18.32 66.74 -52.42
C CYS B 505 -18.72 66.04 -51.13
N SER B 506 -17.90 65.06 -50.74
CA SER B 506 -18.14 64.28 -49.54
C SER B 506 -17.20 64.73 -48.42
N CYS B 507 -17.49 64.25 -47.21
CA CYS B 507 -16.71 64.53 -46.02
C CYS B 507 -16.62 66.03 -45.76
N LEU B 508 -17.79 66.64 -45.54
CA LEU B 508 -17.90 68.06 -45.30
C LEU B 508 -18.69 68.32 -44.02
N PRO B 509 -18.28 69.30 -43.22
CA PRO B 509 -17.09 70.14 -43.44
C PRO B 509 -15.80 69.45 -43.01
N ASP B 510 -15.87 68.66 -41.95
CA ASP B 510 -14.72 67.96 -41.41
C ASP B 510 -15.18 66.58 -40.94
N PRO B 511 -14.28 65.59 -40.96
CA PRO B 511 -14.68 64.24 -40.52
C PRO B 511 -15.05 64.17 -39.05
N ILE B 512 -14.60 65.13 -38.24
CA ILE B 512 -14.95 65.12 -36.82
C ILE B 512 -16.39 65.54 -36.61
N THR B 513 -16.85 66.53 -37.37
CA THR B 513 -18.21 67.08 -37.24
C THR B 513 -18.92 67.05 -38.59
N ALA B 514 -18.84 65.90 -39.27
CA ALA B 514 -19.50 65.76 -40.56
C ALA B 514 -21.01 65.69 -40.38
N TYR B 515 -21.73 66.39 -41.26
CA TYR B 515 -23.19 66.40 -41.18
C TYR B 515 -23.77 65.03 -41.52
N ASP B 516 -23.28 64.40 -42.57
CA ASP B 516 -23.74 63.07 -42.99
C ASP B 516 -22.57 62.11 -42.95
N PRO B 517 -22.39 61.34 -41.88
CA PRO B 517 -21.26 60.40 -41.82
C PRO B 517 -21.37 59.28 -42.84
N ARG B 518 -22.59 58.92 -43.27
CA ARG B 518 -22.76 57.84 -44.23
C ARG B 518 -22.32 58.22 -45.63
N SER B 519 -22.21 59.52 -45.93
CA SER B 519 -21.80 59.99 -47.24
C SER B 519 -20.30 60.18 -47.37
N CYS B 520 -19.56 60.03 -46.28
CA CYS B 520 -18.10 60.20 -46.27
C CYS B 520 -17.42 58.85 -46.34
N SER B 521 -16.24 58.80 -46.95
CA SER B 521 -15.53 57.54 -47.12
C SER B 521 -14.96 57.06 -45.79
N GLN B 522 -14.16 57.89 -45.13
CA GLN B 522 -13.56 57.51 -43.85
C GLN B 522 -14.62 57.48 -42.76
N LYS B 523 -14.64 56.39 -41.99
CA LYS B 523 -15.62 56.19 -40.93
C LYS B 523 -14.89 56.11 -39.59
N LYS B 524 -15.50 56.69 -38.56
CA LYS B 524 -14.92 56.63 -37.22
C LYS B 524 -14.95 55.20 -36.70
N SER B 525 -13.81 54.72 -36.20
CA SER B 525 -13.70 53.38 -35.67
C SER B 525 -13.09 53.41 -34.28
N LEU B 526 -13.42 52.40 -33.48
CA LEU B 526 -12.93 52.26 -32.13
C LEU B 526 -11.95 51.10 -32.07
N VAL B 527 -10.75 51.37 -31.55
CA VAL B 527 -9.72 50.34 -31.46
C VAL B 527 -10.08 49.37 -30.34
N GLY B 528 -9.70 48.10 -30.52
CA GLY B 528 -9.97 47.09 -29.52
C GLY B 528 -8.77 46.79 -28.66
N VAL B 529 -8.40 45.51 -28.57
CA VAL B 529 -7.26 45.06 -27.78
C VAL B 529 -6.27 44.38 -28.71
N GLY B 530 -5.02 44.86 -28.71
CA GLY B 530 -3.95 44.26 -29.48
C GLY B 530 -3.41 45.12 -30.59
N GLU B 531 -4.25 45.92 -31.24
CA GLU B 531 -3.83 46.74 -32.36
C GLU B 531 -3.70 48.21 -31.93
N HIS B 532 -3.26 49.04 -32.87
CA HIS B 532 -3.05 50.46 -32.63
C HIS B 532 -4.14 51.27 -33.34
N CYS B 533 -3.99 52.59 -33.26
CA CYS B 533 -4.93 53.49 -33.92
C CYS B 533 -4.83 53.36 -35.43
N ALA B 534 -5.98 53.42 -36.11
CA ALA B 534 -5.99 53.30 -37.56
C ALA B 534 -5.38 54.52 -38.22
N GLY B 535 -5.68 55.71 -37.72
CA GLY B 535 -5.12 56.92 -38.28
C GLY B 535 -5.92 58.13 -37.85
N PHE B 536 -5.32 59.30 -38.08
CA PHE B 536 -5.94 60.56 -37.73
C PHE B 536 -6.94 60.98 -38.82
N GLY B 537 -7.63 62.09 -38.55
CA GLY B 537 -8.56 62.62 -39.53
C GLY B 537 -7.86 63.34 -40.67
N VAL B 538 -8.52 63.34 -41.82
CA VAL B 538 -7.99 63.96 -43.04
C VAL B 538 -9.02 64.94 -43.57
N ASP B 539 -8.62 66.21 -43.68
CA ASP B 539 -9.48 67.26 -44.23
C ASP B 539 -9.26 67.30 -45.73
N GLU B 540 -10.26 66.81 -46.50
CA GLU B 540 -10.13 66.74 -47.94
C GLU B 540 -10.04 68.14 -48.57
N GLU B 541 -10.53 69.16 -47.87
CA GLU B 541 -10.47 70.51 -48.40
C GLU B 541 -9.05 71.07 -48.41
N LYS B 542 -8.14 70.51 -47.61
CA LYS B 542 -6.78 70.98 -47.52
C LYS B 542 -5.78 70.02 -48.14
N CYS B 543 -6.24 69.06 -48.94
CA CYS B 543 -5.38 68.09 -49.61
C CYS B 543 -5.36 68.36 -51.10
N GLY B 544 -4.16 68.40 -51.68
CA GLY B 544 -4.00 68.60 -53.10
C GLY B 544 -3.83 70.07 -53.46
N VAL B 545 -3.82 70.32 -54.78
CA VAL B 545 -3.67 71.65 -55.32
C VAL B 545 -4.85 71.93 -56.26
N LEU B 546 -4.95 73.19 -56.69
CA LEU B 546 -6.03 73.63 -57.57
C LEU B 546 -5.51 73.61 -59.02
N ASP B 547 -6.37 73.12 -59.91
CA ASP B 547 -6.08 73.05 -61.34
C ASP B 547 -4.81 72.24 -61.61
N GLY B 548 -4.81 70.97 -61.24
CA GLY B 548 -3.67 70.11 -61.49
C GLY B 548 -3.94 69.17 -62.64
N SER B 549 -3.04 69.20 -63.61
CA SER B 549 -3.17 68.38 -64.81
C SER B 549 -2.51 67.00 -64.64
N TYR B 550 -2.87 66.32 -63.56
CA TYR B 550 -2.36 64.98 -63.27
C TYR B 550 -0.83 64.95 -63.24
N ASN B 551 -0.23 65.90 -62.51
CA ASN B 551 1.22 65.99 -62.41
C ASN B 551 1.67 66.22 -60.97
N VAL B 552 0.82 65.93 -59.98
CA VAL B 552 1.17 66.13 -58.59
C VAL B 552 0.40 65.15 -57.72
N SER B 553 1.08 64.54 -56.75
CA SER B 553 0.43 63.60 -55.85
C SER B 553 -0.43 64.35 -54.83
N CYS B 554 -1.16 63.58 -54.03
CA CYS B 554 -2.10 64.14 -53.05
C CYS B 554 -1.39 64.32 -51.73
N LEU B 555 -0.90 65.54 -51.47
CA LEU B 555 -0.20 65.88 -50.24
C LEU B 555 -1.08 66.82 -49.42
N CYS B 556 -1.34 66.45 -48.17
CA CYS B 556 -2.13 67.26 -47.26
C CYS B 556 -1.20 68.05 -46.35
N SER B 557 -1.62 69.26 -45.99
CA SER B 557 -0.83 70.09 -45.11
C SER B 557 -0.83 69.53 -43.69
N THR B 558 0.08 70.07 -42.86
CA THR B 558 0.16 69.62 -41.48
C THR B 558 -1.09 69.98 -40.69
N ASP B 559 -1.79 71.05 -41.08
CA ASP B 559 -3.02 71.43 -40.41
C ASP B 559 -4.21 70.61 -40.87
N ALA B 560 -4.07 69.81 -41.93
CA ALA B 560 -5.16 68.97 -42.42
C ALA B 560 -5.40 67.74 -41.57
N PHE B 561 -4.52 67.43 -40.64
CA PHE B 561 -4.66 66.28 -39.76
C PHE B 561 -5.24 66.74 -38.42
N LEU B 562 -6.38 66.16 -38.04
CA LEU B 562 -7.06 66.51 -36.81
C LEU B 562 -7.35 65.25 -36.01
N GLY B 563 -7.56 65.43 -34.71
CA GLY B 563 -7.85 64.34 -33.82
C GLY B 563 -6.71 63.93 -32.91
N TRP B 564 -5.92 64.88 -32.43
CA TRP B 564 -4.80 64.58 -31.55
C TRP B 564 -4.48 65.81 -30.70
N SER B 565 -3.88 65.58 -29.54
CA SER B 565 -3.51 66.66 -28.64
C SER B 565 -2.24 66.28 -27.89
N TYR B 566 -1.36 67.26 -27.72
CA TYR B 566 -0.10 67.06 -27.00
C TYR B 566 -0.19 67.69 -25.62
N ASP B 567 0.41 67.01 -24.64
CA ASP B 567 0.39 67.49 -23.27
C ASP B 567 1.69 67.07 -22.59
N THR B 568 2.13 67.90 -21.65
CA THR B 568 3.36 67.64 -20.91
C THR B 568 3.17 66.44 -19.98
N CYS B 569 4.30 65.88 -19.54
CA CYS B 569 4.29 64.72 -18.65
C CYS B 569 5.32 64.88 -17.54
N VAL B 570 5.59 66.12 -17.11
CA VAL B 570 6.57 66.41 -16.08
C VAL B 570 5.84 66.69 -14.78
N SER B 571 6.17 65.95 -13.73
CA SER B 571 5.58 66.14 -12.42
C SER B 571 6.65 65.90 -11.36
N ASN B 572 6.99 66.96 -10.61
CA ASN B 572 8.03 66.90 -9.57
C ASN B 572 9.35 66.42 -10.17
N ASN B 573 9.71 66.98 -11.33
CA ASN B 573 10.96 66.65 -12.04
C ASN B 573 11.01 65.16 -12.38
N ARG B 574 9.85 64.57 -12.65
CA ARG B 574 9.76 63.16 -13.01
C ARG B 574 8.58 62.96 -13.95
N CYS B 575 8.65 61.88 -14.71
CA CYS B 575 7.60 61.48 -15.64
C CYS B 575 6.95 60.18 -15.17
N ASN B 576 5.62 60.13 -15.25
CA ASN B 576 4.85 58.97 -14.83
C ASN B 576 4.63 58.06 -16.04
N ILE B 577 4.88 56.76 -15.85
CA ILE B 577 4.75 55.78 -16.91
C ILE B 577 3.87 54.64 -16.41
N PHE B 578 2.92 54.22 -17.25
CA PHE B 578 2.04 53.10 -16.96
C PHE B 578 2.50 51.87 -17.71
N SER B 579 2.31 50.71 -17.08
CA SER B 579 2.64 49.43 -17.68
C SER B 579 1.55 48.43 -17.34
N ASN B 580 1.29 47.53 -18.27
CA ASN B 580 0.27 46.49 -18.14
C ASN B 580 0.91 45.14 -18.38
N PHE B 581 0.77 44.25 -17.39
CA PHE B 581 1.29 42.89 -17.46
C PHE B 581 0.13 41.95 -17.74
N ILE B 582 0.18 41.27 -18.88
CA ILE B 582 -0.84 40.31 -19.28
C ILE B 582 -0.23 38.92 -19.17
N LEU B 583 -0.92 38.02 -18.48
CA LEU B 583 -0.44 36.67 -18.27
C LEU B 583 -0.93 35.74 -19.39
N ASN B 584 -0.43 34.51 -19.39
CA ASN B 584 -0.85 33.51 -20.37
C ASN B 584 -1.17 32.17 -19.75
N GLY B 585 -1.10 32.04 -18.43
CA GLY B 585 -1.39 30.80 -17.75
C GLY B 585 -1.05 30.90 -16.29
N ILE B 586 -1.77 30.12 -15.47
CA ILE B 586 -1.59 30.11 -14.03
C ILE B 586 -1.16 28.71 -13.61
N ASN B 587 -0.14 28.67 -12.75
CA ASN B 587 0.42 27.42 -12.22
C ASN B 587 0.92 26.50 -13.32
N SER B 588 1.44 27.07 -14.41
CA SER B 588 1.94 26.27 -15.53
C SER B 588 2.95 27.12 -16.30
N GLY B 589 4.21 26.70 -16.28
CA GLY B 589 5.26 27.44 -16.98
C GLY B 589 6.59 27.38 -16.28
N THR B 590 7.68 27.48 -17.06
CA THR B 590 9.01 27.43 -16.46
C THR B 590 9.36 28.72 -15.72
N THR B 591 8.79 29.85 -16.15
CA THR B 591 9.06 31.12 -15.50
C THR B 591 8.28 31.20 -14.20
N CYS B 592 9.00 31.16 -13.08
CA CYS B 592 8.39 31.22 -11.75
C CYS B 592 8.94 32.43 -11.01
N SER B 593 8.58 32.52 -9.73
CA SER B 593 9.00 33.62 -8.86
C SER B 593 10.20 33.17 -8.03
N ASN B 594 11.30 33.93 -8.12
CA ASN B 594 12.50 33.59 -7.37
C ASN B 594 12.45 34.04 -5.92
N ASP B 595 11.48 34.88 -5.55
CA ASP B 595 11.39 35.35 -4.17
C ASP B 595 11.06 34.20 -3.22
N LEU B 596 10.28 33.22 -3.69
CA LEU B 596 9.91 32.07 -2.87
C LEU B 596 10.91 30.93 -3.08
N LEU B 597 12.15 31.22 -2.70
CA LEU B 597 13.24 30.27 -2.81
C LEU B 597 14.18 30.50 -1.62
N GLN B 598 15.31 29.79 -1.61
CA GLN B 598 16.27 29.93 -0.54
C GLN B 598 17.41 30.84 -0.98
N PRO B 599 17.67 31.93 -0.25
CA PRO B 599 18.75 32.85 -0.65
C PRO B 599 20.13 32.23 -0.49
N ASN B 600 21.16 32.99 -0.84
CA ASN B 600 22.55 32.55 -0.73
C ASN B 600 23.16 33.25 0.48
N THR B 601 23.19 32.55 1.62
CA THR B 601 23.72 33.12 2.84
C THR B 601 25.25 33.16 2.79
N GLU B 602 25.84 33.69 3.86
CA GLU B 602 27.29 33.81 3.97
C GLU B 602 27.85 32.61 4.72
N VAL B 603 29.04 32.18 4.30
CA VAL B 603 29.70 31.03 4.92
C VAL B 603 30.31 31.44 6.25
N PHE B 604 30.56 30.45 7.10
CA PHE B 604 31.18 30.67 8.41
C PHE B 604 32.28 29.65 8.61
N THR B 605 33.43 30.12 9.07
CA THR B 605 34.60 29.27 9.29
C THR B 605 34.75 28.95 10.77
N ASP B 606 35.36 27.80 11.05
CA ASP B 606 35.66 27.35 12.41
C ASP B 606 34.40 27.21 13.25
N VAL B 607 33.26 26.96 12.61
CA VAL B 607 31.98 26.80 13.30
C VAL B 607 31.23 25.64 12.66
N CYS B 608 30.73 24.72 13.48
CA CYS B 608 29.94 23.60 12.96
C CYS B 608 28.66 24.12 12.35
N VAL B 609 28.48 23.88 11.06
CA VAL B 609 27.40 24.46 10.27
C VAL B 609 26.75 23.36 9.44
N ASP B 610 25.43 23.48 9.27
CA ASP B 610 24.68 22.57 8.42
C ASP B 610 24.60 23.13 7.00
N TYR B 611 25.04 22.33 6.04
CA TYR B 611 25.13 22.76 4.65
C TYR B 611 24.15 21.98 3.79
N ASP B 612 23.66 22.66 2.76
CA ASP B 612 22.76 22.11 1.74
C ASP B 612 23.33 22.37 0.36
N LEU B 613 24.59 22.01 0.18
CA LEU B 613 25.36 22.44 -0.97
C LEU B 613 25.03 21.60 -2.20
N TYR B 614 24.46 22.25 -3.22
CA TYR B 614 24.23 21.63 -4.53
C TYR B 614 23.40 20.36 -4.42
N GLY B 615 22.31 20.44 -3.66
CA GLY B 615 21.44 19.29 -3.48
C GLY B 615 21.98 18.22 -2.57
N ILE B 616 23.13 18.43 -1.95
CA ILE B 616 23.73 17.47 -1.03
C ILE B 616 23.75 18.09 0.36
N THR B 617 23.06 17.45 1.30
CA THR B 617 22.91 17.95 2.65
C THR B 617 23.91 17.27 3.58
N GLY B 618 24.28 17.98 4.64
CA GLY B 618 25.19 17.44 5.62
C GLY B 618 25.51 18.47 6.69
N GLN B 619 26.44 18.09 7.56
CA GLN B 619 26.91 18.95 8.64
C GLN B 619 28.42 18.86 8.74
N GLY B 620 29.05 19.98 9.07
CA GLY B 620 30.49 19.98 9.23
C GLY B 620 31.05 21.38 9.37
N ILE B 621 32.37 21.46 9.47
CA ILE B 621 33.07 22.72 9.63
C ILE B 621 33.79 23.06 8.33
N PHE B 622 33.86 24.35 8.03
CA PHE B 622 34.50 24.85 6.83
C PHE B 622 35.78 25.58 7.19
N LYS B 623 36.84 25.35 6.41
CA LYS B 623 38.11 26.03 6.59
C LYS B 623 38.63 26.47 5.24
N GLU B 624 39.01 27.74 5.13
CA GLU B 624 39.47 28.28 3.86
C GLU B 624 40.85 27.72 3.52
N VAL B 625 41.04 27.39 2.24
CA VAL B 625 42.29 26.85 1.73
C VAL B 625 42.44 27.28 0.27
N SER B 626 43.66 27.19 -0.24
CA SER B 626 43.96 27.56 -1.62
C SER B 626 43.98 26.31 -2.49
N ALA B 627 43.17 26.32 -3.54
CA ALA B 627 43.08 25.21 -4.47
C ALA B 627 43.21 25.71 -5.90
N VAL B 628 43.75 24.86 -6.77
CA VAL B 628 43.98 25.23 -8.17
C VAL B 628 43.42 24.13 -9.07
N TYR B 629 42.98 23.02 -8.47
CA TYR B 629 42.49 21.88 -9.22
C TYR B 629 41.02 21.97 -9.56
N TYR B 630 40.36 23.09 -9.27
CA TYR B 630 38.96 23.27 -9.61
C TYR B 630 38.83 23.83 -11.01
N ASN B 631 38.03 23.18 -11.84
CA ASN B 631 37.75 23.62 -13.20
C ASN B 631 36.47 24.43 -13.22
N SER B 632 35.98 24.76 -14.42
CA SER B 632 34.78 25.57 -14.55
C SER B 632 33.54 24.78 -14.15
N TRP B 633 33.41 23.55 -14.66
CA TRP B 633 32.23 22.73 -14.40
C TRP B 633 32.31 21.98 -13.07
N GLN B 634 33.48 21.89 -12.45
CA GLN B 634 33.67 21.16 -11.21
C GLN B 634 33.55 22.11 -10.03
N ASN B 635 32.70 21.77 -9.06
CA ASN B 635 32.56 22.60 -7.87
C ASN B 635 32.43 21.77 -6.59
N LEU B 636 32.79 20.49 -6.63
CA LEU B 636 32.73 19.65 -5.45
C LEU B 636 33.91 18.70 -5.45
N LEU B 637 34.44 18.41 -4.26
CA LEU B 637 35.58 17.53 -4.08
C LEU B 637 35.12 16.29 -3.32
N TYR B 638 35.25 15.13 -3.95
CA TYR B 638 34.81 13.87 -3.36
C TYR B 638 36.01 12.98 -3.06
N ASP B 639 35.90 12.21 -1.99
CA ASP B 639 36.92 11.25 -1.62
C ASP B 639 36.76 9.97 -2.44
N SER B 640 37.77 9.09 -2.35
CA SER B 640 37.75 7.83 -3.07
C SER B 640 36.66 6.87 -2.58
N ASN B 641 36.03 7.17 -1.44
CA ASN B 641 34.97 6.32 -0.90
C ASN B 641 33.58 6.92 -1.02
N GLY B 642 33.48 8.22 -1.33
CA GLY B 642 32.18 8.85 -1.47
C GLY B 642 31.91 9.89 -0.40
N ASN B 643 32.96 10.51 0.12
CA ASN B 643 32.85 11.53 1.14
C ASN B 643 33.29 12.88 0.58
N ILE B 644 32.61 13.93 1.01
CA ILE B 644 32.92 15.29 0.57
C ILE B 644 34.10 15.81 1.39
N ILE B 645 35.06 16.43 0.70
CA ILE B 645 36.25 16.96 1.36
C ILE B 645 36.30 18.48 1.19
N GLY B 646 36.11 18.94 -0.05
CA GLY B 646 36.22 20.35 -0.37
C GLY B 646 34.94 20.89 -0.98
N PHE B 647 35.01 22.17 -1.35
CA PHE B 647 33.86 22.89 -1.89
C PHE B 647 34.34 24.18 -2.53
N LYS B 648 33.67 24.59 -3.60
CA LYS B 648 33.97 25.83 -4.29
C LYS B 648 32.69 26.65 -4.46
N ASP B 649 32.70 27.88 -3.98
CA ASP B 649 31.55 28.77 -4.08
C ASP B 649 31.69 29.64 -5.31
N PHE B 650 30.67 29.64 -6.16
CA PHE B 650 30.70 30.41 -7.39
C PHE B 650 30.48 31.90 -7.17
N VAL B 651 30.11 32.31 -5.95
CA VAL B 651 29.86 33.72 -5.70
C VAL B 651 31.17 34.48 -5.51
N THR B 652 32.07 33.94 -4.71
CA THR B 652 33.33 34.61 -4.39
C THR B 652 34.56 33.88 -4.92
N ASN B 653 34.39 32.71 -5.54
CA ASN B 653 35.50 31.93 -6.08
C ASN B 653 36.53 31.60 -5.00
N LYS B 654 36.03 31.15 -3.85
CA LYS B 654 36.87 30.80 -2.71
C LYS B 654 36.69 29.32 -2.39
N THR B 655 37.78 28.57 -2.41
CA THR B 655 37.75 27.15 -2.11
C THR B 655 37.88 26.91 -0.60
N TYR B 656 37.06 25.99 -0.10
CA TYR B 656 37.03 25.66 1.32
C TYR B 656 37.36 24.19 1.52
N ASN B 657 37.30 23.76 2.78
CA ASN B 657 37.56 22.38 3.14
C ASN B 657 36.61 21.99 4.27
N ILE B 658 36.00 20.82 4.14
CA ILE B 658 34.96 20.35 5.06
C ILE B 658 35.56 19.35 6.03
N PHE B 659 35.41 19.62 7.31
CA PHE B 659 35.85 18.74 8.39
C PHE B 659 34.67 18.42 9.30
N PRO B 660 34.59 17.19 9.81
CA PRO B 660 33.47 16.82 10.67
C PRO B 660 33.53 17.55 12.00
N CYS B 661 32.40 17.51 12.71
CA CYS B 661 32.28 18.12 14.03
C CYS B 661 32.45 17.05 15.10
N TYR B 662 32.92 17.48 16.28
CA TYR B 662 33.22 16.54 17.35
C TYR B 662 31.94 15.90 17.87
N ALA B 663 31.95 14.57 17.97
CA ALA B 663 30.82 13.81 18.50
C ALA B 663 31.32 12.69 19.39
N GLY B 664 32.28 13.00 20.25
CA GLY B 664 32.88 12.02 21.14
C GLY B 664 32.08 11.81 22.40
N ARG B 665 32.65 11.00 23.30
CA ARG B 665 32.02 10.64 24.56
C ARG B 665 33.02 10.89 25.69
N VAL B 666 32.61 10.52 26.91
CA VAL B 666 33.40 10.75 28.12
C VAL B 666 33.35 9.49 28.98
N SER B 667 34.45 9.22 29.69
CA SER B 667 34.53 8.08 30.59
C SER B 667 34.30 8.54 32.02
N ALA B 668 33.63 7.72 32.82
CA ALA B 668 33.32 8.07 34.20
C ALA B 668 33.65 6.91 35.12
N ALA B 669 34.54 7.17 36.07
CA ALA B 669 34.90 6.20 37.10
C ALA B 669 34.15 6.52 38.38
N PHE B 670 33.50 5.50 38.95
CA PHE B 670 32.67 5.66 40.14
C PHE B 670 33.03 4.60 41.17
N HIS B 671 33.15 5.04 42.42
CA HIS B 671 33.36 4.17 43.56
C HIS B 671 32.11 4.21 44.44
N GLN B 672 31.71 3.06 44.97
CA GLN B 672 30.49 2.94 45.75
C GLN B 672 30.61 3.48 47.16
N ASN B 673 31.70 4.20 47.46
CA ASN B 673 31.89 4.81 48.78
C ASN B 673 31.96 6.32 48.72
N ALA B 674 31.80 6.92 47.54
CA ALA B 674 31.91 8.35 47.35
C ALA B 674 30.56 8.93 46.93
N SER B 675 30.56 10.24 46.69
CA SER B 675 29.36 10.95 46.26
C SER B 675 29.51 11.67 44.93
N SER B 676 30.68 11.59 44.29
CA SER B 676 30.89 12.25 43.00
C SER B 676 31.46 11.27 41.98
N LEU B 677 31.83 11.77 40.81
CA LEU B 677 32.36 10.96 39.73
C LEU B 677 33.74 11.45 39.33
N ALA B 678 34.50 10.57 38.68
CA ALA B 678 35.80 10.90 38.13
C ALA B 678 35.68 10.91 36.61
N LEU B 679 35.68 12.10 36.02
CA LEU B 679 35.47 12.26 34.59
C LEU B 679 36.81 12.28 33.86
N LEU B 680 36.83 11.60 32.71
CA LEU B 680 38.01 11.55 31.85
C LEU B 680 37.57 11.77 30.42
N TYR B 681 38.07 12.85 29.81
CA TYR B 681 37.85 13.11 28.39
C TYR B 681 39.09 12.63 27.64
N ARG B 682 38.92 11.60 26.82
CA ARG B 682 40.05 10.96 26.17
C ARG B 682 40.45 11.72 24.91
N ASN B 683 41.76 11.90 24.72
CA ASN B 683 42.33 12.51 23.51
C ASN B 683 41.77 13.92 23.30
N LEU B 684 41.75 14.70 24.37
CA LEU B 684 41.24 16.07 24.31
C LEU B 684 42.01 16.94 25.29
N LYS B 685 42.36 18.14 24.86
CA LYS B 685 42.91 19.13 25.76
C LYS B 685 41.78 19.81 26.53
N CYS B 686 42.07 20.16 27.79
CA CYS B 686 41.01 20.70 28.64
C CYS B 686 40.54 22.07 28.18
N SER B 687 41.39 22.81 27.45
CA SER B 687 40.96 24.08 26.90
C SER B 687 39.80 23.88 25.91
N TYR B 688 39.86 22.81 25.12
CA TYR B 688 38.81 22.53 24.16
C TYR B 688 37.51 22.15 24.86
N VAL B 689 37.60 21.38 25.94
CA VAL B 689 36.40 20.93 26.63
C VAL B 689 35.81 22.04 27.51
N LEU B 690 36.63 23.03 27.86
CA LEU B 690 36.15 24.15 28.67
C LEU B 690 35.72 25.35 27.85
N ASN B 691 36.15 25.46 26.60
CA ASN B 691 35.78 26.60 25.76
C ASN B 691 34.71 26.24 24.74
N ASN B 692 34.71 25.00 24.26
CA ASN B 692 33.80 24.60 23.20
C ASN B 692 32.73 23.61 23.66
N ILE B 693 33.09 22.64 24.49
CA ILE B 693 32.16 21.58 24.87
C ILE B 693 31.24 22.01 26.00
N SER B 694 31.81 22.35 27.16
CA SER B 694 31.00 22.71 28.32
C SER B 694 31.79 23.72 29.16
N LEU B 695 31.22 24.05 30.32
CA LEU B 695 31.85 24.99 31.24
C LEU B 695 31.42 24.62 32.66
N THR B 696 32.30 23.90 33.36
CA THR B 696 32.04 23.46 34.71
C THR B 696 33.09 24.04 35.66
N THR B 697 32.77 24.04 36.94
CA THR B 697 33.66 24.56 37.99
C THR B 697 34.10 23.39 38.86
N GLN B 698 35.16 22.71 38.41
CA GLN B 698 35.72 21.57 39.11
C GLN B 698 37.21 21.53 38.82
N PRO B 699 38.01 20.94 39.71
CA PRO B 699 39.44 20.79 39.42
C PRO B 699 39.66 19.90 38.20
N TYR B 700 40.71 20.22 37.45
CA TYR B 700 41.02 19.49 36.23
C TYR B 700 42.51 19.55 35.96
N PHE B 701 43.02 18.53 35.28
CA PHE B 701 44.44 18.52 34.93
C PHE B 701 44.64 17.67 33.68
N ASP B 702 45.54 18.12 32.81
CA ASP B 702 45.83 17.39 31.58
C ASP B 702 46.66 16.15 31.90
N SER B 703 46.34 15.04 31.23
CA SER B 703 47.02 13.78 31.43
C SER B 703 47.45 13.21 30.09
N TYR B 704 48.08 12.03 30.13
CA TYR B 704 48.52 11.38 28.91
C TYR B 704 47.36 10.81 28.10
N LEU B 705 46.31 10.35 28.77
CA LEU B 705 45.14 9.80 28.09
C LEU B 705 44.12 10.85 27.70
N GLY B 706 44.31 12.09 28.14
CA GLY B 706 43.36 13.15 27.87
C GLY B 706 43.35 14.19 28.97
N CYS B 707 42.17 14.56 29.45
CA CYS B 707 42.07 15.45 30.61
C CYS B 707 41.19 14.80 31.66
N VAL B 708 41.61 14.91 32.91
CA VAL B 708 40.90 14.31 34.04
C VAL B 708 40.34 15.42 34.92
N PHE B 709 39.05 15.30 35.27
CA PHE B 709 38.36 16.23 36.15
C PHE B 709 38.15 15.60 37.51
N ASN B 710 38.11 16.45 38.54
CA ASN B 710 37.81 16.04 39.91
C ASN B 710 38.78 14.95 40.37
N ALA B 711 40.07 15.18 40.18
CA ALA B 711 41.09 14.23 40.59
C ALA B 711 42.41 14.96 40.77
N ASP B 712 43.25 14.44 41.65
CA ASP B 712 44.56 15.01 41.93
C ASP B 712 45.63 14.32 41.10
N ASN B 713 46.68 15.07 40.78
CA ASN B 713 47.80 14.56 39.99
C ASN B 713 48.86 14.04 40.96
N LEU B 714 48.84 12.73 41.21
CA LEU B 714 49.77 12.07 42.13
C LEU B 714 50.38 10.84 41.46
N THR B 715 50.86 11.02 40.23
CA THR B 715 51.45 9.92 39.46
C THR B 715 52.77 9.41 40.03
N ASP B 716 53.26 9.93 41.15
CA ASP B 716 54.49 9.44 41.77
C ASP B 716 54.25 8.24 42.67
N TYR B 717 53.00 7.85 42.89
CA TYR B 717 52.66 6.69 43.70
C TYR B 717 52.38 5.48 42.81
N SER B 718 52.32 4.32 43.44
CA SER B 718 52.06 3.06 42.75
C SER B 718 51.15 2.19 43.60
N VAL B 719 50.11 1.64 42.98
CA VAL B 719 49.15 0.78 43.65
C VAL B 719 49.21 -0.59 42.99
N SER B 720 49.30 -1.65 43.81
CA SER B 720 49.42 -3.00 43.27
C SER B 720 48.09 -3.54 42.76
N SER B 721 46.97 -3.16 43.38
CA SER B 721 45.66 -3.66 43.00
C SER B 721 44.69 -2.48 42.92
N CYS B 722 44.08 -2.31 41.75
CA CYS B 722 43.11 -1.24 41.53
C CYS B 722 41.82 -1.82 40.96
N ALA B 723 40.69 -1.26 41.36
CA ALA B 723 39.41 -1.60 40.78
C ALA B 723 39.01 -0.67 39.64
N LEU B 724 39.64 0.50 39.54
CA LEU B 724 39.39 1.46 38.48
C LEU B 724 40.61 1.51 37.57
N ARG B 725 40.51 0.90 36.40
CA ARG B 725 41.60 0.83 35.44
C ARG B 725 41.25 1.68 34.23
N MET B 726 42.08 2.69 33.94
CA MET B 726 41.83 3.60 32.84
C MET B 726 42.64 3.27 31.58
N GLY B 727 43.78 2.62 31.73
CA GLY B 727 44.59 2.26 30.58
C GLY B 727 45.98 2.86 30.58
N SER B 728 46.90 2.24 29.85
CA SER B 728 48.27 2.72 29.72
C SER B 728 48.96 2.83 31.09
N GLY B 729 48.62 1.91 31.99
CA GLY B 729 49.25 1.88 33.30
C GLY B 729 48.86 3.02 34.21
N PHE B 730 47.58 3.36 34.27
CA PHE B 730 47.08 4.40 35.16
C PHE B 730 45.85 3.91 35.89
N CYS B 731 45.65 4.42 37.10
CA CYS B 731 44.56 3.99 37.96
C CYS B 731 44.01 5.19 38.73
N VAL B 732 42.76 5.06 39.16
CA VAL B 732 42.09 6.04 39.98
C VAL B 732 41.75 5.40 41.32
N ASP B 733 42.29 5.96 42.39
CA ASP B 733 42.12 5.42 43.73
C ASP B 733 41.28 6.37 44.57
N TYR B 734 40.57 5.82 45.55
CA TYR B 734 39.73 6.59 46.46
C TYR B 734 40.07 6.20 47.89
N ASN B 735 40.48 7.19 48.69
CA ASN B 735 40.88 6.97 50.08
C ASN B 735 39.89 7.71 50.98
N SER B 736 39.00 6.93 51.60
CA SER B 736 37.98 7.46 52.51
C SER B 736 37.15 8.56 51.87
N ALA B 751 39.74 11.65 51.05
CA ALA B 751 38.33 11.81 50.71
C ALA B 751 38.18 12.40 49.30
N SER B 752 39.07 12.01 48.40
CA SER B 752 39.03 12.50 47.03
C SER B 752 39.74 11.50 46.13
N TYR B 753 39.43 11.57 44.83
CA TYR B 753 40.04 10.69 43.86
C TYR B 753 41.49 11.08 43.60
N ARG B 754 42.33 10.08 43.36
CA ARG B 754 43.75 10.29 43.08
C ARG B 754 44.13 9.52 41.83
N PHE B 755 44.84 10.19 40.92
CA PHE B 755 45.26 9.62 39.66
C PHE B 755 46.69 9.14 39.82
N VAL B 756 46.88 7.83 39.94
CA VAL B 756 48.18 7.24 40.23
C VAL B 756 48.53 6.26 39.12
N THR B 757 49.70 5.63 39.26
CA THR B 757 50.20 4.67 38.30
C THR B 757 49.90 3.25 38.77
N PHE B 758 49.79 2.34 37.81
CA PHE B 758 49.48 0.93 38.07
C PHE B 758 50.76 0.13 37.91
N GLU B 759 51.26 -0.44 39.01
CA GLU B 759 52.46 -1.27 39.00
C GLU B 759 52.14 -2.53 39.79
N PRO B 760 51.53 -3.54 39.15
CA PRO B 760 51.08 -4.71 39.91
C PRO B 760 52.21 -5.63 40.34
N PHE B 761 53.20 -5.87 39.47
CA PHE B 761 54.26 -6.83 39.73
C PHE B 761 55.60 -6.10 39.84
N ASN B 762 56.39 -6.48 40.84
CA ASN B 762 57.71 -5.93 41.07
C ASN B 762 58.71 -7.07 41.25
N VAL B 763 60.00 -6.71 41.29
CA VAL B 763 61.09 -7.67 41.40
C VAL B 763 61.66 -7.59 42.81
N SER B 764 61.87 -8.74 43.43
CA SER B 764 62.48 -8.79 44.75
C SER B 764 63.96 -8.48 44.67
N PHE B 765 64.42 -7.57 45.53
CA PHE B 765 65.81 -7.14 45.56
C PHE B 765 66.52 -7.74 46.77
N VAL B 766 67.77 -8.13 46.56
CA VAL B 766 68.62 -8.66 47.63
C VAL B 766 69.85 -7.78 47.75
N ASN B 767 70.45 -7.81 48.94
CA ASN B 767 71.64 -7.02 49.23
C ASN B 767 72.86 -7.94 49.15
N ASP B 768 73.35 -8.15 47.94
CA ASP B 768 74.51 -9.01 47.72
C ASP B 768 75.36 -8.40 46.62
N SER B 769 76.57 -8.93 46.46
CA SER B 769 77.50 -8.47 45.44
C SER B 769 77.34 -9.27 44.16
N ILE B 770 77.63 -8.62 43.04
CA ILE B 770 77.54 -9.24 41.72
C ILE B 770 78.89 -9.61 41.16
N GLU B 771 79.96 -9.50 41.96
CA GLU B 771 81.30 -9.84 41.53
C GLU B 771 81.77 -11.12 42.23
N SER B 772 82.87 -11.66 41.73
CA SER B 772 83.47 -12.88 42.26
C SER B 772 84.82 -12.53 42.89
N VAL B 773 84.91 -12.69 44.21
CA VAL B 773 86.14 -12.43 44.95
C VAL B 773 86.75 -13.76 45.35
N GLY B 774 87.98 -14.01 44.90
CA GLY B 774 88.64 -15.26 45.19
C GLY B 774 87.99 -16.47 44.56
N GLY B 775 87.23 -16.28 43.49
CA GLY B 775 86.54 -17.39 42.85
C GLY B 775 85.30 -17.87 43.57
N LEU B 776 84.74 -17.07 44.47
CA LEU B 776 83.56 -17.44 45.24
C LEU B 776 82.48 -16.38 45.07
N TYR B 777 81.26 -16.83 44.83
CA TYR B 777 80.11 -15.95 44.72
C TYR B 777 79.33 -15.94 46.03
N GLU B 778 78.55 -14.88 46.23
CA GLU B 778 77.74 -14.70 47.42
C GLU B 778 76.28 -14.99 47.07
N ILE B 779 75.68 -15.97 47.78
CA ILE B 779 74.33 -16.41 47.48
C ILE B 779 73.58 -16.57 48.80
N LYS B 780 72.27 -16.80 48.69
CA LYS B 780 71.41 -17.04 49.85
C LYS B 780 70.84 -18.46 49.76
N ILE B 781 70.92 -19.19 50.86
CA ILE B 781 70.42 -20.56 50.93
C ILE B 781 69.39 -20.64 52.05
N PRO B 782 68.25 -21.29 51.83
CA PRO B 782 67.25 -21.40 52.90
C PRO B 782 67.74 -22.27 54.05
N THR B 783 67.25 -21.97 55.25
CA THR B 783 67.56 -22.73 56.44
C THR B 783 66.32 -23.26 57.14
N ASN B 784 65.12 -22.89 56.69
CA ASN B 784 63.87 -23.35 57.27
C ASN B 784 62.80 -23.23 56.20
N PHE B 785 61.84 -24.16 56.22
CA PHE B 785 60.89 -24.27 55.13
C PHE B 785 59.51 -24.62 55.69
N THR B 786 58.53 -24.62 54.80
CA THR B 786 57.16 -25.01 55.12
C THR B 786 56.47 -25.43 53.82
N ILE B 787 55.23 -25.89 53.94
CA ILE B 787 54.44 -26.35 52.82
C ILE B 787 53.20 -25.47 52.71
N VAL B 788 52.93 -24.96 51.51
CA VAL B 788 51.79 -24.12 51.24
C VAL B 788 50.87 -24.82 50.25
N GLY B 789 49.64 -24.36 50.18
CA GLY B 789 48.65 -24.96 49.29
C GLY B 789 47.95 -23.92 48.44
N GLN B 790 47.62 -24.31 47.21
CA GLN B 790 46.95 -23.43 46.27
C GLN B 790 45.84 -24.19 45.56
N GLU B 791 44.68 -23.55 45.42
CA GLU B 791 43.53 -24.14 44.77
C GLU B 791 43.32 -23.56 43.38
N GLU B 792 42.77 -24.38 42.50
CA GLU B 792 42.50 -23.97 41.13
C GLU B 792 41.26 -24.69 40.62
N PHE B 793 40.41 -23.99 39.89
CA PHE B 793 39.18 -24.56 39.34
C PHE B 793 39.27 -24.58 37.82
N ILE B 794 38.97 -25.74 37.24
CA ILE B 794 38.97 -25.89 35.79
C ILE B 794 37.60 -26.41 35.35
N GLN B 795 36.98 -25.70 34.43
CA GLN B 795 35.65 -26.06 33.95
C GLN B 795 35.72 -27.19 32.93
N THR B 796 34.81 -28.15 33.06
CA THR B 796 34.77 -29.31 32.18
C THR B 796 33.45 -29.41 31.42
N ASN B 797 32.32 -29.28 32.11
CA ASN B 797 31.00 -29.45 31.50
C ASN B 797 30.30 -28.09 31.39
N SER B 798 29.11 -28.10 30.79
CA SER B 798 28.32 -26.91 30.59
C SER B 798 26.86 -27.31 30.53
N PRO B 799 25.94 -26.46 31.00
CA PRO B 799 24.52 -26.82 30.97
C PRO B 799 24.01 -27.05 29.55
N LYS B 800 23.19 -28.07 29.41
CA LYS B 800 22.61 -28.44 28.11
C LYS B 800 21.27 -27.75 27.95
N VAL B 801 21.17 -26.87 26.95
CA VAL B 801 19.97 -26.08 26.69
C VAL B 801 19.30 -26.62 25.44
N THR B 802 17.99 -26.84 25.51
CA THR B 802 17.20 -27.29 24.37
C THR B 802 16.07 -26.31 24.14
N ILE B 803 15.86 -25.96 22.87
CA ILE B 803 14.86 -24.97 22.47
C ILE B 803 13.92 -25.62 21.46
N ASP B 804 12.62 -25.35 21.61
CA ASP B 804 11.60 -25.82 20.69
C ASP B 804 11.28 -24.69 19.72
N CYS B 805 11.66 -24.89 18.45
CA CYS B 805 11.52 -23.86 17.42
C CYS B 805 10.08 -23.42 17.24
N SER B 806 9.19 -24.38 16.99
CA SER B 806 7.78 -24.05 16.72
C SER B 806 7.12 -23.42 17.94
N LEU B 807 7.38 -23.97 19.13
CA LEU B 807 6.78 -23.44 20.35
C LEU B 807 7.35 -22.08 20.73
N PHE B 808 8.55 -21.74 20.24
CA PHE B 808 9.15 -20.44 20.52
C PHE B 808 8.65 -19.37 19.55
N VAL B 809 8.70 -19.67 18.24
CA VAL B 809 8.27 -18.69 17.25
C VAL B 809 6.75 -18.54 17.27
N CYS B 810 6.04 -19.67 17.19
CA CYS B 810 4.59 -19.69 17.24
C CYS B 810 4.11 -20.24 18.58
N SER B 811 2.79 -20.18 18.80
CA SER B 811 2.21 -20.74 20.02
C SER B 811 0.76 -21.09 19.73
N ASN B 812 0.51 -22.37 19.48
CA ASN B 812 -0.84 -22.91 19.33
C ASN B 812 -1.64 -22.19 18.24
N TYR B 813 -0.95 -21.59 17.28
CA TYR B 813 -1.61 -20.84 16.21
C TYR B 813 -1.33 -21.50 14.87
N ALA B 814 -2.39 -21.71 14.08
CA ALA B 814 -2.25 -22.39 12.80
C ALA B 814 -1.75 -21.47 11.70
N ALA B 815 -2.17 -20.20 11.71
CA ALA B 815 -1.70 -19.26 10.70
C ALA B 815 -0.21 -19.01 10.83
N CYS B 816 0.29 -18.94 12.07
CA CYS B 816 1.72 -18.75 12.29
C CYS B 816 2.52 -19.94 11.75
N HIS B 817 2.01 -21.16 11.95
CA HIS B 817 2.69 -22.34 11.42
C HIS B 817 2.63 -22.36 9.90
N ASP B 818 1.49 -21.98 9.32
CA ASP B 818 1.38 -21.96 7.87
C ASP B 818 2.30 -20.92 7.25
N LEU B 819 2.54 -19.82 7.94
CA LEU B 819 3.46 -18.81 7.43
C LEU B 819 4.91 -19.21 7.66
N LEU B 820 5.20 -19.93 8.76
CA LEU B 820 6.55 -20.38 9.01
C LEU B 820 6.95 -21.52 8.10
N SER B 821 5.97 -22.26 7.56
CA SER B 821 6.26 -23.36 6.65
C SER B 821 7.08 -22.92 5.44
N GLU B 822 7.09 -21.62 5.12
CA GLU B 822 7.93 -21.13 4.03
C GLU B 822 9.40 -21.27 4.38
N TYR B 823 9.78 -20.97 5.62
CA TYR B 823 11.15 -21.14 6.10
C TYR B 823 11.30 -22.55 6.66
N GLY B 824 11.34 -23.52 5.75
CA GLY B 824 11.40 -24.92 6.13
C GLY B 824 12.79 -25.47 6.36
N THR B 825 13.76 -24.64 6.72
CA THR B 825 15.12 -25.10 6.93
C THR B 825 15.77 -24.57 8.21
N PHE B 826 15.28 -23.46 8.77
CA PHE B 826 15.96 -22.86 9.93
C PHE B 826 15.80 -23.72 11.17
N CYS B 827 14.58 -24.18 11.45
CA CYS B 827 14.32 -24.99 12.64
C CYS B 827 15.09 -26.30 12.65
N ASP B 828 15.12 -27.01 11.52
CA ASP B 828 15.85 -28.28 11.47
C ASP B 828 17.34 -28.05 11.67
N ASN B 829 17.88 -27.00 11.06
CA ASN B 829 19.30 -26.70 11.23
C ASN B 829 19.61 -26.34 12.68
N ILE B 830 18.74 -25.55 13.32
CA ILE B 830 18.95 -25.20 14.73
C ILE B 830 18.93 -26.44 15.60
N ASN B 831 17.96 -27.34 15.37
CA ASN B 831 17.88 -28.57 16.15
C ASN B 831 19.12 -29.43 15.94
N SER B 832 19.59 -29.52 14.69
CA SER B 832 20.78 -30.33 14.41
C SER B 832 22.01 -29.75 15.09
N ILE B 833 22.16 -28.42 15.06
CA ILE B 833 23.32 -27.79 15.70
C ILE B 833 23.26 -28.00 17.21
N LEU B 834 22.07 -27.88 17.79
CA LEU B 834 21.93 -28.10 19.23
C LEU B 834 22.24 -29.54 19.61
N ASP B 835 21.80 -30.51 18.80
CA ASP B 835 22.10 -31.91 19.09
C ASP B 835 23.60 -32.18 18.97
N GLU B 836 24.24 -31.61 17.94
CA GLU B 836 25.68 -31.79 17.79
C GLU B 836 26.45 -31.16 18.94
N VAL B 837 25.94 -30.03 19.46
CA VAL B 837 26.59 -29.39 20.61
C VAL B 837 26.42 -30.24 21.85
N ASN B 838 25.21 -30.75 22.08
CA ASN B 838 24.95 -31.53 23.28
C ASN B 838 25.65 -32.88 23.27
N GLY B 839 25.92 -33.45 22.08
CA GLY B 839 26.60 -34.73 22.03
C GLY B 839 28.05 -34.66 22.46
N LEU B 840 28.75 -33.61 22.04
CA LEU B 840 30.17 -33.47 22.37
C LEU B 840 30.40 -33.24 23.85
N LEU B 841 29.48 -32.58 24.55
CA LEU B 841 29.62 -32.41 25.99
C LEU B 841 29.56 -33.76 26.71
N ASP B 842 28.61 -34.62 26.31
CA ASP B 842 28.54 -35.95 26.89
C ASP B 842 29.77 -36.77 26.55
N THR B 843 30.26 -36.66 25.31
CA THR B 843 31.48 -37.37 24.94
C THR B 843 32.66 -36.92 25.79
N THR B 844 32.79 -35.61 26.00
CA THR B 844 33.90 -35.09 26.81
C THR B 844 33.77 -35.53 28.27
N GLN B 845 32.54 -35.55 28.79
CA GLN B 845 32.33 -36.02 30.16
C GLN B 845 32.72 -37.49 30.30
N LEU B 846 32.36 -38.31 29.31
CA LEU B 846 32.76 -39.71 29.34
C LEU B 846 34.28 -39.85 29.26
N HIS B 847 34.93 -39.02 28.44
CA HIS B 847 36.39 -39.06 28.34
C HIS B 847 37.04 -38.70 29.68
N VAL B 848 36.51 -37.67 30.36
CA VAL B 848 37.05 -37.28 31.65
C VAL B 848 36.84 -38.39 32.68
N ALA B 849 35.65 -39.01 32.66
CA ALA B 849 35.39 -40.10 33.60
C ALA B 849 36.32 -41.28 33.35
N ASP B 850 36.63 -41.56 32.08
CA ASP B 850 37.58 -42.63 31.78
C ASP B 850 39.00 -42.26 32.21
N THR B 851 39.35 -40.98 32.07
CA THR B 851 40.70 -40.54 32.45
C THR B 851 40.89 -40.60 33.96
N LEU B 852 39.84 -40.30 34.72
CA LEU B 852 39.97 -40.28 36.18
C LEU B 852 40.23 -41.67 36.76
N MET B 853 39.84 -42.72 36.05
CA MET B 853 39.96 -44.10 36.54
C MET B 853 40.70 -44.97 35.54
N GLN B 854 41.86 -44.51 35.05
CA GLN B 854 42.61 -45.28 34.07
C GLN B 854 43.20 -46.54 34.70
N GLY B 855 44.03 -46.37 35.72
CA GLY B 855 44.70 -47.51 36.34
C GLY B 855 44.46 -47.63 37.83
N VAL B 856 43.24 -47.34 38.28
CA VAL B 856 42.91 -47.41 39.70
C VAL B 856 42.64 -48.86 40.08
N THR B 857 43.32 -49.33 41.12
CA THR B 857 43.17 -50.69 41.61
C THR B 857 43.10 -50.64 43.13
N LEU B 858 41.91 -50.86 43.68
CA LEU B 858 41.68 -50.81 45.11
C LEU B 858 41.62 -52.23 45.69
N SER B 859 41.59 -52.29 47.01
CA SER B 859 41.51 -53.56 47.74
C SER B 859 40.09 -53.82 48.19
N SER B 860 39.71 -55.10 48.23
CA SER B 860 38.36 -55.46 48.64
C SER B 860 38.15 -55.23 50.14
N ASN B 861 39.16 -55.55 50.95
CA ASN B 861 39.08 -55.35 52.39
C ASN B 861 39.48 -53.92 52.76
N LEU B 862 38.73 -52.94 52.25
CA LEU B 862 39.05 -51.53 52.46
C LEU B 862 37.74 -50.76 52.67
N ASN B 863 37.53 -50.28 53.88
CA ASN B 863 36.40 -49.45 54.22
C ASN B 863 36.88 -48.11 54.77
N THR B 864 36.09 -47.06 54.52
CA THR B 864 36.46 -45.70 54.89
C THR B 864 35.89 -45.27 56.23
N ASN B 865 35.20 -46.15 56.95
CA ASN B 865 34.60 -45.78 58.23
C ASN B 865 35.60 -45.80 59.38
N LEU B 866 36.73 -46.50 59.24
CA LEU B 866 37.74 -46.50 60.29
C LEU B 866 39.16 -46.42 59.74
N HIS B 867 39.31 -46.26 58.41
CA HIS B 867 40.61 -46.16 57.76
C HIS B 867 40.67 -44.81 57.05
N PHE B 868 41.18 -43.79 57.75
CA PHE B 868 41.22 -42.45 57.20
C PHE B 868 42.51 -41.70 57.47
N ASP B 869 43.52 -42.34 58.06
CA ASP B 869 44.78 -41.66 58.36
C ASP B 869 45.91 -42.67 58.31
N VAL B 870 46.96 -42.31 57.57
CA VAL B 870 48.17 -43.13 57.46
C VAL B 870 49.37 -42.20 57.47
N ASP B 871 50.38 -42.57 58.27
CA ASP B 871 51.63 -41.82 58.37
C ASP B 871 51.37 -40.36 58.79
N ASN B 872 50.53 -40.19 59.80
CA ASN B 872 50.19 -38.89 60.38
C ASN B 872 49.60 -37.93 59.36
N ILE B 873 48.92 -38.45 58.34
CA ILE B 873 48.28 -37.63 57.31
C ILE B 873 46.77 -37.86 57.43
N ASN B 874 46.04 -36.80 57.76
CA ASN B 874 44.60 -36.87 57.93
C ASN B 874 43.92 -36.50 56.61
N PHE B 875 43.16 -37.43 56.05
CA PHE B 875 42.46 -37.22 54.78
C PHE B 875 41.01 -37.66 54.86
N LYS B 876 40.41 -37.58 56.05
CA LYS B 876 39.02 -37.98 56.22
C LYS B 876 38.09 -37.06 55.46
N SER B 877 38.45 -35.79 55.33
CA SER B 877 37.62 -34.80 54.64
C SER B 877 37.77 -34.85 53.13
N LEU B 878 38.39 -35.90 52.58
CA LEU B 878 38.57 -36.02 51.14
C LEU B 878 38.10 -37.37 50.60
N VAL B 879 37.40 -38.17 51.41
CA VAL B 879 36.93 -39.49 50.99
C VAL B 879 35.45 -39.62 51.34
N GLY B 880 34.73 -40.37 50.52
CA GLY B 880 33.33 -40.64 50.76
C GLY B 880 33.08 -42.05 51.25
N CYS B 881 32.32 -42.82 50.48
CA CYS B 881 32.05 -44.23 50.79
C CYS B 881 31.40 -44.37 52.18
N LEU B 882 30.26 -43.70 52.32
CA LEU B 882 29.53 -43.70 53.58
C LEU B 882 28.43 -44.76 53.54
N GLY B 883 28.35 -45.57 54.59
CA GLY B 883 27.37 -46.63 54.65
C GLY B 883 27.98 -47.99 54.38
N PRO B 884 27.20 -49.05 54.59
CA PRO B 884 27.71 -50.40 54.35
C PRO B 884 27.89 -50.72 52.86
N HIS B 885 27.03 -50.14 52.03
CA HIS B 885 27.06 -50.42 50.60
C HIS B 885 28.06 -49.55 49.84
N CYS B 886 28.64 -48.53 50.48
CA CYS B 886 29.65 -47.67 49.87
C CYS B 886 29.11 -47.02 48.59
N GLY B 887 27.86 -46.53 48.71
CA GLY B 887 27.19 -45.93 47.56
C GLY B 887 26.08 -44.98 47.95
N SER B 888 25.53 -44.28 46.96
CA SER B 888 24.43 -43.32 47.12
C SER B 888 24.87 -42.09 47.90
N SER B 889 26.11 -42.08 48.39
CA SER B 889 26.69 -40.93 49.08
C SER B 889 28.19 -40.96 48.83
N SER B 890 28.61 -40.21 47.81
CA SER B 890 30.01 -40.18 47.41
C SER B 890 30.69 -38.85 47.71
N ARG B 891 29.93 -37.79 47.92
CA ARG B 891 30.53 -36.49 48.21
C ARG B 891 31.02 -36.44 49.65
N SER B 892 32.25 -35.98 49.83
CA SER B 892 32.86 -35.87 51.14
C SER B 892 32.53 -34.52 51.76
N PHE B 893 33.18 -34.22 52.89
CA PHE B 893 32.95 -32.94 53.56
C PHE B 893 33.43 -31.78 52.69
N PHE B 894 34.56 -31.95 52.01
CA PHE B 894 35.07 -30.92 51.11
C PHE B 894 34.10 -30.65 49.97
N GLU B 895 33.64 -31.72 49.31
CA GLU B 895 32.72 -31.56 48.19
C GLU B 895 31.37 -31.03 48.66
N ASP B 896 30.92 -31.44 49.85
CA ASP B 896 29.68 -30.90 50.39
C ASP B 896 29.80 -29.40 50.65
N LEU B 897 30.90 -28.97 51.26
CA LEU B 897 31.12 -27.55 51.51
C LEU B 897 31.23 -26.77 50.21
N LEU B 898 31.78 -27.39 49.16
CA LEU B 898 31.90 -26.69 47.88
C LEU B 898 30.57 -26.62 47.14
N PHE B 899 29.72 -27.64 47.31
CA PHE B 899 28.44 -27.66 46.60
C PHE B 899 27.37 -26.85 47.33
N ASP B 900 27.51 -26.66 48.64
CA ASP B 900 26.52 -25.89 49.38
C ASP B 900 26.53 -24.41 49.06
N LYS B 901 27.43 -23.95 48.17
CA LYS B 901 27.48 -22.54 47.82
C LYS B 901 26.56 -22.20 46.65
N VAL B 902 26.53 -23.05 45.62
CA VAL B 902 25.71 -22.84 44.44
C VAL B 902 24.59 -23.87 44.44
N LYS B 903 23.36 -23.39 44.18
CA LYS B 903 22.19 -24.26 44.20
C LYS B 903 21.69 -24.64 42.81
N LEU B 904 22.17 -23.98 41.76
CA LEU B 904 21.69 -24.25 40.40
C LEU B 904 22.60 -25.29 39.73
N SER B 905 22.63 -26.46 40.34
CA SER B 905 23.31 -27.61 39.77
C SER B 905 22.28 -28.48 39.05
N ASP B 906 22.69 -29.68 38.62
CA ASP B 906 21.76 -30.57 37.94
C ASP B 906 20.60 -30.97 38.86
N VAL B 907 20.91 -31.36 40.10
CA VAL B 907 19.86 -31.64 41.08
C VAL B 907 19.04 -30.38 41.34
N GLY B 908 19.71 -29.22 41.34
CA GLY B 908 18.98 -27.97 41.51
C GLY B 908 18.00 -27.70 40.40
N PHE B 909 18.43 -27.91 39.14
CA PHE B 909 17.54 -27.73 38.01
C PHE B 909 16.38 -28.71 38.06
N VAL B 910 16.65 -29.96 38.47
CA VAL B 910 15.58 -30.96 38.57
C VAL B 910 14.56 -30.54 39.62
N GLU B 911 15.04 -30.13 40.80
CA GLU B 911 14.13 -29.72 41.86
C GLU B 911 13.38 -28.45 41.50
N ALA B 912 13.98 -27.58 40.69
CA ALA B 912 13.29 -26.36 40.28
C ALA B 912 12.20 -26.67 39.26
N TYR B 913 12.48 -27.56 38.30
CA TYR B 913 11.48 -27.93 37.31
C TYR B 913 10.38 -28.81 37.91
N ASN B 914 10.66 -29.51 39.01
CA ASN B 914 9.61 -30.32 39.64
C ASN B 914 8.61 -29.45 40.40
N ASN B 915 8.94 -28.18 40.63
CA ASN B 915 8.07 -27.26 41.37
C ASN B 915 7.25 -26.37 40.46
N CYS B 916 7.18 -26.67 39.16
CA CYS B 916 6.40 -25.83 38.26
C CYS B 916 4.93 -26.24 38.22
N THR B 917 4.63 -27.48 38.57
CA THR B 917 3.26 -27.99 38.59
C THR B 917 2.86 -28.21 40.04
N GLY B 918 2.18 -27.21 40.62
CA GLY B 918 1.75 -27.30 42.00
C GLY B 918 2.34 -26.22 42.88
N GLY B 919 1.55 -25.68 43.79
CA GLY B 919 2.01 -24.65 44.68
C GLY B 919 1.45 -23.28 44.33
N SER B 920 1.21 -22.48 45.36
CA SER B 920 0.68 -21.13 45.20
C SER B 920 1.72 -20.05 45.50
N GLU B 921 2.99 -20.38 45.40
CA GLU B 921 4.06 -19.41 45.67
C GLU B 921 4.29 -18.56 44.43
N ILE B 922 5.39 -17.79 44.45
CA ILE B 922 5.70 -16.92 43.32
C ILE B 922 6.11 -17.77 42.12
N ARG B 923 5.90 -17.21 40.93
CA ARG B 923 6.22 -17.90 39.68
C ARG B 923 7.70 -17.69 39.37
N ASP B 924 8.48 -18.76 39.40
CA ASP B 924 9.90 -18.68 39.10
C ASP B 924 10.11 -18.47 37.60
N LEU B 925 11.25 -17.88 37.26
CA LEU B 925 11.56 -17.63 35.85
C LEU B 925 11.83 -18.92 35.10
N LEU B 926 12.35 -19.94 35.76
CA LEU B 926 12.63 -21.20 35.09
C LEU B 926 11.34 -21.86 34.59
N CYS B 927 10.24 -21.71 35.33
CA CYS B 927 8.99 -22.32 34.90
C CYS B 927 8.39 -21.58 33.70
N VAL B 928 8.51 -20.25 33.68
CA VAL B 928 7.99 -19.50 32.54
C VAL B 928 8.90 -19.66 31.34
N GLN B 929 10.16 -20.05 31.56
CA GLN B 929 11.04 -20.36 30.44
C GLN B 929 10.77 -21.75 29.89
N SER B 930 10.45 -22.70 30.77
CA SER B 930 10.19 -24.08 30.34
C SER B 930 8.91 -24.20 29.54
N PHE B 931 7.96 -23.29 29.73
CA PHE B 931 6.69 -23.33 29.02
C PHE B 931 6.75 -22.62 27.67
N ASN B 932 7.90 -22.07 27.30
CA ASN B 932 8.08 -21.41 26.01
C ASN B 932 9.03 -22.17 25.09
N GLY B 933 9.68 -23.21 25.57
CA GLY B 933 10.56 -24.03 24.75
C GLY B 933 11.98 -24.16 25.27
N ILE B 934 12.46 -23.23 26.08
CA ILE B 934 13.83 -23.25 26.59
C ILE B 934 13.84 -24.11 27.85
N LYS B 935 14.62 -25.19 27.83
CA LYS B 935 14.70 -26.10 28.97
C LYS B 935 16.12 -26.62 29.13
N VAL B 936 16.55 -26.76 30.37
CA VAL B 936 17.89 -27.25 30.69
C VAL B 936 17.77 -28.73 31.05
N LEU B 937 18.48 -29.57 30.30
CA LEU B 937 18.46 -31.01 30.53
C LEU B 937 19.66 -31.44 31.38
N PRO B 938 19.49 -32.48 32.20
CA PRO B 938 20.60 -32.96 33.03
C PRO B 938 21.59 -33.76 32.21
N PRO B 939 22.84 -33.84 32.64
CA PRO B 939 23.84 -34.63 31.91
C PRO B 939 23.59 -36.13 32.06
N ILE B 940 24.34 -36.90 31.27
CA ILE B 940 24.21 -38.35 31.30
C ILE B 940 24.84 -38.99 32.53
N LEU B 941 25.77 -38.30 33.18
CA LEU B 941 26.42 -38.80 34.39
C LEU B 941 26.19 -37.80 35.51
N SER B 942 25.60 -38.27 36.61
CA SER B 942 25.33 -37.41 37.75
C SER B 942 26.64 -37.06 38.47
N GLU B 943 26.58 -36.00 39.28
CA GLU B 943 27.75 -35.59 40.05
C GLU B 943 28.12 -36.61 41.11
N SER B 944 27.16 -37.39 41.60
CA SER B 944 27.46 -38.43 42.59
C SER B 944 28.32 -39.55 42.02
N GLN B 945 28.35 -39.70 40.70
CA GLN B 945 29.22 -40.71 40.09
C GLN B 945 30.63 -40.18 39.90
N ILE B 946 30.77 -38.91 39.53
CA ILE B 946 32.09 -38.30 39.41
C ILE B 946 32.73 -38.18 40.80
N SER B 947 31.91 -37.93 41.82
CA SER B 947 32.42 -37.91 43.19
C SER B 947 32.97 -39.26 43.61
N GLY B 948 32.25 -40.35 43.31
CA GLY B 948 32.75 -41.68 43.59
C GLY B 948 33.99 -42.08 42.81
N TYR B 949 34.22 -41.46 41.66
CA TYR B 949 35.44 -41.69 40.91
C TYR B 949 36.62 -40.93 41.50
N THR B 950 36.39 -39.66 41.85
CA THR B 950 37.44 -38.87 42.50
C THR B 950 37.83 -39.46 43.85
N THR B 951 36.84 -39.99 44.60
CA THR B 951 37.15 -40.63 45.87
C THR B 951 38.05 -41.84 45.68
N ALA B 952 37.74 -42.68 44.70
CA ALA B 952 38.59 -43.84 44.43
C ALA B 952 39.97 -43.42 43.97
N ALA B 953 40.05 -42.39 43.13
CA ALA B 953 41.34 -41.91 42.66
C ALA B 953 42.19 -41.37 43.81
N THR B 954 41.54 -40.76 44.80
CA THR B 954 42.28 -40.25 45.95
C THR B 954 42.70 -41.39 46.88
N VAL B 955 41.83 -42.39 47.05
CA VAL B 955 42.14 -43.50 47.95
C VAL B 955 43.26 -44.37 47.38
N ALA B 956 43.30 -44.51 46.05
CA ALA B 956 44.29 -45.38 45.41
C ALA B 956 45.72 -44.94 45.62
N ALA B 957 45.95 -43.74 46.17
CA ALA B 957 47.29 -43.21 46.39
C ALA B 957 47.73 -43.31 47.84
N MET B 958 46.96 -44.00 48.70
CA MET B 958 47.27 -44.05 50.12
C MET B 958 47.20 -45.43 50.74
N PHE B 959 46.79 -46.46 49.98
CA PHE B 959 46.70 -47.82 50.50
C PHE B 959 47.24 -48.78 49.47
N PRO B 960 47.89 -49.86 49.90
CA PRO B 960 48.46 -50.83 48.96
C PRO B 960 47.36 -51.61 48.26
N PRO B 961 47.47 -51.82 46.94
CA PRO B 961 48.57 -51.33 46.11
C PRO B 961 48.43 -49.85 45.75
N TRP B 962 49.51 -49.10 45.89
CA TRP B 962 49.50 -47.65 45.62
C TRP B 962 49.70 -47.42 44.12
N SER B 963 48.62 -47.63 43.38
CA SER B 963 48.66 -47.44 41.93
C SER B 963 48.35 -45.99 41.54
N ALA B 964 49.00 -45.07 42.23
CA ALA B 964 48.98 -43.66 41.82
C ALA B 964 50.29 -42.94 42.10
N ALA B 965 51.31 -43.62 42.64
CA ALA B 965 52.58 -43.00 42.97
C ALA B 965 53.75 -43.91 42.61
N ALA B 966 53.60 -44.72 41.55
CA ALA B 966 54.63 -45.66 41.11
C ALA B 966 54.92 -46.73 42.17
N GLY B 967 53.95 -47.02 43.02
CA GLY B 967 54.08 -48.12 43.95
C GLY B 967 54.90 -47.84 45.19
N ILE B 968 54.86 -46.61 45.71
CA ILE B 968 55.56 -46.28 46.95
C ILE B 968 54.56 -45.61 47.90
N PRO B 969 54.79 -45.69 49.22
CA PRO B 969 53.87 -45.03 50.15
C PRO B 969 53.83 -43.52 49.93
N PHE B 970 52.81 -42.90 50.54
CA PHE B 970 52.61 -41.46 50.34
C PHE B 970 53.70 -40.65 51.01
N SER B 971 54.07 -41.02 52.24
CA SER B 971 55.09 -40.28 52.97
C SER B 971 56.44 -40.36 52.27
N LEU B 972 56.81 -41.57 51.82
CA LEU B 972 58.07 -41.72 51.09
C LEU B 972 58.04 -40.96 49.77
N ASN B 973 56.88 -40.91 49.12
CA ASN B 973 56.77 -40.13 47.88
C ASN B 973 56.96 -38.65 48.14
N VAL B 974 56.35 -38.12 49.21
CA VAL B 974 56.55 -36.72 49.57
C VAL B 974 58.01 -36.45 49.89
N GLN B 975 58.64 -37.37 50.63
CA GLN B 975 60.05 -37.19 50.99
C GLN B 975 60.93 -37.16 49.74
N TYR B 976 60.67 -38.06 48.80
CA TYR B 976 61.47 -38.08 47.57
C TYR B 976 61.22 -36.83 46.72
N ARG B 977 59.98 -36.36 46.65
CA ARG B 977 59.70 -35.15 45.90
C ARG B 977 60.37 -33.93 46.51
N ILE B 978 60.44 -33.89 47.84
CA ILE B 978 61.13 -32.77 48.50
C ILE B 978 62.63 -32.88 48.30
N ASN B 979 63.19 -34.10 48.39
CA ASN B 979 64.62 -34.28 48.20
C ASN B 979 65.05 -33.99 46.77
N GLY B 980 64.17 -34.21 45.79
CA GLY B 980 64.51 -33.91 44.41
C GLY B 980 64.72 -32.44 44.10
N LEU B 981 64.34 -31.55 45.02
CA LEU B 981 64.53 -30.12 44.85
C LEU B 981 65.87 -29.62 45.37
N GLY B 982 66.62 -30.44 46.09
CA GLY B 982 67.89 -30.03 46.64
C GLY B 982 67.91 -30.01 48.15
N VAL B 983 67.12 -30.87 48.78
CA VAL B 983 67.02 -30.96 50.23
C VAL B 983 67.61 -32.30 50.65
N THR B 984 68.40 -32.28 51.73
CA THR B 984 69.04 -33.49 52.21
C THR B 984 68.02 -34.45 52.81
N MET B 985 68.40 -35.72 52.90
CA MET B 985 67.53 -36.74 53.46
C MET B 985 67.52 -36.73 54.99
N ASP B 986 68.58 -36.23 55.62
CA ASP B 986 68.65 -36.25 57.08
C ASP B 986 67.58 -35.34 57.70
N VAL B 987 67.44 -34.12 57.18
CA VAL B 987 66.46 -33.19 57.73
C VAL B 987 65.05 -33.70 57.46
N LEU B 988 64.86 -34.45 56.37
CA LEU B 988 63.54 -35.01 56.08
C LEU B 988 63.22 -36.19 57.00
N ASN B 989 64.23 -37.00 57.32
CA ASN B 989 64.01 -38.12 58.22
C ASN B 989 63.81 -37.64 59.66
N LYS B 990 64.47 -36.54 60.05
CA LYS B 990 64.34 -36.05 61.40
C LYS B 990 63.07 -35.22 61.60
N ASN B 991 62.51 -34.69 60.52
CA ASN B 991 61.35 -33.81 60.65
C ASN B 991 60.15 -34.31 59.83
N GLN B 992 59.86 -35.62 59.93
CA GLN B 992 58.72 -36.16 59.20
C GLN B 992 57.40 -35.69 59.82
N LYS B 993 57.34 -35.66 61.16
CA LYS B 993 56.12 -35.22 61.83
C LYS B 993 55.82 -33.76 61.54
N LEU B 994 56.87 -32.92 61.44
CA LEU B 994 56.65 -31.52 61.10
C LEU B 994 56.13 -31.38 59.67
N ILE B 995 56.63 -32.18 58.74
CA ILE B 995 56.12 -32.14 57.37
C ILE B 995 54.67 -32.58 57.34
N ALA B 996 54.32 -33.62 58.10
CA ALA B 996 52.92 -34.06 58.15
C ALA B 996 52.03 -32.99 58.74
N THR B 997 52.48 -32.33 59.80
CA THR B 997 51.69 -31.25 60.41
C THR B 997 51.51 -30.09 59.44
N ALA B 998 52.56 -29.73 58.71
CA ALA B 998 52.45 -28.65 57.73
C ALA B 998 51.49 -29.02 56.61
N PHE B 999 51.54 -30.28 56.16
CA PHE B 999 50.61 -30.73 55.12
C PHE B 999 49.17 -30.66 55.61
N ASN B 1000 48.92 -31.11 56.84
CA ASN B 1000 47.57 -31.06 57.39
C ASN B 1000 47.10 -29.62 57.55
N ASN B 1001 47.99 -28.72 57.97
CA ASN B 1001 47.61 -27.32 58.12
C ASN B 1001 47.30 -26.68 56.78
N ALA B 1002 48.09 -26.99 55.75
CA ALA B 1002 47.80 -26.47 54.41
C ALA B 1002 46.46 -27.00 53.90
N LEU B 1003 46.19 -28.28 54.13
CA LEU B 1003 44.91 -28.84 53.70
C LEU B 1003 43.75 -28.18 54.42
N LEU B 1004 43.87 -27.96 55.73
CA LEU B 1004 42.81 -27.30 56.48
C LEU B 1004 42.62 -25.86 56.02
N SER B 1005 43.72 -25.17 55.69
CA SER B 1005 43.61 -23.81 55.19
C SER B 1005 42.88 -23.76 53.85
N ILE B 1006 43.23 -24.67 52.94
CA ILE B 1006 42.53 -24.76 51.66
C ILE B 1006 41.05 -25.07 51.90
N GLN B 1007 40.76 -25.91 52.89
CA GLN B 1007 39.38 -26.31 53.16
C GLN B 1007 38.56 -25.13 53.66
N ASN B 1008 39.06 -24.43 54.68
CA ASN B 1008 38.30 -23.33 55.30
C ASN B 1008 38.54 -21.99 54.64
N GLY B 1009 39.25 -21.96 53.50
CA GLY B 1009 39.47 -20.72 52.79
C GLY B 1009 38.44 -20.43 51.71
N PHE B 1010 37.26 -21.05 51.82
CA PHE B 1010 36.22 -20.83 50.81
C PHE B 1010 35.20 -19.79 51.26
N SER B 1011 35.06 -19.57 52.57
CA SER B 1011 34.12 -18.58 53.10
C SER B 1011 34.74 -17.19 53.00
N ALA B 1012 35.06 -16.81 51.77
CA ALA B 1012 35.75 -15.56 51.50
C ALA B 1012 35.48 -15.18 50.05
N THR B 1013 36.34 -14.32 49.49
CA THR B 1013 36.23 -13.84 48.12
C THR B 1013 37.14 -14.60 47.16
N ASN B 1014 37.40 -15.88 47.42
CA ASN B 1014 38.32 -16.64 46.60
C ASN B 1014 37.86 -16.68 45.14
N SER B 1015 38.82 -16.80 44.22
CA SER B 1015 38.49 -16.74 42.81
C SER B 1015 37.83 -18.03 42.31
N ALA B 1016 38.01 -19.14 43.04
CA ALA B 1016 37.40 -20.40 42.61
C ALA B 1016 35.88 -20.31 42.66
N LEU B 1017 35.33 -19.81 43.77
CA LEU B 1017 33.88 -19.66 43.88
C LEU B 1017 33.35 -18.68 42.84
N ALA B 1018 34.13 -17.63 42.55
CA ALA B 1018 33.72 -16.68 41.53
C ALA B 1018 33.65 -17.33 40.16
N LYS B 1019 34.66 -18.13 39.82
CA LYS B 1019 34.65 -18.84 38.55
C LYS B 1019 33.49 -19.84 38.49
N ILE B 1020 33.17 -20.46 39.62
CA ILE B 1020 32.05 -21.41 39.65
C ILE B 1020 30.72 -20.69 39.43
N GLN B 1021 30.55 -19.51 40.04
CA GLN B 1021 29.29 -18.79 39.91
C GLN B 1021 29.18 -18.08 38.57
N SER B 1022 30.31 -17.82 37.91
CA SER B 1022 30.29 -17.03 36.67
C SER B 1022 29.54 -17.77 35.56
N VAL B 1023 29.75 -19.08 35.43
CA VAL B 1023 29.09 -19.82 34.36
C VAL B 1023 27.59 -19.87 34.59
N VAL B 1024 27.17 -20.06 35.83
CA VAL B 1024 25.74 -20.09 36.14
C VAL B 1024 25.11 -18.72 35.88
N ASN B 1025 25.78 -17.65 36.29
CA ASN B 1025 25.25 -16.31 36.05
C ASN B 1025 25.16 -16.01 34.56
N SER B 1026 26.17 -16.42 33.79
CA SER B 1026 26.15 -16.18 32.35
C SER B 1026 25.03 -16.96 31.68
N ASN B 1027 24.82 -18.21 32.09
CA ASN B 1027 23.73 -19.00 31.53
C ASN B 1027 22.38 -18.38 31.86
N ALA B 1028 22.21 -17.92 33.11
CA ALA B 1028 20.95 -17.28 33.50
C ALA B 1028 20.70 -16.02 32.70
N GLN B 1029 21.74 -15.18 32.53
CA GLN B 1029 21.59 -13.95 31.76
C GLN B 1029 21.26 -14.25 30.31
N ALA B 1030 21.90 -15.27 29.73
CA ALA B 1030 21.61 -15.63 28.35
C ALA B 1030 20.18 -16.12 28.20
N LEU B 1031 19.71 -16.95 29.13
CA LEU B 1031 18.33 -17.43 29.05
C LEU B 1031 17.34 -16.28 29.21
N ASN B 1032 17.62 -15.34 30.11
CA ASN B 1032 16.73 -14.21 30.29
C ASN B 1032 16.70 -13.31 29.05
N SER B 1033 17.87 -13.09 28.43
CA SER B 1033 17.93 -12.27 27.23
C SER B 1033 17.21 -12.95 26.07
N LEU B 1034 17.28 -14.29 26.01
CA LEU B 1034 16.56 -15.00 24.96
C LEU B 1034 15.05 -14.97 25.20
N LEU B 1035 14.63 -15.05 26.46
CA LEU B 1035 13.21 -14.99 26.77
C LEU B 1035 12.63 -13.60 26.51
N GLN B 1036 13.40 -12.54 26.78
CA GLN B 1036 12.92 -11.19 26.57
C GLN B 1036 12.73 -10.84 25.10
N GLN B 1037 13.17 -11.70 24.18
CA GLN B 1037 12.97 -11.47 22.76
C GLN B 1037 11.54 -11.75 22.30
N LEU B 1038 10.72 -12.33 23.16
CA LEU B 1038 9.34 -12.66 22.81
C LEU B 1038 8.36 -11.53 23.12
N PHE B 1039 8.85 -10.40 23.62
CA PHE B 1039 8.00 -9.26 23.96
C PHE B 1039 8.41 -8.01 23.21
N ASN B 1040 8.99 -8.17 22.02
CA ASN B 1040 9.43 -7.07 21.19
C ASN B 1040 8.59 -7.01 19.92
N LYS B 1041 8.19 -5.79 19.53
CA LYS B 1041 7.33 -5.64 18.36
C LYS B 1041 8.10 -5.87 17.06
N PHE B 1042 9.37 -5.50 17.02
CA PHE B 1042 10.21 -5.67 15.84
C PHE B 1042 9.61 -4.95 14.63
N GLY B 1043 9.03 -3.78 14.87
CA GLY B 1043 8.41 -3.00 13.81
C GLY B 1043 6.95 -3.31 13.55
N ALA B 1044 6.38 -4.28 14.26
CA ALA B 1044 4.98 -4.63 14.08
C ALA B 1044 4.10 -3.72 14.95
N ILE B 1045 2.82 -4.05 15.05
CA ILE B 1045 1.91 -3.24 15.86
C ILE B 1045 1.75 -3.77 17.28
N SER B 1046 2.11 -5.04 17.52
CA SER B 1046 2.00 -5.62 18.86
C SER B 1046 2.94 -6.82 18.94
N SER B 1047 3.27 -7.19 20.17
CA SER B 1047 4.15 -8.32 20.43
C SER B 1047 3.40 -9.63 20.65
N SER B 1048 2.07 -9.61 20.58
CA SER B 1048 1.24 -10.80 20.78
C SER B 1048 0.48 -11.10 19.50
N LEU B 1049 0.51 -12.37 19.09
CA LEU B 1049 -0.22 -12.77 17.89
C LEU B 1049 -1.73 -12.77 18.12
N GLN B 1050 -2.16 -12.89 19.39
CA GLN B 1050 -3.59 -12.88 19.69
C GLN B 1050 -4.20 -11.52 19.37
N GLU B 1051 -3.49 -10.44 19.70
CA GLU B 1051 -4.00 -9.10 19.40
C GLU B 1051 -4.01 -8.82 17.90
N ILE B 1052 -3.14 -9.49 17.14
CA ILE B 1052 -3.09 -9.27 15.70
C ILE B 1052 -4.18 -10.06 14.99
N LEU B 1053 -4.37 -11.32 15.39
CA LEU B 1053 -5.36 -12.17 14.74
C LEU B 1053 -6.78 -11.90 15.20
N SER B 1054 -7.00 -10.94 16.09
CA SER B 1054 -8.33 -10.62 16.60
C SER B 1054 -8.79 -9.22 16.20
N ARG B 1055 -7.94 -8.44 15.55
CA ARG B 1055 -8.31 -7.08 15.16
C ARG B 1055 -8.02 -6.75 13.70
N LEU B 1056 -7.24 -7.57 12.98
CA LEU B 1056 -6.88 -7.28 11.60
C LEU B 1056 -7.44 -8.36 10.69
N ASP B 1057 -7.75 -7.96 9.46
CA ASP B 1057 -8.28 -8.91 8.49
C ASP B 1057 -7.17 -9.85 8.02
N PRO B 1058 -7.54 -11.06 7.60
CA PRO B 1058 -6.53 -12.07 7.21
C PRO B 1058 -5.59 -11.58 6.12
N PRO B 1059 -6.09 -11.03 5.00
CA PRO B 1059 -5.15 -10.71 3.90
C PRO B 1059 -4.15 -9.62 4.23
N GLU B 1060 -4.34 -8.89 5.32
CA GLU B 1060 -3.39 -7.84 5.71
C GLU B 1060 -2.65 -8.15 7.01
N ALA B 1061 -3.21 -9.00 7.87
CA ALA B 1061 -2.54 -9.34 9.13
C ALA B 1061 -1.31 -10.20 8.93
N GLN B 1062 -1.07 -10.72 7.73
CA GLN B 1062 0.09 -11.56 7.47
C GLN B 1062 1.37 -10.77 7.27
N VAL B 1063 1.35 -9.45 7.50
CA VAL B 1063 2.55 -8.63 7.36
C VAL B 1063 3.34 -8.51 8.66
N GLN B 1064 2.66 -8.32 9.78
CA GLN B 1064 3.31 -8.21 11.08
C GLN B 1064 3.85 -9.54 11.59
N ILE B 1065 3.14 -10.65 11.29
CA ILE B 1065 3.61 -11.97 11.68
C ILE B 1065 4.93 -12.27 10.99
N ASP B 1066 5.10 -11.81 9.75
CA ASP B 1066 6.35 -12.03 9.03
C ASP B 1066 7.51 -11.33 9.75
N ARG B 1067 7.30 -10.08 10.15
CA ARG B 1067 8.35 -9.36 10.86
C ARG B 1067 8.68 -10.02 12.20
N LEU B 1068 7.64 -10.46 12.93
CA LEU B 1068 7.87 -11.14 14.20
C LEU B 1068 8.67 -12.42 13.99
N ILE B 1069 8.31 -13.22 12.98
CA ILE B 1069 9.03 -14.46 12.70
C ILE B 1069 10.48 -14.18 12.32
N ASN B 1070 10.70 -13.15 11.50
CA ASN B 1070 12.07 -12.80 11.10
C ASN B 1070 12.90 -12.41 12.32
N GLY B 1071 12.34 -11.57 13.20
CA GLY B 1071 13.07 -11.16 14.38
C GLY B 1071 13.39 -12.31 15.31
N ARG B 1072 12.41 -13.20 15.53
CA ARG B 1072 12.63 -14.32 16.42
C ARG B 1072 13.65 -15.31 15.84
N LEU B 1073 13.60 -15.52 14.53
CA LEU B 1073 14.59 -16.40 13.91
C LEU B 1073 15.99 -15.79 13.96
N THR B 1074 16.10 -14.48 13.81
CA THR B 1074 17.39 -13.83 13.95
C THR B 1074 17.92 -13.98 15.36
N ALA B 1075 17.07 -13.80 16.36
CA ALA B 1075 17.50 -13.98 17.75
C ALA B 1075 17.95 -15.42 18.01
N LEU B 1076 17.20 -16.39 17.48
CA LEU B 1076 17.58 -17.80 17.66
C LEU B 1076 18.92 -18.10 17.00
N ASN B 1077 19.13 -17.57 15.79
CA ASN B 1077 20.41 -17.80 15.11
C ASN B 1077 21.56 -17.17 15.88
N ALA B 1078 21.36 -15.97 16.43
CA ALA B 1078 22.39 -15.33 17.21
C ALA B 1078 22.73 -16.15 18.46
N TYR B 1079 21.70 -16.63 19.16
CA TYR B 1079 21.95 -17.44 20.35
C TYR B 1079 22.67 -18.73 20.00
N VAL B 1080 22.29 -19.37 18.90
CA VAL B 1080 22.93 -20.63 18.49
C VAL B 1080 24.40 -20.37 18.15
N SER B 1081 24.68 -19.28 17.44
CA SER B 1081 26.07 -18.97 17.10
C SER B 1081 26.88 -18.69 18.36
N GLN B 1082 26.32 -17.95 19.30
CA GLN B 1082 27.04 -17.66 20.54
C GLN B 1082 27.33 -18.94 21.33
N GLN B 1083 26.35 -19.84 21.40
CA GLN B 1083 26.56 -21.09 22.12
C GLN B 1083 27.62 -21.95 21.45
N LEU B 1084 27.58 -22.03 20.11
CA LEU B 1084 28.56 -22.82 19.37
C LEU B 1084 29.97 -22.23 19.54
N SER B 1085 30.07 -20.91 19.62
CA SER B 1085 31.38 -20.29 19.83
C SER B 1085 31.86 -20.49 21.26
N ASP B 1086 30.94 -20.59 22.22
CA ASP B 1086 31.34 -20.71 23.62
C ASP B 1086 31.71 -22.16 23.96
N ILE B 1087 31.14 -23.14 23.26
CA ILE B 1087 31.36 -24.53 23.62
C ILE B 1087 32.83 -24.94 23.47
N SER B 1088 33.52 -24.40 22.46
CA SER B 1088 34.90 -24.79 22.22
C SER B 1088 35.80 -24.41 23.39
N LEU B 1089 35.49 -23.31 24.07
CA LEU B 1089 36.29 -22.89 25.21
C LEU B 1089 36.24 -23.92 26.33
N VAL B 1090 35.03 -24.37 26.69
CA VAL B 1090 34.93 -25.36 27.76
C VAL B 1090 35.47 -26.71 27.29
N LYS B 1091 35.40 -27.00 25.99
CA LYS B 1091 36.00 -28.23 25.49
C LYS B 1091 37.52 -28.23 25.69
N PHE B 1092 38.17 -27.14 25.30
CA PHE B 1092 39.62 -27.05 25.50
C PHE B 1092 39.97 -26.98 26.98
N GLY B 1093 39.11 -26.37 27.80
CA GLY B 1093 39.35 -26.38 29.23
C GLY B 1093 39.30 -27.79 29.82
N ALA B 1094 38.35 -28.60 29.35
CA ALA B 1094 38.27 -29.98 29.80
C ALA B 1094 39.47 -30.79 29.32
N ALA B 1095 39.95 -30.51 28.11
CA ALA B 1095 41.17 -31.16 27.63
C ALA B 1095 42.36 -30.81 28.52
N LEU B 1096 42.49 -29.53 28.88
CA LEU B 1096 43.55 -29.12 29.78
C LEU B 1096 43.41 -29.76 31.15
N ALA B 1097 42.17 -29.92 31.62
CA ALA B 1097 41.95 -30.59 32.90
C ALA B 1097 42.38 -32.06 32.85
N MET B 1098 42.07 -32.73 31.74
CA MET B 1098 42.52 -34.12 31.57
C MET B 1098 44.04 -34.20 31.57
N GLU B 1099 44.70 -33.29 30.84
CA GLU B 1099 46.16 -33.27 30.83
C GLU B 1099 46.72 -33.02 32.23
N LYS B 1100 46.08 -32.12 32.98
CA LYS B 1100 46.54 -31.83 34.34
C LYS B 1100 46.39 -33.04 35.25
N VAL B 1101 45.26 -33.75 35.14
CA VAL B 1101 45.06 -34.96 35.93
C VAL B 1101 46.11 -36.00 35.57
N ASN B 1102 46.44 -36.11 34.29
CA ASN B 1102 47.39 -37.14 33.85
C ASN B 1102 48.81 -36.81 34.30
N GLU B 1103 49.19 -35.53 34.29
CA GLU B 1103 50.59 -35.15 34.49
C GLU B 1103 50.87 -34.48 35.83
N CYS B 1104 49.88 -34.39 36.73
CA CYS B 1104 50.14 -33.76 38.01
C CYS B 1104 49.64 -34.61 39.18
N VAL B 1105 48.60 -35.39 38.96
CA VAL B 1105 47.99 -36.17 40.04
C VAL B 1105 48.57 -37.58 40.07
N LYS B 1106 48.40 -38.32 38.96
CA LYS B 1106 48.87 -39.69 38.92
C LYS B 1106 50.39 -39.76 38.80
N SER B 1107 51.02 -38.73 38.27
CA SER B 1107 52.48 -38.72 38.12
C SER B 1107 52.96 -37.27 38.12
N GLN B 1108 54.27 -37.11 38.29
CA GLN B 1108 54.91 -35.80 38.29
C GLN B 1108 55.88 -35.75 37.12
N SER B 1109 55.65 -34.82 36.19
CA SER B 1109 56.48 -34.70 35.00
C SER B 1109 57.48 -33.57 35.16
N PRO B 1110 58.66 -33.69 34.55
CA PRO B 1110 59.66 -32.61 34.67
C PRO B 1110 59.27 -31.36 33.90
N ARG B 1111 58.24 -30.67 34.39
CA ARG B 1111 57.76 -29.44 33.76
C ARG B 1111 57.64 -28.36 34.84
N ILE B 1112 58.26 -27.22 34.60
CA ILE B 1112 58.32 -26.14 35.58
C ILE B 1112 57.10 -25.25 35.41
N ASN B 1113 56.47 -24.88 36.53
CA ASN B 1113 55.32 -23.98 36.56
C ASN B 1113 54.14 -24.50 35.76
N PHE B 1114 53.99 -25.82 35.64
CA PHE B 1114 52.84 -26.39 34.93
C PHE B 1114 51.71 -26.69 35.90
N CYS B 1115 51.98 -27.53 36.90
CA CYS B 1115 50.94 -27.86 37.88
C CYS B 1115 50.65 -26.69 38.81
N GLY B 1116 51.70 -26.01 39.27
CA GLY B 1116 51.51 -24.87 40.15
C GLY B 1116 52.70 -23.95 40.07
N ASN B 1117 52.52 -22.76 40.65
CA ASN B 1117 53.57 -21.74 40.65
C ASN B 1117 54.52 -21.98 41.82
N GLY B 1118 55.78 -22.27 41.51
CA GLY B 1118 56.78 -22.49 42.53
C GLY B 1118 57.32 -23.91 42.55
N ASN B 1119 57.92 -24.30 43.66
CA ASN B 1119 58.47 -25.65 43.82
C ASN B 1119 57.32 -26.61 44.08
N HIS B 1120 56.89 -27.32 43.04
CA HIS B 1120 55.73 -28.19 43.13
C HIS B 1120 56.12 -29.54 43.75
N ILE B 1121 55.28 -30.01 44.67
CA ILE B 1121 55.46 -31.32 45.31
C ILE B 1121 54.45 -32.33 44.78
N LEU B 1122 53.16 -32.07 44.95
CA LEU B 1122 52.12 -32.95 44.43
C LEU B 1122 50.82 -32.18 44.33
N SER B 1123 49.78 -32.88 43.89
CA SER B 1123 48.46 -32.28 43.69
C SER B 1123 47.39 -33.32 43.93
N LEU B 1124 46.23 -32.85 44.39
CA LEU B 1124 45.06 -33.67 44.59
C LEU B 1124 43.90 -33.10 43.78
N VAL B 1125 42.95 -33.96 43.43
CA VAL B 1125 41.83 -33.58 42.57
C VAL B 1125 40.52 -33.91 43.27
N GLN B 1126 39.55 -33.01 43.12
CA GLN B 1126 38.21 -33.21 43.64
C GLN B 1126 37.20 -32.72 42.61
N ASN B 1127 35.95 -33.14 42.78
CA ASN B 1127 34.87 -32.70 41.90
C ASN B 1127 34.42 -31.30 42.27
N ALA B 1128 33.75 -30.63 41.36
CA ALA B 1128 33.22 -29.29 41.58
C ALA B 1128 32.08 -29.06 40.60
N PRO B 1129 31.13 -28.19 40.96
CA PRO B 1129 30.02 -27.91 40.03
C PRO B 1129 30.53 -27.51 38.67
N TYR B 1130 30.27 -28.37 37.68
CA TYR B 1130 30.71 -28.16 36.29
C TYR B 1130 32.22 -28.06 36.19
N GLY B 1131 32.94 -28.99 36.82
CA GLY B 1131 34.37 -29.06 36.60
C GLY B 1131 35.10 -29.74 37.74
N LEU B 1132 36.40 -29.48 37.80
CA LEU B 1132 37.28 -30.09 38.78
C LEU B 1132 38.03 -29.01 39.56
N LEU B 1133 38.44 -29.39 40.78
CA LEU B 1133 39.19 -28.51 41.67
C LEU B 1133 40.49 -29.21 42.05
N PHE B 1134 41.61 -28.57 41.72
CA PHE B 1134 42.93 -29.09 41.99
C PHE B 1134 43.55 -28.34 43.16
N MET B 1135 44.18 -29.09 44.06
CA MET B 1135 44.89 -28.55 45.21
C MET B 1135 46.35 -28.93 45.08
N HIS B 1136 47.21 -27.94 44.82
CA HIS B 1136 48.63 -28.16 44.64
C HIS B 1136 49.39 -27.76 45.90
N PHE B 1137 50.35 -28.59 46.28
CA PHE B 1137 51.16 -28.35 47.48
C PHE B 1137 52.58 -27.97 47.05
N SER B 1138 53.09 -26.89 47.63
CA SER B 1138 54.35 -26.30 47.22
C SER B 1138 55.27 -26.15 48.43
N TYR B 1139 56.57 -26.11 48.15
CA TYR B 1139 57.64 -25.98 49.13
C TYR B 1139 58.06 -24.51 49.18
N LYS B 1140 57.95 -23.88 50.34
CA LYS B 1140 58.21 -22.46 50.48
C LYS B 1140 59.20 -22.22 51.63
N PRO B 1141 60.35 -21.60 51.37
CA PRO B 1141 61.26 -21.26 52.46
C PRO B 1141 60.74 -20.08 53.26
N ILE B 1142 61.22 -19.99 54.50
CA ILE B 1142 60.83 -18.90 55.39
C ILE B 1142 62.01 -18.11 55.93
N SER B 1143 63.22 -18.67 55.98
CA SER B 1143 64.39 -17.96 56.46
C SER B 1143 65.59 -18.33 55.60
N PHE B 1144 66.43 -17.34 55.32
CA PHE B 1144 67.58 -17.52 54.44
C PHE B 1144 68.86 -17.15 55.17
N LYS B 1145 69.98 -17.62 54.65
CA LYS B 1145 71.30 -17.32 55.19
C LYS B 1145 72.26 -17.07 54.04
N THR B 1146 73.08 -16.04 54.17
CA THR B 1146 74.04 -15.66 53.14
C THR B 1146 75.31 -16.48 53.29
N VAL B 1147 75.76 -17.10 52.19
CA VAL B 1147 76.95 -17.93 52.18
C VAL B 1147 77.76 -17.65 50.93
N LEU B 1148 78.97 -18.19 50.89
CA LEU B 1148 79.86 -18.11 49.75
C LEU B 1148 79.98 -19.49 49.11
N VAL B 1149 79.78 -19.55 47.79
CA VAL B 1149 79.72 -20.80 47.05
C VAL B 1149 80.67 -20.75 45.87
N SER B 1150 80.97 -21.93 45.32
CA SER B 1150 81.84 -22.08 44.17
C SER B 1150 81.16 -22.99 43.15
N PRO B 1151 81.10 -22.58 41.87
CA PRO B 1151 80.43 -23.43 40.87
C PRO B 1151 81.16 -24.72 40.55
N GLY B 1152 82.43 -24.85 40.91
CA GLY B 1152 83.17 -26.06 40.62
C GLY B 1152 84.57 -25.97 41.20
N LEU B 1153 85.26 -27.10 41.20
CA LEU B 1153 86.61 -27.19 41.74
C LEU B 1153 87.52 -27.93 40.77
N CYS B 1154 88.82 -27.66 40.87
CA CYS B 1154 89.85 -28.34 40.10
C CYS B 1154 90.82 -28.97 41.08
N ILE B 1155 90.99 -30.29 40.99
CA ILE B 1155 91.78 -31.03 41.97
C ILE B 1155 92.93 -31.77 41.31
N SER B 1156 93.71 -32.48 42.15
CA SER B 1156 95.10 -32.86 41.90
C SER B 1156 95.42 -33.22 40.46
N GLY B 1157 94.67 -34.16 39.88
CA GLY B 1157 94.97 -34.61 38.54
C GLY B 1157 94.49 -33.62 37.48
N ASP B 1158 94.45 -32.34 37.84
CA ASP B 1158 93.88 -31.29 36.99
C ASP B 1158 92.47 -31.67 36.56
N VAL B 1159 91.75 -32.35 37.46
CA VAL B 1159 90.45 -32.92 37.14
C VAL B 1159 89.37 -32.06 37.80
N GLY B 1160 88.33 -31.73 37.04
CA GLY B 1160 87.28 -30.87 37.51
C GLY B 1160 86.14 -31.65 38.16
N ILE B 1161 85.55 -31.06 39.20
CA ILE B 1161 84.39 -31.62 39.86
C ILE B 1161 83.33 -30.53 39.97
N ALA B 1162 82.11 -30.89 39.59
CA ALA B 1162 80.98 -29.96 39.61
C ALA B 1162 79.86 -30.53 40.46
N PRO B 1163 79.15 -29.67 41.21
CA PRO B 1163 78.05 -30.17 42.03
C PRO B 1163 76.91 -30.70 41.18
N LYS B 1164 76.24 -31.73 41.71
CA LYS B 1164 75.07 -32.29 41.02
C LYS B 1164 73.88 -31.35 41.11
N GLN B 1165 73.41 -31.09 42.33
CA GLN B 1165 72.34 -30.11 42.59
C GLN B 1165 72.66 -29.47 43.93
N GLY B 1166 73.39 -28.36 43.89
CA GLY B 1166 73.83 -27.70 45.10
C GLY B 1166 75.05 -26.84 44.83
N TYR B 1167 75.87 -26.69 45.86
CA TYR B 1167 77.05 -25.84 45.79
C TYR B 1167 78.16 -26.41 46.66
N PHE B 1168 79.36 -25.88 46.46
CA PHE B 1168 80.53 -26.23 47.26
C PHE B 1168 80.86 -25.05 48.18
N ILE B 1169 80.91 -25.32 49.48
CA ILE B 1169 81.22 -24.30 50.47
C ILE B 1169 82.49 -24.68 51.21
N LYS B 1170 83.00 -23.74 51.99
CA LYS B 1170 84.21 -23.91 52.77
C LYS B 1170 83.89 -23.71 54.24
N HIS B 1171 83.78 -24.80 54.98
CA HIS B 1171 83.39 -24.76 56.39
C HIS B 1171 84.51 -25.38 57.22
N ASN B 1172 84.97 -24.65 58.24
CA ASN B 1172 86.06 -25.08 59.11
C ASN B 1172 87.32 -25.38 58.30
N ASP B 1173 87.59 -24.55 57.30
CA ASP B 1173 88.76 -24.68 56.43
C ASP B 1173 88.81 -26.07 55.79
N HIS B 1174 87.70 -26.44 55.17
CA HIS B 1174 87.58 -27.74 54.52
C HIS B 1174 86.42 -27.68 53.53
N TRP B 1175 86.70 -27.99 52.27
CA TRP B 1175 85.67 -27.93 51.23
C TRP B 1175 84.64 -29.03 51.45
N MET B 1176 83.36 -28.63 51.48
CA MET B 1176 82.27 -29.58 51.61
C MET B 1176 81.15 -29.18 50.66
N PHE B 1177 80.11 -29.99 50.61
CA PHE B 1177 78.99 -29.81 49.70
C PHE B 1177 77.73 -29.44 50.49
N THR B 1178 76.90 -28.59 49.88
CA THR B 1178 75.65 -28.19 50.47
C THR B 1178 74.56 -28.18 49.41
N GLY B 1179 73.31 -28.32 49.85
CA GLY B 1179 72.20 -28.32 48.93
C GLY B 1179 71.80 -26.92 48.49
N SER B 1180 71.00 -26.89 47.42
CA SER B 1180 70.54 -25.63 46.85
C SER B 1180 69.23 -25.14 47.47
N SER B 1181 68.61 -25.92 48.35
CA SER B 1181 67.34 -25.54 48.96
C SER B 1181 67.37 -25.69 50.47
N TYR B 1182 68.47 -26.13 51.06
CA TYR B 1182 68.58 -26.27 52.51
C TYR B 1182 70.06 -26.30 52.88
N TYR B 1183 70.44 -25.45 53.84
CA TYR B 1183 71.84 -25.35 54.25
C TYR B 1183 72.16 -26.49 55.21
N TYR B 1184 72.83 -27.51 54.70
CA TYR B 1184 73.26 -28.65 55.51
C TYR B 1184 74.56 -29.18 54.91
N PRO B 1185 75.71 -28.85 55.50
CA PRO B 1185 76.99 -29.30 54.94
C PRO B 1185 77.14 -30.81 54.99
N GLU B 1186 77.66 -31.36 53.91
CA GLU B 1186 77.94 -32.79 53.78
C GLU B 1186 79.31 -32.96 53.17
N PRO B 1187 80.00 -34.06 53.50
CA PRO B 1187 81.31 -34.31 52.89
C PRO B 1187 81.18 -34.64 51.42
N ILE B 1188 82.20 -34.26 50.66
CA ILE B 1188 82.20 -34.47 49.21
C ILE B 1188 82.44 -35.94 48.93
N SER B 1189 81.51 -36.56 48.19
CA SER B 1189 81.61 -37.96 47.83
C SER B 1189 81.32 -38.10 46.33
N ASP B 1190 81.39 -39.33 45.84
CA ASP B 1190 81.15 -39.60 44.43
C ASP B 1190 79.67 -39.64 44.07
N LYS B 1191 78.78 -39.54 45.04
CA LYS B 1191 77.35 -39.61 44.80
C LYS B 1191 76.71 -38.26 44.54
N ASN B 1192 77.46 -37.16 44.66
CA ASN B 1192 76.92 -35.82 44.45
C ASN B 1192 77.87 -34.94 43.65
N VAL B 1193 78.71 -35.53 42.81
CA VAL B 1193 79.66 -34.79 42.00
C VAL B 1193 79.63 -35.30 40.57
N VAL B 1194 80.08 -34.45 39.66
CA VAL B 1194 80.25 -34.79 38.25
C VAL B 1194 81.71 -34.54 37.89
N PHE B 1195 82.35 -35.55 37.30
CA PHE B 1195 83.77 -35.49 36.99
C PHE B 1195 84.00 -34.96 35.58
N MET B 1196 85.13 -34.29 35.39
CA MET B 1196 85.54 -33.75 34.11
C MET B 1196 87.04 -33.96 33.96
N ASN B 1197 87.45 -34.55 32.84
CA ASN B 1197 88.87 -34.82 32.59
C ASN B 1197 89.70 -33.55 32.45
N THR B 1198 89.07 -32.40 32.25
CA THR B 1198 89.78 -31.12 32.14
C THR B 1198 88.91 -30.05 32.78
N CYS B 1199 89.44 -29.38 33.80
CA CYS B 1199 88.67 -28.38 34.52
C CYS B 1199 88.73 -27.03 33.81
N SER B 1200 87.74 -26.19 34.08
CA SER B 1200 87.64 -24.90 33.42
C SER B 1200 88.75 -23.96 33.91
N VAL B 1201 88.82 -22.79 33.29
CA VAL B 1201 89.88 -21.83 33.62
C VAL B 1201 89.52 -20.96 34.81
N ASN B 1202 88.25 -20.95 35.24
CA ASN B 1202 87.78 -20.14 36.35
C ASN B 1202 87.21 -21.03 37.46
N PHE B 1203 87.87 -22.15 37.71
CA PHE B 1203 87.53 -23.03 38.82
C PHE B 1203 88.51 -22.80 39.96
N THR B 1204 88.02 -22.89 41.19
CA THR B 1204 88.87 -22.67 42.35
C THR B 1204 89.91 -23.79 42.46
N LYS B 1205 91.18 -23.41 42.55
CA LYS B 1205 92.25 -24.38 42.65
C LYS B 1205 92.35 -24.93 44.06
N ALA B 1206 92.05 -26.22 44.22
CA ALA B 1206 92.11 -26.89 45.51
C ALA B 1206 92.84 -28.21 45.31
N PRO B 1207 94.18 -28.19 45.25
CA PRO B 1207 94.95 -29.42 45.03
C PRO B 1207 95.27 -30.17 46.32
N LEU B 1208 94.23 -30.38 47.13
CA LEU B 1208 94.39 -31.10 48.38
C LEU B 1208 93.21 -32.04 48.62
N VAL B 1209 92.29 -32.08 47.65
CA VAL B 1209 91.10 -32.91 47.73
C VAL B 1209 91.30 -34.12 46.85
N TYR B 1210 91.36 -35.30 47.45
CA TYR B 1210 91.54 -36.55 46.73
C TYR B 1210 90.25 -37.37 46.75
N LEU B 1211 89.90 -37.94 45.60
CA LEU B 1211 88.70 -38.77 45.49
C LEU B 1211 89.02 -40.06 44.77
N VAL C 1 -32.98 -25.47 -1.35
CA VAL C 1 -32.94 -24.30 -2.21
C VAL C 1 -31.53 -24.09 -2.75
N ILE C 2 -31.32 -24.43 -4.01
CA ILE C 2 -30.02 -24.29 -4.67
C ILE C 2 -30.08 -23.25 -5.79
N GLY C 3 -31.12 -23.27 -6.60
CA GLY C 3 -31.28 -22.35 -7.70
C GLY C 3 -32.39 -21.35 -7.46
N ASP C 4 -32.78 -20.66 -8.54
CA ASP C 4 -33.83 -19.66 -8.49
C ASP C 4 -34.87 -19.79 -9.59
N PHE C 5 -34.59 -20.54 -10.66
CA PHE C 5 -35.53 -20.69 -11.76
C PHE C 5 -36.61 -21.72 -11.42
N ASN C 6 -37.73 -21.63 -12.11
CA ASN C 6 -38.84 -22.58 -11.95
C ASN C 6 -38.85 -23.49 -13.17
N CYS C 7 -38.11 -24.60 -13.07
CA CYS C 7 -37.96 -25.52 -14.19
C CYS C 7 -39.12 -26.49 -14.33
N THR C 8 -39.60 -27.06 -13.23
CA THR C 8 -40.70 -28.03 -13.30
C THR C 8 -41.39 -28.09 -11.96
N ASN C 9 -42.69 -28.39 -11.99
CA ASN C 9 -43.49 -28.55 -10.77
C ASN C 9 -44.58 -29.58 -11.07
N PHE C 10 -44.29 -30.84 -10.73
CA PHE C 10 -45.21 -31.94 -10.98
C PHE C 10 -45.74 -32.56 -9.70
N ALA C 11 -44.85 -32.91 -8.76
CA ALA C 11 -45.25 -33.53 -7.49
C ALA C 11 -44.33 -32.96 -6.40
N ILE C 12 -44.81 -31.94 -5.70
CA ILE C 12 -44.06 -31.29 -4.64
C ILE C 12 -44.69 -31.68 -3.31
N ASN C 13 -43.90 -32.30 -2.45
CA ASN C 13 -44.36 -32.76 -1.13
C ASN C 13 -43.51 -32.13 -0.05
N ASP C 14 -43.81 -32.46 1.21
CA ASP C 14 -43.05 -31.96 2.35
C ASP C 14 -43.08 -33.05 3.43
N LEU C 15 -42.03 -33.89 3.42
CA LEU C 15 -41.90 -34.98 4.37
C LEU C 15 -40.48 -35.02 4.92
N ASN C 16 -40.33 -35.59 6.11
CA ASN C 16 -39.04 -35.76 6.76
C ASN C 16 -38.93 -37.22 7.20
N THR C 17 -38.46 -38.07 6.29
CA THR C 17 -38.30 -39.50 6.54
C THR C 17 -36.91 -39.96 6.13
N THR C 18 -35.90 -39.12 6.36
CA THR C 18 -34.54 -39.45 5.98
C THR C 18 -33.58 -38.84 6.99
N VAL C 19 -32.41 -39.47 7.13
CA VAL C 19 -31.40 -39.03 8.07
C VAL C 19 -30.04 -39.59 7.63
N PRO C 20 -28.99 -38.76 7.60
CA PRO C 20 -27.67 -39.29 7.23
C PRO C 20 -27.18 -40.33 8.23
N ARG C 21 -26.63 -41.41 7.70
CA ARG C 21 -26.13 -42.51 8.51
C ARG C 21 -24.61 -42.45 8.59
N ILE C 22 -24.07 -42.72 9.77
CA ILE C 22 -22.63 -42.75 9.99
C ILE C 22 -22.10 -44.12 9.63
N SER C 23 -21.13 -44.17 8.73
CA SER C 23 -20.58 -45.43 8.29
C SER C 23 -19.75 -46.09 9.38
N GLU C 24 -19.58 -47.40 9.25
CA GLU C 24 -18.80 -48.20 10.19
C GLU C 24 -17.36 -48.39 9.74
N TYR C 25 -17.01 -47.98 8.52
CA TYR C 25 -15.67 -48.12 7.99
C TYR C 25 -14.79 -46.97 8.49
N VAL C 26 -13.53 -47.31 8.77
CA VAL C 26 -12.56 -46.35 9.30
C VAL C 26 -11.49 -46.09 8.25
N VAL C 27 -11.03 -44.86 8.19
CA VAL C 27 -10.03 -44.45 7.21
C VAL C 27 -8.69 -45.07 7.58
N ASP C 28 -8.10 -45.83 6.65
CA ASP C 28 -6.81 -46.48 6.84
C ASP C 28 -5.89 -46.05 5.71
N VAL C 29 -4.90 -45.23 6.02
CA VAL C 29 -3.97 -44.69 5.03
C VAL C 29 -2.66 -45.46 5.08
N SER C 30 -2.70 -46.69 5.60
CA SER C 30 -1.48 -47.47 5.77
C SER C 30 -0.90 -47.89 4.43
N TYR C 31 -1.75 -48.40 3.53
CA TYR C 31 -1.28 -48.93 2.25
C TYR C 31 -1.53 -47.97 1.09
N GLY C 32 -2.10 -46.80 1.35
CA GLY C 32 -2.29 -45.82 0.29
C GLY C 32 -3.71 -45.34 0.14
N LEU C 33 -4.67 -46.11 0.62
CA LEU C 33 -6.08 -45.72 0.51
C LEU C 33 -6.33 -44.47 1.32
N GLY C 34 -6.77 -43.41 0.65
CA GLY C 34 -6.99 -42.11 1.25
C GLY C 34 -6.03 -41.04 0.80
N THR C 35 -4.90 -41.41 0.19
CA THR C 35 -3.94 -40.48 -0.34
C THR C 35 -4.10 -40.37 -1.86
N TYR C 36 -3.68 -39.24 -2.41
CA TYR C 36 -3.79 -38.98 -3.82
C TYR C 36 -2.41 -38.79 -4.44
N TYR C 37 -2.30 -39.16 -5.71
CA TYR C 37 -1.07 -38.88 -6.45
C TYR C 37 -0.91 -37.36 -6.60
N ILE C 38 0.35 -36.92 -6.61
CA ILE C 38 0.68 -35.52 -6.78
C ILE C 38 0.34 -35.15 -8.22
N LEU C 39 0.46 -33.86 -8.56
CA LEU C 39 0.27 -33.38 -9.92
C LEU C 39 1.20 -34.13 -10.87
N ASP C 40 1.07 -33.90 -12.17
CA ASP C 40 1.59 -34.83 -13.17
C ASP C 40 3.12 -34.87 -13.13
N ARG C 41 3.61 -35.47 -12.04
CA ARG C 41 5.03 -35.72 -11.81
C ARG C 41 5.21 -37.20 -11.50
N VAL C 42 6.46 -37.66 -11.57
CA VAL C 42 6.79 -39.05 -11.30
C VAL C 42 7.94 -39.10 -10.32
N TYR C 43 7.77 -39.85 -9.23
CA TYR C 43 8.81 -40.10 -8.26
C TYR C 43 9.19 -41.58 -8.30
N LEU C 44 10.48 -41.87 -8.23
CA LEU C 44 10.98 -43.23 -8.36
C LEU C 44 11.94 -43.54 -7.22
N ASN C 45 11.58 -44.53 -6.40
CA ASN C 45 12.44 -45.07 -5.35
C ASN C 45 12.87 -43.98 -4.37
N THR C 46 11.89 -43.23 -3.89
CA THR C 46 12.14 -42.13 -2.96
C THR C 46 11.07 -42.13 -1.88
N THR C 47 11.35 -41.40 -0.81
CA THR C 47 10.42 -41.18 0.28
C THR C 47 10.31 -39.68 0.53
N ILE C 48 9.12 -39.12 0.36
CA ILE C 48 8.95 -37.68 0.39
C ILE C 48 7.95 -37.29 1.48
N LEU C 49 7.99 -36.01 1.84
CA LEU C 49 7.03 -35.40 2.76
C LEU C 49 6.24 -34.34 2.01
N PHE C 50 4.93 -34.53 1.93
CA PHE C 50 4.05 -33.64 1.17
C PHE C 50 3.05 -32.99 2.11
N THR C 51 2.99 -31.66 2.06
CA THR C 51 2.04 -30.88 2.85
C THR C 51 0.85 -30.54 1.94
N GLY C 52 -0.27 -31.22 2.18
CA GLY C 52 -1.44 -31.03 1.33
C GLY C 52 -2.75 -31.33 2.01
N TYR C 53 -3.84 -31.27 1.25
CA TYR C 53 -5.18 -31.49 1.77
C TYR C 53 -5.46 -32.99 1.77
N PHE C 54 -5.43 -33.59 2.94
CA PHE C 54 -5.65 -35.02 3.13
C PHE C 54 -6.71 -35.23 4.20
N PRO C 55 -7.36 -36.39 4.22
CA PRO C 55 -8.30 -36.69 5.31
C PRO C 55 -7.57 -37.11 6.58
N LYS C 56 -8.31 -37.04 7.69
CA LYS C 56 -7.77 -37.42 8.99
C LYS C 56 -7.96 -38.91 9.21
N SER C 57 -6.90 -39.59 9.64
CA SER C 57 -6.98 -41.01 9.91
C SER C 57 -7.80 -41.26 11.17
N GLY C 58 -8.52 -42.38 11.17
CA GLY C 58 -9.36 -42.72 12.30
C GLY C 58 -10.61 -41.86 12.37
N ALA C 59 -11.35 -41.78 11.27
CA ALA C 59 -12.55 -40.98 11.19
C ALA C 59 -13.69 -41.84 10.65
N ASN C 60 -14.88 -41.25 10.62
CA ASN C 60 -16.08 -41.93 10.15
C ASN C 60 -16.68 -41.16 8.98
N PHE C 61 -17.43 -41.87 8.15
CA PHE C 61 -18.04 -41.30 6.96
C PHE C 61 -19.50 -40.97 7.21
N ARG C 62 -20.10 -40.27 6.25
CA ARG C 62 -21.52 -39.92 6.27
C ARG C 62 -22.09 -40.04 4.87
N ASP C 63 -23.29 -40.62 4.79
CA ASP C 63 -23.95 -40.88 3.52
C ASP C 63 -24.89 -39.74 3.17
N LEU C 64 -24.93 -39.39 1.88
CA LEU C 64 -25.80 -38.34 1.37
C LEU C 64 -26.59 -38.80 0.15
N SER C 65 -26.77 -40.09 -0.02
CA SER C 65 -27.52 -40.60 -1.18
C SER C 65 -29.01 -40.38 -0.97
N LEU C 66 -29.67 -39.88 -2.02
CA LEU C 66 -31.10 -39.62 -1.98
C LEU C 66 -31.75 -40.29 -3.19
N LYS C 67 -32.80 -41.07 -2.94
CA LYS C 67 -33.54 -41.76 -3.98
C LYS C 67 -35.03 -41.65 -3.70
N GLY C 68 -35.81 -41.42 -4.76
CA GLY C 68 -37.24 -41.28 -4.62
C GLY C 68 -37.96 -41.84 -5.83
N THR C 69 -39.30 -41.88 -5.73
CA THR C 69 -40.17 -42.39 -6.78
C THR C 69 -41.18 -41.30 -7.13
N THR C 70 -40.80 -40.42 -8.06
CA THR C 70 -41.60 -39.32 -8.58
C THR C 70 -42.01 -38.31 -7.52
N TYR C 71 -41.47 -38.40 -6.30
CA TYR C 71 -41.80 -37.49 -5.23
C TYR C 71 -40.53 -36.80 -4.74
N LEU C 72 -40.58 -35.47 -4.63
CA LEU C 72 -39.46 -34.66 -4.17
C LEU C 72 -39.94 -33.73 -3.06
N SER C 73 -39.18 -33.66 -1.99
CA SER C 73 -39.50 -32.82 -0.84
C SER C 73 -38.60 -31.60 -0.80
N THR C 74 -39.09 -30.55 -0.13
CA THR C 74 -38.31 -29.32 -0.02
C THR C 74 -37.16 -29.49 0.96
N LEU C 75 -37.31 -30.36 1.96
CA LEU C 75 -36.24 -30.57 2.93
C LEU C 75 -35.05 -31.31 2.35
N TRP C 76 -35.23 -32.00 1.22
CA TRP C 76 -34.10 -32.71 0.61
C TRP C 76 -33.07 -31.74 0.06
N TYR C 77 -33.47 -30.52 -0.28
CA TYR C 77 -32.57 -29.52 -0.85
C TYR C 77 -32.13 -28.50 0.18
N GLN C 78 -31.99 -28.92 1.44
CA GLN C 78 -31.50 -28.05 2.51
C GLN C 78 -30.51 -28.80 3.38
N LYS C 79 -30.12 -28.19 4.50
CA LYS C 79 -29.23 -28.86 5.43
C LYS C 79 -29.95 -30.02 6.13
N PRO C 80 -29.21 -31.06 6.53
CA PRO C 80 -27.76 -31.23 6.40
C PRO C 80 -27.32 -31.76 5.04
N PHE C 81 -28.28 -31.99 4.14
CA PHE C 81 -27.93 -32.51 2.82
C PHE C 81 -27.14 -31.47 2.02
N LEU C 82 -27.50 -30.19 2.13
CA LEU C 82 -26.75 -29.12 1.48
C LEU C 82 -25.63 -28.70 2.43
N SER C 83 -24.56 -29.49 2.44
CA SER C 83 -23.45 -29.28 3.35
C SER C 83 -22.61 -28.10 2.87
N ASP C 84 -21.57 -27.78 3.62
CA ASP C 84 -20.69 -26.65 3.32
C ASP C 84 -19.34 -27.18 2.85
N PHE C 85 -18.82 -26.58 1.79
CA PHE C 85 -17.52 -26.97 1.23
C PHE C 85 -16.43 -26.11 1.86
N ASN C 86 -16.05 -26.48 3.08
CA ASN C 86 -15.08 -25.70 3.83
C ASN C 86 -13.73 -25.67 3.13
N ASN C 87 -13.09 -26.83 2.98
CA ASN C 87 -11.77 -26.92 2.36
C ASN C 87 -11.62 -28.07 1.39
N GLY C 88 -12.49 -29.05 1.40
CA GLY C 88 -12.37 -30.18 0.50
C GLY C 88 -13.12 -31.38 1.02
N ILE C 89 -13.33 -32.35 0.12
CA ILE C 89 -14.05 -33.57 0.42
C ILE C 89 -13.35 -34.75 -0.23
N PHE C 90 -13.45 -35.90 0.44
CA PHE C 90 -13.03 -37.19 -0.10
C PHE C 90 -14.24 -38.12 -0.05
N SER C 91 -14.64 -38.63 -1.20
CA SER C 91 -15.87 -39.39 -1.33
C SER C 91 -15.60 -40.79 -1.85
N ARG C 92 -16.33 -41.75 -1.29
CA ARG C 92 -16.32 -43.13 -1.75
C ARG C 92 -17.72 -43.48 -2.29
N VAL C 93 -17.77 -44.02 -3.50
CA VAL C 93 -19.02 -44.29 -4.20
C VAL C 93 -19.09 -45.78 -4.48
N LYS C 94 -20.27 -46.37 -4.26
CA LYS C 94 -20.52 -47.76 -4.57
C LYS C 94 -21.03 -47.89 -6.00
N ASN C 95 -20.46 -48.83 -6.75
CA ASN C 95 -20.80 -49.04 -8.15
C ASN C 95 -22.08 -49.88 -8.21
N THR C 96 -23.22 -49.20 -8.33
CA THR C 96 -24.50 -49.88 -8.42
C THR C 96 -24.62 -50.61 -9.76
N LYS C 97 -24.73 -51.94 -9.72
CA LYS C 97 -24.82 -52.76 -10.91
C LYS C 97 -26.26 -53.19 -11.14
N LEU C 98 -26.78 -52.91 -12.33
CA LEU C 98 -28.11 -53.33 -12.73
C LEU C 98 -28.02 -54.20 -13.98
N TYR C 99 -29.07 -54.98 -14.22
CA TYR C 99 -29.10 -55.90 -15.35
C TYR C 99 -30.40 -55.71 -16.13
N VAL C 100 -30.27 -55.41 -17.41
CA VAL C 100 -31.41 -55.26 -18.31
C VAL C 100 -31.24 -56.31 -19.40
N ASN C 101 -31.97 -57.42 -19.28
CA ASN C 101 -31.85 -58.56 -20.19
C ASN C 101 -30.42 -59.08 -20.22
N LYS C 102 -29.87 -59.33 -19.03
CA LYS C 102 -28.52 -59.88 -18.86
C LYS C 102 -27.47 -58.97 -19.47
N THR C 103 -27.65 -57.66 -19.31
CA THR C 103 -26.68 -56.66 -19.75
C THR C 103 -26.33 -55.76 -18.58
N LEU C 104 -25.05 -55.63 -18.29
CA LEU C 104 -24.59 -54.87 -17.13
C LEU C 104 -24.71 -53.37 -17.38
N TYR C 105 -25.21 -52.66 -16.37
CA TYR C 105 -25.30 -51.20 -16.40
C TYR C 105 -24.81 -50.65 -15.07
N SER C 106 -24.06 -49.56 -15.13
CA SER C 106 -23.52 -48.90 -13.94
C SER C 106 -24.00 -47.47 -13.89
N GLU C 107 -24.45 -47.04 -12.70
CA GLU C 107 -24.90 -45.67 -12.51
C GLU C 107 -24.91 -45.36 -11.02
N PHE C 108 -24.52 -44.13 -10.69
CA PHE C 108 -24.53 -43.66 -9.31
C PHE C 108 -24.94 -42.20 -9.30
N SER C 109 -24.97 -41.60 -8.12
CA SER C 109 -25.47 -40.25 -7.97
C SER C 109 -24.48 -39.24 -8.55
N THR C 110 -24.95 -38.00 -8.72
CA THR C 110 -24.16 -36.93 -9.29
C THR C 110 -23.92 -35.86 -8.24
N ILE C 111 -22.86 -35.09 -8.44
CA ILE C 111 -22.43 -34.07 -7.49
C ILE C 111 -22.38 -32.72 -8.18
N VAL C 112 -22.75 -31.67 -7.46
CA VAL C 112 -22.75 -30.30 -7.98
C VAL C 112 -22.14 -29.38 -6.93
N ILE C 113 -21.07 -28.67 -7.30
CA ILE C 113 -20.36 -27.77 -6.41
C ILE C 113 -20.46 -26.37 -6.97
N GLY C 114 -20.62 -25.39 -6.08
CA GLY C 114 -20.70 -24.00 -6.52
C GLY C 114 -20.69 -23.06 -5.34
N SER C 115 -21.00 -21.80 -5.63
CA SER C 115 -21.03 -20.74 -4.62
C SER C 115 -22.45 -20.21 -4.40
N VAL C 116 -23.12 -19.78 -5.46
CA VAL C 116 -24.48 -19.26 -5.34
C VAL C 116 -25.39 -19.99 -6.31
N PHE C 117 -24.79 -20.74 -7.24
CA PHE C 117 -25.52 -21.56 -8.20
C PHE C 117 -26.45 -20.73 -9.07
N ILE C 118 -25.96 -19.59 -9.53
CA ILE C 118 -26.71 -18.71 -10.43
C ILE C 118 -25.94 -18.60 -11.74
N ASN C 119 -26.62 -18.09 -12.77
CA ASN C 119 -26.03 -18.00 -14.10
C ASN C 119 -24.85 -17.03 -14.15
N ASN C 120 -24.75 -16.11 -13.20
CA ASN C 120 -23.65 -15.14 -13.20
C ASN C 120 -22.37 -15.71 -12.62
N SER C 121 -22.38 -16.95 -12.15
CA SER C 121 -21.20 -17.59 -11.58
C SER C 121 -21.04 -18.98 -12.18
N TYR C 122 -19.90 -19.61 -11.89
CA TYR C 122 -19.62 -20.94 -12.39
C TYR C 122 -20.19 -22.00 -11.45
N THR C 123 -20.26 -23.24 -11.96
CA THR C 123 -20.80 -24.35 -11.19
C THR C 123 -20.28 -25.65 -11.79
N ILE C 124 -19.61 -26.45 -10.98
CA ILE C 124 -19.04 -27.73 -11.40
C ILE C 124 -20.09 -28.80 -11.19
N VAL C 125 -20.24 -29.69 -12.17
CA VAL C 125 -21.20 -30.78 -12.10
C VAL C 125 -20.53 -32.04 -12.64
N VAL C 126 -20.56 -33.11 -11.85
CA VAL C 126 -20.00 -34.40 -12.22
C VAL C 126 -21.09 -35.45 -12.16
N GLN C 127 -21.30 -36.16 -13.27
CA GLN C 127 -22.32 -37.19 -13.38
C GLN C 127 -21.86 -38.25 -14.37
N PRO C 128 -22.14 -39.52 -14.12
CA PRO C 128 -21.74 -40.58 -15.05
C PRO C 128 -22.81 -40.88 -16.09
N HIS C 129 -22.36 -41.45 -17.22
CA HIS C 129 -23.26 -41.89 -18.29
C HIS C 129 -22.75 -43.24 -18.79
N ASN C 130 -23.23 -44.31 -18.17
CA ASN C 130 -22.92 -45.69 -18.56
C ASN C 130 -21.41 -45.89 -18.74
N GLY C 131 -20.69 -45.66 -17.65
CA GLY C 131 -19.25 -45.84 -17.66
C GLY C 131 -18.46 -44.69 -18.24
N VAL C 132 -19.08 -43.54 -18.47
CA VAL C 132 -18.41 -42.36 -19.01
C VAL C 132 -18.76 -41.17 -18.13
N LEU C 133 -17.74 -40.55 -17.55
CA LEU C 133 -17.94 -39.38 -16.70
C LEU C 133 -18.12 -38.13 -17.57
N GLU C 134 -18.51 -37.03 -16.93
CA GLU C 134 -18.72 -35.78 -17.65
C GLU C 134 -18.49 -34.62 -16.68
N ILE C 135 -17.36 -33.93 -16.84
CA ILE C 135 -17.02 -32.77 -16.02
C ILE C 135 -17.03 -31.54 -16.93
N THR C 136 -17.91 -30.59 -16.63
CA THR C 136 -18.06 -29.40 -17.45
C THR C 136 -17.63 -28.13 -16.73
N ALA C 137 -18.16 -27.88 -15.53
CA ALA C 137 -17.86 -26.67 -14.76
C ALA C 137 -18.20 -25.42 -15.58
N CYS C 138 -19.48 -25.30 -15.91
CA CYS C 138 -19.95 -24.21 -16.76
C CYS C 138 -20.95 -23.37 -15.98
N GLN C 139 -21.18 -22.15 -16.47
CA GLN C 139 -22.13 -21.23 -15.85
C GLN C 139 -23.54 -21.67 -16.21
N TYR C 140 -23.96 -22.79 -15.63
CA TYR C 140 -25.29 -23.33 -15.86
C TYR C 140 -26.33 -22.57 -15.04
N THR C 141 -27.56 -22.61 -15.52
CA THR C 141 -28.70 -21.99 -14.83
C THR C 141 -29.51 -23.13 -14.22
N MET C 142 -29.15 -23.53 -13.01
CA MET C 142 -29.82 -24.64 -12.34
C MET C 142 -30.96 -24.11 -11.47
N CYS C 143 -32.04 -24.88 -11.44
CA CYS C 143 -33.21 -24.52 -10.64
C CYS C 143 -33.11 -25.12 -9.24
N GLU C 144 -34.02 -24.69 -8.36
CA GLU C 144 -34.02 -25.15 -6.98
C GLU C 144 -34.54 -26.57 -6.83
N TYR C 145 -34.95 -27.24 -7.91
CA TYR C 145 -35.38 -28.63 -7.88
C TYR C 145 -34.59 -29.44 -8.90
N PRO C 146 -33.32 -29.72 -8.62
CA PRO C 146 -32.51 -30.55 -9.54
C PRO C 146 -32.64 -32.02 -9.23
N HIS C 147 -32.56 -32.82 -10.31
CA HIS C 147 -32.66 -34.27 -10.19
C HIS C 147 -32.05 -34.89 -11.45
N THR C 148 -31.95 -36.22 -11.43
CA THR C 148 -31.40 -36.97 -12.55
C THR C 148 -32.10 -38.32 -12.61
N ILE C 149 -32.40 -38.78 -13.81
CA ILE C 149 -33.10 -40.04 -14.02
C ILE C 149 -32.11 -41.10 -14.48
N CYS C 150 -32.56 -42.35 -14.45
CA CYS C 150 -31.75 -43.49 -14.87
C CYS C 150 -32.09 -43.85 -16.31
N LYS C 151 -31.05 -44.12 -17.11
CA LYS C 151 -31.29 -44.49 -18.50
C LYS C 151 -31.86 -45.90 -18.60
N SER C 152 -31.43 -46.80 -17.74
CA SER C 152 -31.97 -48.16 -17.70
C SER C 152 -33.09 -48.23 -16.67
N LYS C 153 -34.24 -48.76 -17.12
CA LYS C 153 -35.44 -48.85 -16.31
C LYS C 153 -35.83 -47.47 -15.76
N GLY C 154 -36.05 -46.54 -16.69
CA GLY C 154 -36.31 -45.15 -16.37
C GLY C 154 -37.49 -44.92 -15.46
N SER C 155 -37.55 -43.73 -14.86
CA SER C 155 -38.61 -43.36 -13.93
C SER C 155 -39.65 -42.50 -14.63
N SER C 156 -40.67 -42.10 -13.86
CA SER C 156 -41.74 -41.28 -14.40
C SER C 156 -41.25 -39.89 -14.75
N ARG C 157 -40.45 -39.29 -13.89
CA ARG C 157 -39.92 -37.96 -14.14
C ARG C 157 -38.85 -37.99 -15.24
N ASN C 158 -38.50 -36.82 -15.72
CA ASN C 158 -37.48 -36.65 -16.74
C ASN C 158 -36.29 -35.87 -16.17
N GLU C 159 -35.10 -36.16 -16.69
CA GLU C 159 -33.90 -35.48 -16.21
C GLU C 159 -33.94 -34.01 -16.59
N SER C 160 -34.06 -33.14 -15.59
CA SER C 160 -34.10 -31.70 -15.82
C SER C 160 -33.55 -31.01 -14.58
N TRP C 161 -32.32 -30.52 -14.67
CA TRP C 161 -31.70 -29.81 -13.57
C TRP C 161 -31.13 -28.47 -14.03
N HIS C 162 -31.10 -28.25 -15.34
CA HIS C 162 -30.66 -27.00 -15.92
C HIS C 162 -31.50 -26.69 -17.15
N PHE C 163 -31.78 -25.41 -17.35
CA PHE C 163 -32.58 -24.94 -18.48
C PHE C 163 -31.76 -23.93 -19.26
N ASP C 164 -31.06 -24.40 -20.29
CA ASP C 164 -30.23 -23.54 -21.13
C ASP C 164 -30.44 -23.95 -22.58
N LYS C 165 -31.03 -23.06 -23.37
CA LYS C 165 -31.23 -23.35 -24.79
C LYS C 165 -29.91 -23.42 -25.53
N SER C 166 -28.97 -22.55 -25.19
CA SER C 166 -27.64 -22.53 -25.78
C SER C 166 -26.60 -22.80 -24.70
N GLU C 167 -25.47 -23.35 -25.12
CA GLU C 167 -24.40 -23.66 -24.18
C GLU C 167 -23.78 -22.36 -23.65
N PRO C 168 -23.75 -22.16 -22.34
CA PRO C 168 -23.18 -20.94 -21.78
C PRO C 168 -21.65 -20.96 -21.88
N LEU C 169 -21.05 -19.84 -21.47
CA LEU C 169 -19.61 -19.66 -21.57
C LEU C 169 -18.91 -20.28 -20.36
N CYS C 170 -17.80 -20.98 -20.60
CA CYS C 170 -16.99 -21.57 -19.55
C CYS C 170 -15.59 -21.83 -20.11
N LEU C 171 -14.73 -22.34 -19.24
CA LEU C 171 -13.33 -22.58 -19.57
C LEU C 171 -13.01 -24.05 -19.81
N PHE C 172 -13.63 -24.96 -19.08
CA PHE C 172 -13.28 -26.37 -19.13
C PHE C 172 -14.41 -27.18 -19.76
N LYS C 173 -14.01 -28.25 -20.47
CA LYS C 173 -14.94 -29.23 -21.01
C LYS C 173 -14.18 -30.48 -21.42
N LYS C 174 -14.50 -31.63 -20.83
CA LYS C 174 -13.78 -32.86 -21.12
C LYS C 174 -14.52 -34.08 -20.61
N ASN C 175 -14.34 -35.23 -21.28
CA ASN C 175 -14.94 -36.49 -20.88
C ASN C 175 -13.87 -37.44 -20.37
N PHE C 176 -14.27 -38.36 -19.50
CA PHE C 176 -13.39 -39.38 -18.95
C PHE C 176 -14.11 -40.73 -18.94
N THR C 177 -13.33 -41.80 -18.77
CA THR C 177 -13.85 -43.16 -18.78
C THR C 177 -13.34 -43.91 -17.55
N TYR C 178 -13.97 -45.04 -17.27
CA TYR C 178 -13.58 -45.89 -16.14
C TYR C 178 -14.13 -47.29 -16.38
N ASN C 179 -13.59 -48.24 -15.63
CA ASN C 179 -14.02 -49.63 -15.76
C ASN C 179 -15.44 -49.78 -15.23
N VAL C 180 -16.29 -50.45 -16.03
CA VAL C 180 -17.70 -50.60 -15.67
C VAL C 180 -17.95 -51.80 -14.76
N SER C 181 -16.94 -52.65 -14.55
CA SER C 181 -17.09 -53.85 -13.75
C SER C 181 -16.55 -53.71 -12.33
N THR C 182 -16.08 -52.52 -11.95
CA THR C 182 -15.55 -52.32 -10.61
C THR C 182 -16.70 -52.24 -9.60
N ASP C 183 -16.34 -52.09 -8.32
CA ASP C 183 -17.32 -52.05 -7.24
C ASP C 183 -17.25 -50.79 -6.39
N TRP C 184 -16.07 -50.15 -6.30
CA TRP C 184 -15.91 -48.95 -5.49
C TRP C 184 -15.10 -47.92 -6.27
N LEU C 185 -15.51 -46.67 -6.19
CA LEU C 185 -14.80 -45.55 -6.80
C LEU C 185 -14.48 -44.51 -5.74
N TYR C 186 -13.42 -43.74 -5.97
CA TYR C 186 -12.96 -42.74 -5.01
C TYR C 186 -12.77 -41.41 -5.71
N PHE C 187 -13.05 -40.33 -4.98
CA PHE C 187 -12.94 -38.98 -5.53
C PHE C 187 -12.37 -38.04 -4.48
N HIS C 188 -11.53 -37.12 -4.94
CA HIS C 188 -10.96 -36.06 -4.12
C HIS C 188 -11.29 -34.72 -4.75
N PHE C 189 -11.77 -33.78 -3.94
CA PHE C 189 -12.06 -32.44 -4.44
C PHE C 189 -11.58 -31.42 -3.40
N TYR C 190 -10.95 -30.35 -3.87
CA TYR C 190 -10.51 -29.26 -2.98
C TYR C 190 -10.08 -28.08 -3.83
N GLN C 191 -9.70 -27.01 -3.16
CA GLN C 191 -9.19 -25.81 -3.80
C GLN C 191 -8.12 -25.16 -2.93
N GLU C 192 -7.31 -24.33 -3.56
CA GLU C 192 -6.23 -23.62 -2.88
C GLU C 192 -5.88 -22.38 -3.67
N ARG C 193 -5.92 -21.22 -3.00
CA ARG C 193 -5.59 -19.94 -3.62
C ARG C 193 -6.40 -19.70 -4.90
N GLY C 194 -7.68 -20.06 -4.86
CA GLY C 194 -8.56 -19.88 -5.99
C GLY C 194 -8.39 -20.87 -7.11
N THR C 195 -7.57 -21.91 -6.94
CA THR C 195 -7.38 -22.94 -7.93
C THR C 195 -8.04 -24.23 -7.45
N PHE C 196 -8.98 -24.73 -8.25
CA PHE C 196 -9.74 -25.93 -7.91
C PHE C 196 -9.13 -27.15 -8.56
N TYR C 197 -9.07 -28.25 -7.80
CA TYR C 197 -8.49 -29.50 -8.27
C TYR C 197 -9.52 -30.61 -8.17
N ALA C 198 -9.24 -31.73 -8.83
CA ALA C 198 -10.13 -32.89 -8.81
C ALA C 198 -9.31 -34.14 -9.09
N TYR C 199 -9.64 -35.22 -8.39
CA TYR C 199 -8.96 -36.49 -8.54
C TYR C 199 -9.98 -37.62 -8.51
N TYR C 200 -9.76 -38.64 -9.34
CA TYR C 200 -10.65 -39.79 -9.39
C TYR C 200 -9.83 -41.07 -9.41
N ALA C 201 -10.38 -42.12 -8.80
CA ALA C 201 -9.73 -43.42 -8.74
C ALA C 201 -10.78 -44.51 -8.95
N ASP C 202 -10.47 -45.44 -9.85
CA ASP C 202 -11.36 -46.52 -10.25
C ASP C 202 -11.28 -47.74 -9.35
N SER C 203 -10.07 -48.15 -8.95
CA SER C 203 -9.88 -49.31 -8.10
C SER C 203 -9.38 -48.87 -6.73
N GLY C 204 -9.04 -49.86 -5.90
CA GLY C 204 -8.53 -49.58 -4.58
C GLY C 204 -7.09 -49.11 -4.60
N MET C 205 -6.86 -47.93 -5.16
CA MET C 205 -5.53 -47.37 -5.31
C MET C 205 -5.59 -45.87 -5.06
N PRO C 206 -4.45 -45.20 -4.84
CA PRO C 206 -4.48 -43.73 -4.71
C PRO C 206 -5.06 -43.07 -5.95
N THR C 207 -5.62 -41.89 -5.72
CA THR C 207 -6.37 -41.15 -6.74
C THR C 207 -5.44 -40.63 -7.83
N THR C 208 -6.00 -40.43 -9.02
CA THR C 208 -5.26 -39.96 -10.17
C THR C 208 -5.69 -38.54 -10.53
N PHE C 209 -4.79 -37.82 -11.21
CA PHE C 209 -5.06 -36.43 -11.56
C PHE C 209 -6.10 -36.33 -12.65
N LEU C 210 -6.97 -35.32 -12.53
CA LEU C 210 -7.98 -35.04 -13.55
C LEU C 210 -7.74 -33.70 -14.25
N PHE C 211 -7.69 -32.60 -13.51
CA PHE C 211 -7.51 -31.28 -14.09
C PHE C 211 -7.33 -30.26 -12.98
N SER C 212 -6.95 -29.04 -13.38
CA SER C 212 -6.87 -27.89 -12.50
C SER C 212 -7.58 -26.72 -13.16
N LEU C 213 -8.35 -25.97 -12.37
CA LEU C 213 -9.16 -24.90 -12.92
C LEU C 213 -8.91 -23.61 -12.15
N TYR C 214 -8.69 -22.52 -12.87
CA TYR C 214 -8.51 -21.20 -12.27
C TYR C 214 -9.82 -20.44 -12.37
N LEU C 215 -10.38 -20.07 -11.23
CA LEU C 215 -11.65 -19.34 -11.17
C LEU C 215 -11.54 -18.00 -10.47
N GLY C 216 -10.74 -17.91 -9.41
CA GLY C 216 -10.61 -16.68 -8.65
C GLY C 216 -11.68 -16.48 -7.60
N THR C 217 -12.73 -17.29 -7.60
CA THR C 217 -13.80 -17.19 -6.62
C THR C 217 -13.78 -18.42 -5.72
N LEU C 218 -13.92 -18.19 -4.41
CA LEU C 218 -13.88 -19.26 -3.42
C LEU C 218 -15.24 -19.95 -3.38
N LEU C 219 -15.26 -21.22 -3.74
CA LEU C 219 -16.48 -22.01 -3.65
C LEU C 219 -16.90 -22.16 -2.19
N SER C 220 -18.20 -22.34 -1.98
CA SER C 220 -18.75 -22.39 -0.63
C SER C 220 -19.71 -23.55 -0.37
N HIS C 221 -20.29 -24.16 -1.39
CA HIS C 221 -21.30 -25.18 -1.17
C HIS C 221 -21.15 -26.33 -2.16
N TYR C 222 -21.59 -27.50 -1.74
CA TYR C 222 -21.64 -28.69 -2.59
C TYR C 222 -22.87 -29.48 -2.22
N TYR C 223 -23.35 -30.28 -3.17
CA TYR C 223 -24.58 -31.04 -2.97
C TYR C 223 -24.55 -32.30 -3.81
N VAL C 224 -25.25 -33.32 -3.33
CA VAL C 224 -25.39 -34.59 -4.02
C VAL C 224 -26.81 -34.67 -4.55
N LEU C 225 -26.97 -34.60 -5.86
CA LEU C 225 -28.30 -34.54 -6.44
C LEU C 225 -28.98 -35.91 -6.34
N PRO C 226 -30.28 -35.94 -6.05
CA PRO C 226 -30.98 -37.22 -5.94
C PRO C 226 -31.14 -37.91 -7.29
N LEU C 227 -31.24 -39.23 -7.24
CA LEU C 227 -31.41 -40.05 -8.43
C LEU C 227 -32.78 -40.74 -8.36
N THR C 228 -33.62 -40.46 -9.36
CA THR C 228 -34.96 -41.03 -9.43
C THR C 228 -34.96 -42.20 -10.40
N CYS C 229 -35.43 -43.36 -9.94
CA CYS C 229 -35.45 -44.56 -10.75
C CYS C 229 -36.51 -45.50 -10.21
N ASN C 230 -36.86 -46.50 -11.02
CA ASN C 230 -37.87 -47.49 -10.67
C ASN C 230 -37.27 -48.86 -10.39
N ALA C 231 -35.97 -48.95 -10.13
CA ALA C 231 -35.31 -50.23 -9.88
C ALA C 231 -34.41 -50.24 -8.65
N ILE C 232 -33.98 -49.08 -8.14
CA ILE C 232 -33.09 -49.05 -6.99
C ILE C 232 -33.81 -49.40 -5.69
N SER C 233 -35.13 -49.49 -5.71
CA SER C 233 -35.87 -49.83 -4.49
C SER C 233 -35.58 -51.26 -4.08
N SER C 234 -35.80 -51.54 -2.80
CA SER C 234 -35.57 -52.86 -2.24
C SER C 234 -36.69 -53.85 -2.51
N ASN C 235 -37.70 -53.46 -3.30
CA ASN C 235 -38.82 -54.35 -3.57
C ASN C 235 -38.56 -55.22 -4.81
N THR C 236 -37.83 -54.69 -5.80
CA THR C 236 -37.60 -55.40 -7.04
C THR C 236 -36.16 -55.85 -7.24
N ASP C 237 -35.18 -55.08 -6.79
CA ASP C 237 -33.78 -55.43 -6.97
C ASP C 237 -32.98 -55.54 -5.68
N ASN C 238 -33.46 -54.99 -4.57
CA ASN C 238 -32.75 -55.04 -3.29
C ASN C 238 -31.35 -54.44 -3.39
N GLU C 239 -31.26 -53.28 -4.04
CA GLU C 239 -30.00 -52.57 -4.20
C GLU C 239 -30.05 -51.27 -3.39
N THR C 240 -28.86 -50.74 -3.08
CA THR C 240 -28.73 -49.53 -2.30
C THR C 240 -27.73 -48.59 -2.95
N LEU C 241 -27.94 -47.30 -2.75
CA LEU C 241 -27.02 -46.26 -3.21
C LEU C 241 -26.16 -45.80 -2.04
N GLN C 242 -24.85 -45.87 -2.22
CA GLN C 242 -23.90 -45.50 -1.17
C GLN C 242 -22.97 -44.41 -1.69
N TYR C 243 -22.89 -43.30 -0.97
CA TYR C 243 -22.04 -42.18 -1.35
C TYR C 243 -21.56 -41.52 -0.06
N TRP C 244 -20.38 -41.92 0.41
CA TRP C 244 -19.84 -41.43 1.66
C TRP C 244 -18.86 -40.29 1.41
N VAL C 245 -18.89 -39.30 2.31
CA VAL C 245 -18.07 -38.10 2.18
C VAL C 245 -17.41 -37.81 3.52
N THR C 246 -16.11 -37.51 3.48
CA THR C 246 -15.37 -37.10 4.65
C THR C 246 -14.63 -35.80 4.37
N PRO C 247 -14.51 -34.93 5.37
CA PRO C 247 -13.81 -33.65 5.15
C PRO C 247 -12.32 -33.85 4.97
N LEU C 248 -11.65 -32.77 4.58
CA LEU C 248 -10.21 -32.74 4.38
C LEU C 248 -9.59 -31.67 5.25
N SER C 249 -8.27 -31.74 5.38
CA SER C 249 -7.54 -30.76 6.17
C SER C 249 -6.11 -30.69 5.64
N LYS C 250 -5.48 -29.53 5.84
CA LYS C 250 -4.11 -29.31 5.40
C LYS C 250 -3.16 -29.96 6.39
N ARG C 251 -2.70 -31.17 6.07
CA ARG C 251 -1.80 -31.93 6.93
C ARG C 251 -0.52 -32.24 6.15
N GLN C 252 0.33 -33.05 6.77
CA GLN C 252 1.60 -33.47 6.18
C GLN C 252 1.67 -34.99 6.18
N TYR C 253 1.96 -35.57 5.03
CA TYR C 253 2.00 -37.01 4.86
C TYR C 253 3.34 -37.45 4.32
N LEU C 254 3.82 -38.58 4.84
CA LEU C 254 5.05 -39.22 4.36
C LEU C 254 4.67 -40.30 3.36
N LEU C 255 5.12 -40.15 2.12
CA LEU C 255 4.77 -41.04 1.03
C LEU C 255 6.01 -41.82 0.60
N LYS C 256 5.85 -43.14 0.45
CA LYS C 256 6.91 -44.03 0.00
C LYS C 256 6.61 -44.52 -1.41
N PHE C 257 7.57 -44.35 -2.30
CA PHE C 257 7.43 -44.77 -3.70
C PHE C 257 8.35 -45.96 -3.98
N ASP C 258 7.90 -46.83 -4.87
CA ASP C 258 8.69 -47.99 -5.28
C ASP C 258 9.56 -47.62 -6.47
N ASN C 259 10.16 -48.62 -7.11
CA ASN C 259 11.01 -48.40 -8.28
C ASN C 259 10.22 -48.17 -9.56
N ARG C 260 8.90 -48.06 -9.48
CA ARG C 260 8.06 -47.83 -10.64
C ARG C 260 7.12 -46.65 -10.49
N GLY C 261 7.02 -46.06 -9.30
CA GLY C 261 6.15 -44.93 -9.05
C GLY C 261 4.88 -45.24 -8.27
N VAL C 262 4.61 -46.52 -8.00
CA VAL C 262 3.40 -46.90 -7.28
C VAL C 262 3.60 -46.61 -5.79
N ILE C 263 2.62 -45.94 -5.18
CA ILE C 263 2.70 -45.64 -3.76
C ILE C 263 2.47 -46.91 -2.96
N THR C 264 3.35 -47.18 -2.00
CA THR C 264 3.28 -48.39 -1.19
C THR C 264 2.97 -48.12 0.27
N ASN C 265 3.43 -47.00 0.83
CA ASN C 265 3.21 -46.70 2.24
C ASN C 265 2.95 -45.21 2.42
N ALA C 266 2.06 -44.90 3.37
CA ALA C 266 1.73 -43.53 3.69
C ALA C 266 1.60 -43.39 5.20
N VAL C 267 2.20 -42.34 5.74
CA VAL C 267 2.22 -42.07 7.17
C VAL C 267 1.59 -40.70 7.41
N ASP C 268 0.68 -40.63 8.38
CA ASP C 268 -0.06 -39.40 8.66
C ASP C 268 0.77 -38.35 9.38
N CYS C 269 1.83 -38.76 10.08
CA CYS C 269 2.74 -37.86 10.79
C CYS C 269 2.06 -37.13 11.95
N SER C 270 0.78 -37.44 12.22
CA SER C 270 0.08 -36.80 13.32
C SER C 270 -0.86 -37.75 14.05
N SER C 271 -0.89 -39.03 13.70
CA SER C 271 -1.79 -39.96 14.37
C SER C 271 -1.28 -40.36 15.74
N SER C 272 -0.08 -40.94 15.78
CA SER C 272 0.54 -41.39 17.03
C SER C 272 1.97 -40.85 17.11
N PHE C 273 2.67 -41.24 18.16
CA PHE C 273 4.05 -40.80 18.34
C PHE C 273 4.99 -41.50 17.36
N PHE C 274 4.71 -42.76 17.04
CA PHE C 274 5.54 -43.48 16.09
C PHE C 274 5.49 -42.84 14.71
N SER C 275 4.32 -42.34 14.31
CA SER C 275 4.22 -41.64 13.03
C SER C 275 5.08 -40.38 13.03
N GLU C 276 5.07 -39.63 14.14
CA GLU C 276 5.90 -38.44 14.23
C GLU C 276 7.39 -38.81 14.17
N ILE C 277 7.78 -39.90 14.83
CA ILE C 277 9.17 -40.34 14.77
C ILE C 277 9.55 -40.70 13.33
N GLN C 278 8.67 -41.43 12.64
CA GLN C 278 8.96 -41.83 11.27
C GLN C 278 9.07 -40.63 10.34
N CYS C 279 8.22 -39.62 10.53
CA CYS C 279 8.25 -38.47 9.63
C CYS C 279 9.38 -37.51 10.00
N LYS C 280 9.86 -37.59 11.25
CA LYS C 280 11.02 -36.79 11.63
C LYS C 280 12.30 -37.40 11.10
N THR C 281 12.44 -38.73 11.19
CA THR C 281 13.57 -39.43 10.64
C THR C 281 13.48 -39.59 9.13
N LYS C 282 12.34 -39.26 8.52
CA LYS C 282 12.14 -39.35 7.07
C LYS C 282 12.38 -40.77 6.57
N SER C 283 11.98 -41.76 7.37
CA SER C 283 12.14 -43.16 7.03
C SER C 283 10.96 -43.95 7.57
N LEU C 284 10.77 -45.15 7.01
CA LEU C 284 9.69 -46.02 7.45
C LEU C 284 10.04 -46.79 8.72
N LEU C 285 11.31 -47.13 8.91
CA LEU C 285 11.77 -47.82 10.11
C LEU C 285 12.89 -46.99 10.72
N PRO C 286 12.58 -46.16 11.71
CA PRO C 286 13.60 -45.29 12.30
C PRO C 286 14.67 -46.08 13.04
N ASN C 287 15.76 -45.38 13.35
CA ASN C 287 16.88 -45.98 14.06
C ASN C 287 16.65 -45.93 15.57
N THR C 288 17.49 -46.64 16.30
CA THR C 288 17.39 -46.66 17.76
C THR C 288 17.90 -45.35 18.33
N GLY C 289 17.08 -44.71 19.15
CA GLY C 289 17.48 -43.45 19.75
C GLY C 289 16.37 -42.86 20.60
N VAL C 290 16.69 -41.72 21.21
CA VAL C 290 15.75 -40.96 22.02
C VAL C 290 15.46 -39.65 21.31
N TYR C 291 14.18 -39.37 21.10
CA TYR C 291 13.73 -38.19 20.38
C TYR C 291 12.82 -37.34 21.25
N ASP C 292 12.69 -36.07 20.89
CA ASP C 292 11.76 -35.16 21.54
C ASP C 292 10.58 -34.93 20.61
N LEU C 293 9.38 -35.23 21.07
CA LEU C 293 8.18 -35.16 20.26
C LEU C 293 7.72 -33.71 20.12
N SER C 294 6.53 -33.50 19.57
CA SER C 294 5.98 -32.17 19.42
C SER C 294 5.29 -31.73 20.71
N GLY C 295 5.42 -30.44 21.03
CA GLY C 295 4.79 -29.92 22.23
C GLY C 295 3.29 -29.80 22.08
N PHE C 296 2.59 -30.00 23.20
CA PHE C 296 1.14 -29.92 23.25
C PHE C 296 0.72 -28.91 24.30
N THR C 297 -0.34 -28.15 24.00
CA THR C 297 -0.86 -27.13 24.89
C THR C 297 -2.29 -27.50 25.30
N VAL C 298 -2.60 -27.32 26.57
CA VAL C 298 -3.94 -27.62 27.07
C VAL C 298 -4.90 -26.53 26.61
N LYS C 299 -5.95 -26.92 25.91
CA LYS C 299 -6.91 -25.97 25.40
C LYS C 299 -7.77 -25.43 26.54
N PRO C 300 -8.12 -24.14 26.54
CA PRO C 300 -8.97 -23.61 27.60
C PRO C 300 -10.38 -24.16 27.50
N VAL C 301 -11.09 -24.13 28.63
CA VAL C 301 -12.43 -24.68 28.72
C VAL C 301 -13.49 -23.57 28.84
N ALA C 302 -13.16 -22.47 29.51
CA ALA C 302 -14.09 -21.38 29.74
C ALA C 302 -13.50 -20.08 29.23
N THR C 303 -14.28 -19.01 29.37
CA THR C 303 -13.87 -17.67 28.95
C THR C 303 -14.33 -16.66 29.98
N VAL C 304 -13.40 -15.83 30.43
CA VAL C 304 -13.66 -14.80 31.45
C VAL C 304 -13.45 -13.44 30.83
N HIS C 305 -14.41 -12.53 31.04
CA HIS C 305 -14.33 -11.18 30.51
C HIS C 305 -14.89 -10.20 31.53
N ARG C 306 -14.14 -9.14 31.81
CA ARG C 306 -14.58 -8.11 32.74
C ARG C 306 -14.12 -6.75 32.24
N ARG C 307 -14.88 -5.73 32.61
CA ARG C 307 -14.60 -4.36 32.20
C ARG C 307 -15.36 -3.41 33.12
N ILE C 308 -14.72 -2.32 33.48
CA ILE C 308 -15.31 -1.30 34.36
C ILE C 308 -16.11 -0.33 33.49
N PRO C 309 -17.34 -0.01 33.86
CA PRO C 309 -18.14 0.92 33.05
C PRO C 309 -17.71 2.37 33.27
N ASP C 310 -17.81 3.16 32.21
CA ASP C 310 -17.47 4.57 32.28
C ASP C 310 -18.63 5.39 32.82
N LEU C 311 -19.82 5.17 32.29
CA LEU C 311 -21.00 5.92 32.72
C LEU C 311 -21.77 5.14 33.79
N PRO C 312 -22.33 5.84 34.77
CA PRO C 312 -23.04 5.17 35.86
C PRO C 312 -24.44 4.74 35.43
N ASP C 313 -25.16 4.16 36.39
CA ASP C 313 -26.53 3.72 36.16
C ASP C 313 -27.49 4.75 36.73
N CYS C 314 -28.52 5.10 35.95
CA CYS C 314 -29.48 6.12 36.35
C CYS C 314 -30.70 5.55 37.08
N ASP C 315 -30.69 4.25 37.38
CA ASP C 315 -31.76 3.55 38.11
C ASP C 315 -33.15 4.01 37.70
N ILE C 316 -33.51 3.80 36.42
CA ILE C 316 -34.81 4.19 35.91
C ILE C 316 -35.93 3.51 36.68
N ASP C 317 -35.68 2.29 37.18
CA ASP C 317 -36.71 1.57 37.91
C ASP C 317 -37.11 2.31 39.18
N LYS C 318 -36.17 3.04 39.80
CA LYS C 318 -36.48 3.78 41.01
C LYS C 318 -37.47 4.90 40.72
N TRP C 319 -37.31 5.58 39.58
CA TRP C 319 -38.25 6.65 39.23
C TRP C 319 -39.56 6.09 38.71
N LEU C 320 -39.52 4.92 38.07
CA LEU C 320 -40.73 4.28 37.56
C LEU C 320 -41.51 3.55 38.65
N ASN C 321 -40.96 3.41 39.85
CA ASN C 321 -41.65 2.73 40.95
C ASN C 321 -41.74 3.63 42.17
N ASN C 322 -41.85 4.95 41.96
CA ASN C 322 -41.98 5.88 43.07
C ASN C 322 -43.37 5.78 43.69
N PHE C 323 -43.44 6.09 44.98
CA PHE C 323 -44.70 6.02 45.72
C PHE C 323 -45.66 7.14 45.32
N ASN C 324 -45.15 8.35 45.13
CA ASN C 324 -45.98 9.50 44.75
C ASN C 324 -46.27 9.40 43.25
N VAL C 325 -47.38 8.76 42.92
CA VAL C 325 -47.80 8.60 41.53
C VAL C 325 -48.43 9.90 41.05
N PRO C 326 -47.92 10.50 39.98
CA PRO C 326 -48.49 11.76 39.50
C PRO C 326 -49.86 11.55 38.87
N SER C 327 -50.75 12.51 39.11
CA SER C 327 -52.09 12.48 38.54
C SER C 327 -52.04 12.80 37.06
N PRO C 328 -53.04 12.37 36.29
CA PRO C 328 -53.08 12.73 34.86
C PRO C 328 -53.16 14.22 34.61
N LEU C 329 -53.55 15.01 35.61
CA LEU C 329 -53.55 16.46 35.49
C LEU C 329 -52.20 17.07 35.83
N ASN C 330 -51.31 16.32 36.49
CA ASN C 330 -50.00 16.79 36.91
C ASN C 330 -48.92 15.84 36.40
N TRP C 331 -49.00 15.50 35.11
CA TRP C 331 -48.04 14.57 34.53
C TRP C 331 -46.64 15.18 34.57
N GLU C 332 -45.69 14.40 35.09
CA GLU C 332 -44.31 14.83 35.20
C GLU C 332 -43.53 14.49 33.94
N ARG C 333 -42.31 15.01 33.86
CA ARG C 333 -41.43 14.74 32.73
C ARG C 333 -40.00 14.65 33.22
N LYS C 334 -39.37 13.49 33.05
CA LYS C 334 -38.00 13.26 33.45
C LYS C 334 -37.12 13.07 32.22
N ILE C 335 -36.00 13.77 32.19
CA ILE C 335 -35.04 13.66 31.09
C ILE C 335 -33.91 12.74 31.51
N PHE C 336 -33.40 11.96 30.57
CA PHE C 336 -32.33 11.01 30.84
C PHE C 336 -31.32 11.05 29.70
N SER C 337 -30.04 11.13 30.04
CA SER C 337 -28.98 11.14 29.04
C SER C 337 -27.69 10.70 29.72
N ASN C 338 -26.84 10.03 28.93
CA ASN C 338 -25.53 9.55 29.38
C ASN C 338 -25.67 8.61 30.58
N CYS C 339 -26.33 7.48 30.31
CA CYS C 339 -26.58 6.46 31.31
C CYS C 339 -26.50 5.09 30.66
N ASN C 340 -26.51 4.05 31.49
CA ASN C 340 -26.52 2.67 31.03
C ASN C 340 -27.78 2.00 31.57
N PHE C 341 -28.78 1.86 30.72
CA PHE C 341 -30.06 1.28 31.12
C PHE C 341 -30.13 -0.17 30.68
N ASN C 342 -30.66 -1.02 31.55
CA ASN C 342 -30.81 -2.45 31.27
C ASN C 342 -32.31 -2.73 31.16
N LEU C 343 -32.78 -2.85 29.91
CA LEU C 343 -34.21 -3.06 29.68
C LEU C 343 -34.66 -4.43 30.19
N SER C 344 -33.81 -5.45 30.06
CA SER C 344 -34.16 -6.77 30.54
C SER C 344 -34.35 -6.78 32.05
N THR C 345 -33.48 -6.07 32.78
CA THR C 345 -33.65 -5.95 34.22
C THR C 345 -34.78 -4.98 34.57
N LEU C 346 -35.03 -3.99 33.71
CA LEU C 346 -36.12 -3.06 33.96
C LEU C 346 -37.48 -3.73 33.86
N LEU C 347 -37.62 -4.70 32.95
CA LEU C 347 -38.90 -5.41 32.83
C LEU C 347 -39.15 -6.30 34.05
N ARG C 348 -38.08 -6.66 34.78
CA ARG C 348 -38.26 -7.47 35.97
C ARG C 348 -38.50 -6.59 37.20
N LEU C 349 -37.69 -5.54 37.37
CA LEU C 349 -37.86 -4.65 38.50
C LEU C 349 -39.17 -3.87 38.44
N VAL C 350 -39.70 -3.63 37.24
CA VAL C 350 -40.98 -2.97 37.05
C VAL C 350 -41.89 -3.99 36.39
N HIS C 351 -42.90 -4.45 37.13
CA HIS C 351 -43.83 -5.45 36.61
C HIS C 351 -44.57 -4.92 35.40
N THR C 352 -44.24 -5.43 34.21
CA THR C 352 -44.76 -4.90 32.95
C THR C 352 -46.01 -5.66 32.55
N ASP C 353 -47.14 -4.96 32.51
N ASP C 353 -47.14 -4.96 32.51
CA ASP C 353 -48.40 -5.56 32.06
CA ASP C 353 -48.40 -5.56 32.06
C ASP C 353 -48.57 -5.49 30.56
C ASP C 353 -48.57 -5.49 30.56
N SER C 354 -48.15 -4.39 29.93
CA SER C 354 -48.26 -4.25 28.48
C SER C 354 -47.18 -3.27 28.01
N PHE C 355 -46.71 -3.47 26.78
CA PHE C 355 -45.67 -2.62 26.24
C PHE C 355 -45.75 -2.65 24.71
N SER C 356 -45.59 -1.49 24.10
CA SER C 356 -45.61 -1.39 22.65
C SER C 356 -44.72 -0.22 22.22
N CYS C 357 -44.37 -0.20 20.94
CA CYS C 357 -43.55 0.85 20.35
C CYS C 357 -44.10 1.17 18.96
N ASN C 358 -44.92 2.22 18.88
CA ASN C 358 -45.46 2.63 17.60
C ASN C 358 -44.39 3.29 16.74
N ASN C 359 -44.48 3.07 15.43
CA ASN C 359 -43.53 3.60 14.45
C ASN C 359 -42.10 3.16 14.77
N PHE C 360 -41.95 1.98 15.35
CA PHE C 360 -40.64 1.44 15.71
C PHE C 360 -40.78 -0.07 15.88
N ASP C 361 -39.75 -0.70 16.43
CA ASP C 361 -39.74 -2.14 16.66
C ASP C 361 -39.31 -2.41 18.09
N GLU C 362 -39.87 -3.48 18.67
CA GLU C 362 -39.55 -3.84 20.04
C GLU C 362 -38.16 -4.46 20.16
N SER C 363 -37.65 -5.05 19.07
CA SER C 363 -36.33 -5.66 19.13
C SER C 363 -35.22 -4.63 18.88
N LYS C 364 -35.59 -3.45 18.38
CA LYS C 364 -34.58 -2.44 18.07
C LYS C 364 -34.16 -1.64 19.30
N ILE C 365 -34.87 -1.79 20.42
CA ILE C 365 -34.54 -1.04 21.64
C ILE C 365 -33.79 -1.95 22.60
N TYR C 366 -33.11 -2.96 22.05
CA TYR C 366 -32.36 -3.92 22.86
C TYR C 366 -30.88 -3.92 22.49
N GLY C 367 -30.30 -2.73 22.34
CA GLY C 367 -28.90 -2.63 21.97
C GLY C 367 -28.56 -1.38 21.19
N SER C 368 -29.58 -0.65 20.74
CA SER C 368 -29.35 0.61 20.07
C SER C 368 -29.12 1.73 21.08
N CYS C 369 -28.50 2.80 20.61
CA CYS C 369 -28.18 3.94 21.46
C CYS C 369 -28.91 5.18 20.95
N PHE C 370 -29.26 6.07 21.87
CA PHE C 370 -30.02 7.27 21.54
C PHE C 370 -29.33 8.48 22.15
N LYS C 371 -29.75 9.67 21.71
CA LYS C 371 -29.18 10.89 22.25
C LYS C 371 -29.75 11.23 23.62
N SER C 372 -31.07 11.04 23.78
CA SER C 372 -31.71 11.36 25.04
C SER C 372 -33.05 10.63 25.11
N ILE C 373 -33.54 10.46 26.34
CA ILE C 373 -34.81 9.78 26.60
C ILE C 373 -35.68 10.73 27.42
N VAL C 374 -36.95 10.85 27.02
CA VAL C 374 -37.93 11.64 27.74
C VAL C 374 -38.98 10.71 28.31
N LEU C 375 -39.16 10.74 29.63
CA LEU C 375 -40.06 9.84 30.33
C LEU C 375 -41.24 10.62 30.89
N ASP C 376 -42.44 10.21 30.53
CA ASP C 376 -43.67 10.74 31.10
C ASP C 376 -44.43 9.60 31.76
N LYS C 377 -45.17 9.90 32.82
CA LYS C 377 -45.93 8.87 33.52
C LYS C 377 -47.11 9.50 34.25
N PHE C 378 -48.18 8.72 34.36
CA PHE C 378 -49.36 9.14 35.14
C PHE C 378 -50.25 7.94 35.37
N ALA C 379 -51.06 8.02 36.42
CA ALA C 379 -51.98 6.94 36.77
C ALA C 379 -53.08 6.81 35.72
N ILE C 380 -53.61 5.60 35.61
CA ILE C 380 -54.63 5.28 34.60
C ILE C 380 -55.98 5.22 35.31
N PRO C 381 -56.92 6.13 35.00
CA PRO C 381 -58.26 6.01 35.58
C PRO C 381 -58.98 4.78 35.06
N ASN C 382 -59.68 4.09 35.96
CA ASN C 382 -60.39 2.88 35.56
C ASN C 382 -61.57 3.18 34.65
N SER C 383 -62.23 4.32 34.84
CA SER C 383 -63.39 4.65 34.03
C SER C 383 -62.99 5.06 32.62
N ARG C 384 -61.77 5.55 32.44
CA ARG C 384 -61.28 6.01 31.14
C ARG C 384 -60.04 5.24 30.72
N ARG C 385 -60.07 3.92 30.90
CA ARG C 385 -58.93 3.08 30.54
C ARG C 385 -58.87 2.74 29.06
N SER C 386 -59.72 3.34 28.23
CA SER C 386 -59.75 3.07 26.80
C SER C 386 -59.61 4.35 25.98
N ASP C 387 -58.82 5.31 26.47
CA ASP C 387 -58.63 6.57 25.78
C ASP C 387 -57.17 6.90 25.54
N LEU C 388 -56.25 5.98 25.86
CA LEU C 388 -54.83 6.20 25.67
C LEU C 388 -54.30 5.69 24.34
N GLN C 389 -55.19 5.35 23.41
CA GLN C 389 -54.77 4.85 22.11
C GLN C 389 -54.24 6.00 21.23
N LEU C 390 -53.68 5.61 20.09
CA LEU C 390 -53.13 6.60 19.16
C LEU C 390 -54.25 7.28 18.37
N GLY C 391 -54.79 8.36 18.92
CA GLY C 391 -55.85 9.10 18.25
C GLY C 391 -57.22 8.74 18.78
N SER C 392 -57.80 9.63 19.59
CA SER C 392 -59.11 9.40 20.17
C SER C 392 -59.69 10.74 20.63
N SER C 393 -60.99 10.91 20.43
CA SER C 393 -61.68 12.14 20.82
C SER C 393 -62.15 12.06 22.28
N GLY C 394 -61.21 11.76 23.17
CA GLY C 394 -61.52 11.65 24.59
C GLY C 394 -61.04 12.87 25.37
N PHE C 395 -61.49 12.94 26.62
CA PHE C 395 -61.13 14.07 27.47
C PHE C 395 -59.67 13.99 27.93
N LEU C 396 -59.13 12.77 28.06
CA LEU C 396 -57.74 12.61 28.49
C LEU C 396 -56.78 13.24 27.49
N GLN C 397 -56.92 12.88 26.22
CA GLN C 397 -56.01 13.40 25.20
C GLN C 397 -56.30 14.85 24.84
N SER C 398 -57.44 15.39 25.27
CA SER C 398 -57.83 16.75 24.93
C SER C 398 -57.58 17.74 26.06
N SER C 399 -57.45 17.28 27.30
CA SER C 399 -57.29 18.18 28.44
C SER C 399 -56.17 17.80 29.40
N ASN C 400 -55.69 16.56 29.38
CA ASN C 400 -54.67 16.11 30.31
C ASN C 400 -53.32 15.85 29.65
N TYR C 401 -53.27 14.99 28.64
CA TYR C 401 -52.01 14.64 27.99
C TYR C 401 -52.32 14.02 26.64
N LYS C 402 -51.77 14.60 25.58
CA LYS C 402 -51.95 14.10 24.22
C LYS C 402 -50.65 13.47 23.76
N ILE C 403 -50.69 12.16 23.48
CA ILE C 403 -49.50 11.45 23.02
C ILE C 403 -49.21 11.84 21.57
N ASP C 404 -47.96 12.21 21.31
CA ASP C 404 -47.55 12.59 19.96
C ASP C 404 -47.21 11.34 19.15
N THR C 405 -47.79 11.22 17.97
CA THR C 405 -47.60 10.05 17.11
C THR C 405 -46.66 10.32 15.95
N THR C 406 -46.03 11.50 15.90
CA THR C 406 -45.11 11.85 14.83
C THR C 406 -43.68 11.39 15.10
N SER C 407 -43.49 10.45 16.03
CA SER C 407 -42.17 9.94 16.37
C SER C 407 -42.28 8.45 16.64
N SER C 408 -41.16 7.86 17.08
CA SER C 408 -41.09 6.43 17.39
C SER C 408 -41.19 6.16 18.88
N SER C 409 -42.00 6.93 19.61
CA SER C 409 -42.11 6.75 21.05
C SER C 409 -42.72 5.40 21.39
N CYS C 410 -42.50 4.98 22.64
CA CYS C 410 -43.00 3.71 23.13
C CYS C 410 -43.95 3.97 24.30
N GLN C 411 -44.93 3.07 24.44
CA GLN C 411 -45.93 3.15 25.49
C GLN C 411 -45.82 1.92 26.38
N LEU C 412 -46.03 2.11 27.69
CA LEU C 412 -45.94 1.04 28.65
C LEU C 412 -47.06 1.19 29.67
N TYR C 413 -47.69 0.07 30.02
CA TYR C 413 -48.71 0.00 31.05
C TYR C 413 -48.23 -0.98 32.11
N TYR C 414 -48.07 -0.52 33.34
CA TYR C 414 -47.58 -1.36 34.42
C TYR C 414 -48.46 -1.18 35.65
N SER C 415 -48.13 -1.91 36.71
CA SER C 415 -48.91 -1.89 37.93
C SER C 415 -47.98 -1.68 39.12
N LEU C 416 -48.52 -1.09 40.17
CA LEU C 416 -47.78 -0.81 41.40
C LEU C 416 -48.64 -1.19 42.59
N PRO C 417 -48.06 -1.86 43.59
CA PRO C 417 -48.82 -2.22 44.80
C PRO C 417 -49.47 -1.03 45.48
N ALA C 418 -50.80 -1.03 45.55
CA ALA C 418 -51.54 0.13 46.07
C ALA C 418 -51.38 0.29 47.57
N ILE C 419 -50.63 -0.59 48.23
CA ILE C 419 -50.44 -0.49 49.68
C ILE C 419 -49.68 0.78 50.05
N ASN C 420 -48.74 1.20 49.22
CA ASN C 420 -47.90 2.38 49.48
C ASN C 420 -47.96 3.36 48.32
N VAL C 421 -49.16 3.66 47.84
CA VAL C 421 -49.37 4.59 46.73
C VAL C 421 -50.13 5.80 47.25
N THR C 422 -49.56 6.98 47.08
CA THR C 422 -50.18 8.24 47.46
C THR C 422 -50.21 9.16 46.24
N ILE C 423 -51.41 9.47 45.77
CA ILE C 423 -51.58 10.28 44.58
C ILE C 423 -51.51 11.75 44.97
N ASN C 424 -50.61 12.50 44.33
CA ASN C 424 -50.46 13.92 44.57
C ASN C 424 -51.36 14.70 43.60
N ASN C 425 -52.32 15.43 44.13
CA ASN C 425 -53.27 16.19 43.34
C ASN C 425 -52.86 17.66 43.32
N TYR C 426 -52.87 18.27 42.15
CA TYR C 426 -52.50 19.66 41.99
C TYR C 426 -53.16 20.22 40.75
N ASN C 427 -53.36 21.53 40.74
CA ASN C 427 -53.98 22.21 39.61
C ASN C 427 -52.94 23.08 38.91
N PRO C 428 -52.47 22.72 37.72
CA PRO C 428 -51.49 23.53 36.99
C PRO C 428 -52.11 24.72 36.25
N SER C 429 -52.94 25.48 36.95
CA SER C 429 -53.62 26.64 36.40
C SER C 429 -53.20 27.87 37.17
N SER C 430 -52.72 28.89 36.46
CA SER C 430 -52.25 30.11 37.12
C SER C 430 -53.42 30.98 37.54
N TRP C 431 -54.34 31.25 36.62
CA TRP C 431 -55.45 32.16 36.92
C TRP C 431 -56.43 31.56 37.91
N ASN C 432 -56.61 30.23 37.89
CA ASN C 432 -57.48 29.60 38.88
C ASN C 432 -56.86 29.69 40.27
N ARG C 433 -55.57 29.40 40.39
CA ARG C 433 -54.90 29.47 41.69
C ARG C 433 -54.80 30.91 42.18
N ARG C 434 -54.79 31.87 41.25
CA ARG C 434 -54.64 33.28 41.64
C ARG C 434 -55.85 33.78 42.42
N TYR C 435 -57.04 33.37 42.01
CA TYR C 435 -58.27 33.90 42.59
C TYR C 435 -58.82 33.06 43.74
N GLY C 436 -58.02 32.17 44.31
CA GLY C 436 -58.42 31.49 45.53
C GLY C 436 -58.63 29.99 45.42
N PHE C 437 -57.89 29.32 44.54
CA PHE C 437 -57.97 27.87 44.45
C PHE C 437 -57.09 27.22 45.50
N ASN C 438 -57.47 26.02 45.91
CA ASN C 438 -56.76 25.31 46.96
C ASN C 438 -56.77 23.82 46.63
N ASN C 439 -56.36 23.00 47.59
CA ASN C 439 -56.30 21.56 47.36
C ASN C 439 -57.70 20.97 47.23
N PHE C 440 -57.81 19.90 46.45
CA PHE C 440 -59.10 19.24 46.26
C PHE C 440 -59.52 18.52 47.54
N ASN C 441 -58.69 17.60 48.02
CA ASN C 441 -58.95 16.84 49.24
C ASN C 441 -60.28 16.09 49.15
N LEU C 442 -60.35 15.18 48.18
CA LEU C 442 -61.55 14.38 47.95
C LEU C 442 -61.52 13.07 48.73
N SER C 443 -60.53 12.23 48.45
CA SER C 443 -60.37 10.94 49.11
C SER C 443 -59.00 10.38 48.70
N SER C 444 -58.61 9.30 49.36
CA SER C 444 -57.36 8.63 49.04
C SER C 444 -57.55 7.70 47.84
N HIS C 445 -56.46 7.49 47.11
CA HIS C 445 -56.45 6.64 45.92
C HIS C 445 -57.48 7.12 44.89
N SER C 446 -57.53 8.43 44.68
CA SER C 446 -58.46 9.05 43.74
C SER C 446 -57.68 9.90 42.75
N VAL C 447 -57.98 9.72 41.46
CA VAL C 447 -57.33 10.45 40.39
C VAL C 447 -58.38 11.33 39.71
N VAL C 448 -58.03 12.60 39.48
CA VAL C 448 -58.93 13.56 38.86
C VAL C 448 -58.44 13.83 37.44
N TYR C 449 -59.33 13.67 36.47
CA TYR C 449 -59.02 13.92 35.07
C TYR C 449 -59.86 15.08 34.57
N SER C 450 -59.23 15.99 33.84
CA SER C 450 -59.93 17.18 33.35
C SER C 450 -60.91 16.80 32.24
N ARG C 451 -62.11 17.38 32.30
CA ARG C 451 -63.14 17.14 31.31
C ARG C 451 -63.26 18.26 30.29
N TYR C 452 -63.08 19.51 30.72
CA TYR C 452 -63.10 20.66 29.81
C TYR C 452 -61.95 21.59 30.17
N CYS C 453 -61.31 22.15 29.14
CA CYS C 453 -60.17 23.03 29.30
C CYS C 453 -60.50 24.39 28.72
N PHE C 454 -60.22 25.45 29.49
CA PHE C 454 -60.46 26.82 29.07
C PHE C 454 -59.22 27.65 29.34
N SER C 455 -58.82 28.46 28.35
CA SER C 455 -57.65 29.30 28.45
C SER C 455 -58.05 30.77 28.39
N VAL C 456 -57.36 31.59 29.19
CA VAL C 456 -57.63 33.02 29.26
C VAL C 456 -56.31 33.77 29.18
N ASN C 457 -56.41 35.06 28.88
CA ASN C 457 -55.26 35.95 28.86
C ASN C 457 -55.16 36.68 30.20
N ASN C 458 -54.22 37.63 30.28
CA ASN C 458 -54.02 38.38 31.51
C ASN C 458 -54.91 39.62 31.56
N THR C 459 -56.22 39.40 31.34
CA THR C 459 -57.20 40.48 31.42
C THR C 459 -58.49 40.06 32.10
N PHE C 460 -58.64 38.79 32.48
CA PHE C 460 -59.89 38.30 33.05
C PHE C 460 -59.88 38.46 34.56
N CYS C 461 -61.05 38.82 35.11
CA CYS C 461 -61.20 38.99 36.54
C CYS C 461 -62.63 38.65 36.94
N PRO C 462 -62.85 37.63 37.77
CA PRO C 462 -64.20 37.24 38.21
C PRO C 462 -64.84 38.26 39.14
N CYS C 463 -64.91 39.51 38.69
CA CYS C 463 -65.48 40.60 39.46
C CYS C 463 -66.33 41.48 38.55
N ALA C 464 -67.38 42.05 39.13
CA ALA C 464 -68.24 42.98 38.42
C ALA C 464 -68.05 44.39 38.97
N LYS C 465 -68.37 45.38 38.14
CA LYS C 465 -68.24 46.76 38.58
C LYS C 465 -69.28 47.07 39.65
N PRO C 466 -68.88 47.59 40.82
CA PRO C 466 -69.86 47.88 41.87
C PRO C 466 -70.89 48.93 41.46
N SER C 467 -70.46 50.01 40.80
CA SER C 467 -71.40 51.04 40.38
C SER C 467 -72.35 50.50 39.31
N PHE C 468 -71.87 49.61 38.45
CA PHE C 468 -72.72 49.04 37.41
C PHE C 468 -73.67 47.99 38.00
N ALA C 469 -73.19 47.19 38.95
CA ALA C 469 -74.03 46.17 39.56
C ALA C 469 -75.05 46.77 40.52
N SER C 470 -74.79 47.96 41.06
CA SER C 470 -75.77 48.59 41.95
C SER C 470 -77.00 49.04 41.18
N SER C 471 -76.85 49.36 39.91
CA SER C 471 -77.97 49.80 39.07
C SER C 471 -78.61 48.61 38.36
N CYS C 472 -78.96 47.60 39.15
CA CYS C 472 -79.63 46.41 38.63
C CYS C 472 -80.70 46.02 39.65
N LYS C 473 -81.92 46.48 39.42
CA LYS C 473 -83.04 46.20 40.33
C LYS C 473 -83.63 44.81 40.12
N SER C 474 -83.18 44.08 39.11
CA SER C 474 -83.67 42.72 38.83
C SER C 474 -82.47 41.85 38.48
N HIS C 475 -82.23 40.82 39.29
CA HIS C 475 -81.12 39.89 39.09
C HIS C 475 -79.78 40.62 39.08
N LYS C 476 -79.48 41.26 40.20
CA LYS C 476 -78.23 42.00 40.33
C LYS C 476 -77.06 41.04 40.46
N PRO C 477 -76.05 41.14 39.59
CA PRO C 477 -74.91 40.23 39.69
C PRO C 477 -74.00 40.64 40.84
N PRO C 478 -73.27 39.69 41.42
CA PRO C 478 -72.36 40.03 42.51
C PRO C 478 -71.16 40.82 42.01
N SER C 479 -70.73 41.78 42.82
CA SER C 479 -69.63 42.67 42.47
C SER C 479 -68.62 42.72 43.61
N ALA C 480 -67.35 42.84 43.25
CA ALA C 480 -66.28 42.90 44.24
C ALA C 480 -65.08 43.60 43.62
N SER C 481 -64.04 43.80 44.43
CA SER C 481 -62.84 44.48 43.97
C SER C 481 -61.91 43.51 43.25
N CYS C 482 -61.30 44.00 42.18
CA CYS C 482 -60.35 43.26 41.36
C CYS C 482 -58.97 43.87 41.52
N PRO C 483 -57.92 43.03 41.50
CA PRO C 483 -56.56 43.56 41.62
C PRO C 483 -56.23 44.56 40.52
N ILE C 484 -55.09 45.23 40.68
CA ILE C 484 -54.72 46.36 39.85
C ILE C 484 -54.42 45.90 38.42
N GLY C 485 -55.35 46.15 37.51
CA GLY C 485 -55.14 45.88 36.10
C GLY C 485 -55.81 44.62 35.61
N THR C 486 -56.97 44.77 34.96
CA THR C 486 -57.73 43.66 34.38
C THR C 486 -58.85 44.26 33.52
N ASN C 487 -59.79 43.41 33.12
CA ASN C 487 -61.01 43.82 32.45
C ASN C 487 -62.19 43.26 33.21
N TYR C 488 -63.07 44.15 33.69
CA TYR C 488 -64.21 43.73 34.48
C TYR C 488 -65.20 42.94 33.63
N ARG C 489 -66.15 42.30 34.32
CA ARG C 489 -67.15 41.49 33.64
C ARG C 489 -68.04 42.36 32.76
N SER C 490 -68.28 41.90 31.55
CA SER C 490 -69.08 42.65 30.57
C SER C 490 -70.55 42.51 30.94
N CYS C 491 -71.07 43.50 31.66
CA CYS C 491 -72.48 43.54 32.04
C CYS C 491 -73.09 44.83 31.50
N GLU C 492 -74.21 44.72 30.81
CA GLU C 492 -74.88 45.86 30.19
C GLU C 492 -76.29 46.00 30.75
N SER C 493 -76.73 47.24 30.91
CA SER C 493 -78.05 47.54 31.44
C SER C 493 -79.04 47.76 30.29
N THR C 494 -80.06 46.90 30.22
CA THR C 494 -81.11 47.00 29.22
C THR C 494 -82.46 47.13 29.92
N THR C 495 -83.46 47.55 29.14
CA THR C 495 -84.82 47.75 29.63
C THR C 495 -85.74 46.82 28.85
N VAL C 496 -86.85 46.44 29.47
CA VAL C 496 -87.86 45.59 28.85
C VAL C 496 -89.18 46.34 28.85
N LEU C 497 -90.25 45.65 28.46
CA LEU C 497 -91.62 46.20 28.34
C LEU C 497 -91.93 47.03 29.60
N ASP C 498 -91.78 46.47 30.81
CA ASP C 498 -92.12 47.22 32.01
C ASP C 498 -90.90 47.54 32.87
N HIS C 499 -90.05 46.55 33.13
CA HIS C 499 -88.88 46.77 33.97
C HIS C 499 -87.81 47.53 33.19
N THR C 500 -87.34 48.65 33.76
CA THR C 500 -86.34 49.49 33.11
C THR C 500 -84.97 49.36 33.78
N ASP C 501 -84.71 48.27 34.51
CA ASP C 501 -83.45 48.09 35.21
C ASP C 501 -82.92 46.66 35.08
N TRP C 502 -83.08 46.06 33.90
CA TRP C 502 -82.57 44.71 33.67
C TRP C 502 -81.09 44.77 33.35
N CYS C 503 -80.35 43.72 33.72
CA CYS C 503 -78.91 43.66 33.51
C CYS C 503 -78.53 42.31 32.94
N ARG C 504 -77.71 42.31 31.90
CA ARG C 504 -77.25 41.09 31.24
C ARG C 504 -75.74 41.07 31.20
N CYS C 505 -75.16 40.01 31.74
CA CYS C 505 -73.71 39.82 31.78
C CYS C 505 -73.31 38.76 30.77
N SER C 506 -72.02 38.44 30.74
CA SER C 506 -71.48 37.47 29.81
C SER C 506 -71.25 36.14 30.51
N CYS C 507 -70.91 35.13 29.70
CA CYS C 507 -70.62 33.78 30.17
C CYS C 507 -71.82 33.20 30.94
N LEU C 508 -72.94 33.09 30.25
CA LEU C 508 -74.17 32.58 30.81
C LEU C 508 -74.71 31.45 29.94
N PRO C 509 -75.29 30.40 30.56
CA PRO C 509 -75.39 30.23 32.01
C PRO C 509 -74.11 29.70 32.63
N ASP C 510 -73.32 28.99 31.84
CA ASP C 510 -72.06 28.39 32.30
C ASP C 510 -71.13 28.28 31.11
N PRO C 511 -69.80 28.31 31.33
CA PRO C 511 -68.87 28.20 30.20
C PRO C 511 -68.93 26.86 29.49
N ILE C 512 -69.45 25.83 30.15
CA ILE C 512 -69.56 24.51 29.51
C ILE C 512 -70.68 24.51 28.49
N THR C 513 -71.81 25.14 28.82
CA THR C 513 -73.00 25.16 27.97
C THR C 513 -73.44 26.61 27.73
N ALA C 514 -72.49 27.45 27.36
CA ALA C 514 -72.80 28.84 27.07
C ALA C 514 -73.58 28.95 25.77
N TYR C 515 -74.65 29.76 25.79
CA TYR C 515 -75.46 29.93 24.58
C TYR C 515 -74.69 30.69 23.50
N ASP C 516 -73.96 31.72 23.88
CA ASP C 516 -73.17 32.52 22.95
C ASP C 516 -71.70 32.44 23.35
N PRO C 517 -70.92 31.51 22.77
CA PRO C 517 -69.50 31.43 23.14
C PRO C 517 -68.70 32.65 22.73
N ARG C 518 -69.13 33.37 21.69
CA ARG C 518 -68.38 34.54 21.24
C ARG C 518 -68.50 35.71 22.21
N SER C 519 -69.47 35.70 23.10
CA SER C 519 -69.68 36.78 24.05
C SER C 519 -68.97 36.55 25.38
N CYS C 520 -68.48 35.34 25.64
CA CYS C 520 -67.82 35.01 26.89
C CYS C 520 -66.32 35.20 26.76
N SER C 521 -65.66 35.59 27.85
CA SER C 521 -64.23 35.84 27.81
C SER C 521 -63.44 34.54 27.70
N GLN C 522 -63.66 33.61 28.63
CA GLN C 522 -62.94 32.35 28.60
C GLN C 522 -63.41 31.49 27.44
N LYS C 523 -62.47 30.96 26.67
CA LYS C 523 -62.77 30.15 25.49
C LYS C 523 -62.19 28.76 25.66
N LYS C 524 -62.91 27.76 25.17
CA LYS C 524 -62.43 26.38 25.25
C LYS C 524 -61.25 26.18 24.31
N SER C 525 -60.20 25.52 24.81
CA SER C 525 -59.00 25.24 24.04
C SER C 525 -58.56 23.81 24.29
N LEU C 526 -57.88 23.24 23.30
CA LEU C 526 -57.37 21.88 23.38
C LEU C 526 -55.86 21.92 23.56
N VAL C 527 -55.36 21.19 24.56
CA VAL C 527 -53.94 21.16 24.85
C VAL C 527 -53.24 20.29 23.81
N GLY C 528 -51.97 20.60 23.55
CA GLY C 528 -51.19 19.84 22.58
C GLY C 528 -50.22 18.88 23.22
N VAL C 529 -48.95 19.00 22.84
CA VAL C 529 -47.88 18.14 23.36
C VAL C 529 -46.84 19.02 24.01
N GLY C 530 -46.61 18.83 25.31
CA GLY C 530 -45.61 19.55 26.05
C GLY C 530 -46.14 20.44 27.15
N GLU C 531 -47.41 20.84 27.07
CA GLU C 531 -48.02 21.72 28.05
C GLU C 531 -49.14 20.98 28.80
N HIS C 532 -49.53 21.57 29.92
CA HIS C 532 -50.58 21.02 30.77
C HIS C 532 -51.90 21.72 30.50
N CYS C 533 -52.90 21.41 31.33
CA CYS C 533 -54.22 22.00 31.18
C CYS C 533 -54.18 23.48 31.56
N ALA C 534 -54.93 24.29 30.80
CA ALA C 534 -54.96 25.73 31.08
C ALA C 534 -55.74 26.03 32.36
N GLY C 535 -56.87 25.37 32.54
CA GLY C 535 -57.67 25.58 33.72
C GLY C 535 -59.09 25.10 33.53
N PHE C 536 -59.75 24.84 34.65
CA PHE C 536 -61.13 24.37 34.62
C PHE C 536 -62.09 25.52 34.34
N GLY C 537 -63.32 25.17 34.01
CA GLY C 537 -64.35 26.18 33.81
C GLY C 537 -64.80 26.78 35.13
N VAL C 538 -64.98 28.10 35.12
CA VAL C 538 -65.36 28.86 36.30
C VAL C 538 -66.71 29.52 36.04
N ASP C 539 -67.66 29.28 36.95
CA ASP C 539 -68.98 29.90 36.86
C ASP C 539 -68.94 31.28 37.48
N GLU C 540 -69.16 32.32 36.66
CA GLU C 540 -69.08 33.69 37.16
C GLU C 540 -70.22 34.03 38.10
N GLU C 541 -71.31 33.26 38.10
CA GLU C 541 -72.43 33.54 38.99
C GLU C 541 -72.11 33.23 40.45
N LYS C 542 -71.14 32.37 40.71
CA LYS C 542 -70.77 31.99 42.07
C LYS C 542 -69.48 32.65 42.54
N CYS C 543 -69.03 33.70 41.86
CA CYS C 543 -67.81 34.41 42.21
C CYS C 543 -68.17 35.80 42.73
N GLY C 544 -67.49 36.21 43.80
CA GLY C 544 -67.69 37.53 44.37
C GLY C 544 -68.73 37.54 45.47
N VAL C 545 -68.99 38.75 45.96
CA VAL C 545 -69.97 38.98 47.03
C VAL C 545 -71.02 39.97 46.51
N LEU C 546 -72.09 40.10 47.29
CA LEU C 546 -73.20 40.99 46.93
C LEU C 546 -72.96 42.35 47.56
N ASP C 547 -73.00 43.39 46.71
CA ASP C 547 -72.84 44.78 47.13
C ASP C 547 -71.53 45.00 47.87
N GLY C 548 -70.41 44.79 47.18
CA GLY C 548 -69.11 45.02 47.76
C GLY C 548 -68.59 46.38 47.41
N SER C 549 -68.17 47.12 48.44
CA SER C 549 -67.68 48.49 48.28
C SER C 549 -66.17 48.51 48.05
N TYR C 550 -65.72 47.72 47.06
CA TYR C 550 -64.31 47.67 46.68
C TYR C 550 -63.42 47.31 47.87
N ASN C 551 -63.80 46.27 48.61
CA ASN C 551 -63.05 45.84 49.77
C ASN C 551 -62.95 44.31 49.86
N VAL C 552 -63.13 43.62 48.74
CA VAL C 552 -63.06 42.15 48.72
C VAL C 552 -62.59 41.68 47.36
N SER C 553 -61.65 40.75 47.34
CA SER C 553 -61.11 40.23 46.09
C SER C 553 -62.13 39.28 45.45
N CYS C 554 -61.82 38.87 44.22
CA CYS C 554 -62.70 38.00 43.43
C CYS C 554 -62.40 36.56 43.79
N LEU C 555 -63.16 36.02 44.75
CA LEU C 555 -62.99 34.64 45.20
C LEU C 555 -64.22 33.83 44.83
N CYS C 556 -64.00 32.70 44.16
CA CYS C 556 -65.06 31.80 43.76
C CYS C 556 -65.11 30.61 44.72
N SER C 557 -66.31 30.06 44.90
CA SER C 557 -66.47 28.90 45.76
C SER C 557 -65.88 27.66 45.10
N THR C 558 -65.73 26.60 45.91
CA THR C 558 -65.20 25.35 45.39
C THR C 558 -66.15 24.70 44.41
N ASP C 559 -67.46 24.94 44.56
CA ASP C 559 -68.44 24.38 43.64
C ASP C 559 -68.51 25.13 42.31
N ALA C 560 -67.90 26.31 42.22
CA ALA C 560 -67.93 27.09 40.99
C ALA C 560 -67.00 26.55 39.92
N PHE C 561 -66.11 25.62 40.25
CA PHE C 561 -65.18 25.04 39.29
C PHE C 561 -65.78 23.77 38.70
N LEU C 562 -65.99 23.77 37.39
CA LEU C 562 -66.58 22.64 36.70
C LEU C 562 -65.69 22.25 35.52
N GLY C 563 -65.92 21.04 35.01
CA GLY C 563 -65.15 20.53 33.89
C GLY C 563 -64.08 19.56 34.31
N TRP C 564 -64.39 18.69 35.26
CA TRP C 564 -63.44 17.71 35.76
C TRP C 564 -64.20 16.62 36.50
N SER C 565 -63.64 15.41 36.51
CA SER C 565 -64.25 14.27 37.16
C SER C 565 -63.18 13.42 37.84
N TYR C 566 -63.54 12.88 39.00
CA TYR C 566 -62.65 12.03 39.78
C TYR C 566 -63.05 10.57 39.60
N ASP C 567 -62.08 9.70 39.87
CA ASP C 567 -62.29 8.26 39.71
C ASP C 567 -61.34 7.53 40.64
N THR C 568 -61.63 6.26 40.87
CA THR C 568 -60.77 5.42 41.70
C THR C 568 -59.59 4.91 40.88
N CYS C 569 -58.61 4.33 41.58
CA CYS C 569 -57.44 3.78 40.90
C CYS C 569 -57.00 2.43 41.48
N VAL C 570 -57.83 1.79 42.29
CA VAL C 570 -57.51 0.51 42.91
C VAL C 570 -58.05 -0.61 42.03
N SER C 571 -57.19 -1.55 41.66
CA SER C 571 -57.58 -2.69 40.85
C SER C 571 -56.73 -3.88 41.26
N ASN C 572 -57.36 -4.88 41.86
CA ASN C 572 -56.68 -6.07 42.37
C ASN C 572 -55.57 -5.68 43.35
N ASN C 573 -55.89 -4.76 44.26
CA ASN C 573 -54.96 -4.26 45.28
C ASN C 573 -53.72 -3.64 44.63
N ARG C 574 -53.89 -3.07 43.44
CA ARG C 574 -52.80 -2.42 42.73
C ARG C 574 -53.36 -1.26 41.93
N CYS C 575 -52.46 -0.36 41.54
CA CYS C 575 -52.79 0.80 40.72
C CYS C 575 -52.10 0.68 39.37
N ASN C 576 -52.83 0.94 38.30
CA ASN C 576 -52.29 0.87 36.94
C ASN C 576 -51.74 2.23 36.54
N ILE C 577 -50.52 2.24 36.02
CA ILE C 577 -49.84 3.47 35.63
C ILE C 577 -49.38 3.33 34.17
N PHE C 578 -49.49 4.43 33.44
CA PHE C 578 -49.05 4.50 32.05
C PHE C 578 -47.80 5.36 31.96
N SER C 579 -46.89 4.97 31.08
CA SER C 579 -45.63 5.67 30.87
C SER C 579 -45.34 5.76 29.37
N ASN C 580 -44.71 6.86 28.98
CA ASN C 580 -44.35 7.13 27.59
C ASN C 580 -42.88 7.46 27.50
N PHE C 581 -42.18 6.79 26.59
CA PHE C 581 -40.74 6.99 26.36
C PHE C 581 -40.54 7.60 24.98
N ILE C 582 -40.00 8.81 24.94
CA ILE C 582 -39.66 9.49 23.70
C ILE C 582 -38.15 9.39 23.51
N LEU C 583 -37.73 8.72 22.44
CA LEU C 583 -36.32 8.48 22.17
C LEU C 583 -35.84 9.51 21.15
N ASN C 584 -35.15 10.55 21.63
CA ASN C 584 -34.64 11.59 20.74
C ASN C 584 -33.45 11.05 19.98
N GLY C 585 -33.64 10.76 18.68
CA GLY C 585 -32.57 10.22 17.87
C GLY C 585 -32.50 8.71 17.94
N ILE C 586 -32.22 8.07 16.80
CA ILE C 586 -32.15 6.62 16.71
C ILE C 586 -30.77 6.23 16.20
N ASN C 587 -30.14 5.25 16.87
CA ASN C 587 -28.83 4.74 16.48
C ASN C 587 -27.77 5.83 16.48
N SER C 588 -27.90 6.81 17.37
CA SER C 588 -26.94 7.90 17.47
C SER C 588 -26.95 8.40 18.92
N GLY C 589 -25.87 8.13 19.64
CA GLY C 589 -25.76 8.56 21.01
C GLY C 589 -24.70 7.78 21.76
N THR C 590 -24.50 8.17 23.02
CA THR C 590 -23.53 7.53 23.89
C THR C 590 -24.19 6.62 24.92
N THR C 591 -25.37 7.00 25.42
CA THR C 591 -26.10 6.18 26.39
C THR C 591 -26.70 4.98 25.67
N CYS C 592 -25.98 3.87 25.67
CA CYS C 592 -26.40 2.65 25.00
C CYS C 592 -27.12 1.73 25.97
N SER C 593 -27.42 0.52 25.50
CA SER C 593 -28.09 -0.51 26.29
C SER C 593 -27.14 -1.68 26.49
N ASN C 594 -27.04 -2.16 27.73
CA ASN C 594 -26.16 -3.28 28.04
C ASN C 594 -26.92 -4.59 27.87
N ASP C 595 -26.31 -5.69 28.32
CA ASP C 595 -26.89 -7.03 28.24
C ASP C 595 -27.24 -7.41 26.81
N LEU C 596 -26.45 -6.94 25.84
CA LEU C 596 -26.68 -7.27 24.44
C LEU C 596 -25.84 -8.48 24.01
N LEU C 597 -24.52 -8.37 24.13
CA LEU C 597 -23.65 -9.49 23.80
C LEU C 597 -22.41 -9.60 24.67
N GLN C 598 -22.26 -8.77 25.71
CA GLN C 598 -21.06 -8.77 26.55
C GLN C 598 -21.48 -8.87 28.02
N PRO C 599 -21.88 -10.05 28.47
CA PRO C 599 -22.26 -10.21 29.87
C PRO C 599 -21.04 -10.45 30.75
N ASN C 600 -21.24 -10.33 32.06
CA ASN C 600 -20.22 -10.59 33.05
C ASN C 600 -20.40 -11.99 33.62
N THR C 601 -19.35 -12.81 33.54
CA THR C 601 -19.40 -14.19 33.98
C THR C 601 -18.60 -14.36 35.28
N GLU C 602 -18.73 -15.55 35.87
CA GLU C 602 -18.01 -15.86 37.10
C GLU C 602 -16.58 -16.29 36.79
N VAL C 603 -15.78 -16.36 37.84
CA VAL C 603 -14.38 -16.75 37.72
C VAL C 603 -14.25 -18.23 38.07
N PHE C 604 -13.42 -18.94 37.31
CA PHE C 604 -13.15 -20.35 37.54
C PHE C 604 -11.75 -20.52 38.11
N THR C 605 -11.53 -21.64 38.78
CA THR C 605 -10.26 -21.92 39.43
C THR C 605 -9.80 -23.34 39.10
N ASP C 606 -8.50 -23.57 39.29
CA ASP C 606 -7.86 -24.87 39.10
C ASP C 606 -7.90 -25.35 37.65
N VAL C 607 -8.29 -24.48 36.72
CA VAL C 607 -8.30 -24.79 35.29
C VAL C 607 -7.90 -23.55 34.53
N CYS C 608 -6.95 -23.69 33.60
CA CYS C 608 -6.50 -22.54 32.83
C CYS C 608 -7.50 -22.23 31.71
N VAL C 609 -7.92 -20.96 31.65
CA VAL C 609 -8.91 -20.52 30.68
C VAL C 609 -8.37 -19.28 29.99
N ASP C 610 -9.11 -18.84 28.97
CA ASP C 610 -8.79 -17.62 28.23
C ASP C 610 -9.55 -16.45 28.85
N TYR C 611 -8.82 -15.45 29.31
CA TYR C 611 -9.40 -14.31 30.00
C TYR C 611 -9.11 -13.02 29.23
N ASP C 612 -10.05 -12.08 29.32
CA ASP C 612 -9.88 -10.74 28.76
C ASP C 612 -10.14 -9.74 29.89
N LEU C 613 -9.06 -9.28 30.52
CA LEU C 613 -9.14 -8.43 31.71
C LEU C 613 -8.65 -7.04 31.34
N TYR C 614 -9.60 -6.13 31.06
CA TYR C 614 -9.30 -4.73 30.77
C TYR C 614 -8.39 -4.58 29.56
N GLY C 615 -8.48 -5.50 28.59
CA GLY C 615 -7.65 -5.42 27.41
C GLY C 615 -6.35 -6.19 27.52
N ILE C 616 -6.44 -7.47 27.89
CA ILE C 616 -5.27 -8.31 28.03
C ILE C 616 -5.32 -9.46 27.03
N THR C 617 -6.41 -10.22 27.06
CA THR C 617 -6.63 -11.37 26.19
C THR C 617 -5.48 -12.39 26.32
N GLY C 618 -5.36 -12.92 27.54
CA GLY C 618 -4.36 -13.92 27.83
C GLY C 618 -4.96 -15.25 28.22
N GLN C 619 -4.12 -16.20 28.63
CA GLN C 619 -4.58 -17.52 29.05
C GLN C 619 -3.82 -17.95 30.28
N GLY C 620 -4.52 -18.62 31.19
CA GLY C 620 -3.86 -19.11 32.39
C GLY C 620 -4.84 -19.57 33.44
N ILE C 621 -4.28 -20.11 34.53
CA ILE C 621 -5.05 -20.62 35.65
C ILE C 621 -5.27 -19.50 36.66
N PHE C 622 -6.22 -19.70 37.58
CA PHE C 622 -6.48 -18.74 38.65
C PHE C 622 -6.48 -19.47 39.99
N LYS C 623 -6.07 -18.75 41.02
CA LYS C 623 -6.06 -19.26 42.39
C LYS C 623 -6.84 -18.30 43.28
N GLU C 624 -6.79 -18.52 44.58
CA GLU C 624 -7.54 -17.73 45.55
C GLU C 624 -6.66 -17.38 46.75
N VAL C 625 -5.46 -16.86 46.48
CA VAL C 625 -4.57 -16.45 47.55
C VAL C 625 -4.97 -15.07 48.04
N SER C 626 -5.13 -14.94 49.36
CA SER C 626 -5.60 -13.71 49.98
C SER C 626 -4.41 -12.84 50.36
N ALA C 627 -4.37 -11.61 49.84
CA ALA C 627 -3.33 -10.65 50.16
C ALA C 627 -3.87 -9.25 49.92
N VAL C 628 -3.47 -8.31 50.78
CA VAL C 628 -3.99 -6.95 50.75
C VAL C 628 -2.82 -6.03 50.42
N TYR C 629 -2.72 -5.66 49.13
CA TYR C 629 -1.77 -4.65 48.71
C TYR C 629 -2.33 -3.74 47.63
N TYR C 630 -3.60 -3.89 47.27
CA TYR C 630 -4.21 -3.06 46.24
C TYR C 630 -4.73 -1.76 46.83
N ASN C 631 -4.97 -0.78 45.96
CA ASN C 631 -5.56 0.49 46.34
C ASN C 631 -6.92 0.65 45.64
N SER C 632 -7.52 1.83 45.81
CA SER C 632 -8.84 2.07 45.22
C SER C 632 -8.76 2.17 43.70
N TRP C 633 -7.59 2.53 43.18
CA TRP C 633 -7.42 2.72 41.74
C TRP C 633 -6.58 1.62 41.09
N GLN C 634 -6.09 0.66 41.87
CA GLN C 634 -5.23 -0.39 41.35
C GLN C 634 -6.02 -1.68 41.20
N ASN C 635 -5.94 -2.29 40.00
CA ASN C 635 -6.67 -3.51 39.72
C ASN C 635 -5.81 -4.67 39.25
N LEU C 636 -4.57 -4.46 38.83
CA LEU C 636 -3.72 -5.52 38.32
C LEU C 636 -2.35 -5.47 38.98
N LEU C 637 -1.62 -6.57 38.88
CA LEU C 637 -0.28 -6.69 39.44
C LEU C 637 0.65 -7.26 38.37
N TYR C 638 1.70 -6.52 38.04
CA TYR C 638 2.67 -6.94 37.04
C TYR C 638 4.02 -7.19 37.71
N ASP C 639 4.91 -7.84 36.96
CA ASP C 639 6.24 -8.17 37.43
C ASP C 639 7.23 -7.09 36.95
N SER C 640 8.52 -7.36 37.11
CA SER C 640 9.59 -6.44 36.71
C SER C 640 9.95 -6.58 35.24
N ASN C 641 9.14 -7.29 34.45
CA ASN C 641 9.44 -7.50 33.04
C ASN C 641 8.27 -7.06 32.16
N GLY C 642 7.05 -7.25 32.64
CA GLY C 642 5.88 -6.89 31.88
C GLY C 642 4.84 -7.99 31.82
N ASN C 643 5.01 -9.02 32.62
CA ASN C 643 4.08 -10.13 32.70
C ASN C 643 2.93 -9.78 33.65
N ILE C 644 2.00 -10.71 33.80
CA ILE C 644 0.80 -10.53 34.62
C ILE C 644 0.76 -11.63 35.67
N ILE C 645 0.77 -11.24 36.93
CA ILE C 645 0.77 -12.20 38.03
C ILE C 645 -0.47 -12.01 38.90
N GLY C 646 -1.01 -10.80 38.93
CA GLY C 646 -2.12 -10.49 39.82
C GLY C 646 -3.44 -10.24 39.13
N PHE C 647 -4.48 -10.02 39.95
CA PHE C 647 -5.84 -9.74 39.49
C PHE C 647 -6.67 -9.37 40.71
N LYS C 648 -7.71 -8.56 40.47
CA LYS C 648 -8.64 -8.19 41.53
C LYS C 648 -10.02 -8.02 40.92
N ASP C 649 -10.98 -8.81 41.40
CA ASP C 649 -12.36 -8.73 40.91
C ASP C 649 -13.07 -7.59 41.62
N PHE C 650 -13.54 -6.61 40.86
CA PHE C 650 -14.17 -5.43 41.46
C PHE C 650 -15.59 -5.68 41.91
N VAL C 651 -16.15 -6.87 41.61
CA VAL C 651 -17.51 -7.18 42.06
C VAL C 651 -17.53 -8.04 43.31
N THR C 652 -16.41 -8.68 43.66
CA THR C 652 -16.35 -9.54 44.83
C THR C 652 -15.22 -9.18 45.79
N ASN C 653 -14.30 -8.30 45.40
CA ASN C 653 -13.17 -7.88 46.23
C ASN C 653 -12.34 -9.09 46.66
N LYS C 654 -11.79 -9.76 45.65
CA LYS C 654 -10.95 -10.94 45.86
C LYS C 654 -9.70 -10.83 45.00
N THR C 655 -8.56 -11.22 45.59
CA THR C 655 -7.27 -11.17 44.91
C THR C 655 -6.91 -12.56 44.40
N TYR C 656 -6.62 -12.66 43.10
CA TYR C 656 -6.28 -13.92 42.47
C TYR C 656 -4.88 -13.83 41.86
N ASN C 657 -4.36 -14.99 41.46
CA ASN C 657 -3.08 -15.08 40.78
C ASN C 657 -3.26 -15.77 39.43
N ILE C 658 -2.25 -15.63 38.57
CA ILE C 658 -2.29 -16.16 37.22
C ILE C 658 -1.05 -17.00 36.99
N PHE C 659 -1.25 -18.24 36.55
CA PHE C 659 -0.19 -19.15 36.18
C PHE C 659 -0.50 -19.81 34.84
N PRO C 660 0.51 -20.06 34.01
CA PRO C 660 0.25 -20.77 32.75
C PRO C 660 0.26 -22.28 32.97
N CYS C 661 -0.62 -22.97 32.23
CA CYS C 661 -0.70 -24.41 32.36
C CYS C 661 0.38 -25.10 31.53
N TYR C 662 0.44 -26.42 31.65
CA TYR C 662 1.54 -27.19 31.09
C TYR C 662 1.52 -27.16 29.56
N ALA C 663 2.66 -26.83 28.98
CA ALA C 663 2.86 -26.86 27.53
C ALA C 663 4.23 -27.44 27.21
N GLY C 664 4.59 -28.52 27.91
CA GLY C 664 5.91 -29.11 27.79
C GLY C 664 6.05 -30.02 26.60
N ARG C 665 6.92 -31.02 26.76
CA ARG C 665 7.29 -31.94 25.69
C ARG C 665 7.43 -33.35 26.27
N VAL C 666 7.53 -34.34 25.39
CA VAL C 666 7.62 -35.74 25.78
C VAL C 666 8.88 -36.33 25.17
N SER C 667 9.53 -37.23 25.90
CA SER C 667 10.73 -37.92 25.43
C SER C 667 10.34 -39.34 25.04
N ALA C 668 10.75 -39.76 23.85
CA ALA C 668 10.41 -41.09 23.34
C ALA C 668 11.68 -41.86 22.98
N ALA C 669 11.86 -43.00 23.65
CA ALA C 669 12.97 -43.90 23.36
C ALA C 669 12.47 -45.06 22.51
N PHE C 670 13.19 -45.35 21.43
CA PHE C 670 12.78 -46.37 20.48
C PHE C 670 13.99 -47.22 20.08
N HIS C 671 13.77 -48.53 20.01
CA HIS C 671 14.78 -49.47 19.54
C HIS C 671 14.29 -50.09 18.24
N GLN C 672 15.18 -50.23 17.26
CA GLN C 672 14.79 -50.71 15.93
C GLN C 672 14.31 -52.15 15.93
N ASN C 673 14.56 -52.91 16.99
CA ASN C 673 14.10 -54.29 17.07
C ASN C 673 12.70 -54.42 17.65
N ALA C 674 12.23 -53.40 18.38
CA ALA C 674 10.93 -53.47 19.04
C ALA C 674 9.86 -52.89 18.13
N SER C 675 8.66 -52.72 18.65
CA SER C 675 7.53 -52.15 17.93
C SER C 675 6.89 -50.97 18.66
N SER C 676 6.86 -51.00 19.99
CA SER C 676 6.28 -49.92 20.77
C SER C 676 7.35 -48.89 21.12
N LEU C 677 7.01 -47.95 22.00
CA LEU C 677 7.92 -46.90 22.42
C LEU C 677 8.00 -46.87 23.94
N ALA C 678 9.06 -46.25 24.44
CA ALA C 678 9.23 -46.00 25.87
C ALA C 678 9.06 -44.51 26.11
N LEU C 679 8.01 -44.13 26.84
CA LEU C 679 7.66 -42.72 27.01
C LEU C 679 8.19 -42.20 28.33
N LEU C 680 8.60 -40.92 28.33
CA LEU C 680 9.08 -40.26 29.53
C LEU C 680 8.54 -38.83 29.55
N TYR C 681 7.74 -38.52 30.58
CA TYR C 681 7.28 -37.16 30.85
C TYR C 681 8.17 -36.61 31.95
N ARG C 682 9.01 -35.65 31.59
CA ARG C 682 10.01 -35.14 32.53
C ARG C 682 9.37 -34.17 33.52
N ASN C 683 9.75 -34.29 34.79
CA ASN C 683 9.34 -33.39 35.85
C ASN C 683 7.82 -33.33 35.97
N LEU C 684 7.20 -34.51 35.93
CA LEU C 684 5.74 -34.61 36.03
C LEU C 684 5.38 -35.87 36.80
N LYS C 685 4.46 -35.73 37.76
CA LYS C 685 3.93 -36.90 38.43
C LYS C 685 2.98 -37.65 37.50
N CYS C 686 2.88 -38.96 37.70
CA CYS C 686 2.05 -39.78 36.82
C CYS C 686 0.56 -39.44 36.96
N SER C 687 0.15 -38.96 38.14
CA SER C 687 -1.25 -38.59 38.34
C SER C 687 -1.61 -37.38 37.49
N TYR C 688 -0.71 -36.39 37.42
CA TYR C 688 -0.97 -35.20 36.61
C TYR C 688 -1.05 -35.56 35.13
N VAL C 689 -0.33 -36.60 34.71
CA VAL C 689 -0.36 -37.00 33.31
C VAL C 689 -1.63 -37.79 33.01
N LEU C 690 -2.01 -38.70 33.92
CA LEU C 690 -3.17 -39.54 33.66
C LEU C 690 -4.48 -38.78 33.85
N ASN C 691 -4.48 -37.72 34.64
CA ASN C 691 -5.71 -36.99 34.93
C ASN C 691 -5.89 -35.74 34.06
N ASN C 692 -4.81 -35.14 33.57
CA ASN C 692 -4.90 -33.89 32.82
C ASN C 692 -4.37 -34.02 31.40
N ILE C 693 -3.24 -34.69 31.20
CA ILE C 693 -2.63 -34.74 29.88
C ILE C 693 -3.39 -35.70 28.97
N SER C 694 -3.44 -36.98 29.33
CA SER C 694 -4.09 -37.99 28.51
C SER C 694 -4.47 -39.17 29.40
N LEU C 695 -4.90 -40.26 28.76
CA LEU C 695 -5.29 -41.46 29.48
C LEU C 695 -4.94 -42.66 28.60
N THR C 696 -3.97 -43.45 29.03
CA THR C 696 -3.50 -44.61 28.30
C THR C 696 -3.71 -45.87 29.14
N THR C 697 -3.57 -47.02 28.49
CA THR C 697 -3.73 -48.32 29.12
C THR C 697 -2.41 -49.09 29.16
N GLN C 698 -1.31 -48.36 29.36
CA GLN C 698 0.02 -48.95 29.41
C GLN C 698 0.59 -48.87 30.82
N PRO C 699 1.49 -49.79 31.20
CA PRO C 699 2.11 -49.70 32.52
C PRO C 699 2.92 -48.42 32.67
N TYR C 700 2.98 -47.94 33.92
CA TYR C 700 3.63 -46.67 34.20
C TYR C 700 4.21 -46.71 35.61
N PHE C 701 5.23 -45.89 35.83
CA PHE C 701 5.79 -45.72 37.16
C PHE C 701 6.44 -44.35 37.26
N ASP C 702 6.87 -44.01 38.47
CA ASP C 702 7.49 -42.72 38.75
C ASP C 702 8.99 -42.92 38.97
N SER C 703 9.78 -42.08 38.31
CA SER C 703 11.24 -42.15 38.39
C SER C 703 11.79 -40.82 38.90
N TYR C 704 13.12 -40.74 38.99
CA TYR C 704 13.76 -39.51 39.45
C TYR C 704 13.63 -38.40 38.41
N LEU C 705 13.54 -38.76 37.14
CA LEU C 705 13.41 -37.76 36.08
C LEU C 705 11.97 -37.38 35.79
N GLY C 706 11.04 -38.30 36.01
CA GLY C 706 9.63 -38.01 35.74
C GLY C 706 8.80 -39.27 35.79
N CYS C 707 7.76 -39.29 34.94
CA CYS C 707 6.90 -40.46 34.82
C CYS C 707 7.28 -41.25 33.58
N VAL C 708 7.47 -42.55 33.74
CA VAL C 708 7.91 -43.44 32.67
C VAL C 708 6.77 -44.37 32.31
N PHE C 709 6.49 -44.47 31.01
CA PHE C 709 5.45 -45.32 30.45
C PHE C 709 6.08 -46.39 29.56
N ASN C 710 5.54 -47.61 29.68
CA ASN C 710 5.99 -48.77 28.91
C ASN C 710 7.42 -49.16 29.26
N ALA C 711 7.67 -49.33 30.56
CA ALA C 711 8.97 -49.76 31.06
C ALA C 711 8.81 -50.19 32.51
N ASP C 712 9.52 -51.24 32.90
CA ASP C 712 9.46 -51.73 34.26
C ASP C 712 10.59 -51.13 35.09
N ASN C 713 10.44 -51.21 36.41
CA ASN C 713 11.35 -50.60 37.37
C ASN C 713 12.40 -51.63 37.79
N LEU C 714 13.57 -51.56 37.15
CA LEU C 714 14.68 -52.45 37.48
C LEU C 714 15.95 -51.66 37.72
N THR C 715 15.88 -50.62 38.54
CA THR C 715 17.01 -49.73 38.82
C THR C 715 18.13 -50.40 39.61
N ASP C 716 18.04 -51.68 39.96
CA ASP C 716 19.10 -52.38 40.67
C ASP C 716 20.04 -53.14 39.74
N TYR C 717 19.84 -53.03 38.43
CA TYR C 717 20.68 -53.71 37.45
C TYR C 717 21.47 -52.66 36.67
N SER C 718 22.78 -52.87 36.57
CA SER C 718 23.66 -51.94 35.89
C SER C 718 24.06 -52.48 34.52
N VAL C 719 24.23 -51.57 33.56
CA VAL C 719 24.63 -51.90 32.21
C VAL C 719 25.82 -51.04 31.83
N SER C 720 26.84 -51.66 31.22
CA SER C 720 28.06 -50.94 30.87
C SER C 720 27.90 -50.16 29.56
N SER C 721 27.29 -50.78 28.55
CA SER C 721 27.13 -50.17 27.24
C SER C 721 25.64 -49.91 27.00
N CYS C 722 25.29 -48.64 26.83
CA CYS C 722 23.91 -48.22 26.62
C CYS C 722 23.81 -47.31 25.42
N ALA C 723 22.72 -47.47 24.66
CA ALA C 723 22.44 -46.64 23.50
C ALA C 723 21.27 -45.69 23.70
N LEU C 724 20.51 -45.84 24.77
CA LEU C 724 19.37 -44.98 25.08
C LEU C 724 19.66 -44.30 26.41
N ARG C 725 20.35 -43.16 26.36
CA ARG C 725 20.72 -42.41 27.54
C ARG C 725 19.64 -41.37 27.84
N MET C 726 19.13 -41.40 29.07
CA MET C 726 18.08 -40.47 29.48
C MET C 726 18.60 -39.34 30.37
N GLY C 727 19.61 -39.60 31.19
CA GLY C 727 20.17 -38.57 32.04
C GLY C 727 20.23 -38.98 33.51
N SER C 728 21.11 -38.32 34.27
CA SER C 728 21.28 -38.57 35.69
C SER C 728 21.62 -40.03 35.98
N GLY C 729 22.41 -40.63 35.09
CA GLY C 729 22.85 -42.00 35.27
C GLY C 729 21.78 -43.05 35.10
N PHE C 730 20.89 -42.86 34.13
CA PHE C 730 19.83 -43.83 33.83
C PHE C 730 19.85 -44.17 32.35
N CYS C 731 19.28 -45.33 32.03
CA CYS C 731 19.30 -45.84 30.67
C CYS C 731 18.10 -46.74 30.45
N VAL C 732 17.77 -46.95 29.18
CA VAL C 732 16.67 -47.80 28.77
C VAL C 732 17.23 -48.94 27.92
N ASP C 733 17.06 -50.17 28.39
CA ASP C 733 17.55 -51.35 27.70
C ASP C 733 16.39 -52.12 27.09
N TYR C 734 16.69 -52.93 26.08
CA TYR C 734 15.69 -53.75 25.41
C TYR C 734 16.16 -55.19 25.37
N ASN C 735 15.24 -56.12 25.64
CA ASN C 735 15.56 -57.53 25.64
C ASN C 735 14.52 -58.32 24.84
N SER C 752 9.21 -54.63 26.46
CA SER C 752 10.35 -55.32 27.05
C SER C 752 11.43 -54.33 27.48
N TYR C 753 11.07 -53.05 27.49
CA TYR C 753 12.01 -52.00 27.90
C TYR C 753 12.23 -52.06 29.40
N ARG C 754 13.48 -51.91 29.81
CA ARG C 754 13.86 -51.90 31.22
C ARG C 754 14.58 -50.59 31.54
N PHE C 755 14.22 -50.01 32.69
CA PHE C 755 14.79 -48.76 33.17
C PHE C 755 15.91 -49.10 34.14
N VAL C 756 17.16 -49.03 33.66
CA VAL C 756 18.31 -49.48 34.45
C VAL C 756 19.26 -48.31 34.69
N THR C 757 20.34 -48.58 35.42
CA THR C 757 21.35 -47.58 35.72
C THR C 757 22.48 -47.65 34.70
N PHE C 758 23.34 -46.64 34.72
CA PHE C 758 24.46 -46.52 33.80
C PHE C 758 25.75 -46.45 34.60
N GLU C 759 26.55 -47.52 34.56
CA GLU C 759 27.84 -47.59 35.22
C GLU C 759 28.88 -48.03 34.20
N PRO C 760 29.45 -47.10 33.45
CA PRO C 760 30.41 -47.50 32.40
C PRO C 760 31.78 -47.88 32.91
N PHE C 761 32.20 -47.37 34.07
CA PHE C 761 33.53 -47.61 34.59
C PHE C 761 33.45 -48.08 36.03
N ASN C 762 34.25 -49.10 36.36
CA ASN C 762 34.34 -49.61 37.73
C ASN C 762 35.80 -49.92 38.04
N VAL C 763 36.13 -49.91 39.32
CA VAL C 763 37.49 -50.12 39.79
C VAL C 763 37.73 -51.62 39.96
N SER C 764 38.91 -52.06 39.55
CA SER C 764 39.29 -53.47 39.73
C SER C 764 39.65 -53.72 41.18
N PHE C 765 39.00 -54.72 41.78
CA PHE C 765 39.21 -55.07 43.17
C PHE C 765 40.18 -56.24 43.29
N VAL C 766 41.01 -56.21 44.33
CA VAL C 766 41.97 -57.26 44.60
C VAL C 766 41.80 -57.72 46.04
N ASN C 767 42.05 -59.00 46.27
CA ASN C 767 41.88 -59.62 47.58
C ASN C 767 43.24 -59.65 48.30
N ASP C 768 43.64 -58.49 48.80
CA ASP C 768 44.89 -58.36 49.53
C ASP C 768 44.66 -57.49 50.76
N SER C 769 45.56 -57.63 51.73
CA SER C 769 45.45 -56.87 52.96
C SER C 769 46.00 -55.46 52.77
N ILE C 770 45.63 -54.57 53.70
CA ILE C 770 46.08 -53.18 53.67
C ILE C 770 47.03 -52.85 54.81
N GLU C 771 47.17 -53.72 55.80
CA GLU C 771 48.07 -53.48 56.91
C GLU C 771 49.47 -54.00 56.60
N SER C 772 50.42 -53.62 57.44
CA SER C 772 51.82 -54.01 57.28
C SER C 772 52.22 -54.86 58.49
N VAL C 773 52.45 -56.15 58.24
CA VAL C 773 52.90 -57.08 59.28
C VAL C 773 54.41 -57.24 59.17
N GLY C 774 55.13 -56.86 60.22
CA GLY C 774 56.57 -56.92 60.21
C GLY C 774 57.24 -55.95 59.25
N GLY C 775 56.51 -54.94 58.79
CA GLY C 775 57.06 -53.99 57.85
C GLY C 775 57.02 -54.42 56.40
N LEU C 776 56.17 -55.38 56.05
CA LEU C 776 56.04 -55.87 54.70
C LEU C 776 54.62 -55.72 54.21
N TYR C 777 54.46 -55.50 52.91
CA TYR C 777 53.15 -55.34 52.28
C TYR C 777 52.94 -56.46 51.26
N GLU C 778 51.69 -56.71 50.90
CA GLU C 778 51.33 -57.74 49.93
C GLU C 778 51.06 -57.06 48.60
N ILE C 779 51.85 -57.41 47.58
CA ILE C 779 51.77 -56.79 46.27
C ILE C 779 51.80 -57.87 45.20
N LYS C 780 50.98 -57.71 44.17
CA LYS C 780 50.97 -58.62 43.03
C LYS C 780 51.94 -58.11 41.96
N ILE C 781 52.88 -58.95 41.57
CA ILE C 781 53.88 -58.63 40.56
C ILE C 781 53.59 -59.50 39.34
N PRO C 782 53.65 -58.96 38.12
CA PRO C 782 53.41 -59.79 36.94
C PRO C 782 54.52 -60.81 36.72
N THR C 783 54.15 -61.92 36.07
CA THR C 783 55.09 -62.96 35.71
C THR C 783 55.09 -63.27 34.23
N ASN C 784 54.13 -62.75 33.47
CA ASN C 784 54.06 -62.97 32.03
C ASN C 784 53.41 -61.74 31.41
N PHE C 785 53.81 -61.43 30.18
CA PHE C 785 53.42 -60.17 29.57
C PHE C 785 53.22 -60.37 28.07
N THR C 786 52.71 -59.32 27.42
CA THR C 786 52.51 -59.30 25.98
C THR C 786 52.45 -57.85 25.52
N ILE C 787 52.40 -57.66 24.21
CA ILE C 787 52.34 -56.34 23.58
C ILE C 787 50.98 -56.17 22.94
N VAL C 788 50.34 -55.04 23.20
CA VAL C 788 49.00 -54.75 22.71
C VAL C 788 49.04 -53.48 21.88
N GLY C 789 48.42 -53.51 20.71
CA GLY C 789 48.36 -52.36 19.83
C GLY C 789 47.04 -51.61 19.94
N GLN C 790 47.10 -50.31 19.70
CA GLN C 790 45.90 -49.48 19.75
C GLN C 790 46.00 -48.40 18.68
N GLU C 791 44.91 -48.20 17.96
CA GLU C 791 44.86 -47.23 16.87
C GLU C 791 44.12 -45.97 17.31
N GLU C 792 44.52 -44.84 16.72
CA GLU C 792 43.89 -43.56 16.99
C GLU C 792 43.95 -42.71 15.73
N PHE C 793 42.91 -41.91 15.50
CA PHE C 793 42.84 -41.04 14.33
C PHE C 793 42.77 -39.60 14.78
N ILE C 794 43.59 -38.74 14.17
CA ILE C 794 43.60 -37.31 14.47
C ILE C 794 43.40 -36.54 13.17
N GLN C 795 42.37 -35.71 13.13
CA GLN C 795 42.05 -34.93 11.94
C GLN C 795 43.01 -33.77 11.79
N THR C 796 43.47 -33.54 10.56
CA THR C 796 44.43 -32.48 10.26
C THR C 796 43.93 -31.50 9.22
N ASN C 797 43.28 -31.98 8.16
CA ASN C 797 42.84 -31.15 7.05
C ASN C 797 41.31 -31.16 6.97
N SER C 798 40.78 -30.33 6.08
CA SER C 798 39.34 -30.21 5.87
C SER C 798 39.10 -29.83 4.42
N PRO C 799 37.99 -30.27 3.84
CA PRO C 799 37.71 -29.92 2.43
C PRO C 799 37.59 -28.42 2.23
N LYS C 800 38.22 -27.94 1.15
CA LYS C 800 38.22 -26.52 0.80
C LYS C 800 36.99 -26.24 -0.05
N VAL C 801 36.07 -25.44 0.49
CA VAL C 801 34.82 -25.12 -0.17
C VAL C 801 34.91 -23.70 -0.71
N THR C 802 34.54 -23.52 -1.97
CA THR C 802 34.51 -22.22 -2.62
C THR C 802 33.10 -21.95 -3.14
N ILE C 803 32.56 -20.80 -2.79
CA ILE C 803 31.20 -20.41 -3.16
C ILE C 803 31.27 -19.15 -4.02
N ASP C 804 30.51 -19.16 -5.11
CA ASP C 804 30.37 -18.01 -5.98
C ASP C 804 29.18 -17.19 -5.48
N CYS C 805 29.46 -16.05 -4.85
CA CYS C 805 28.41 -15.23 -4.24
C CYS C 805 27.39 -14.78 -5.29
N SER C 806 27.88 -14.28 -6.43
CA SER C 806 26.99 -13.79 -7.47
C SER C 806 26.11 -14.90 -8.02
N LEU C 807 26.74 -15.98 -8.53
CA LEU C 807 25.98 -17.06 -9.13
C LEU C 807 24.99 -17.69 -8.15
N PHE C 808 25.31 -17.65 -6.86
CA PHE C 808 24.41 -18.25 -5.87
C PHE C 808 23.23 -17.32 -5.57
N VAL C 809 23.50 -16.05 -5.24
CA VAL C 809 22.42 -15.15 -4.88
C VAL C 809 21.60 -14.76 -6.10
N CYS C 810 22.23 -14.14 -7.09
CA CYS C 810 21.55 -13.68 -8.29
C CYS C 810 21.98 -14.39 -9.56
N SER C 811 21.07 -15.04 -10.27
CA SER C 811 21.43 -15.74 -11.51
C SER C 811 21.73 -14.69 -12.59
N ASN C 812 21.98 -15.13 -13.82
CA ASN C 812 22.42 -14.25 -14.90
C ASN C 812 21.40 -13.15 -15.25
N TYR C 813 20.25 -13.11 -14.59
CA TYR C 813 19.29 -12.05 -14.83
C TYR C 813 19.83 -10.72 -14.33
N ALA C 814 19.68 -9.67 -15.14
CA ALA C 814 20.32 -8.39 -14.86
C ALA C 814 19.62 -7.61 -13.75
N ALA C 815 18.29 -7.79 -13.60
CA ALA C 815 17.56 -7.04 -12.58
C ALA C 815 18.02 -7.42 -11.18
N CYS C 816 18.28 -8.71 -10.95
CA CYS C 816 18.75 -9.14 -9.64
C CYS C 816 20.10 -8.54 -9.32
N HIS C 817 21.00 -8.47 -10.31
CA HIS C 817 22.31 -7.86 -10.08
C HIS C 817 22.18 -6.37 -9.82
N ASP C 818 21.31 -5.68 -10.57
CA ASP C 818 21.11 -4.26 -10.36
C ASP C 818 20.53 -3.99 -8.98
N LEU C 819 19.70 -4.90 -8.47
CA LEU C 819 19.18 -4.74 -7.12
C LEU C 819 20.22 -5.06 -6.05
N LEU C 820 21.07 -6.07 -6.30
CA LEU C 820 22.08 -6.44 -5.31
C LEU C 820 23.23 -5.44 -5.27
N SER C 821 23.39 -4.65 -6.34
CA SER C 821 24.47 -3.66 -6.38
C SER C 821 24.39 -2.66 -5.23
N GLU C 822 23.22 -2.50 -4.61
CA GLU C 822 23.11 -1.59 -3.48
C GLU C 822 23.87 -2.10 -2.27
N TYR C 823 23.87 -3.42 -2.06
CA TYR C 823 24.66 -4.03 -1.00
C TYR C 823 26.13 -3.95 -1.36
N GLY C 824 26.89 -3.17 -0.59
CA GLY C 824 28.27 -2.85 -0.95
C GLY C 824 29.27 -3.97 -0.85
N THR C 825 29.56 -4.43 0.38
CA THR C 825 30.66 -5.35 0.60
C THR C 825 30.26 -6.65 1.28
N PHE C 826 29.17 -7.28 0.85
CA PHE C 826 28.81 -8.58 1.40
C PHE C 826 29.57 -9.71 0.73
N CYS C 827 29.47 -9.78 -0.61
CA CYS C 827 30.16 -10.82 -1.36
C CYS C 827 31.68 -10.72 -1.22
N ASP C 828 32.24 -9.50 -1.22
CA ASP C 828 33.67 -9.36 -1.05
C ASP C 828 34.12 -9.84 0.32
N ASN C 829 33.33 -9.55 1.35
CA ASN C 829 33.66 -10.04 2.70
C ASN C 829 33.60 -11.56 2.77
N ILE C 830 32.57 -12.15 2.15
CA ILE C 830 32.47 -13.61 2.14
C ILE C 830 33.66 -14.23 1.43
N ASN C 831 34.04 -13.67 0.28
CA ASN C 831 35.18 -14.18 -0.47
C ASN C 831 36.47 -14.03 0.32
N SER C 832 36.63 -12.91 1.03
CA SER C 832 37.83 -12.71 1.83
C SER C 832 37.92 -13.72 2.97
N ILE C 833 36.78 -14.00 3.63
CA ILE C 833 36.78 -14.97 4.71
C ILE C 833 37.10 -16.36 4.17
N LEU C 834 36.54 -16.71 3.01
CA LEU C 834 36.83 -18.01 2.42
C LEU C 834 38.29 -18.14 2.03
N ASP C 835 38.87 -17.08 1.47
CA ASP C 835 40.28 -17.12 1.10
C ASP C 835 41.17 -17.22 2.33
N GLU C 836 40.80 -16.54 3.41
CA GLU C 836 41.55 -16.66 4.66
C GLU C 836 41.49 -18.08 5.20
N VAL C 837 40.31 -18.70 5.16
CA VAL C 837 40.17 -20.09 5.61
C VAL C 837 41.05 -21.01 4.78
N ASN C 838 41.01 -20.85 3.45
CA ASN C 838 41.81 -21.69 2.58
C ASN C 838 43.30 -21.51 2.82
N GLY C 839 43.74 -20.26 3.03
CA GLY C 839 45.15 -20.01 3.32
C GLY C 839 45.57 -20.61 4.64
N LEU C 840 44.71 -20.52 5.65
CA LEU C 840 45.01 -21.13 6.94
C LEU C 840 45.15 -22.65 6.81
N LEU C 841 44.24 -23.28 6.06
CA LEU C 841 44.35 -24.72 5.85
C LEU C 841 45.62 -25.09 5.10
N ASP C 842 45.99 -24.31 4.08
CA ASP C 842 47.20 -24.60 3.33
C ASP C 842 48.44 -24.46 4.21
N THR C 843 48.49 -23.40 5.02
CA THR C 843 49.62 -23.22 5.92
C THR C 843 49.70 -24.34 6.95
N THR C 844 48.55 -24.78 7.46
CA THR C 844 48.53 -25.89 8.42
C THR C 844 49.06 -27.17 7.79
N GLN C 845 48.61 -27.46 6.56
CA GLN C 845 49.09 -28.66 5.87
C GLN C 845 50.59 -28.58 5.61
N LEU C 846 51.09 -27.40 5.24
CA LEU C 846 52.52 -27.25 5.02
C LEU C 846 53.31 -27.46 6.30
N HIS C 847 52.81 -26.93 7.42
CA HIS C 847 53.48 -27.13 8.70
C HIS C 847 53.49 -28.60 9.10
N VAL C 848 52.39 -29.31 8.87
CA VAL C 848 52.35 -30.73 9.20
C VAL C 848 53.31 -31.52 8.33
N ALA C 849 53.37 -31.20 7.03
CA ALA C 849 54.29 -31.89 6.14
C ALA C 849 55.73 -31.59 6.51
N ASP C 850 56.01 -30.39 7.01
CA ASP C 850 57.35 -30.05 7.45
C ASP C 850 57.73 -30.82 8.71
N THR C 851 56.81 -30.90 9.67
CA THR C 851 57.09 -31.60 10.92
C THR C 851 57.20 -33.11 10.72
N LEU C 852 56.51 -33.68 9.74
CA LEU C 852 56.60 -35.12 9.50
C LEU C 852 57.92 -35.55 8.89
N MET C 853 58.68 -34.64 8.29
CA MET C 853 59.90 -34.98 7.57
C MET C 853 61.03 -34.03 7.95
N GLN C 854 61.20 -33.79 9.24
CA GLN C 854 62.16 -32.77 9.69
C GLN C 854 63.59 -33.31 9.67
N GLY C 855 63.86 -34.36 10.45
CA GLY C 855 65.20 -34.88 10.57
C GLY C 855 65.40 -36.26 9.96
N VAL C 856 64.79 -36.49 8.81
CA VAL C 856 64.87 -37.79 8.15
C VAL C 856 66.06 -37.78 7.18
N THR C 857 66.91 -38.80 7.30
CA THR C 857 68.03 -39.00 6.38
C THR C 857 68.15 -40.48 6.08
N LEU C 858 68.27 -40.82 4.81
CA LEU C 858 68.31 -42.20 4.36
C LEU C 858 69.56 -42.44 3.51
N SER C 859 69.75 -43.70 3.13
CA SER C 859 70.88 -44.11 2.30
C SER C 859 70.44 -44.30 0.85
N SER C 860 71.36 -44.05 -0.08
CA SER C 860 71.07 -44.19 -1.49
C SER C 860 71.05 -45.65 -1.94
N ASN C 861 71.61 -46.56 -1.16
CA ASN C 861 71.64 -47.98 -1.49
C ASN C 861 70.45 -48.75 -0.90
N LEU C 862 69.34 -48.08 -0.67
CA LEU C 862 68.18 -48.67 0.00
C LEU C 862 67.12 -49.01 -1.04
N ASN C 863 66.69 -50.27 -1.06
CA ASN C 863 65.61 -50.74 -1.92
C ASN C 863 64.52 -51.34 -1.05
N THR C 864 63.29 -50.84 -1.23
CA THR C 864 62.18 -51.29 -0.38
C THR C 864 61.74 -52.70 -0.76
N ASN C 865 61.83 -53.06 -2.03
CA ASN C 865 61.41 -54.38 -2.47
C ASN C 865 62.32 -55.49 -1.95
N LEU C 866 63.56 -55.18 -1.61
CA LEU C 866 64.50 -56.17 -1.12
C LEU C 866 64.71 -56.11 0.39
N HIS C 867 64.56 -54.93 1.00
CA HIS C 867 64.79 -54.75 2.42
C HIS C 867 63.46 -54.42 3.09
N PHE C 868 62.83 -55.45 3.66
CA PHE C 868 61.54 -55.27 4.33
C PHE C 868 61.43 -56.06 5.63
N ASP C 869 62.54 -56.55 6.19
CA ASP C 869 62.49 -57.33 7.42
C ASP C 869 63.83 -57.22 8.12
N VAL C 870 63.81 -56.84 9.39
CA VAL C 870 65.03 -56.73 10.19
C VAL C 870 64.67 -57.02 11.65
N ASP C 871 65.55 -57.77 12.32
CA ASP C 871 65.38 -58.11 13.73
C ASP C 871 64.06 -58.85 13.97
N ASN C 872 63.71 -59.74 13.06
CA ASN C 872 62.50 -60.58 13.14
C ASN C 872 61.22 -59.75 13.22
N ILE C 873 61.23 -58.53 12.71
CA ILE C 873 60.07 -57.65 12.69
C ILE C 873 59.72 -57.34 11.25
N ASN C 874 58.52 -57.73 10.83
CA ASN C 874 58.06 -57.54 9.47
C ASN C 874 57.30 -56.22 9.37
N PHE C 875 57.81 -55.30 8.54
CA PHE C 875 57.18 -54.01 8.33
C PHE C 875 56.93 -53.75 6.84
N LYS C 876 56.74 -54.82 6.07
CA LYS C 876 56.51 -54.67 4.64
C LYS C 876 55.16 -54.02 4.36
N SER C 877 54.19 -54.22 5.25
CA SER C 877 52.87 -53.62 5.07
C SER C 877 52.86 -52.12 5.34
N LEU C 878 53.95 -51.55 5.85
CA LEU C 878 54.03 -50.13 6.13
C LEU C 878 54.80 -49.34 5.09
N VAL C 879 55.66 -49.98 4.31
CA VAL C 879 56.42 -49.31 3.27
C VAL C 879 55.60 -49.31 1.98
N GLY C 880 55.66 -48.21 1.24
CA GLY C 880 54.88 -48.08 0.03
C GLY C 880 55.68 -47.79 -1.22
N CYS C 881 56.88 -47.22 -1.05
CA CYS C 881 57.70 -46.87 -2.19
C CYS C 881 58.16 -48.13 -2.94
N LEU C 882 58.02 -48.08 -4.26
CA LEU C 882 58.41 -49.17 -5.15
C LEU C 882 59.91 -49.15 -5.39
N GLY C 883 60.36 -49.86 -6.42
CA GLY C 883 61.78 -49.96 -6.70
C GLY C 883 62.31 -48.72 -7.39
N PRO C 884 63.02 -48.92 -8.51
CA PRO C 884 63.64 -47.78 -9.20
C PRO C 884 62.67 -46.64 -9.51
N HIS C 885 62.96 -45.46 -8.97
CA HIS C 885 62.19 -44.24 -9.22
C HIS C 885 60.72 -44.41 -8.81
N CYS C 886 60.51 -44.62 -7.51
CA CYS C 886 59.16 -44.69 -6.97
C CYS C 886 58.60 -43.27 -6.82
N GLY C 887 57.31 -43.11 -7.12
CA GLY C 887 56.71 -41.80 -7.15
C GLY C 887 55.40 -41.70 -6.41
N SER C 888 54.36 -41.23 -7.10
CA SER C 888 53.06 -41.04 -6.46
C SER C 888 52.47 -42.36 -5.96
N SER C 889 52.92 -43.48 -6.52
CA SER C 889 52.48 -44.80 -6.08
C SER C 889 53.27 -45.26 -4.86
N SER C 890 53.26 -44.41 -3.84
CA SER C 890 53.96 -44.67 -2.59
C SER C 890 53.03 -45.11 -1.47
N ARG C 891 51.76 -45.39 -1.78
CA ARG C 891 50.82 -45.84 -0.76
C ARG C 891 51.08 -47.30 -0.41
N SER C 892 51.16 -47.59 0.88
CA SER C 892 51.42 -48.95 1.36
C SER C 892 50.13 -49.75 1.41
N PHE C 893 50.24 -51.00 1.84
CA PHE C 893 49.06 -51.86 1.96
C PHE C 893 48.12 -51.35 3.04
N PHE C 894 48.67 -50.87 4.15
CA PHE C 894 47.86 -50.31 5.22
C PHE C 894 47.10 -49.08 4.75
N GLU C 895 47.81 -48.15 4.09
CA GLU C 895 47.17 -46.95 3.56
C GLU C 895 46.17 -47.29 2.47
N ASP C 896 46.45 -48.30 1.65
CA ASP C 896 45.48 -48.71 0.64
C ASP C 896 44.20 -49.26 1.27
N LEU C 897 44.36 -50.09 2.31
CA LEU C 897 43.19 -50.63 3.00
C LEU C 897 42.42 -49.53 3.70
N LEU C 898 43.11 -48.49 4.15
CA LEU C 898 42.42 -47.38 4.81
C LEU C 898 41.68 -46.50 3.80
N PHE C 899 42.27 -46.29 2.62
CA PHE C 899 41.67 -45.40 1.63
C PHE C 899 40.57 -46.09 0.83
N ASP C 900 40.60 -47.42 0.71
CA ASP C 900 39.56 -48.12 -0.04
C ASP C 900 38.20 -48.05 0.61
N LYS C 901 38.10 -47.59 1.85
CA LYS C 901 36.83 -47.49 2.56
C LYS C 901 36.28 -46.07 2.58
N VAL C 902 36.92 -45.13 1.91
CA VAL C 902 36.47 -43.74 1.83
C VAL C 902 36.35 -43.38 0.36
N LYS C 903 35.17 -42.90 -0.04
CA LYS C 903 34.93 -42.59 -1.45
C LYS C 903 35.27 -41.15 -1.77
N LEU C 904 34.85 -40.20 -0.93
CA LEU C 904 35.06 -38.78 -1.19
C LEU C 904 36.39 -38.32 -0.59
N SER C 905 37.47 -38.82 -1.20
CA SER C 905 38.81 -38.40 -0.84
C SER C 905 39.23 -37.23 -1.73
N ASP C 906 40.52 -36.88 -1.70
CA ASP C 906 41.00 -35.79 -2.54
C ASP C 906 40.88 -36.13 -4.03
N VAL C 907 41.03 -37.41 -4.37
CA VAL C 907 40.86 -37.83 -5.76
C VAL C 907 39.40 -38.10 -6.07
N GLY C 908 38.59 -38.38 -5.05
CA GLY C 908 37.18 -38.66 -5.28
C GLY C 908 36.43 -37.47 -5.83
N PHE C 909 36.64 -36.29 -5.23
CA PHE C 909 35.98 -35.09 -5.72
C PHE C 909 36.41 -34.76 -7.15
N VAL C 910 37.68 -34.97 -7.47
CA VAL C 910 38.17 -34.69 -8.82
C VAL C 910 37.52 -35.65 -9.82
N GLU C 911 37.49 -36.95 -9.49
CA GLU C 911 36.88 -37.92 -10.40
C GLU C 911 35.39 -37.69 -10.54
N ALA C 912 34.74 -37.16 -9.49
CA ALA C 912 33.31 -36.88 -9.58
C ALA C 912 33.04 -35.67 -10.44
N TYR C 913 33.81 -34.60 -10.26
CA TYR C 913 33.63 -33.40 -11.07
C TYR C 913 34.08 -33.60 -12.51
N ASN C 914 34.93 -34.60 -12.77
CA ASN C 914 35.36 -34.85 -14.14
C ASN C 914 34.22 -35.31 -15.03
N ASN C 915 33.50 -36.35 -14.62
CA ASN C 915 32.42 -36.90 -15.44
C ASN C 915 31.07 -36.29 -15.08
N CYS C 916 31.00 -34.96 -15.09
CA CYS C 916 29.73 -34.24 -14.94
C CYS C 916 29.14 -33.81 -16.27
N THR C 917 29.91 -33.88 -17.36
CA THR C 917 29.46 -33.46 -18.68
C THR C 917 29.48 -34.58 -19.69
N GLY C 918 29.80 -35.80 -19.28
CA GLY C 918 29.86 -36.92 -20.20
C GLY C 918 29.27 -38.19 -19.65
N GLY C 919 28.34 -38.06 -18.71
CA GLY C 919 27.71 -39.22 -18.09
C GLY C 919 26.22 -39.05 -17.91
N SER C 920 25.46 -40.12 -18.11
CA SER C 920 24.01 -40.09 -17.98
C SER C 920 23.57 -40.44 -16.55
N GLU C 921 24.12 -39.72 -15.58
CA GLU C 921 23.80 -39.91 -14.16
C GLU C 921 23.36 -38.56 -13.61
N ILE C 922 22.06 -38.27 -13.72
CA ILE C 922 21.54 -37.00 -13.24
C ILE C 922 21.43 -36.98 -11.72
N ARG C 923 21.46 -38.15 -11.07
CA ARG C 923 21.34 -38.24 -9.63
C ARG C 923 22.59 -37.74 -8.89
N ASP C 924 23.65 -37.41 -9.62
CA ASP C 924 24.87 -36.89 -8.98
C ASP C 924 24.62 -35.46 -8.52
N LEU C 925 24.54 -35.26 -7.20
CA LEU C 925 24.27 -33.93 -6.65
C LEU C 925 25.49 -33.03 -6.68
N LEU C 926 26.70 -33.59 -6.82
CA LEU C 926 27.90 -32.76 -6.86
C LEU C 926 27.92 -31.87 -8.09
N CYS C 927 27.49 -32.40 -9.24
CA CYS C 927 27.44 -31.58 -10.45
C CYS C 927 26.41 -30.47 -10.30
N VAL C 928 25.27 -30.76 -9.67
CA VAL C 928 24.25 -29.74 -9.47
C VAL C 928 24.77 -28.65 -8.53
N GLN C 929 25.52 -29.04 -7.50
CA GLN C 929 26.09 -28.05 -6.60
C GLN C 929 27.16 -27.22 -7.30
N SER C 930 27.94 -27.84 -8.19
CA SER C 930 28.97 -27.11 -8.92
C SER C 930 28.36 -26.14 -9.91
N PHE C 931 27.24 -26.50 -10.52
CA PHE C 931 26.57 -25.61 -11.47
C PHE C 931 25.91 -24.41 -10.81
N ASN C 932 25.90 -24.34 -9.48
CA ASN C 932 25.30 -23.20 -8.77
C ASN C 932 26.32 -22.33 -8.07
N GLY C 933 27.57 -22.76 -8.00
CA GLY C 933 28.63 -21.96 -7.40
C GLY C 933 29.38 -22.63 -6.26
N ILE C 934 28.87 -23.71 -5.69
CA ILE C 934 29.52 -24.40 -4.58
C ILE C 934 30.42 -25.48 -5.18
N LYS C 935 31.72 -25.41 -4.89
CA LYS C 935 32.68 -26.36 -5.42
C LYS C 935 33.69 -26.72 -4.34
N VAL C 936 34.32 -27.87 -4.49
CA VAL C 936 35.35 -28.36 -3.57
C VAL C 936 36.67 -28.40 -4.32
N LEU C 937 37.66 -27.63 -3.83
CA LEU C 937 38.96 -27.58 -4.47
C LEU C 937 39.93 -28.55 -3.80
N PRO C 938 40.87 -29.10 -4.57
CA PRO C 938 41.84 -30.04 -3.99
C PRO C 938 42.91 -29.29 -3.21
N PRO C 939 43.57 -29.95 -2.26
CA PRO C 939 44.62 -29.27 -1.49
C PRO C 939 45.87 -29.05 -2.34
N ILE C 940 46.77 -28.22 -1.79
CA ILE C 940 48.00 -27.90 -2.51
C ILE C 940 48.96 -29.08 -2.54
N LEU C 941 48.84 -30.01 -1.59
CA LEU C 941 49.67 -31.20 -1.56
C LEU C 941 48.78 -32.43 -1.62
N SER C 942 49.05 -33.30 -2.59
CA SER C 942 48.27 -34.51 -2.76
C SER C 942 48.57 -35.52 -1.65
N GLU C 943 47.69 -36.51 -1.50
CA GLU C 943 47.87 -37.54 -0.49
C GLU C 943 49.06 -38.44 -0.79
N SER C 944 49.47 -38.52 -2.06
CA SER C 944 50.62 -39.35 -2.40
C SER C 944 51.91 -38.81 -1.78
N GLN C 945 52.06 -37.48 -1.75
CA GLN C 945 53.24 -36.89 -1.14
C GLN C 945 53.27 -37.13 0.36
N ILE C 946 52.11 -37.00 1.02
CA ILE C 946 52.04 -37.26 2.45
C ILE C 946 52.33 -38.74 2.74
N SER C 947 51.83 -39.63 1.88
CA SER C 947 52.10 -41.05 2.04
C SER C 947 53.60 -41.34 1.90
N GLY C 948 54.25 -40.71 0.92
CA GLY C 948 55.68 -40.89 0.76
C GLY C 948 56.46 -40.35 1.95
N TYR C 949 56.02 -39.21 2.48
CA TYR C 949 56.68 -38.65 3.66
C TYR C 949 56.55 -39.57 4.86
N THR C 950 55.36 -40.13 5.07
CA THR C 950 55.16 -41.06 6.17
C THR C 950 55.98 -42.33 5.99
N THR C 951 56.06 -42.82 4.74
CA THR C 951 56.88 -44.00 4.47
C THR C 951 58.35 -43.73 4.76
N ALA C 952 58.84 -42.56 4.36
CA ALA C 952 60.23 -42.22 4.65
C ALA C 952 60.48 -42.09 6.15
N ALA C 953 59.55 -41.46 6.87
CA ALA C 953 59.70 -41.33 8.32
C ALA C 953 59.65 -42.67 9.02
N THR C 954 58.89 -43.63 8.47
CA THR C 954 58.84 -44.97 9.06
C THR C 954 60.12 -45.75 8.77
N VAL C 955 60.63 -45.64 7.54
CA VAL C 955 61.85 -46.37 7.19
C VAL C 955 63.06 -45.80 7.91
N ALA C 956 63.04 -44.49 8.22
CA ALA C 956 64.19 -43.86 8.88
C ALA C 956 64.47 -44.45 10.26
N ALA C 957 63.52 -45.17 10.85
CA ALA C 957 63.69 -45.76 12.17
C ALA C 957 63.98 -47.25 12.12
N MET C 958 64.42 -47.77 10.97
CA MET C 958 64.69 -49.19 10.82
C MET C 958 66.08 -49.49 10.27
N PHE C 959 66.67 -48.61 9.49
CA PHE C 959 67.97 -48.84 8.87
C PHE C 959 68.94 -47.73 9.24
N PRO C 960 70.23 -48.03 9.31
CA PRO C 960 71.22 -46.99 9.64
C PRO C 960 71.34 -45.98 8.52
N PRO C 961 71.45 -44.69 8.85
CA PRO C 961 71.47 -44.16 10.21
C PRO C 961 70.06 -44.06 10.82
N TRP C 962 69.94 -44.43 12.09
CA TRP C 962 68.65 -44.41 12.78
C TRP C 962 68.36 -42.98 13.23
N SER C 963 67.81 -42.21 12.31
CA SER C 963 67.50 -40.80 12.57
C SER C 963 66.19 -40.60 13.29
N ALA C 964 65.46 -41.68 13.60
CA ALA C 964 64.19 -41.58 14.31
C ALA C 964 64.08 -42.61 15.43
N ALA C 965 65.20 -43.24 15.80
CA ALA C 965 65.21 -44.26 16.85
C ALA C 965 66.37 -44.03 17.79
N ALA C 966 66.71 -42.76 18.03
CA ALA C 966 67.78 -42.36 18.97
C ALA C 966 69.13 -42.95 18.59
N GLY C 967 69.36 -43.24 17.31
CA GLY C 967 70.63 -43.74 16.85
C GLY C 967 70.94 -45.17 17.23
N ILE C 968 69.95 -45.93 17.67
CA ILE C 968 70.15 -47.33 18.03
C ILE C 968 69.18 -48.18 17.22
N PRO C 969 69.49 -49.46 17.03
CA PRO C 969 68.57 -50.34 16.29
C PRO C 969 67.19 -50.40 16.94
N PHE C 970 66.22 -50.86 16.15
CA PHE C 970 64.83 -50.86 16.61
C PHE C 970 64.62 -51.87 17.72
N SER C 971 65.21 -53.06 17.59
CA SER C 971 65.03 -54.09 18.61
C SER C 971 65.66 -53.67 19.93
N LEU C 972 66.86 -53.09 19.88
CA LEU C 972 67.49 -52.59 21.11
C LEU C 972 66.69 -51.45 21.72
N ASN C 973 66.08 -50.62 20.88
CA ASN C 973 65.25 -49.53 21.41
C ASN C 973 64.02 -50.08 22.11
N VAL C 974 63.37 -51.10 21.53
CA VAL C 974 62.22 -51.73 22.19
C VAL C 974 62.65 -52.38 23.50
N GLN C 975 63.81 -53.03 23.49
CA GLN C 975 64.31 -53.67 24.71
C GLN C 975 64.56 -52.65 25.81
N TYR C 976 65.17 -51.52 25.46
CA TYR C 976 65.41 -50.48 26.46
C TYR C 976 64.12 -49.85 26.95
N ARG C 977 63.15 -49.64 26.06
CA ARG C 977 61.86 -49.08 26.49
C ARG C 977 61.13 -50.03 27.43
N ILE C 978 61.23 -51.34 27.18
CA ILE C 978 60.60 -52.30 28.07
C ILE C 978 61.34 -52.38 29.40
N ASN C 979 62.67 -52.30 29.36
CA ASN C 979 63.44 -52.34 30.60
C ASN C 979 63.21 -51.11 31.46
N GLY C 980 62.94 -49.96 30.83
CA GLY C 980 62.68 -48.75 31.58
C GLY C 980 61.44 -48.82 32.45
N LEU C 981 60.53 -49.75 32.18
CA LEU C 981 59.33 -49.91 32.98
C LEU C 981 59.57 -50.70 34.26
N GLY C 982 60.66 -51.47 34.32
CA GLY C 982 60.95 -52.25 35.51
C GLY C 982 61.19 -53.72 35.21
N VAL C 983 61.47 -54.04 33.96
CA VAL C 983 61.73 -55.41 33.53
C VAL C 983 63.23 -55.58 33.39
N THR C 984 63.75 -56.70 33.90
CA THR C 984 65.19 -56.95 33.85
C THR C 984 65.64 -57.30 32.44
N MET C 985 66.95 -57.21 32.22
CA MET C 985 67.53 -57.54 30.93
C MET C 985 67.68 -59.03 30.70
N ASP C 986 67.73 -59.83 31.76
CA ASP C 986 67.93 -61.27 31.60
C ASP C 986 66.76 -61.92 30.88
N VAL C 987 65.54 -61.43 31.14
CA VAL C 987 64.37 -61.99 30.48
C VAL C 987 64.27 -61.48 29.04
N LEU C 988 64.64 -60.22 28.83
CA LEU C 988 64.52 -59.63 27.49
C LEU C 988 65.55 -60.21 26.53
N ASN C 989 66.76 -60.47 27.01
CA ASN C 989 67.80 -61.01 26.14
C ASN C 989 67.51 -62.44 25.71
N LYS C 990 66.71 -63.19 26.47
CA LYS C 990 66.37 -64.55 26.12
C LYS C 990 65.08 -64.64 25.29
N ASN C 991 64.06 -63.89 25.69
CA ASN C 991 62.77 -63.91 25.00
C ASN C 991 62.68 -62.75 24.01
N GLN C 992 63.52 -62.80 22.98
CA GLN C 992 63.51 -61.80 21.92
C GLN C 992 62.56 -62.17 20.79
N LYS C 993 62.61 -63.44 20.35
CA LYS C 993 61.70 -63.89 19.31
C LYS C 993 60.25 -63.81 19.78
N LEU C 994 60.00 -64.04 21.07
CA LEU C 994 58.64 -63.91 21.60
C LEU C 994 58.16 -62.47 21.50
N ILE C 995 59.02 -61.50 21.82
CA ILE C 995 58.66 -60.09 21.71
C ILE C 995 58.41 -59.72 20.25
N ALA C 996 59.25 -60.22 19.34
CA ALA C 996 59.05 -59.95 17.93
C ALA C 996 57.72 -60.52 17.43
N THR C 997 57.40 -61.75 17.83
CA THR C 997 56.15 -62.36 17.43
C THR C 997 54.95 -61.61 18.01
N ALA C 998 55.07 -61.14 19.26
CA ALA C 998 53.98 -60.36 19.86
C ALA C 998 53.79 -59.04 19.12
N PHE C 999 54.88 -58.39 18.72
CA PHE C 999 54.78 -57.14 17.97
C PHE C 999 54.13 -57.38 16.61
N ASN C 1000 54.52 -58.46 15.94
CA ASN C 1000 53.92 -58.78 14.65
C ASN C 1000 52.43 -59.08 14.79
N ASN C 1001 52.06 -59.81 15.84
CA ASN C 1001 50.65 -60.14 16.06
C ASN C 1001 49.85 -58.88 16.40
N ALA C 1002 50.43 -57.96 17.16
CA ALA C 1002 49.74 -56.70 17.44
C ALA C 1002 49.54 -55.89 16.17
N LEU C 1003 50.57 -55.83 15.31
CA LEU C 1003 50.43 -55.11 14.05
C LEU C 1003 49.35 -55.75 13.17
N LEU C 1004 49.32 -57.08 13.11
CA LEU C 1004 48.31 -57.76 12.31
C LEU C 1004 46.91 -57.55 12.87
N SER C 1005 46.79 -57.48 14.20
CA SER C 1005 45.48 -57.22 14.80
C SER C 1005 45.03 -55.80 14.53
N ILE C 1006 45.96 -54.84 14.52
CA ILE C 1006 45.62 -53.48 14.16
C ILE C 1006 45.18 -53.41 12.70
N GLN C 1007 45.86 -54.15 11.82
CA GLN C 1007 45.50 -54.14 10.40
C GLN C 1007 44.11 -54.75 10.19
N ASN C 1008 43.89 -55.96 10.70
CA ASN C 1008 42.62 -56.65 10.52
C ASN C 1008 41.59 -56.20 11.55
N GLY C 1009 41.35 -54.89 11.62
CA GLY C 1009 40.38 -54.36 12.57
C GLY C 1009 39.49 -53.30 11.97
N PHE C 1010 39.73 -52.95 10.71
CA PHE C 1010 38.94 -51.92 10.05
C PHE C 1010 37.69 -52.47 9.37
N SER C 1011 37.57 -53.78 9.23
CA SER C 1011 36.39 -54.40 8.63
C SER C 1011 35.32 -54.68 9.68
N ALA C 1012 34.98 -53.66 10.46
CA ALA C 1012 33.98 -53.77 11.51
C ALA C 1012 33.49 -52.36 11.85
N THR C 1013 32.78 -52.24 12.97
CA THR C 1013 32.32 -50.94 13.45
C THR C 1013 33.40 -50.29 14.33
N ASN C 1014 34.50 -49.92 13.67
CA ASN C 1014 35.63 -49.34 14.38
C ASN C 1014 35.36 -47.87 14.71
N SER C 1015 36.06 -47.38 15.74
CA SER C 1015 35.92 -46.00 16.16
C SER C 1015 36.72 -45.02 15.29
N ALA C 1016 37.66 -45.52 14.49
CA ALA C 1016 38.45 -44.66 13.62
C ALA C 1016 37.79 -44.43 12.27
N LEU C 1017 37.26 -45.50 11.66
CA LEU C 1017 36.59 -45.34 10.37
C LEU C 1017 35.34 -44.47 10.50
N ALA C 1018 34.63 -44.60 11.62
CA ALA C 1018 33.46 -43.75 11.85
C ALA C 1018 33.86 -42.29 11.96
N LYS C 1019 34.94 -42.01 12.69
CA LYS C 1019 35.41 -40.63 12.83
C LYS C 1019 35.90 -40.09 11.49
N ILE C 1020 36.47 -40.95 10.65
CA ILE C 1020 36.91 -40.51 9.33
C ILE C 1020 35.71 -40.18 8.44
N GLN C 1021 34.67 -41.01 8.49
CA GLN C 1021 33.48 -40.76 7.67
C GLN C 1021 32.63 -39.62 8.20
N SER C 1022 32.78 -39.28 9.49
CA SER C 1022 31.93 -38.25 10.08
C SER C 1022 32.15 -36.89 9.44
N VAL C 1023 33.40 -36.52 9.16
CA VAL C 1023 33.68 -35.22 8.59
C VAL C 1023 33.13 -35.12 7.17
N VAL C 1024 33.27 -36.20 6.39
CA VAL C 1024 32.73 -36.20 5.04
C VAL C 1024 31.21 -36.10 5.06
N ASN C 1025 30.56 -36.85 5.97
CA ASN C 1025 29.11 -36.79 6.06
C ASN C 1025 28.65 -35.41 6.48
N SER C 1026 29.35 -34.77 7.43
CA SER C 1026 28.98 -33.45 7.87
C SER C 1026 29.15 -32.42 6.75
N ASN C 1027 30.24 -32.53 5.98
CA ASN C 1027 30.43 -31.62 4.85
C ASN C 1027 29.34 -31.79 3.81
N ALA C 1028 28.99 -33.05 3.49
CA ALA C 1028 27.94 -33.29 2.52
C ALA C 1028 26.60 -32.74 3.01
N GLN C 1029 26.28 -32.95 4.28
CA GLN C 1029 25.03 -32.44 4.83
C GLN C 1029 24.99 -30.92 4.80
N ALA C 1030 26.12 -30.27 5.12
CA ALA C 1030 26.18 -28.82 5.09
C ALA C 1030 25.99 -28.29 3.67
N LEU C 1031 26.63 -28.94 2.70
CA LEU C 1031 26.47 -28.50 1.31
C LEU C 1031 25.04 -28.69 0.84
N ASN C 1032 24.40 -29.81 1.21
CA ASN C 1032 23.02 -30.03 0.82
C ASN C 1032 22.08 -29.01 1.48
N SER C 1033 22.32 -28.69 2.75
CA SER C 1033 21.49 -27.69 3.42
C SER C 1033 21.67 -26.31 2.81
N LEU C 1034 22.89 -25.99 2.38
CA LEU C 1034 23.13 -24.70 1.72
C LEU C 1034 22.46 -24.66 0.35
N LEU C 1035 22.48 -25.78 -0.38
CA LEU C 1035 21.85 -25.83 -1.69
C LEU C 1035 20.33 -25.74 -1.59
N GLN C 1036 19.74 -26.36 -0.56
CA GLN C 1036 18.28 -26.36 -0.44
C GLN C 1036 17.72 -24.98 -0.13
N GLN C 1037 18.56 -24.00 0.19
CA GLN C 1037 18.08 -22.67 0.49
C GLN C 1037 17.54 -21.94 -0.73
N LEU C 1038 17.95 -22.36 -1.94
CA LEU C 1038 17.50 -21.68 -3.15
C LEU C 1038 16.07 -22.05 -3.54
N PHE C 1039 15.50 -23.08 -2.93
CA PHE C 1039 14.16 -23.55 -3.25
C PHE C 1039 13.10 -22.99 -2.31
N ASN C 1040 13.48 -22.11 -1.39
CA ASN C 1040 12.53 -21.51 -0.47
C ASN C 1040 11.98 -20.21 -1.03
N LYS C 1041 10.81 -19.81 -0.51
CA LYS C 1041 10.15 -18.60 -0.98
C LYS C 1041 10.50 -17.38 -0.14
N PHE C 1042 10.78 -17.56 1.15
CA PHE C 1042 11.13 -16.48 2.07
C PHE C 1042 10.05 -15.39 2.09
N GLY C 1043 8.79 -15.82 2.06
CA GLY C 1043 7.68 -14.90 2.10
C GLY C 1043 7.23 -14.36 0.76
N ALA C 1044 7.94 -14.67 -0.32
CA ALA C 1044 7.57 -14.19 -1.64
C ALA C 1044 6.48 -15.08 -2.24
N ILE C 1045 6.08 -14.76 -3.47
CA ILE C 1045 5.04 -15.52 -4.14
C ILE C 1045 5.59 -16.68 -4.97
N SER C 1046 6.91 -16.72 -5.20
CA SER C 1046 7.51 -17.81 -5.96
C SER C 1046 8.96 -17.97 -5.50
N SER C 1047 9.42 -19.22 -5.49
CA SER C 1047 10.79 -19.51 -5.09
C SER C 1047 11.80 -19.27 -6.20
N SER C 1048 11.37 -19.34 -7.46
CA SER C 1048 12.27 -19.12 -8.58
C SER C 1048 12.28 -17.64 -8.96
N LEU C 1049 13.35 -17.24 -9.64
CA LEU C 1049 13.52 -15.85 -10.07
C LEU C 1049 13.03 -15.61 -11.48
N GLN C 1050 13.09 -16.62 -12.36
CA GLN C 1050 12.60 -16.45 -13.72
C GLN C 1050 11.07 -16.49 -13.78
N GLU C 1051 10.43 -17.14 -12.80
CA GLU C 1051 8.98 -17.23 -12.80
C GLU C 1051 8.34 -15.86 -12.72
N ILE C 1052 8.77 -15.04 -11.75
CA ILE C 1052 8.25 -13.69 -11.64
C ILE C 1052 9.11 -12.74 -12.47
N LEU C 1053 8.87 -12.71 -13.78
CA LEU C 1053 9.44 -11.67 -14.63
C LEU C 1053 8.45 -11.19 -15.68
N SER C 1054 7.28 -11.80 -15.82
CA SER C 1054 6.25 -11.37 -16.76
C SER C 1054 4.88 -11.28 -16.10
N ARG C 1055 4.63 -12.10 -15.08
CA ARG C 1055 3.37 -12.06 -14.35
C ARG C 1055 3.31 -10.92 -13.34
N LEU C 1056 4.38 -10.14 -13.20
CA LEU C 1056 4.41 -9.05 -12.24
C LEU C 1056 5.30 -7.94 -12.78
N ASP C 1057 4.93 -6.71 -12.47
CA ASP C 1057 5.67 -5.55 -12.93
C ASP C 1057 6.96 -5.37 -12.13
N PRO C 1058 7.99 -4.79 -12.73
CA PRO C 1058 9.26 -4.57 -12.01
C PRO C 1058 9.08 -3.75 -10.75
N PRO C 1059 8.27 -2.67 -10.76
CA PRO C 1059 8.03 -1.96 -9.49
C PRO C 1059 7.41 -2.83 -8.40
N GLU C 1060 6.68 -3.87 -8.78
CA GLU C 1060 6.13 -4.81 -7.82
C GLU C 1060 6.99 -6.05 -7.66
N ALA C 1061 7.92 -6.31 -8.59
CA ALA C 1061 8.81 -7.45 -8.46
C ALA C 1061 10.06 -7.13 -7.65
N GLN C 1062 10.38 -5.84 -7.49
CA GLN C 1062 11.53 -5.46 -6.69
C GLN C 1062 11.36 -5.91 -5.24
N VAL C 1063 10.17 -5.73 -4.68
CA VAL C 1063 9.92 -6.14 -3.30
C VAL C 1063 10.01 -7.65 -3.17
N GLN C 1064 9.56 -8.39 -4.18
CA GLN C 1064 9.65 -9.84 -4.14
C GLN C 1064 11.09 -10.32 -4.25
N ILE C 1065 11.93 -9.64 -5.04
CA ILE C 1065 13.32 -10.05 -5.17
C ILE C 1065 14.11 -9.67 -3.92
N ASP C 1066 13.70 -8.60 -3.23
CA ASP C 1066 14.42 -8.19 -2.01
C ASP C 1066 14.38 -9.27 -0.94
N ARG C 1067 13.23 -9.92 -0.78
CA ARG C 1067 13.11 -10.96 0.24
C ARG C 1067 14.03 -12.13 -0.05
N LEU C 1068 14.07 -12.58 -1.31
CA LEU C 1068 14.97 -13.66 -1.68
C LEU C 1068 16.42 -13.27 -1.48
N ILE C 1069 16.78 -12.04 -1.84
CA ILE C 1069 18.15 -11.57 -1.67
C ILE C 1069 18.55 -11.60 -0.20
N ASN C 1070 17.67 -11.07 0.67
CA ASN C 1070 17.95 -11.03 2.10
C ASN C 1070 18.09 -12.44 2.67
N GLY C 1071 17.18 -13.35 2.27
CA GLY C 1071 17.25 -14.71 2.77
C GLY C 1071 18.53 -15.42 2.35
N ARG C 1072 18.91 -15.28 1.08
CA ARG C 1072 20.12 -15.94 0.61
C ARG C 1072 21.37 -15.35 1.25
N LEU C 1073 21.39 -14.03 1.45
CA LEU C 1073 22.53 -13.42 2.14
C LEU C 1073 22.63 -13.90 3.58
N THR C 1074 21.49 -14.02 4.26
CA THR C 1074 21.50 -14.54 5.63
C THR C 1074 22.00 -15.97 5.67
N ALA C 1075 21.56 -16.80 4.72
CA ALA C 1075 22.03 -18.18 4.69
C ALA C 1075 23.53 -18.26 4.44
N LEU C 1076 24.04 -17.44 3.51
CA LEU C 1076 25.47 -17.44 3.24
C LEU C 1076 26.25 -16.97 4.46
N ASN C 1077 25.76 -15.95 5.16
CA ASN C 1077 26.45 -15.47 6.36
C ASN C 1077 26.47 -16.54 7.44
N ALA C 1078 25.36 -17.25 7.61
CA ALA C 1078 25.32 -18.33 8.61
C ALA C 1078 26.31 -19.43 8.26
N TYR C 1079 26.37 -19.82 6.98
CA TYR C 1079 27.32 -20.86 6.56
C TYR C 1079 28.76 -20.40 6.77
N VAL C 1080 29.06 -19.14 6.46
CA VAL C 1080 30.41 -18.62 6.65
C VAL C 1080 30.78 -18.63 8.13
N SER C 1081 29.85 -18.21 8.99
CA SER C 1081 30.12 -18.23 10.42
C SER C 1081 30.36 -19.65 10.93
N GLN C 1082 29.55 -20.61 10.47
CA GLN C 1082 29.72 -21.99 10.90
C GLN C 1082 31.08 -22.54 10.45
N GLN C 1083 31.48 -22.25 9.21
CA GLN C 1083 32.78 -22.73 8.73
C GLN C 1083 33.92 -22.10 9.50
N LEU C 1084 33.84 -20.79 9.77
CA LEU C 1084 34.90 -20.12 10.53
C LEU C 1084 34.99 -20.67 11.94
N SER C 1085 33.85 -21.04 12.53
CA SER C 1085 33.88 -21.65 13.86
C SER C 1085 34.44 -23.06 13.82
N ASP C 1086 34.19 -23.80 12.75
CA ASP C 1086 34.66 -25.18 12.67
C ASP C 1086 36.15 -25.28 12.34
N ILE C 1087 36.71 -24.26 11.69
CA ILE C 1087 38.13 -24.33 11.30
C ILE C 1087 39.04 -24.42 12.51
N SER C 1088 38.69 -23.76 13.62
CA SER C 1088 39.54 -23.77 14.80
C SER C 1088 39.70 -25.18 15.36
N LEU C 1089 38.66 -26.00 15.25
CA LEU C 1089 38.74 -27.37 15.76
C LEU C 1089 39.79 -28.18 15.00
N VAL C 1090 39.78 -28.11 13.66
CA VAL C 1090 40.76 -28.85 12.90
C VAL C 1090 42.16 -28.26 13.07
N LYS C 1091 42.24 -26.95 13.33
CA LYS C 1091 43.54 -26.34 13.62
C LYS C 1091 44.13 -26.89 14.91
N PHE C 1092 43.31 -26.95 15.97
CA PHE C 1092 43.78 -27.52 17.23
C PHE C 1092 44.11 -29.00 17.08
N GLY C 1093 43.32 -29.72 16.28
CA GLY C 1093 43.61 -31.12 16.04
C GLY C 1093 44.94 -31.33 15.33
N ALA C 1094 45.24 -30.48 14.35
CA ALA C 1094 46.51 -30.58 13.64
C ALA C 1094 47.67 -30.23 14.56
N ALA C 1095 47.49 -29.23 15.44
CA ALA C 1095 48.53 -28.91 16.41
C ALA C 1095 48.79 -30.09 17.35
N LEU C 1096 47.72 -30.74 17.81
CA LEU C 1096 47.87 -31.92 18.66
C LEU C 1096 48.56 -33.04 17.91
N ALA C 1097 48.25 -33.20 16.63
CA ALA C 1097 48.90 -34.25 15.83
C ALA C 1097 50.39 -33.97 15.67
N MET C 1098 50.75 -32.70 15.45
CA MET C 1098 52.16 -32.35 15.36
C MET C 1098 52.88 -32.63 16.68
N GLU C 1099 52.27 -32.26 17.81
CA GLU C 1099 52.87 -32.56 19.10
C GLU C 1099 53.02 -34.07 19.31
N LYS C 1100 52.01 -34.83 18.88
CA LYS C 1100 52.06 -36.29 19.03
C LYS C 1100 53.19 -36.88 18.20
N VAL C 1101 53.35 -36.42 16.96
CA VAL C 1101 54.44 -36.90 16.11
C VAL C 1101 55.79 -36.54 16.73
N ASN C 1102 55.88 -35.35 17.32
CA ASN C 1102 57.15 -34.91 17.86
C ASN C 1102 57.53 -35.68 19.12
N GLU C 1103 56.56 -35.99 19.97
CA GLU C 1103 56.85 -36.53 21.30
C GLU C 1103 56.49 -37.99 21.46
N CYS C 1104 56.04 -38.67 20.41
CA CYS C 1104 55.68 -40.08 20.54
C CYS C 1104 56.31 -40.94 19.47
N VAL C 1105 56.55 -40.37 18.29
CA VAL C 1105 57.06 -41.14 17.16
C VAL C 1105 58.58 -41.00 17.08
N LYS C 1106 59.06 -39.77 16.90
CA LYS C 1106 60.49 -39.54 16.79
C LYS C 1106 61.22 -39.70 18.10
N SER C 1107 60.53 -39.55 19.23
CA SER C 1107 61.15 -39.70 20.54
C SER C 1107 60.07 -40.04 21.55
N GLN C 1108 60.50 -40.35 22.77
CA GLN C 1108 59.60 -40.69 23.87
C GLN C 1108 59.90 -39.77 25.04
N SER C 1109 58.94 -38.91 25.38
CA SER C 1109 59.11 -37.96 26.47
C SER C 1109 58.56 -38.52 27.77
N PRO C 1110 59.13 -38.12 28.91
CA PRO C 1110 58.63 -38.63 30.21
C PRO C 1110 57.26 -38.08 30.56
N ARG C 1111 56.24 -38.53 29.83
CA ARG C 1111 54.86 -38.12 30.07
C ARG C 1111 53.98 -39.35 30.14
N ILE C 1112 53.10 -39.38 31.15
CA ILE C 1112 52.27 -40.55 31.42
C ILE C 1112 50.90 -40.33 30.78
N ASN C 1113 50.41 -41.36 30.08
CA ASN C 1113 49.10 -41.35 29.45
C ASN C 1113 48.95 -40.24 28.43
N PHE C 1114 50.05 -39.90 27.74
CA PHE C 1114 50.01 -38.91 26.68
C PHE C 1114 49.85 -39.55 25.31
N CYS C 1115 50.77 -40.45 24.94
CA CYS C 1115 50.69 -41.11 23.65
C CYS C 1115 49.55 -42.11 23.60
N GLY C 1116 49.41 -42.92 24.64
CA GLY C 1116 48.35 -43.92 24.72
C GLY C 1116 47.83 -44.02 26.13
N ASN C 1117 47.22 -45.17 26.44
CA ASN C 1117 46.65 -45.44 27.75
C ASN C 1117 47.32 -46.71 28.30
N GLY C 1118 48.31 -46.52 29.17
CA GLY C 1118 49.01 -47.64 29.76
C GLY C 1118 50.51 -47.51 29.71
N ASN C 1119 51.22 -48.65 29.80
CA ASN C 1119 52.68 -48.66 29.74
C ASN C 1119 53.09 -48.51 28.28
N HIS C 1120 53.33 -47.28 27.86
CA HIS C 1120 53.64 -46.99 26.47
C HIS C 1120 55.07 -47.42 26.13
N ILE C 1121 55.24 -47.98 24.94
CA ILE C 1121 56.54 -48.39 24.45
C ILE C 1121 56.96 -47.49 23.31
N LEU C 1122 56.19 -47.48 22.23
CA LEU C 1122 56.47 -46.62 21.09
C LEU C 1122 55.19 -46.48 20.25
N SER C 1123 55.31 -45.75 19.14
CA SER C 1123 54.18 -45.50 18.27
C SER C 1123 54.67 -45.30 16.85
N LEU C 1124 53.78 -45.57 15.90
CA LEU C 1124 54.05 -45.38 14.48
C LEU C 1124 52.95 -44.50 13.89
N VAL C 1125 53.27 -43.85 12.78
CA VAL C 1125 52.37 -42.89 12.15
C VAL C 1125 52.12 -43.33 10.70
N GLN C 1126 50.88 -43.17 10.24
CA GLN C 1126 50.51 -43.47 8.88
C GLN C 1126 49.52 -42.41 8.38
N ASN C 1127 49.41 -42.32 7.06
CA ASN C 1127 48.52 -41.34 6.45
C ASN C 1127 47.08 -41.84 6.47
N ALA C 1128 46.15 -40.94 6.75
CA ALA C 1128 44.74 -41.24 6.83
C ALA C 1128 43.96 -40.18 6.09
N PRO C 1129 42.85 -40.54 5.44
CA PRO C 1129 42.06 -39.54 4.70
C PRO C 1129 41.65 -38.38 5.58
N TYR C 1130 42.16 -37.19 5.24
CA TYR C 1130 41.91 -35.97 6.01
C TYR C 1130 42.40 -36.10 7.44
N GLY C 1131 43.62 -36.62 7.61
CA GLY C 1131 44.19 -36.70 8.94
C GLY C 1131 45.37 -37.65 8.97
N LEU C 1132 45.64 -38.17 10.17
CA LEU C 1132 46.72 -39.11 10.41
C LEU C 1132 46.25 -40.20 11.37
N LEU C 1133 46.90 -41.35 11.29
CA LEU C 1133 46.57 -42.51 12.12
C LEU C 1133 47.80 -42.94 12.89
N PHE C 1134 47.68 -42.96 14.22
CA PHE C 1134 48.75 -43.37 15.11
C PHE C 1134 48.47 -44.77 15.65
N MET C 1135 49.51 -45.60 15.68
CA MET C 1135 49.44 -46.96 16.21
C MET C 1135 50.40 -47.04 17.39
N HIS C 1136 49.86 -47.12 18.59
CA HIS C 1136 50.66 -47.16 19.82
C HIS C 1136 50.75 -48.58 20.32
N PHE C 1137 51.95 -48.98 20.76
CA PHE C 1137 52.18 -50.30 21.32
C PHE C 1137 52.45 -50.19 22.81
N SER C 1138 51.79 -51.04 23.59
CA SER C 1138 51.83 -50.97 25.04
C SER C 1138 52.15 -52.35 25.62
N TYR C 1139 52.64 -52.34 26.86
CA TYR C 1139 53.06 -53.52 27.59
C TYR C 1139 51.94 -53.91 28.54
N LYS C 1140 51.38 -55.11 28.36
CA LYS C 1140 50.24 -55.55 29.15
C LYS C 1140 50.55 -56.88 29.82
N PRO C 1141 50.48 -56.98 31.14
CA PRO C 1141 50.68 -58.27 31.80
C PRO C 1141 49.46 -59.17 31.63
N ILE C 1142 49.69 -60.48 31.80
CA ILE C 1142 48.61 -61.45 31.71
C ILE C 1142 48.50 -62.36 32.92
N SER C 1143 49.55 -62.54 33.71
CA SER C 1143 49.50 -63.37 34.90
C SER C 1143 50.23 -62.68 36.04
N PHE C 1144 49.67 -62.79 37.24
CA PHE C 1144 50.20 -62.11 38.41
C PHE C 1144 50.56 -63.13 39.48
N LYS C 1145 51.39 -62.70 40.43
CA LYS C 1145 51.76 -63.51 41.57
C LYS C 1145 51.91 -62.62 42.79
N THR C 1146 51.27 -63.00 43.89
CA THR C 1146 51.32 -62.19 45.10
C THR C 1146 52.57 -62.51 45.93
N VAL C 1147 53.24 -61.46 46.38
CA VAL C 1147 54.47 -61.59 47.17
C VAL C 1147 54.46 -60.53 48.27
N LEU C 1148 55.43 -60.67 49.18
CA LEU C 1148 55.62 -59.73 50.28
C LEU C 1148 56.84 -58.85 49.97
N VAL C 1149 56.65 -57.54 50.04
CA VAL C 1149 57.67 -56.57 49.67
C VAL C 1149 57.92 -55.63 50.84
N SER C 1150 59.04 -54.91 50.75
CA SER C 1150 59.44 -53.94 51.76
C SER C 1150 59.90 -52.66 51.06
N PRO C 1151 59.43 -51.49 51.48
CA PRO C 1151 59.82 -50.24 50.80
C PRO C 1151 61.28 -49.87 50.98
N GLY C 1152 61.95 -50.36 52.01
CA GLY C 1152 63.35 -50.03 52.21
C GLY C 1152 63.92 -50.84 53.36
N LEU C 1153 65.24 -50.73 53.50
CA LEU C 1153 65.95 -51.48 54.54
C LEU C 1153 66.90 -50.56 55.29
N CYS C 1154 67.21 -50.92 56.52
CA CYS C 1154 68.18 -50.21 57.36
C CYS C 1154 69.28 -51.20 57.70
N ILE C 1155 70.49 -50.94 57.22
CA ILE C 1155 71.60 -51.89 57.33
C ILE C 1155 72.69 -51.33 58.23
N SER C 1156 73.70 -52.18 58.47
CA SER C 1156 74.66 -52.14 59.57
C SER C 1156 75.07 -50.75 60.04
N GLY C 1157 75.53 -49.90 59.12
CA GLY C 1157 75.99 -48.59 59.51
C GLY C 1157 74.85 -47.63 59.74
N ASP C 1158 73.72 -48.15 60.24
CA ASP C 1158 72.48 -47.40 60.40
C ASP C 1158 72.08 -46.69 59.11
N VAL C 1159 72.41 -47.26 57.97
CA VAL C 1159 72.23 -46.58 56.69
C VAL C 1159 71.05 -47.17 55.94
N GLY C 1160 70.26 -46.32 55.31
CA GLY C 1160 69.05 -46.73 54.63
C GLY C 1160 69.31 -47.02 53.16
N ILE C 1161 68.71 -48.09 52.66
CA ILE C 1161 68.77 -48.43 51.25
C ILE C 1161 67.35 -48.57 50.71
N ALA C 1162 67.10 -47.91 49.59
CA ALA C 1162 65.78 -47.91 48.98
C ALA C 1162 65.87 -48.34 47.52
N PRO C 1163 64.93 -49.16 47.06
CA PRO C 1163 64.94 -49.57 45.65
C PRO C 1163 64.65 -48.40 44.73
N LYS C 1164 65.33 -48.39 43.59
CA LYS C 1164 65.11 -47.34 42.59
C LYS C 1164 63.76 -47.53 41.90
N GLN C 1165 63.59 -48.65 41.22
CA GLN C 1165 62.32 -48.99 40.57
C GLN C 1165 62.11 -50.49 40.79
N GLY C 1166 61.45 -50.82 41.90
CA GLY C 1166 61.25 -52.21 42.26
C GLY C 1166 60.99 -52.34 43.75
N TYR C 1167 61.23 -53.54 44.27
CA TYR C 1167 60.96 -53.85 45.67
C TYR C 1167 62.03 -54.78 46.20
N PHE C 1168 62.08 -54.90 47.53
CA PHE C 1168 62.95 -55.83 48.21
C PHE C 1168 62.11 -56.97 48.77
N ILE C 1169 62.52 -58.21 48.47
CA ILE C 1169 61.77 -59.38 48.87
C ILE C 1169 62.69 -60.36 49.60
N LYS C 1170 62.09 -61.40 50.16
CA LYS C 1170 62.81 -62.48 50.82
C LYS C 1170 62.76 -63.72 49.95
N HIS C 1171 63.93 -64.25 49.60
CA HIS C 1171 64.05 -65.47 48.80
C HIS C 1171 65.17 -66.31 49.39
N ASN C 1172 64.85 -67.56 49.73
CA ASN C 1172 65.80 -68.48 50.35
C ASN C 1172 66.43 -67.88 51.60
N ASP C 1173 65.61 -67.20 52.40
CA ASP C 1173 66.04 -66.53 53.62
C ASP C 1173 67.12 -65.48 53.36
N HIS C 1174 67.08 -64.86 52.18
CA HIS C 1174 68.00 -63.79 51.83
C HIS C 1174 67.23 -62.61 51.27
N TRP C 1175 67.75 -61.41 51.52
CA TRP C 1175 67.13 -60.18 51.01
C TRP C 1175 67.58 -59.96 49.56
N MET C 1176 66.63 -60.02 48.63
CA MET C 1176 66.94 -59.82 47.22
C MET C 1176 66.08 -58.71 46.64
N PHE C 1177 66.37 -58.30 45.41
CA PHE C 1177 65.66 -57.22 44.74
C PHE C 1177 64.86 -57.78 43.58
N THR C 1178 63.66 -57.23 43.37
CA THR C 1178 62.81 -57.65 42.27
C THR C 1178 62.25 -56.41 41.58
N GLY C 1179 61.89 -56.57 40.31
CA GLY C 1179 61.33 -55.47 39.56
C GLY C 1179 59.87 -55.22 39.85
N SER C 1180 59.39 -54.05 39.43
CA SER C 1180 58.00 -53.67 39.66
C SER C 1180 57.06 -54.17 38.56
N SER C 1181 57.60 -54.65 37.44
CA SER C 1181 56.77 -55.13 36.35
C SER C 1181 57.03 -56.59 35.99
N TYR C 1182 57.99 -57.25 36.63
CA TYR C 1182 58.28 -58.65 36.36
C TYR C 1182 58.96 -59.25 37.58
N TYR C 1183 58.58 -60.47 37.94
CA TYR C 1183 59.09 -61.15 39.11
C TYR C 1183 60.36 -61.91 38.73
N TYR C 1184 61.52 -61.42 39.16
CA TYR C 1184 62.80 -62.06 38.89
C TYR C 1184 63.76 -61.66 40.00
N PRO C 1185 63.97 -62.55 40.98
CA PRO C 1185 64.86 -62.20 42.09
C PRO C 1185 66.29 -61.98 41.62
N GLU C 1186 66.90 -60.90 42.12
CA GLU C 1186 68.27 -60.52 41.77
C GLU C 1186 69.01 -60.16 43.06
N PRO C 1187 70.32 -60.40 43.10
CA PRO C 1187 71.09 -59.99 44.27
C PRO C 1187 71.19 -58.48 44.38
N ILE C 1188 71.22 -57.98 45.62
CA ILE C 1188 71.29 -56.56 45.86
C ILE C 1188 72.69 -56.06 45.52
N SER C 1189 72.77 -55.04 44.68
CA SER C 1189 74.03 -54.45 44.27
C SER C 1189 73.94 -52.94 44.46
N ASP C 1190 74.98 -52.23 44.01
CA ASP C 1190 75.02 -50.78 44.12
C ASP C 1190 74.41 -50.06 42.92
N LYS C 1191 74.02 -50.78 41.87
CA LYS C 1191 73.46 -50.19 40.68
C LYS C 1191 71.94 -50.24 40.64
N ASN C 1192 71.30 -50.69 41.73
CA ASN C 1192 69.84 -50.74 41.78
C ASN C 1192 69.29 -50.25 43.10
N VAL C 1193 70.09 -49.55 43.91
CA VAL C 1193 69.65 -49.05 45.22
C VAL C 1193 70.05 -47.59 45.34
N VAL C 1194 69.42 -46.92 46.31
CA VAL C 1194 69.72 -45.54 46.66
C VAL C 1194 70.06 -45.50 48.14
N PHE C 1195 71.17 -44.85 48.48
CA PHE C 1195 71.69 -44.82 49.84
C PHE C 1195 71.27 -43.55 50.55
N MET C 1196 71.06 -43.67 51.87
CA MET C 1196 70.76 -42.54 52.73
C MET C 1196 71.52 -42.73 54.05
N ASN C 1197 72.11 -41.63 54.53
CA ASN C 1197 72.90 -41.70 55.76
C ASN C 1197 72.06 -42.08 56.97
N THR C 1198 70.80 -41.66 57.00
CA THR C 1198 69.89 -41.98 58.10
C THR C 1198 68.65 -42.67 57.53
N CYS C 1199 68.33 -43.84 58.07
CA CYS C 1199 67.16 -44.58 57.61
C CYS C 1199 65.92 -44.16 58.40
N SER C 1200 64.77 -44.33 57.76
CA SER C 1200 63.51 -43.90 58.37
C SER C 1200 63.16 -44.78 59.57
N VAL C 1201 62.12 -44.37 60.29
CA VAL C 1201 61.75 -45.06 61.53
C VAL C 1201 61.04 -46.37 61.22
N ASN C 1202 60.38 -46.47 60.07
CA ASN C 1202 59.60 -47.64 59.70
C ASN C 1202 60.26 -48.43 58.56
N PHE C 1203 61.58 -48.52 58.57
CA PHE C 1203 62.31 -49.38 57.64
C PHE C 1203 62.64 -50.70 58.31
N THR C 1204 62.65 -51.76 57.52
CA THR C 1204 62.96 -53.08 58.05
C THR C 1204 64.43 -53.16 58.47
N LYS C 1205 64.66 -53.61 59.71
CA LYS C 1205 66.00 -53.72 60.25
C LYS C 1205 66.63 -55.03 59.82
N ALA C 1206 67.73 -54.94 59.08
CA ALA C 1206 68.48 -56.11 58.62
C ALA C 1206 69.96 -55.83 58.80
N PRO C 1207 70.49 -56.00 60.02
CA PRO C 1207 71.90 -55.70 60.29
C PRO C 1207 72.82 -56.86 59.91
N LEU C 1208 72.63 -57.38 58.69
CA LEU C 1208 73.46 -58.47 58.20
C LEU C 1208 73.83 -58.23 56.74
N VAL C 1209 73.12 -57.32 56.08
CA VAL C 1209 73.34 -57.04 54.66
C VAL C 1209 74.42 -55.96 54.60
N TYR C 1210 75.67 -56.39 54.46
CA TYR C 1210 76.78 -55.47 54.32
C TYR C 1210 76.98 -55.10 52.86
N LEU C 1211 76.92 -53.81 52.56
CA LEU C 1211 77.07 -53.33 51.19
C LEU C 1211 77.86 -52.03 51.14
N ILE D 147 -43.10 64.37 -51.34
CA ILE D 147 -42.67 63.88 -50.04
C ILE D 147 -42.12 62.47 -50.19
N VAL D 148 -40.86 62.28 -49.78
CA VAL D 148 -40.17 61.00 -49.87
C VAL D 148 -40.06 60.42 -48.47
N GLY D 149 -40.36 59.14 -48.34
CA GLY D 149 -40.27 58.47 -47.04
C GLY D 149 -41.37 58.88 -46.07
N GLY D 150 -42.59 59.07 -46.57
CA GLY D 150 -43.71 59.46 -45.73
C GLY D 150 -44.79 58.39 -45.73
N GLU D 151 -45.56 58.35 -44.65
CA GLU D 151 -46.65 57.39 -44.52
C GLU D 151 -47.94 57.96 -45.07
N SER D 152 -48.86 57.07 -45.42
CA SER D 152 -50.14 57.50 -45.96
C SER D 152 -50.96 58.21 -44.90
N ALA D 153 -51.63 59.30 -45.30
CA ALA D 153 -52.43 60.10 -44.40
C ALA D 153 -53.85 59.55 -44.33
N LEU D 154 -54.31 59.24 -43.12
CA LEU D 154 -55.65 58.73 -42.94
C LEU D 154 -56.68 59.84 -43.17
N PRO D 155 -57.89 59.49 -43.60
CA PRO D 155 -58.92 60.51 -43.79
C PRO D 155 -59.28 61.19 -42.48
N GLY D 156 -59.45 62.50 -42.55
CA GLY D 156 -59.77 63.28 -41.36
C GLY D 156 -58.57 63.57 -40.47
N ALA D 157 -57.39 63.73 -41.06
CA ALA D 157 -56.18 64.03 -40.32
C ALA D 157 -55.65 65.43 -40.57
N TRP D 158 -55.60 65.87 -41.83
CA TRP D 158 -55.14 67.21 -42.19
C TRP D 158 -56.22 67.85 -43.05
N PRO D 159 -57.29 68.36 -42.44
CA PRO D 159 -58.43 68.91 -43.17
C PRO D 159 -58.21 70.33 -43.71
N TRP D 160 -57.05 70.57 -44.30
CA TRP D 160 -56.77 71.85 -44.92
C TRP D 160 -56.04 71.72 -46.25
N GLN D 161 -56.02 70.54 -46.86
CA GLN D 161 -55.33 70.33 -48.13
C GLN D 161 -56.26 70.75 -49.26
N VAL D 162 -55.97 71.89 -49.89
CA VAL D 162 -56.73 72.39 -51.03
C VAL D 162 -55.89 72.19 -52.28
N SER D 163 -56.46 71.52 -53.27
CA SER D 163 -55.77 71.19 -54.51
C SER D 163 -56.15 72.20 -55.59
N LEU D 164 -55.14 72.76 -56.25
CA LEU D 164 -55.34 73.66 -57.37
C LEU D 164 -55.04 72.93 -58.68
N HIS D 165 -56.08 72.70 -59.48
CA HIS D 165 -55.98 71.96 -60.71
C HIS D 165 -56.23 72.89 -61.89
N VAL D 166 -55.29 72.91 -62.83
CA VAL D 166 -55.39 73.69 -64.06
C VAL D 166 -55.30 72.73 -65.25
N GLN D 167 -56.09 73.00 -66.28
CA GLN D 167 -56.16 72.14 -67.47
C GLN D 167 -56.56 70.71 -67.11
N ASN D 168 -57.53 70.60 -66.20
CA ASN D 168 -58.11 69.31 -65.80
C ASN D 168 -57.06 68.35 -65.24
N VAL D 169 -56.10 68.90 -64.49
CA VAL D 169 -55.08 68.10 -63.83
C VAL D 169 -54.50 68.92 -62.69
N HIS D 170 -54.30 68.27 -61.55
CA HIS D 170 -53.75 68.95 -60.38
C HIS D 170 -52.29 69.31 -60.60
N VAL D 171 -51.95 70.57 -60.33
CA VAL D 171 -50.60 71.08 -60.52
C VAL D 171 -49.99 71.60 -59.22
N CYS D 172 -50.78 72.31 -58.41
CA CYS D 172 -50.28 72.92 -57.19
C CYS D 172 -51.29 72.69 -56.07
N GLY D 173 -50.80 72.84 -54.84
CA GLY D 173 -51.63 72.74 -53.66
C GLY D 173 -51.98 74.09 -53.08
N GLY D 174 -52.37 74.07 -51.80
CA GLY D 174 -52.72 75.30 -51.13
C GLY D 174 -53.12 75.04 -49.69
N SER D 175 -53.36 76.13 -48.97
CA SER D 175 -53.77 76.08 -47.57
C SER D 175 -54.95 77.02 -47.37
N ILE D 176 -55.93 76.57 -46.59
CA ILE D 176 -57.15 77.32 -46.33
C ILE D 176 -57.09 77.86 -44.90
N ILE D 177 -57.24 79.17 -44.77
CA ILE D 177 -57.33 79.83 -43.47
C ILE D 177 -58.72 80.42 -43.24
N THR D 178 -59.35 80.93 -44.28
CA THR D 178 -60.70 81.48 -44.24
C THR D 178 -61.44 81.07 -45.49
N PRO D 179 -62.75 80.81 -45.39
CA PRO D 179 -63.51 80.33 -46.57
C PRO D 179 -63.52 81.29 -47.75
N GLU D 180 -62.90 82.46 -47.59
CA GLU D 180 -62.84 83.46 -48.66
C GLU D 180 -61.44 83.66 -49.22
N TRP D 181 -60.43 83.00 -48.65
CA TRP D 181 -59.06 83.18 -49.12
C TRP D 181 -58.29 81.88 -48.99
N ILE D 182 -57.46 81.59 -49.99
CA ILE D 182 -56.59 80.41 -50.00
C ILE D 182 -55.17 80.88 -50.21
N VAL D 183 -54.24 80.31 -49.44
CA VAL D 183 -52.82 80.67 -49.52
C VAL D 183 -52.12 79.65 -50.41
N THR D 184 -51.34 80.16 -51.36
CA THR D 184 -50.60 79.30 -52.29
C THR D 184 -49.29 79.99 -52.64
N ALA D 185 -48.59 79.43 -53.62
CA ALA D 185 -47.29 79.95 -54.05
C ALA D 185 -47.47 81.01 -55.12
N ALA D 186 -46.60 82.02 -55.10
CA ALA D 186 -46.70 83.13 -56.04
C ALA D 186 -45.97 82.85 -57.35
N HIS D 187 -44.89 82.06 -57.31
CA HIS D 187 -44.14 81.79 -58.53
C HIS D 187 -44.91 80.92 -59.50
N CYS D 188 -45.81 80.06 -58.99
CA CYS D 188 -46.62 79.21 -59.84
C CYS D 188 -47.81 79.94 -60.44
N VAL D 189 -48.15 81.13 -59.93
CA VAL D 189 -49.28 81.90 -60.44
C VAL D 189 -48.80 83.06 -61.32
N GLU D 190 -47.59 82.97 -61.87
CA GLU D 190 -47.06 84.03 -62.72
C GLU D 190 -47.65 83.93 -64.13
N LYS D 191 -47.23 84.85 -64.98
CA LYS D 191 -47.70 84.87 -66.36
C LYS D 191 -47.17 83.65 -67.11
N PRO D 192 -47.95 83.12 -68.07
CA PRO D 192 -49.28 83.58 -68.46
C PRO D 192 -50.40 82.96 -67.63
N LEU D 193 -50.03 82.20 -66.60
CA LEU D 193 -51.03 81.55 -65.75
C LEU D 193 -51.74 82.53 -64.82
N ASN D 194 -51.32 83.78 -64.77
CA ASN D 194 -51.95 84.78 -63.91
C ASN D 194 -53.27 85.23 -64.54
N ASN D 195 -54.27 84.35 -64.42
CA ASN D 195 -55.60 84.60 -64.95
C ASN D 195 -56.66 84.15 -63.96
N PRO D 196 -57.73 84.92 -63.80
CA PRO D 196 -58.79 84.51 -62.86
C PRO D 196 -59.46 83.20 -63.26
N TRP D 197 -59.59 82.93 -64.55
CA TRP D 197 -60.20 81.70 -65.03
C TRP D 197 -59.12 80.64 -65.23
N HIS D 198 -59.49 79.53 -65.87
CA HIS D 198 -58.57 78.43 -66.16
C HIS D 198 -57.95 77.86 -64.89
N TRP D 199 -58.75 77.75 -63.84
CA TRP D 199 -58.31 77.18 -62.57
C TRP D 199 -59.48 76.47 -61.91
N THR D 200 -59.15 75.56 -61.00
CA THR D 200 -60.15 74.78 -60.27
C THR D 200 -59.63 74.49 -58.87
N ALA D 201 -60.51 74.64 -57.88
CA ALA D 201 -60.17 74.39 -56.49
C ALA D 201 -60.91 73.17 -55.99
N PHE D 202 -60.20 72.25 -55.35
CA PHE D 202 -60.77 71.03 -54.81
C PHE D 202 -60.47 70.94 -53.33
N ALA D 203 -61.50 70.70 -52.53
CA ALA D 203 -61.37 70.57 -51.08
C ALA D 203 -62.06 69.31 -50.61
N GLY D 204 -61.44 68.62 -49.65
CA GLY D 204 -62.00 67.40 -49.11
C GLY D 204 -61.76 66.15 -49.92
N ILE D 205 -60.97 66.24 -50.99
CA ILE D 205 -60.69 65.08 -51.85
C ILE D 205 -59.60 64.26 -51.17
N LEU D 206 -59.98 63.11 -50.62
CA LEU D 206 -59.02 62.24 -49.93
C LEU D 206 -58.20 61.39 -50.90
N ARG D 207 -58.54 61.38 -52.18
CA ARG D 207 -57.80 60.60 -53.17
C ARG D 207 -57.98 61.23 -54.54
N GLN D 208 -57.05 60.92 -55.45
CA GLN D 208 -57.13 61.42 -56.81
C GLN D 208 -58.15 60.69 -57.66
N SER D 209 -58.61 59.52 -57.21
CA SER D 209 -59.62 58.78 -57.98
C SER D 209 -60.96 59.50 -57.96
N PHE D 210 -61.29 60.17 -56.86
CA PHE D 210 -62.54 60.91 -56.77
C PHE D 210 -62.50 62.22 -57.54
N MET D 211 -61.34 62.65 -58.01
CA MET D 211 -61.22 63.89 -58.76
C MET D 211 -61.87 63.73 -60.13
N PHE D 212 -62.95 64.46 -60.38
CA PHE D 212 -63.68 64.38 -61.64
C PHE D 212 -64.45 65.69 -61.81
N TYR D 213 -65.41 65.69 -62.73
CA TYR D 213 -66.23 66.87 -62.96
C TYR D 213 -67.03 67.20 -61.71
N GLY D 214 -66.95 68.46 -61.27
CA GLY D 214 -67.62 68.89 -60.06
C GLY D 214 -66.65 69.22 -58.96
N ALA D 215 -66.59 70.49 -58.57
CA ALA D 215 -65.65 70.95 -57.56
C ALA D 215 -66.30 72.11 -56.80
N GLY D 216 -65.48 72.86 -56.07
CA GLY D 216 -65.99 73.98 -55.30
C GLY D 216 -66.45 75.15 -56.16
N TYR D 217 -66.45 76.32 -55.55
CA TYR D 217 -66.92 77.53 -56.21
C TYR D 217 -65.96 77.94 -57.32
N GLN D 218 -66.35 78.98 -58.06
CA GLN D 218 -65.54 79.48 -59.15
C GLN D 218 -64.28 80.15 -58.62
N VAL D 219 -63.26 80.22 -59.49
CA VAL D 219 -61.98 80.82 -59.13
C VAL D 219 -62.01 82.30 -59.48
N GLU D 220 -61.75 83.14 -58.49
CA GLU D 220 -61.72 84.59 -58.68
C GLU D 220 -60.29 85.02 -59.01
N LYS D 221 -60.05 86.34 -59.01
CA LYS D 221 -58.74 86.86 -59.35
C LYS D 221 -57.72 86.50 -58.29
N VAL D 222 -56.45 86.47 -58.70
CA VAL D 222 -55.33 86.11 -57.84
C VAL D 222 -54.64 87.38 -57.38
N ILE D 223 -54.11 87.36 -56.16
CA ILE D 223 -53.36 88.48 -55.60
C ILE D 223 -51.94 88.03 -55.32
N SER D 224 -50.96 88.78 -55.84
CA SER D 224 -49.56 88.48 -55.66
C SER D 224 -48.87 89.64 -54.96
N HIS D 225 -47.80 89.30 -54.24
CA HIS D 225 -47.05 90.33 -53.52
C HIS D 225 -46.25 91.16 -54.52
N PRO D 226 -46.45 92.48 -54.56
CA PRO D 226 -45.68 93.31 -55.52
C PRO D 226 -44.18 93.27 -55.31
N ASN D 227 -43.72 92.93 -54.10
CA ASN D 227 -42.29 92.86 -53.81
C ASN D 227 -41.67 91.53 -54.21
N TYR D 228 -42.37 90.69 -54.97
CA TYR D 228 -41.82 89.42 -55.39
C TYR D 228 -40.97 89.59 -56.64
N ASP D 229 -40.04 88.64 -56.83
CA ASP D 229 -39.13 88.66 -57.96
C ASP D 229 -39.03 87.25 -58.55
N SER D 230 -38.55 87.19 -59.80
CA SER D 230 -38.39 85.93 -60.51
C SER D 230 -36.97 85.38 -60.42
N LYS D 231 -35.96 86.24 -60.64
CA LYS D 231 -34.58 85.80 -60.56
C LYS D 231 -34.19 85.46 -59.14
N THR D 232 -34.57 86.32 -58.18
CA THR D 232 -34.27 86.12 -56.77
C THR D 232 -35.56 85.71 -56.06
N LYS D 233 -35.50 84.57 -55.37
CA LYS D 233 -36.67 84.04 -54.67
C LYS D 233 -36.90 84.86 -53.41
N ASN D 234 -37.99 85.63 -53.39
CA ASN D 234 -38.33 86.45 -52.25
C ASN D 234 -39.81 86.79 -52.30
N ASN D 235 -40.48 86.69 -51.15
CA ASN D 235 -41.91 86.99 -51.02
C ASN D 235 -42.74 86.13 -51.98
N ASP D 236 -42.67 84.82 -51.77
CA ASP D 236 -43.40 83.87 -52.60
C ASP D 236 -44.70 83.46 -51.89
N ILE D 237 -45.65 84.39 -51.92
CA ILE D 237 -46.96 84.19 -51.30
C ILE D 237 -48.02 84.70 -52.26
N ALA D 238 -49.05 83.88 -52.50
CA ALA D 238 -50.15 84.23 -53.38
C ALA D 238 -51.48 83.95 -52.69
N LEU D 239 -52.48 84.76 -53.00
CA LEU D 239 -53.80 84.63 -52.41
C LEU D 239 -54.82 84.37 -53.52
N MET D 240 -55.67 83.38 -53.30
CA MET D 240 -56.72 83.00 -54.24
C MET D 240 -58.07 83.25 -53.60
N LYS D 241 -58.99 83.81 -54.37
CA LYS D 241 -60.32 84.14 -53.88
C LYS D 241 -61.36 83.23 -54.53
N LEU D 242 -62.42 82.96 -53.80
CA LEU D 242 -63.51 82.11 -54.26
C LEU D 242 -64.81 82.90 -54.29
N GLN D 243 -65.73 82.48 -55.16
CA GLN D 243 -67.02 83.15 -55.27
C GLN D 243 -67.91 82.82 -54.08
N LYS D 244 -68.21 81.53 -53.89
CA LYS D 244 -69.03 81.10 -52.77
C LYS D 244 -68.15 80.69 -51.58
N PRO D 245 -68.64 80.88 -50.36
CA PRO D 245 -67.85 80.51 -49.19
C PRO D 245 -67.71 78.99 -49.06
N LEU D 246 -66.58 78.56 -48.52
CA LEU D 246 -66.30 77.15 -48.33
C LEU D 246 -67.08 76.64 -47.14
N THR D 247 -68.04 75.75 -47.39
CA THR D 247 -68.85 75.18 -46.32
C THR D 247 -68.01 74.21 -45.49
N PHE D 248 -68.00 74.40 -44.17
CA PHE D 248 -67.24 73.53 -43.28
C PHE D 248 -67.92 72.18 -43.17
N ASN D 249 -67.36 71.17 -43.82
CA ASN D 249 -67.87 69.81 -43.75
C ASN D 249 -67.33 69.12 -42.51
N ASP D 250 -67.51 67.79 -42.44
CA ASP D 250 -67.01 67.05 -41.29
C ASP D 250 -65.48 67.09 -41.23
N LEU D 251 -64.83 66.64 -42.29
CA LEU D 251 -63.37 66.65 -42.36
C LEU D 251 -62.84 67.92 -43.02
N VAL D 252 -63.27 69.07 -42.51
CA VAL D 252 -62.87 70.38 -43.02
C VAL D 252 -62.60 71.30 -41.83
N LYS D 253 -61.37 71.78 -41.71
CA LYS D 253 -61.00 72.69 -40.63
C LYS D 253 -59.84 73.57 -41.07
N PRO D 254 -60.04 74.89 -41.18
CA PRO D 254 -58.96 75.76 -41.61
C PRO D 254 -57.92 75.95 -40.52
N VAL D 255 -56.68 76.20 -40.94
CA VAL D 255 -55.59 76.41 -40.00
C VAL D 255 -55.59 77.87 -39.54
N CYS D 256 -55.07 78.08 -38.33
CA CYS D 256 -55.03 79.40 -37.72
C CYS D 256 -53.74 80.11 -38.10
N LEU D 257 -53.82 81.40 -38.38
CA LEU D 257 -52.63 82.18 -38.72
C LEU D 257 -51.75 82.39 -37.49
N PRO D 258 -50.43 82.39 -37.68
CA PRO D 258 -49.53 82.55 -36.54
C PRO D 258 -49.55 83.99 -36.02
N ASN D 259 -49.77 84.13 -34.72
CA ASN D 259 -49.77 85.45 -34.12
C ASN D 259 -48.33 85.96 -33.99
N PRO D 260 -48.10 87.26 -34.19
CA PRO D 260 -46.74 87.80 -34.03
C PRO D 260 -46.23 87.59 -32.61
N GLY D 261 -45.21 86.75 -32.49
CA GLY D 261 -44.66 86.41 -31.19
C GLY D 261 -45.14 85.05 -30.70
N MET D 262 -44.27 84.04 -30.82
CA MET D 262 -44.63 82.68 -30.41
C MET D 262 -43.54 81.95 -29.65
N MET D 263 -42.29 82.41 -29.70
CA MET D 263 -41.15 81.74 -29.07
C MET D 263 -41.04 80.30 -29.56
N LEU D 264 -40.85 80.16 -30.86
CA LEU D 264 -40.76 78.85 -31.48
C LEU D 264 -39.46 78.15 -31.09
N GLN D 265 -39.52 76.84 -30.96
CA GLN D 265 -38.34 76.06 -30.62
C GLN D 265 -37.39 76.03 -31.82
N PRO D 266 -36.08 76.18 -31.61
CA PRO D 266 -35.15 76.10 -32.74
C PRO D 266 -35.24 74.79 -33.50
N GLU D 267 -35.08 73.65 -32.82
CA GLU D 267 -35.24 72.34 -33.43
C GLU D 267 -36.61 71.80 -33.02
N GLN D 268 -37.64 72.23 -33.75
CA GLN D 268 -39.02 71.85 -33.48
C GLN D 268 -39.54 70.94 -34.57
N LEU D 269 -40.20 69.87 -34.17
CA LEU D 269 -40.76 68.93 -35.14
C LEU D 269 -42.00 69.53 -35.79
N CYS D 270 -42.06 69.43 -37.12
CA CYS D 270 -43.19 69.93 -37.88
C CYS D 270 -43.60 68.89 -38.92
N TRP D 271 -44.79 69.07 -39.48
CA TRP D 271 -45.36 68.11 -40.42
C TRP D 271 -45.55 68.76 -41.79
N ILE D 272 -45.24 68.01 -42.84
CA ILE D 272 -45.46 68.43 -44.22
C ILE D 272 -46.33 67.38 -44.89
N SER D 273 -47.48 67.81 -45.42
CA SER D 273 -48.43 66.92 -46.06
C SER D 273 -48.81 67.47 -47.44
N GLY D 274 -48.97 66.57 -48.39
CA GLY D 274 -49.35 66.98 -49.73
C GLY D 274 -49.25 65.81 -50.69
N TRP D 275 -49.38 66.13 -51.97
CA TRP D 275 -49.28 65.17 -53.06
C TRP D 275 -47.92 65.35 -53.72
N GLY D 276 -46.94 64.56 -53.27
CA GLY D 276 -45.57 64.66 -53.74
C GLY D 276 -45.17 63.45 -54.54
N ALA D 277 -43.88 63.13 -54.47
CA ALA D 277 -43.30 62.02 -55.21
C ALA D 277 -42.29 61.28 -54.35
N THR D 278 -42.02 60.03 -54.72
CA THR D 278 -41.06 59.20 -54.00
C THR D 278 -40.02 58.58 -54.91
N GLU D 279 -39.82 59.14 -56.11
CA GLU D 279 -38.86 58.60 -57.08
C GLU D 279 -38.16 59.79 -57.74
N GLU D 280 -37.48 59.50 -58.85
CA GLU D 280 -36.77 60.54 -59.58
C GLU D 280 -37.76 61.48 -60.28
N LYS D 281 -38.10 62.55 -59.58
CA LYS D 281 -39.01 63.61 -60.06
C LYS D 281 -40.43 63.05 -60.08
N GLY D 282 -40.64 61.76 -59.84
CA GLY D 282 -41.97 61.19 -59.76
C GLY D 282 -42.76 61.28 -61.05
N LYS D 283 -43.93 60.67 -61.03
CA LYS D 283 -44.88 60.75 -62.14
C LYS D 283 -46.17 61.46 -61.72
N THR D 284 -46.85 60.96 -60.68
CA THR D 284 -48.07 61.56 -60.18
C THR D 284 -48.20 61.24 -58.70
N SER D 285 -49.37 61.53 -58.14
CA SER D 285 -49.69 61.23 -56.75
C SER D 285 -51.19 60.98 -56.63
N GLU D 286 -51.55 59.80 -56.13
CA GLU D 286 -52.95 59.40 -56.05
C GLU D 286 -53.54 59.55 -54.65
N VAL D 287 -52.70 59.66 -53.62
CA VAL D 287 -53.18 59.76 -52.24
C VAL D 287 -52.34 60.79 -51.50
N LEU D 288 -52.82 61.19 -50.33
CA LEU D 288 -52.11 62.15 -49.51
C LEU D 288 -50.89 61.51 -48.86
N ASN D 289 -49.76 62.22 -48.91
CA ASN D 289 -48.51 61.75 -48.33
C ASN D 289 -48.03 62.79 -47.32
N ALA D 290 -47.76 62.35 -46.09
CA ALA D 290 -47.36 63.23 -45.01
C ALA D 290 -46.11 62.68 -44.33
N ALA D 291 -45.27 63.60 -43.85
CA ALA D 291 -44.05 63.23 -43.17
C ALA D 291 -43.72 64.31 -42.13
N LYS D 292 -42.72 64.01 -41.31
CA LYS D 292 -42.25 64.92 -40.27
C LYS D 292 -40.81 65.35 -40.56
N VAL D 293 -40.52 66.62 -40.24
CA VAL D 293 -39.21 67.21 -40.48
C VAL D 293 -38.87 68.11 -39.30
N LEU D 294 -37.66 68.66 -39.31
CA LEU D 294 -37.19 69.56 -38.27
C LEU D 294 -36.78 70.89 -38.90
N LEU D 295 -36.78 71.94 -38.08
CA LEU D 295 -36.44 73.28 -38.54
C LEU D 295 -34.96 73.52 -38.35
N ILE D 296 -34.21 73.63 -39.45
CA ILE D 296 -32.79 73.93 -39.38
C ILE D 296 -32.60 75.41 -39.13
N GLU D 297 -31.60 75.76 -38.32
CA GLU D 297 -31.35 77.15 -37.98
C GLU D 297 -30.94 77.95 -39.22
N THR D 298 -31.31 79.23 -39.24
CA THR D 298 -30.98 80.07 -40.38
C THR D 298 -29.47 80.27 -40.50
N GLN D 299 -28.81 80.56 -39.38
CA GLN D 299 -27.36 80.74 -39.38
C GLN D 299 -26.61 79.44 -39.66
N ARG D 300 -27.28 78.30 -39.57
CA ARG D 300 -26.64 77.02 -39.88
C ARG D 300 -26.98 76.52 -41.27
N CYS D 301 -28.17 76.84 -41.79
CA CYS D 301 -28.56 76.40 -43.11
C CYS D 301 -27.83 77.15 -44.22
N ASN D 302 -27.37 78.37 -43.96
CA ASN D 302 -26.68 79.17 -44.95
C ASN D 302 -25.16 78.97 -44.91
N SER D 303 -24.71 77.79 -44.49
CA SER D 303 -23.28 77.52 -44.40
C SER D 303 -22.60 77.68 -45.76
N ARG D 304 -21.27 77.79 -45.72
CA ARG D 304 -20.51 78.03 -46.94
C ARG D 304 -20.50 76.82 -47.86
N TYR D 305 -20.96 75.67 -47.37
CA TYR D 305 -20.92 74.44 -48.14
C TYR D 305 -22.28 74.04 -48.71
N VAL D 306 -23.36 74.67 -48.29
CA VAL D 306 -24.69 74.29 -48.76
C VAL D 306 -25.41 75.47 -49.40
N TYR D 307 -25.63 76.54 -48.64
CA TYR D 307 -26.43 77.68 -49.07
C TYR D 307 -25.71 78.98 -48.76
N ASP D 308 -24.44 79.06 -49.14
CA ASP D 308 -23.63 80.25 -48.90
C ASP D 308 -24.25 81.48 -49.55
N ASN D 309 -24.71 82.43 -48.71
CA ASN D 309 -25.30 83.68 -49.16
C ASN D 309 -26.48 83.43 -50.11
N LEU D 310 -27.38 82.54 -49.69
CA LEU D 310 -28.55 82.21 -50.49
C LEU D 310 -29.82 82.12 -49.66
N ILE D 311 -29.87 82.74 -48.49
CA ILE D 311 -31.03 82.68 -47.61
C ILE D 311 -31.44 84.10 -47.24
N THR D 312 -32.71 84.42 -47.47
CA THR D 312 -33.29 85.71 -47.12
C THR D 312 -33.88 85.67 -45.72
N PRO D 313 -34.06 86.82 -45.07
CA PRO D 313 -34.67 86.82 -43.73
C PRO D 313 -36.07 86.23 -43.70
N ALA D 314 -36.76 86.16 -44.84
CA ALA D 314 -38.08 85.54 -44.94
C ALA D 314 -38.01 84.13 -45.51
N MET D 315 -36.94 83.41 -45.21
CA MET D 315 -36.71 82.07 -45.73
C MET D 315 -36.20 81.17 -44.60
N ILE D 316 -36.78 79.98 -44.51
CA ILE D 316 -36.39 79.00 -43.50
C ILE D 316 -36.12 77.67 -44.18
N CYS D 317 -35.46 76.78 -43.44
CA CYS D 317 -35.08 75.45 -43.93
C CYS D 317 -35.76 74.39 -43.07
N ALA D 318 -36.46 73.46 -43.70
CA ALA D 318 -37.08 72.35 -43.02
C ALA D 318 -36.67 71.04 -43.68
N GLY D 319 -36.34 70.06 -42.84
CA GLY D 319 -35.91 68.76 -43.30
C GLY D 319 -34.75 68.27 -42.46
N PHE D 320 -34.04 67.28 -43.00
CA PHE D 320 -32.89 66.69 -42.34
C PHE D 320 -31.63 66.98 -43.15
N LEU D 321 -30.53 67.27 -42.44
CA LEU D 321 -29.27 67.53 -43.12
C LEU D 321 -28.75 66.29 -43.82
N GLN D 322 -28.95 65.11 -43.21
CA GLN D 322 -28.54 63.86 -43.82
C GLN D 322 -29.39 63.49 -45.02
N GLY D 323 -30.59 64.04 -45.15
CA GLY D 323 -31.45 63.75 -46.29
C GLY D 323 -32.43 62.62 -46.04
N ASN D 324 -32.90 62.02 -47.13
CA ASN D 324 -33.80 60.86 -47.11
C ASN D 324 -35.20 61.25 -46.67
N VAL D 325 -35.39 62.48 -46.22
CA VAL D 325 -36.69 63.02 -45.82
C VAL D 325 -36.74 64.47 -46.27
N ASP D 326 -37.52 64.74 -47.31
CA ASP D 326 -37.65 66.09 -47.85
C ASP D 326 -38.82 66.10 -48.84
N SER D 327 -39.03 67.26 -49.46
CA SER D 327 -40.08 67.40 -50.47
C SER D 327 -39.50 67.11 -51.86
N CYS D 328 -40.37 67.16 -52.87
CA CYS D 328 -39.95 66.90 -54.24
C CYS D 328 -40.76 67.79 -55.18
N GLN D 329 -40.59 67.55 -56.47
CA GLN D 329 -41.29 68.34 -57.48
C GLN D 329 -42.79 68.08 -57.42
N GLY D 330 -43.57 69.15 -57.61
CA GLY D 330 -45.01 69.06 -57.58
C GLY D 330 -45.65 69.48 -56.28
N ASP D 331 -44.87 69.66 -55.22
CA ASP D 331 -45.39 70.09 -53.92
C ASP D 331 -45.43 71.60 -53.78
N SER D 332 -46.08 72.27 -54.72
CA SER D 332 -46.21 73.71 -54.68
C SER D 332 -47.32 74.11 -53.71
N GLY D 333 -46.96 74.83 -52.65
CA GLY D 333 -47.91 75.22 -51.65
C GLY D 333 -48.12 74.23 -50.53
N GLY D 334 -47.13 73.41 -50.22
CA GLY D 334 -47.24 72.42 -49.18
C GLY D 334 -47.39 73.05 -47.81
N PRO D 335 -48.49 72.73 -47.11
CA PRO D 335 -48.72 73.30 -45.79
C PRO D 335 -47.71 72.79 -44.78
N LEU D 336 -47.08 73.73 -44.06
CA LEU D 336 -46.13 73.42 -43.01
C LEU D 336 -46.78 73.78 -41.67
N VAL D 337 -47.35 72.78 -41.01
CA VAL D 337 -48.08 72.96 -39.75
C VAL D 337 -47.24 72.39 -38.62
N THR D 338 -47.37 72.97 -37.43
CA THR D 338 -46.67 72.51 -36.25
C THR D 338 -47.65 72.46 -35.08
N SER D 339 -47.32 71.61 -34.10
CA SER D 339 -48.16 71.41 -32.92
C SER D 339 -47.64 72.29 -31.80
N LYS D 340 -48.41 73.33 -31.45
CA LYS D 340 -48.06 74.24 -30.37
C LYS D 340 -49.30 74.50 -29.52
N ASN D 341 -49.26 74.05 -28.27
CA ASN D 341 -50.39 74.21 -27.34
C ASN D 341 -51.68 73.60 -27.91
N ASN D 342 -51.54 72.42 -28.51
CA ASN D 342 -52.67 71.68 -29.10
C ASN D 342 -53.37 72.49 -30.19
N ILE D 343 -52.63 73.43 -30.82
CA ILE D 343 -53.16 74.26 -31.89
C ILE D 343 -52.16 74.24 -33.03
N TRP D 344 -52.65 74.00 -34.24
CA TRP D 344 -51.80 73.95 -35.43
C TRP D 344 -51.62 75.35 -36.00
N TRP D 345 -50.39 75.68 -36.36
CA TRP D 345 -50.04 76.97 -36.93
C TRP D 345 -49.30 76.78 -38.25
N LEU D 346 -49.65 77.60 -39.22
CA LEU D 346 -49.03 77.58 -40.54
C LEU D 346 -47.90 78.60 -40.57
N ILE D 347 -46.67 78.12 -40.66
CA ILE D 347 -45.50 78.98 -40.63
C ILE D 347 -44.61 78.84 -41.86
N GLY D 348 -44.87 77.89 -42.76
CA GLY D 348 -44.04 77.69 -43.92
C GLY D 348 -44.86 77.54 -45.19
N ASP D 349 -44.18 77.72 -46.31
CA ASP D 349 -44.80 77.59 -47.62
C ASP D 349 -43.71 77.20 -48.61
N THR D 350 -43.96 76.12 -49.38
CA THR D 350 -42.96 75.62 -50.32
C THR D 350 -42.69 76.66 -51.40
N SER D 351 -41.41 76.97 -51.59
CA SER D 351 -40.98 77.92 -52.60
C SER D 351 -40.15 77.26 -53.70
N TRP D 352 -39.08 76.56 -53.33
CA TRP D 352 -38.21 75.89 -54.29
C TRP D 352 -37.41 74.83 -53.54
N GLY D 353 -36.46 74.22 -54.24
CA GLY D 353 -35.63 73.20 -53.63
C GLY D 353 -34.64 72.65 -54.62
N SER D 354 -33.73 71.83 -54.11
CA SER D 354 -32.69 71.18 -54.90
C SER D 354 -32.69 69.69 -54.58
N GLY D 355 -32.98 68.87 -55.58
CA GLY D 355 -33.03 67.44 -55.37
C GLY D 355 -34.28 67.03 -54.59
N CYS D 356 -34.34 65.74 -54.27
CA CYS D 356 -35.46 65.19 -53.53
C CYS D 356 -34.91 64.18 -52.52
N ALA D 357 -35.00 64.52 -51.23
CA ALA D 357 -34.54 63.65 -50.15
C ALA D 357 -33.06 63.30 -50.31
N LYS D 358 -32.23 64.31 -50.46
CA LYS D 358 -30.80 64.13 -50.66
C LYS D 358 -30.02 64.82 -49.54
N ALA D 359 -28.79 64.38 -49.35
CA ALA D 359 -27.94 64.95 -48.31
C ALA D 359 -27.44 66.34 -48.73
N TYR D 360 -27.16 67.16 -47.73
CA TYR D 360 -26.64 68.52 -47.88
C TYR D 360 -27.59 69.43 -48.66
N ARG D 361 -28.86 69.04 -48.80
CA ARG D 361 -29.85 69.83 -49.53
C ARG D 361 -31.16 69.83 -48.74
N PRO D 362 -31.27 70.69 -47.73
CA PRO D 362 -32.51 70.75 -46.95
C PRO D 362 -33.62 71.45 -47.71
N GLY D 363 -34.80 71.45 -47.09
CA GLY D 363 -35.95 72.10 -47.69
C GLY D 363 -35.86 73.61 -47.63
N VAL D 364 -36.72 74.26 -48.42
CA VAL D 364 -36.83 75.71 -48.48
C VAL D 364 -38.28 76.09 -48.29
N TYR D 365 -38.56 76.95 -47.32
CA TYR D 365 -39.92 77.38 -47.03
C TYR D 365 -39.94 78.88 -46.76
N GLY D 366 -41.10 79.49 -46.98
CA GLY D 366 -41.24 80.91 -46.72
C GLY D 366 -41.71 81.19 -45.30
N ASN D 367 -41.26 82.33 -44.78
CA ASN D 367 -41.61 82.76 -43.43
C ASN D 367 -42.91 83.57 -43.52
N VAL D 368 -44.02 82.93 -43.19
CA VAL D 368 -45.33 83.57 -43.31
C VAL D 368 -45.54 84.65 -42.25
N MET D 369 -44.90 84.52 -41.09
CA MET D 369 -45.13 85.46 -39.99
C MET D 369 -44.77 86.88 -40.38
N VAL D 370 -43.79 87.05 -41.27
CA VAL D 370 -43.42 88.38 -41.73
C VAL D 370 -44.51 88.95 -42.64
N PHE D 371 -45.15 88.10 -43.42
CA PHE D 371 -46.14 88.52 -44.39
C PHE D 371 -47.57 88.45 -43.86
N THR D 372 -47.76 87.97 -42.62
CA THR D 372 -49.10 87.86 -42.06
C THR D 372 -49.83 89.19 -42.08
N ASP D 373 -49.15 90.26 -41.66
CA ASP D 373 -49.75 91.60 -41.72
C ASP D 373 -50.19 91.92 -43.15
N TRP D 374 -49.35 91.61 -44.14
CA TRP D 374 -49.74 91.82 -45.52
C TRP D 374 -51.00 91.03 -45.87
N ILE D 375 -51.11 89.81 -45.34
CA ILE D 375 -52.34 89.05 -45.51
C ILE D 375 -53.52 89.83 -44.95
N TYR D 376 -53.36 90.39 -43.75
CA TYR D 376 -54.41 91.22 -43.18
C TYR D 376 -54.70 92.43 -44.06
N ARG D 377 -53.69 92.91 -44.80
CA ARG D 377 -53.93 93.98 -45.76
C ARG D 377 -54.98 93.56 -46.78
N GLN D 378 -54.92 92.31 -47.25
CA GLN D 378 -55.96 91.81 -48.14
C GLN D 378 -57.32 91.83 -47.45
N MET D 379 -57.35 91.53 -46.16
CA MET D 379 -58.60 91.63 -45.41
C MET D 379 -59.11 93.05 -45.37
N ARG D 380 -58.20 94.03 -45.44
CA ARG D 380 -58.62 95.43 -45.52
C ARG D 380 -59.02 95.80 -46.94
N ALA D 381 -58.57 95.02 -47.93
CA ALA D 381 -58.91 95.32 -49.32
C ALA D 381 -60.32 94.87 -49.65
N ASP D 382 -60.60 93.57 -49.51
CA ASP D 382 -61.92 93.03 -49.81
C ASP D 382 -62.86 93.17 -48.61
N ILE E 147 -85.35 43.52 10.06
CA ILE E 147 -84.62 42.28 9.82
C ILE E 147 -83.16 42.59 9.54
N VAL E 148 -82.29 42.05 10.39
CA VAL E 148 -80.84 42.26 10.27
C VAL E 148 -80.22 41.01 9.67
N GLY E 149 -79.34 41.19 8.71
CA GLY E 149 -78.68 40.06 8.07
C GLY E 149 -79.56 39.26 7.14
N GLY E 150 -80.41 39.94 6.37
CA GLY E 150 -81.29 39.27 5.44
C GLY E 150 -81.02 39.72 4.02
N GLU E 151 -81.24 38.82 3.06
CA GLU E 151 -81.04 39.11 1.65
C GLU E 151 -82.28 39.74 1.05
N SER E 152 -82.09 40.40 -0.09
CA SER E 152 -83.21 41.03 -0.79
C SER E 152 -84.18 39.98 -1.32
N ALA E 153 -85.47 40.27 -1.20
CA ALA E 153 -86.51 39.35 -1.64
C ALA E 153 -86.84 39.61 -3.10
N LEU E 154 -86.78 38.57 -3.92
CA LEU E 154 -87.10 38.71 -5.32
C LEU E 154 -88.61 38.90 -5.51
N PRO E 155 -89.02 39.60 -6.57
CA PRO E 155 -90.45 39.79 -6.81
C PRO E 155 -91.16 38.47 -7.06
N GLY E 156 -92.34 38.33 -6.47
CA GLY E 156 -93.10 37.10 -6.60
C GLY E 156 -92.63 35.98 -5.70
N ALA E 157 -92.16 36.31 -4.50
CA ALA E 157 -91.68 35.32 -3.53
C ALA E 157 -92.57 35.20 -2.31
N TRP E 158 -92.97 36.32 -1.70
CA TRP E 158 -93.86 36.32 -0.53
C TRP E 158 -95.04 37.23 -0.83
N PRO E 159 -96.03 36.74 -1.59
CA PRO E 159 -97.16 37.58 -2.02
C PRO E 159 -98.27 37.70 -0.97
N TRP E 160 -97.88 37.99 0.27
CA TRP E 160 -98.86 38.19 1.32
C TRP E 160 -98.50 39.35 2.25
N GLN E 161 -97.60 40.24 1.85
CA GLN E 161 -97.20 41.37 2.67
C GLN E 161 -98.04 42.58 2.28
N VAL E 162 -98.84 43.09 3.22
CA VAL E 162 -99.64 44.28 3.02
C VAL E 162 -99.10 45.37 3.94
N SER E 163 -98.95 46.58 3.41
CA SER E 163 -98.41 47.69 4.17
C SER E 163 -99.53 48.66 4.53
N LEU E 164 -99.60 49.03 5.81
CA LEU E 164 -100.56 50.00 6.29
C LEU E 164 -99.86 51.34 6.47
N HIS E 165 -100.27 52.33 5.68
CA HIS E 165 -99.67 53.65 5.69
C HIS E 165 -100.63 54.67 6.27
N VAL E 166 -100.18 55.38 7.30
CA VAL E 166 -100.94 56.47 7.91
C VAL E 166 -100.12 57.75 7.79
N GLN E 167 -100.80 58.86 7.53
CA GLN E 167 -100.16 60.16 7.33
C GLN E 167 -99.17 60.11 6.16
N ASN E 168 -99.54 59.38 5.11
CA ASN E 168 -98.77 59.30 3.87
C ASN E 168 -97.37 58.72 4.11
N VAL E 169 -97.29 57.75 5.00
CA VAL E 169 -96.03 57.04 5.25
C VAL E 169 -96.36 55.68 5.86
N HIS E 170 -95.70 54.65 5.35
CA HIS E 170 -95.92 53.29 5.85
C HIS E 170 -95.36 53.15 7.25
N VAL E 171 -96.14 52.55 8.15
CA VAL E 171 -95.78 52.37 9.54
C VAL E 171 -95.74 50.89 9.94
N CYS E 172 -96.74 50.12 9.50
CA CYS E 172 -96.88 48.75 9.95
C CYS E 172 -97.15 47.83 8.76
N GLY E 173 -96.98 46.53 9.00
CA GLY E 173 -97.27 45.51 8.02
C GLY E 173 -98.27 44.49 8.51
N GLY E 174 -98.68 43.63 7.59
CA GLY E 174 -99.67 42.61 7.92
C GLY E 174 -99.75 41.56 6.84
N SER E 175 -100.53 40.53 7.13
CA SER E 175 -100.72 39.40 6.22
C SER E 175 -102.15 39.38 5.71
N ILE E 176 -102.34 38.77 4.56
CA ILE E 176 -103.64 38.63 3.93
C ILE E 176 -103.98 37.15 3.81
N ILE E 177 -105.14 36.76 4.35
CA ILE E 177 -105.65 35.41 4.25
C ILE E 177 -106.89 35.34 3.38
N THR E 178 -107.72 36.37 3.41
CA THR E 178 -108.92 36.49 2.59
C THR E 178 -109.01 37.91 2.05
N PRO E 179 -109.60 38.08 0.86
CA PRO E 179 -109.70 39.42 0.27
C PRO E 179 -110.55 40.40 1.07
N GLU E 180 -111.11 39.95 2.20
CA GLU E 180 -111.96 40.79 3.02
C GLU E 180 -111.40 41.07 4.41
N TRP E 181 -110.27 40.50 4.78
CA TRP E 181 -109.69 40.70 6.10
C TRP E 181 -108.17 40.68 6.02
N ILE E 182 -107.54 41.50 6.85
CA ILE E 182 -106.09 41.59 6.95
C ILE E 182 -105.70 41.41 8.41
N VAL E 183 -104.72 40.54 8.66
CA VAL E 183 -104.26 40.24 10.02
C VAL E 183 -103.03 41.10 10.30
N THR E 184 -103.06 41.82 11.42
CA THR E 184 -101.97 42.71 11.81
C THR E 184 -101.86 42.70 13.32
N ALA E 185 -101.06 43.63 13.85
CA ALA E 185 -100.83 43.73 15.28
C ALA E 185 -101.89 44.60 15.94
N ALA E 186 -102.19 44.29 17.21
CA ALA E 186 -103.25 45.01 17.92
C ALA E 186 -102.72 46.19 18.72
N HIS E 187 -101.47 46.11 19.19
CA HIS E 187 -100.92 47.20 20.00
C HIS E 187 -100.72 48.47 19.20
N CYS E 188 -100.46 48.34 17.89
CA CYS E 188 -100.30 49.52 17.04
C CYS E 188 -101.63 50.10 16.57
N VAL E 189 -102.73 49.38 16.76
CA VAL E 189 -104.04 49.85 16.36
C VAL E 189 -104.83 50.41 17.55
N GLU E 190 -104.14 50.74 18.65
CA GLU E 190 -104.80 51.28 19.82
C GLU E 190 -105.10 52.77 19.63
N LYS E 191 -105.71 53.36 20.66
CA LYS E 191 -106.05 54.77 20.61
C LYS E 191 -104.78 55.62 20.61
N PRO E 192 -104.79 56.79 19.94
CA PRO E 192 -105.94 57.31 19.17
C PRO E 192 -105.97 56.81 17.73
N LEU E 193 -105.07 55.88 17.38
CA LEU E 193 -105.03 55.34 16.03
C LEU E 193 -106.17 54.40 15.72
N ASN E 194 -106.99 54.04 16.71
CA ASN E 194 -108.12 53.14 16.51
C ASN E 194 -109.26 53.89 15.80
N ASN E 195 -109.05 54.11 14.49
CA ASN E 195 -110.02 54.80 13.67
C ASN E 195 -110.13 54.13 12.31
N PRO E 196 -111.35 54.01 11.77
CA PRO E 196 -111.50 53.38 10.45
C PRO E 196 -110.80 54.14 9.34
N TRP E 197 -110.85 55.47 9.35
CA TRP E 197 -110.21 56.29 8.34
C TRP E 197 -108.75 56.54 8.73
N HIS E 198 -108.09 57.43 8.00
CA HIS E 198 -106.70 57.81 8.25
C HIS E 198 -105.77 56.59 8.13
N TRP E 199 -106.09 55.71 7.18
CA TRP E 199 -105.27 54.53 6.92
C TRP E 199 -105.35 54.19 5.44
N THR E 200 -104.28 53.61 4.92
CA THR E 200 -104.22 53.20 3.52
C THR E 200 -103.55 51.84 3.42
N ALA E 201 -104.10 50.98 2.58
CA ALA E 201 -103.58 49.62 2.38
C ALA E 201 -102.85 49.54 1.06
N PHE E 202 -101.64 49.00 1.07
CA PHE E 202 -100.83 48.82 -0.12
C PHE E 202 -100.44 47.35 -0.25
N ALA E 203 -100.79 46.75 -1.39
CA ALA E 203 -100.48 45.35 -1.66
C ALA E 203 -99.81 45.22 -3.02
N GLY E 204 -98.85 44.31 -3.11
CA GLY E 204 -98.12 44.08 -4.34
C GLY E 204 -97.01 45.05 -4.64
N ILE E 205 -96.72 45.97 -3.72
CA ILE E 205 -95.66 46.96 -3.92
C ILE E 205 -94.31 46.27 -3.65
N LEU E 206 -93.54 46.03 -4.70
CA LEU E 206 -92.24 45.39 -4.56
C LEU E 206 -91.16 46.34 -4.06
N ARG E 207 -91.43 47.64 -4.01
CA ARG E 207 -90.44 48.61 -3.54
C ARG E 207 -91.18 49.85 -3.05
N GLN E 208 -90.49 50.62 -2.21
CA GLN E 208 -91.06 51.86 -1.68
C GLN E 208 -91.04 52.99 -2.69
N SER E 209 -90.29 52.86 -3.78
CA SER E 209 -90.27 53.89 -4.81
C SER E 209 -91.61 53.98 -5.52
N PHE E 210 -92.28 52.83 -5.70
CA PHE E 210 -93.58 52.82 -6.37
C PHE E 210 -94.69 53.30 -5.45
N MET E 211 -94.43 53.45 -4.16
CA MET E 211 -95.44 53.93 -3.22
C MET E 211 -95.74 55.40 -3.49
N PHE E 212 -96.97 55.68 -3.89
CA PHE E 212 -97.40 57.04 -4.22
C PHE E 212 -98.92 57.08 -4.16
N TYR E 213 -99.50 58.17 -4.66
CA TYR E 213 -100.95 58.32 -4.69
C TYR E 213 -101.57 57.22 -5.54
N GLY E 214 -102.52 56.49 -4.96
CA GLY E 214 -103.14 55.37 -5.64
C GLY E 214 -102.83 54.05 -4.97
N ALA E 215 -103.83 53.44 -4.35
CA ALA E 215 -103.64 52.19 -3.62
C ALA E 215 -104.96 51.43 -3.63
N GLY E 216 -105.09 50.45 -2.74
CA GLY E 216 -106.29 49.64 -2.68
C GLY E 216 -107.50 50.42 -2.20
N TYR E 217 -108.53 49.65 -1.82
CA TYR E 217 -109.80 50.24 -1.40
C TYR E 217 -109.64 50.97 -0.07
N GLN E 218 -110.71 51.62 0.35
CA GLN E 218 -110.70 52.37 1.61
C GLN E 218 -110.61 51.42 2.80
N VAL E 219 -110.05 51.92 3.89
CA VAL E 219 -109.89 51.12 5.11
C VAL E 219 -111.14 51.23 5.95
N GLU E 220 -111.69 50.08 6.34
CA GLU E 220 -112.89 50.02 7.17
C GLU E 220 -112.49 49.99 8.64
N LYS E 221 -113.45 49.72 9.52
CA LYS E 221 -113.21 49.71 10.95
C LYS E 221 -112.27 48.57 11.34
N VAL E 222 -111.61 48.75 12.48
CA VAL E 222 -110.64 47.79 13.00
C VAL E 222 -111.31 46.95 14.07
N ILE E 223 -110.88 45.69 14.19
CA ILE E 223 -111.39 44.77 15.21
C ILE E 223 -110.21 44.32 16.06
N SER E 224 -110.35 44.47 17.37
CA SER E 224 -109.31 44.09 18.32
C SER E 224 -109.86 43.08 19.31
N HIS E 225 -108.96 42.26 19.83
CA HIS E 225 -109.35 41.25 20.81
C HIS E 225 -109.66 41.91 22.14
N PRO E 226 -110.88 41.76 22.68
CA PRO E 226 -111.20 42.41 23.96
C PRO E 226 -110.33 41.94 25.12
N ASN E 227 -109.73 40.76 25.02
CA ASN E 227 -108.87 40.24 26.08
C ASN E 227 -107.45 40.77 26.00
N TYR E 228 -107.18 41.73 25.13
CA TYR E 228 -105.84 42.29 25.02
C TYR E 228 -105.58 43.32 26.13
N ASP E 229 -104.31 43.50 26.44
CA ASP E 229 -103.90 44.45 27.47
C ASP E 229 -102.72 45.27 26.97
N SER E 230 -102.51 46.42 27.61
CA SER E 230 -101.42 47.33 27.25
C SER E 230 -100.19 47.13 28.12
N LYS E 231 -100.37 47.03 29.44
CA LYS E 231 -99.23 46.82 30.32
C LYS E 231 -98.63 45.43 30.12
N THR E 232 -99.47 44.41 29.97
CA THR E 232 -99.02 43.04 29.74
C THR E 232 -99.33 42.65 28.30
N LYS E 233 -98.31 42.17 27.59
CA LYS E 233 -98.46 41.79 26.19
C LYS E 233 -99.21 40.46 26.13
N ASN E 234 -100.42 40.49 25.58
CA ASN E 234 -101.24 39.30 25.44
C ASN E 234 -102.32 39.56 24.41
N ASN E 235 -102.53 38.60 23.51
CA ASN E 235 -103.55 38.69 22.47
C ASN E 235 -103.34 39.92 21.59
N ASP E 236 -102.17 39.96 20.95
CA ASP E 236 -101.80 41.07 20.08
C ASP E 236 -102.11 40.72 18.63
N ILE E 237 -103.41 40.63 18.35
CA ILE E 237 -103.91 40.30 17.02
C ILE E 237 -105.03 41.27 16.67
N ALA E 238 -104.96 41.88 15.50
CA ALA E 238 -105.97 42.82 15.04
C ALA E 238 -106.40 42.48 13.63
N LEU E 239 -107.66 42.78 13.33
CA LEU E 239 -108.25 42.52 12.01
C LEU E 239 -108.63 43.85 11.36
N MET E 240 -108.25 44.00 10.10
CA MET E 240 -108.55 45.18 9.31
C MET E 240 -109.47 44.78 8.16
N LYS E 241 -110.49 45.58 7.91
CA LYS E 241 -111.47 45.30 6.87
C LYS E 241 -111.32 46.27 5.71
N LEU E 242 -111.63 45.80 4.51
CA LEU E 242 -111.53 46.59 3.29
C LEU E 242 -112.90 46.66 2.62
N GLN E 243 -113.12 47.75 1.88
CA GLN E 243 -114.40 47.93 1.19
C GLN E 243 -114.50 47.00 -0.02
N LYS E 244 -113.57 47.16 -0.97
CA LYS E 244 -113.58 46.31 -2.16
C LYS E 244 -112.71 45.08 -1.96
N PRO E 245 -113.08 43.95 -2.55
CA PRO E 245 -112.26 42.74 -2.39
C PRO E 245 -110.93 42.86 -3.11
N LEU E 246 -109.91 42.23 -2.53
CA LEU E 246 -108.56 42.27 -3.09
C LEU E 246 -108.49 41.33 -4.28
N THR E 247 -108.33 41.90 -5.47
CA THR E 247 -108.24 41.10 -6.69
C THR E 247 -106.91 40.36 -6.73
N PHE E 248 -106.96 39.05 -6.93
CA PHE E 248 -105.75 38.23 -6.98
C PHE E 248 -105.01 38.50 -8.28
N ASN E 249 -103.91 39.24 -8.19
CA ASN E 249 -103.08 39.54 -9.35
C ASN E 249 -102.12 38.37 -9.61
N ASP E 250 -101.13 38.59 -10.46
CA ASP E 250 -100.16 37.54 -10.77
C ASP E 250 -99.34 37.20 -9.53
N LEU E 251 -98.66 38.18 -8.95
CA LEU E 251 -97.85 37.98 -7.76
C LEU E 251 -98.65 38.27 -6.49
N VAL E 252 -99.81 37.62 -6.36
CA VAL E 252 -100.69 37.78 -5.20
C VAL E 252 -101.22 36.41 -4.82
N LYS E 253 -100.96 35.98 -3.59
CA LYS E 253 -101.43 34.70 -3.10
C LYS E 253 -101.57 34.74 -1.58
N PRO E 254 -102.78 34.63 -1.06
CA PRO E 254 -102.96 34.68 0.41
C PRO E 254 -102.44 33.44 1.08
N VAL E 255 -102.00 33.60 2.33
CA VAL E 255 -101.49 32.48 3.11
C VAL E 255 -102.65 31.74 3.76
N CYS E 256 -102.48 30.42 3.91
CA CYS E 256 -103.50 29.58 4.51
C CYS E 256 -103.35 29.58 6.03
N LEU E 257 -104.47 29.62 6.73
CA LEU E 257 -104.44 29.60 8.19
C LEU E 257 -104.01 28.22 8.68
N PRO E 258 -103.24 28.16 9.76
CA PRO E 258 -102.81 26.85 10.29
C PRO E 258 -103.98 26.10 10.93
N ASN E 259 -104.23 24.89 10.42
CA ASN E 259 -105.29 24.07 10.96
C ASN E 259 -104.92 23.58 12.35
N PRO E 260 -105.89 23.50 13.28
CA PRO E 260 -105.59 22.99 14.62
C PRO E 260 -105.04 21.56 14.59
N GLY E 261 -103.78 21.41 14.98
CA GLY E 261 -103.12 20.12 14.93
C GLY E 261 -102.17 20.01 13.76
N MET E 262 -100.87 20.15 14.01
CA MET E 262 -99.88 20.10 12.95
C MET E 262 -98.63 19.32 13.30
N MET E 263 -98.39 19.01 14.59
CA MET E 263 -97.18 18.33 15.04
C MET E 263 -95.93 19.10 14.62
N LEU E 264 -95.85 20.35 15.09
CA LEU E 264 -94.73 21.22 14.74
C LEU E 264 -93.47 20.77 15.45
N GLN E 265 -92.34 20.90 14.76
CA GLN E 265 -91.05 20.56 15.35
C GLN E 265 -90.65 21.62 16.37
N PRO E 266 -90.11 21.21 17.52
CA PRO E 266 -89.67 22.22 18.52
C PRO E 266 -88.63 23.18 17.99
N GLU E 267 -87.80 22.77 17.03
CA GLU E 267 -86.82 23.64 16.38
C GLU E 267 -87.01 23.48 14.88
N GLN E 268 -87.92 24.28 14.32
CA GLN E 268 -88.25 24.22 12.91
C GLN E 268 -87.83 25.50 12.20
N LEU E 269 -87.30 25.34 10.99
CA LEU E 269 -86.89 26.48 10.18
C LEU E 269 -88.12 27.24 9.70
N CYS E 270 -88.10 28.56 9.88
CA CYS E 270 -89.22 29.41 9.51
C CYS E 270 -88.68 30.67 8.83
N TRP E 271 -89.58 31.41 8.19
CA TRP E 271 -89.22 32.58 7.41
C TRP E 271 -89.95 33.82 7.90
N ILE E 272 -89.23 34.94 7.98
CA ILE E 272 -89.80 36.24 8.31
C ILE E 272 -89.46 37.21 7.19
N SER E 273 -90.49 37.83 6.62
CA SER E 273 -90.33 38.79 5.53
C SER E 273 -91.06 40.07 5.87
N GLY E 274 -90.45 41.20 5.54
CA GLY E 274 -91.05 42.49 5.82
C GLY E 274 -90.06 43.61 5.55
N TRP E 275 -90.46 44.81 5.97
CA TRP E 275 -89.64 46.02 5.84
C TRP E 275 -89.06 46.33 7.21
N GLY E 276 -87.83 45.86 7.44
CA GLY E 276 -87.20 46.01 8.74
C GLY E 276 -86.01 46.95 8.74
N ALA E 277 -85.18 46.84 9.77
CA ALA E 277 -84.02 47.70 9.94
C ALA E 277 -82.73 46.88 9.95
N THR E 278 -81.64 47.52 9.54
CA THR E 278 -80.33 46.89 9.52
C THR E 278 -79.29 47.67 10.32
N GLU E 279 -79.67 48.81 10.88
CA GLU E 279 -78.75 49.64 11.65
C GLU E 279 -79.38 49.91 13.01
N GLU E 280 -78.77 50.80 13.78
CA GLU E 280 -79.26 51.11 15.12
C GLU E 280 -80.61 51.80 15.04
N LYS E 281 -81.66 51.01 15.26
CA LYS E 281 -83.06 51.46 15.26
C LYS E 281 -83.48 51.76 13.83
N GLY E 282 -82.57 51.71 12.85
CA GLY E 282 -82.93 51.91 11.46
C GLY E 282 -83.42 53.31 11.15
N LYS E 283 -83.47 53.61 9.84
CA LYS E 283 -84.04 54.85 9.35
C LYS E 283 -85.28 54.61 8.51
N THR E 284 -85.19 53.79 7.46
CA THR E 284 -86.32 53.48 6.61
C THR E 284 -86.07 52.11 5.97
N SER E 285 -86.96 51.72 5.06
CA SER E 285 -86.84 50.48 4.31
C SER E 285 -87.46 50.68 2.94
N GLU E 286 -86.64 50.53 1.89
CA GLU E 286 -87.08 50.77 0.53
C GLU E 286 -87.43 49.51 -0.24
N VAL E 287 -87.00 48.33 0.25
CA VAL E 287 -87.26 47.08 -0.45
C VAL E 287 -87.63 46.00 0.57
N LEU E 288 -88.20 44.91 0.06
CA LEU E 288 -88.57 43.80 0.92
C LEU E 288 -87.34 43.05 1.41
N ASN E 289 -87.31 42.77 2.72
CA ASN E 289 -86.20 42.05 3.33
C ASN E 289 -86.74 40.78 3.98
N ALA E 290 -86.18 39.64 3.59
CA ALA E 290 -86.63 38.35 4.09
C ALA E 290 -85.44 37.59 4.66
N ALA E 291 -85.71 36.77 5.68
CA ALA E 291 -84.67 36.00 6.33
C ALA E 291 -85.28 34.74 6.92
N LYS E 292 -84.40 33.82 7.32
CA LYS E 292 -84.79 32.56 7.93
C LYS E 292 -84.30 32.50 9.36
N VAL E 293 -85.11 31.89 10.24
CA VAL E 293 -84.80 31.76 11.66
C VAL E 293 -85.25 30.38 12.13
N LEU E 294 -85.00 30.10 13.40
CA LEU E 294 -85.37 28.84 14.02
C LEU E 294 -86.30 29.12 15.20
N LEU E 295 -87.25 28.21 15.42
CA LEU E 295 -88.20 28.36 16.51
C LEU E 295 -87.57 27.83 17.80
N ILE E 296 -87.53 28.68 18.81
CA ILE E 296 -86.98 28.29 20.11
C ILE E 296 -88.09 27.66 20.95
N GLU E 297 -87.77 26.54 21.59
CA GLU E 297 -88.75 25.84 22.42
C GLU E 297 -89.19 26.72 23.59
N THR E 298 -90.44 26.54 24.01
CA THR E 298 -91.04 27.43 25.00
C THR E 298 -90.35 27.30 26.36
N GLN E 299 -90.22 26.07 26.86
CA GLN E 299 -89.64 25.86 28.18
C GLN E 299 -88.17 26.27 28.22
N ARG E 300 -87.52 26.38 27.06
CA ARG E 300 -86.12 26.79 27.03
C ARG E 300 -85.98 28.31 26.89
N CYS E 301 -86.93 28.96 26.22
CA CYS E 301 -86.83 30.40 25.99
C CYS E 301 -87.13 31.22 27.23
N ASN E 302 -87.90 30.68 28.18
CA ASN E 302 -88.31 31.41 29.37
C ASN E 302 -87.41 31.12 30.58
N SER E 303 -86.13 30.89 30.36
CA SER E 303 -85.21 30.62 31.44
C SER E 303 -85.05 31.85 32.34
N ARG E 304 -84.36 31.66 33.46
CA ARG E 304 -84.22 32.74 34.43
C ARG E 304 -83.20 33.78 34.00
N TYR E 305 -82.60 33.63 32.82
CA TYR E 305 -81.58 34.56 32.37
C TYR E 305 -82.08 35.52 31.30
N VAL E 306 -83.10 35.13 30.51
CA VAL E 306 -83.56 35.96 29.41
C VAL E 306 -85.00 36.38 29.62
N TYR E 307 -85.90 35.40 29.76
CA TYR E 307 -87.34 35.69 29.82
C TYR E 307 -88.00 35.06 31.03
N ASP E 308 -87.41 35.25 32.21
CA ASP E 308 -87.97 34.71 33.44
C ASP E 308 -89.36 35.28 33.71
N ASN E 309 -90.38 34.42 33.61
CA ASN E 309 -91.77 34.80 33.86
C ASN E 309 -92.19 35.99 32.98
N LEU E 310 -91.85 35.89 31.69
CA LEU E 310 -92.18 36.95 30.74
C LEU E 310 -92.73 36.42 29.42
N ILE E 311 -93.10 35.14 29.35
CA ILE E 311 -93.61 34.53 28.12
C ILE E 311 -94.99 33.96 28.41
N THR E 312 -95.98 34.40 27.65
CA THR E 312 -97.33 33.86 27.77
C THR E 312 -97.47 32.57 26.97
N PRO E 313 -98.39 31.70 27.36
CA PRO E 313 -98.58 30.44 26.62
C PRO E 313 -98.98 30.64 25.17
N ALA E 314 -99.49 31.81 24.80
CA ALA E 314 -99.91 32.11 23.43
C ALA E 314 -98.82 32.79 22.61
N MET E 315 -97.55 32.62 22.99
CA MET E 315 -96.44 33.22 22.28
C MET E 315 -95.30 32.22 22.18
N ILE E 316 -94.45 32.42 21.17
CA ILE E 316 -93.28 31.58 20.93
C ILE E 316 -92.08 32.47 20.64
N CYS E 317 -90.90 31.85 20.62
CA CYS E 317 -89.65 32.53 20.37
C CYS E 317 -89.07 32.05 19.04
N ALA E 318 -88.70 33.00 18.19
CA ALA E 318 -88.07 32.70 16.91
C ALA E 318 -86.81 33.54 16.78
N GLY E 319 -85.81 32.96 16.13
CA GLY E 319 -84.51 33.59 15.93
C GLY E 319 -83.38 32.70 16.40
N PHE E 320 -82.23 33.31 16.60
CA PHE E 320 -81.03 32.63 17.05
C PHE E 320 -80.65 33.12 18.43
N LEU E 321 -80.32 32.18 19.33
CA LEU E 321 -79.90 32.56 20.67
C LEU E 321 -78.60 33.35 20.65
N GLN E 322 -77.70 33.02 19.72
CA GLN E 322 -76.46 33.76 19.58
C GLN E 322 -76.66 35.17 19.04
N GLY E 323 -77.80 35.45 18.43
CA GLY E 323 -78.08 36.78 17.93
C GLY E 323 -77.66 37.00 16.49
N ASN E 324 -77.55 38.27 16.11
CA ASN E 324 -77.08 38.70 14.78
C ASN E 324 -78.12 38.42 13.70
N VAL E 325 -79.21 37.73 14.05
CA VAL E 325 -80.32 37.45 13.14
C VAL E 325 -81.59 37.58 13.96
N ASP E 326 -82.31 38.68 13.76
CA ASP E 326 -83.57 38.95 14.48
C ASP E 326 -84.25 40.13 13.80
N SER E 327 -85.43 40.47 14.32
CA SER E 327 -86.17 41.62 13.82
C SER E 327 -85.69 42.90 14.50
N CYS E 328 -86.37 44.01 14.21
CA CYS E 328 -86.01 45.29 14.81
C CYS E 328 -87.25 46.18 14.83
N GLN E 329 -87.04 47.45 15.16
CA GLN E 329 -88.15 48.39 15.24
C GLN E 329 -88.74 48.64 13.86
N GLY E 330 -90.06 48.85 13.82
CA GLY E 330 -90.77 49.08 12.58
C GLY E 330 -91.40 47.84 11.97
N ASP E 331 -91.08 46.65 12.46
CA ASP E 331 -91.65 45.41 11.94
C ASP E 331 -92.94 45.04 12.67
N SER E 332 -93.89 45.97 12.70
CA SER E 332 -95.18 45.71 13.31
C SER E 332 -96.03 44.84 12.39
N GLY E 333 -96.45 43.69 12.88
CA GLY E 333 -97.18 42.74 12.07
C GLY E 333 -96.34 41.89 11.16
N GLY E 334 -95.06 41.71 11.47
CA GLY E 334 -94.17 40.91 10.65
C GLY E 334 -94.57 39.45 10.63
N PRO E 335 -94.86 38.93 9.43
CA PRO E 335 -95.30 37.53 9.32
C PRO E 335 -94.16 36.56 9.58
N LEU E 336 -94.46 35.50 10.32
CA LEU E 336 -93.53 34.40 10.55
C LEU E 336 -94.22 33.13 10.05
N VAL E 337 -93.76 32.62 8.91
CA VAL E 337 -94.41 31.50 8.24
C VAL E 337 -93.48 30.29 8.27
N THR E 338 -94.07 29.12 8.04
CA THR E 338 -93.34 27.86 7.99
C THR E 338 -93.62 27.16 6.67
N SER E 339 -92.71 26.25 6.30
CA SER E 339 -92.80 25.50 5.06
C SER E 339 -92.83 24.01 5.36
N LYS E 340 -93.89 23.34 4.92
CA LYS E 340 -94.02 21.90 5.13
C LYS E 340 -95.05 21.37 4.14
N ASN E 341 -94.70 20.27 3.45
CA ASN E 341 -95.55 19.65 2.45
C ASN E 341 -95.93 20.63 1.34
N ASN E 342 -95.01 21.53 1.00
CA ASN E 342 -95.20 22.53 -0.05
C ASN E 342 -96.41 23.43 0.23
N ILE E 343 -96.72 23.64 1.51
CA ILE E 343 -97.81 24.50 1.93
C ILE E 343 -97.30 25.43 3.02
N TRP E 344 -97.61 26.71 2.90
CA TRP E 344 -97.17 27.72 3.85
C TRP E 344 -98.31 28.10 4.77
N TRP E 345 -97.99 28.31 6.04
CA TRP E 345 -98.96 28.74 7.05
C TRP E 345 -98.37 29.86 7.89
N LEU E 346 -99.20 30.86 8.18
CA LEU E 346 -98.79 31.96 9.05
C LEU E 346 -98.92 31.50 10.50
N ILE E 347 -97.78 31.42 11.19
CA ILE E 347 -97.77 30.90 12.55
C ILE E 347 -97.26 31.90 13.57
N GLY E 348 -96.66 33.02 13.17
CA GLY E 348 -96.14 33.97 14.11
C GLY E 348 -96.43 35.40 13.70
N ASP E 349 -96.83 36.21 14.69
CA ASP E 349 -97.03 37.64 14.50
C ASP E 349 -96.14 38.38 15.49
N THR E 350 -95.29 39.27 14.99
CA THR E 350 -94.35 39.99 15.84
C THR E 350 -95.09 40.73 16.95
N SER E 351 -94.74 40.42 18.20
CA SER E 351 -95.36 41.06 19.35
C SER E 351 -94.46 42.09 20.01
N TRP E 352 -93.25 41.70 20.40
CA TRP E 352 -92.31 42.62 21.04
C TRP E 352 -90.92 42.01 21.00
N GLY E 353 -89.95 42.78 21.48
CA GLY E 353 -88.58 42.31 21.51
C GLY E 353 -87.70 43.28 22.26
N SER E 354 -86.47 42.84 22.50
CA SER E 354 -85.46 43.64 23.20
C SER E 354 -84.22 43.75 22.33
N GLY E 355 -83.89 44.97 21.92
CA GLY E 355 -82.74 45.17 21.08
C GLY E 355 -82.99 44.68 19.65
N CYS E 356 -81.90 44.67 18.87
CA CYS E 356 -81.98 44.25 17.48
C CYS E 356 -80.72 43.46 17.14
N ALA E 357 -80.89 42.18 16.81
CA ALA E 357 -79.79 41.31 16.40
C ALA E 357 -78.72 41.20 17.48
N LYS E 358 -79.14 40.89 18.70
CA LYS E 358 -78.22 40.69 19.82
C LYS E 358 -78.54 39.38 20.52
N ALA E 359 -77.52 38.82 21.18
CA ALA E 359 -77.67 37.55 21.86
C ALA E 359 -78.57 37.68 23.08
N TYR E 360 -79.09 36.55 23.55
CA TYR E 360 -79.95 36.44 24.72
C TYR E 360 -81.23 37.24 24.59
N ARG E 361 -81.64 37.59 23.37
CA ARG E 361 -82.83 38.39 23.13
C ARG E 361 -83.43 38.00 21.78
N PRO E 362 -84.19 36.90 21.75
CA PRO E 362 -84.82 36.48 20.49
C PRO E 362 -86.08 37.28 20.17
N GLY E 363 -86.75 36.92 19.07
CA GLY E 363 -87.98 37.59 18.69
C GLY E 363 -89.20 36.87 19.24
N VAL E 364 -90.18 37.66 19.69
CA VAL E 364 -91.39 37.14 20.31
C VAL E 364 -92.52 37.21 19.28
N TYR E 365 -93.16 36.07 19.04
CA TYR E 365 -94.22 35.96 18.04
C TYR E 365 -95.45 35.32 18.65
N GLY E 366 -96.54 36.09 18.67
CA GLY E 366 -97.81 35.52 19.04
C GLY E 366 -98.28 34.50 18.02
N ASN E 367 -98.83 33.40 18.52
CA ASN E 367 -99.25 32.28 17.69
C ASN E 367 -100.68 32.51 17.22
N VAL E 368 -100.89 32.46 15.90
CA VAL E 368 -102.23 32.63 15.36
C VAL E 368 -103.06 31.36 15.56
N MET E 369 -102.39 30.21 15.72
CA MET E 369 -103.11 28.95 15.88
C MET E 369 -103.96 28.94 17.14
N VAL E 370 -103.49 29.63 18.19
CA VAL E 370 -104.25 29.68 19.43
C VAL E 370 -105.50 30.54 19.27
N PHE E 371 -105.42 31.55 18.41
CA PHE E 371 -106.52 32.49 18.21
C PHE E 371 -107.32 32.21 16.95
N THR E 372 -107.27 30.98 16.42
CA THR E 372 -108.05 30.65 15.23
C THR E 372 -109.54 30.72 15.49
N ASP E 373 -109.97 30.36 16.70
CA ASP E 373 -111.39 30.39 17.03
C ASP E 373 -111.93 31.82 17.00
N TRP E 374 -111.17 32.77 17.53
CA TRP E 374 -111.62 34.16 17.52
C TRP E 374 -111.66 34.71 16.10
N ILE E 375 -110.68 34.35 15.28
CA ILE E 375 -110.67 34.79 13.89
C ILE E 375 -111.89 34.24 13.15
N TYR E 376 -112.19 32.95 13.35
CA TYR E 376 -113.34 32.34 12.69
C TYR E 376 -114.64 32.97 13.19
N ARG E 377 -114.73 33.28 14.47
CA ARG E 377 -115.94 33.91 15.00
C ARG E 377 -116.12 35.31 14.42
N GLN E 378 -115.02 36.07 14.31
CA GLN E 378 -115.11 37.41 13.73
C GLN E 378 -115.47 37.35 12.26
N MET E 379 -114.97 36.33 11.56
CA MET E 379 -115.29 36.20 10.13
C MET E 379 -116.74 35.78 9.93
N ARG E 380 -117.27 34.93 10.81
CA ARG E 380 -118.65 34.48 10.68
C ARG E 380 -119.63 35.54 11.14
N ALA E 381 -119.22 36.39 12.07
CA ALA E 381 -120.12 37.43 12.57
C ALA E 381 -120.38 38.49 11.50
N ASP E 382 -119.35 38.88 10.77
CA ASP E 382 -119.50 39.88 9.71
C ASP E 382 -119.83 39.23 8.37
N ILE F 147 -71.35 7.63 -59.72
CA ILE F 147 -69.92 7.83 -59.50
C ILE F 147 -69.59 7.67 -58.02
N VAL F 148 -68.71 6.73 -57.73
CA VAL F 148 -68.29 6.45 -56.36
C VAL F 148 -66.85 6.93 -56.18
N GLY F 149 -66.59 7.64 -55.09
CA GLY F 149 -65.26 8.14 -54.83
C GLY F 149 -64.87 9.33 -55.67
N GLY F 150 -65.79 10.28 -55.88
CA GLY F 150 -65.50 11.46 -56.67
C GLY F 150 -65.71 12.75 -55.91
N GLU F 151 -65.02 13.80 -56.32
CA GLU F 151 -65.14 15.10 -55.68
C GLU F 151 -66.24 15.93 -56.32
N SER F 152 -66.71 16.92 -55.59
CA SER F 152 -67.76 17.79 -56.10
C SER F 152 -67.25 18.64 -57.25
N ALA F 153 -68.07 18.80 -58.28
CA ALA F 153 -67.70 19.57 -59.46
C ALA F 153 -68.03 21.04 -59.24
N LEU F 154 -67.01 21.90 -59.41
CA LEU F 154 -67.22 23.32 -59.24
C LEU F 154 -68.03 23.88 -60.41
N PRO F 155 -68.78 24.96 -60.19
CA PRO F 155 -69.55 25.56 -61.29
C PRO F 155 -68.63 26.06 -62.40
N GLY F 156 -69.03 25.77 -63.63
CA GLY F 156 -68.23 26.18 -64.78
C GLY F 156 -67.05 25.27 -65.07
N ALA F 157 -67.18 23.98 -64.78
CA ALA F 157 -66.13 23.00 -65.02
C ALA F 157 -66.43 22.05 -66.16
N TRP F 158 -67.64 21.50 -66.21
CA TRP F 158 -68.06 20.59 -67.28
C TRP F 158 -69.35 21.12 -67.88
N PRO F 159 -69.26 22.13 -68.75
CA PRO F 159 -70.48 22.74 -69.29
C PRO F 159 -71.06 21.99 -70.49
N TRP F 160 -71.19 20.66 -70.36
CA TRP F 160 -71.80 19.88 -71.43
C TRP F 160 -72.73 18.79 -70.90
N GLN F 161 -73.15 18.86 -69.64
CA GLN F 161 -74.06 17.87 -69.07
C GLN F 161 -75.48 18.38 -69.16
N VAL F 162 -76.32 17.67 -69.91
CA VAL F 162 -77.74 18.00 -70.04
C VAL F 162 -78.54 16.90 -69.35
N SER F 163 -79.52 17.29 -68.54
CA SER F 163 -80.33 16.35 -67.78
C SER F 163 -81.69 16.19 -68.45
N LEU F 164 -82.09 14.93 -68.66
CA LEU F 164 -83.39 14.60 -69.21
C LEU F 164 -84.33 14.21 -68.08
N HIS F 165 -85.42 14.95 -67.93
CA HIS F 165 -86.39 14.74 -66.87
C HIS F 165 -87.71 14.29 -67.46
N VAL F 166 -88.21 13.15 -66.98
CA VAL F 166 -89.51 12.62 -67.37
C VAL F 166 -90.34 12.42 -66.11
N GLN F 167 -91.62 12.75 -66.18
CA GLN F 167 -92.53 12.68 -65.03
C GLN F 167 -92.05 13.57 -63.88
N ASN F 168 -91.52 14.76 -64.24
CA ASN F 168 -91.11 15.77 -63.27
C ASN F 168 -89.99 15.25 -62.36
N VAL F 169 -89.08 14.46 -62.91
CA VAL F 169 -87.93 13.97 -62.17
C VAL F 169 -86.85 13.58 -63.17
N HIS F 170 -85.62 14.00 -62.90
CA HIS F 170 -84.50 13.67 -63.77
C HIS F 170 -84.16 12.19 -63.69
N VAL F 171 -83.90 11.58 -64.83
CA VAL F 171 -83.62 10.15 -64.93
C VAL F 171 -82.26 9.88 -65.59
N CYS F 172 -81.95 10.60 -66.66
CA CYS F 172 -80.76 10.31 -67.45
C CYS F 172 -80.01 11.60 -67.79
N GLY F 173 -78.78 11.43 -68.26
CA GLY F 173 -77.97 12.53 -68.70
C GLY F 173 -77.54 12.38 -70.15
N GLY F 174 -76.92 13.43 -70.66
CA GLY F 174 -76.48 13.43 -72.05
C GLY F 174 -75.48 14.55 -72.30
N SER F 175 -74.86 14.48 -73.48
CA SER F 175 -73.86 15.45 -73.91
C SER F 175 -74.44 16.32 -75.01
N ILE F 176 -73.94 17.55 -75.08
CA ILE F 176 -74.36 18.52 -76.10
C ILE F 176 -73.16 18.80 -77.01
N ILE F 177 -73.34 18.56 -78.30
CA ILE F 177 -72.34 18.87 -79.31
C ILE F 177 -72.79 20.02 -80.22
N THR F 178 -74.09 20.09 -80.51
CA THR F 178 -74.69 21.14 -81.30
C THR F 178 -75.98 21.60 -80.62
N PRO F 179 -76.34 22.88 -80.76
CA PRO F 179 -77.55 23.38 -80.10
C PRO F 179 -78.85 22.77 -80.62
N GLU F 180 -78.75 21.82 -81.55
CA GLU F 180 -79.93 21.19 -82.14
C GLU F 180 -80.00 19.69 -81.86
N TRP F 181 -78.98 19.11 -81.23
CA TRP F 181 -78.99 17.68 -80.97
C TRP F 181 -78.28 17.39 -79.65
N ILE F 182 -78.81 16.42 -78.91
CA ILE F 182 -78.23 15.95 -77.65
C ILE F 182 -78.01 14.45 -77.78
N VAL F 183 -76.83 13.99 -77.35
CA VAL F 183 -76.43 12.59 -77.49
C VAL F 183 -76.58 11.91 -76.13
N THR F 184 -77.24 10.76 -76.11
CA THR F 184 -77.44 10.01 -74.88
C THR F 184 -77.51 8.52 -75.24
N ALA F 185 -77.98 7.73 -74.29
CA ALA F 185 -78.10 6.28 -74.46
C ALA F 185 -79.40 5.93 -75.18
N ALA F 186 -79.38 4.81 -75.90
CA ALA F 186 -80.55 4.40 -76.66
C ALA F 186 -81.43 3.42 -75.91
N HIS F 187 -80.85 2.66 -74.97
CA HIS F 187 -81.64 1.67 -74.25
C HIS F 187 -82.66 2.32 -73.32
N CYS F 188 -82.36 3.51 -72.81
CA CYS F 188 -83.29 4.23 -71.95
C CYS F 188 -84.40 4.93 -72.73
N VAL F 189 -84.26 5.06 -74.05
CA VAL F 189 -85.27 5.71 -74.87
C VAL F 189 -86.12 4.69 -75.62
N GLU F 190 -86.13 3.44 -75.16
CA GLU F 190 -86.92 2.40 -75.80
C GLU F 190 -88.40 2.52 -75.41
N LYS F 191 -89.21 1.62 -75.96
CA LYS F 191 -90.62 1.62 -75.66
C LYS F 191 -90.87 1.25 -74.20
N PRO F 192 -91.93 1.79 -73.58
CA PRO F 192 -92.88 2.74 -74.16
C PRO F 192 -92.42 4.19 -74.06
N LEU F 193 -91.19 4.40 -73.57
CA LEU F 193 -90.66 5.75 -73.42
C LEU F 193 -90.24 6.38 -74.75
N ASN F 194 -90.32 5.63 -75.85
CA ASN F 194 -89.94 6.15 -77.17
C ASN F 194 -91.05 7.06 -77.67
N ASN F 195 -91.10 8.27 -77.11
CA ASN F 195 -92.09 9.27 -77.48
C ASN F 195 -91.44 10.64 -77.55
N PRO F 196 -91.84 11.48 -78.52
CA PRO F 196 -91.25 12.82 -78.62
C PRO F 196 -91.53 13.69 -77.41
N TRP F 197 -92.77 13.68 -76.91
CA TRP F 197 -93.13 14.49 -75.75
C TRP F 197 -92.74 13.75 -74.47
N HIS F 198 -93.19 14.28 -73.33
CA HIS F 198 -92.91 13.70 -72.02
C HIS F 198 -91.40 13.64 -71.75
N TRP F 199 -90.68 14.66 -72.19
CA TRP F 199 -89.24 14.76 -71.96
C TRP F 199 -88.86 16.23 -71.84
N THR F 200 -88.18 16.57 -70.76
CA THR F 200 -87.73 17.94 -70.51
C THR F 200 -86.21 17.95 -70.46
N ALA F 201 -85.61 18.98 -71.07
CA ALA F 201 -84.16 19.13 -71.12
C ALA F 201 -83.74 20.27 -70.21
N PHE F 202 -82.76 19.99 -69.34
CA PHE F 202 -82.23 20.99 -68.42
C PHE F 202 -80.73 21.14 -68.66
N ALA F 203 -80.31 22.37 -68.94
CA ALA F 203 -78.90 22.67 -69.19
C ALA F 203 -78.46 23.82 -68.30
N GLY F 204 -77.25 23.72 -67.76
CA GLY F 204 -76.70 24.74 -66.90
C GLY F 204 -77.11 24.65 -65.45
N ILE F 205 -77.89 23.64 -65.06
CA ILE F 205 -78.33 23.49 -63.69
C ILE F 205 -77.17 22.89 -62.88
N LEU F 206 -76.55 23.72 -62.05
CA LEU F 206 -75.43 23.27 -61.22
C LEU F 206 -75.86 22.49 -59.99
N ARG F 207 -77.16 22.46 -59.69
CA ARG F 207 -77.66 21.73 -58.53
C ARG F 207 -79.11 21.32 -58.78
N GLN F 208 -79.54 20.29 -58.06
CA GLN F 208 -80.91 19.79 -58.20
C GLN F 208 -81.92 20.68 -57.48
N SER F 209 -81.47 21.54 -56.57
CA SER F 209 -82.39 22.44 -55.88
C SER F 209 -82.95 23.50 -56.83
N PHE F 210 -82.13 23.97 -57.77
CA PHE F 210 -82.58 24.96 -58.74
C PHE F 210 -83.51 24.35 -59.79
N MET F 211 -83.55 23.03 -59.90
CA MET F 211 -84.43 22.38 -60.87
C MET F 211 -85.88 22.50 -60.44
N PHE F 212 -86.70 23.10 -61.29
CA PHE F 212 -88.11 23.31 -61.01
C PHE F 212 -88.83 23.55 -62.34
N TYR F 213 -90.07 24.02 -62.26
CA TYR F 213 -90.83 24.32 -63.47
C TYR F 213 -90.17 25.43 -64.25
N GLY F 214 -89.94 25.21 -65.54
CA GLY F 214 -89.27 26.17 -66.37
C GLY F 214 -87.90 25.71 -66.82
N ALA F 215 -87.78 25.26 -68.06
CA ALA F 215 -86.53 24.73 -68.59
C ALA F 215 -86.48 25.04 -70.09
N GLY F 216 -85.60 24.37 -70.80
CA GLY F 216 -85.45 24.59 -72.23
C GLY F 216 -86.66 24.14 -73.01
N TYR F 217 -86.50 24.16 -74.33
CA TYR F 217 -87.58 23.82 -75.25
C TYR F 217 -87.93 22.34 -75.14
N GLN F 218 -89.09 21.97 -75.68
CA GLN F 218 -89.53 20.60 -75.65
C GLN F 218 -88.67 19.73 -76.55
N VAL F 219 -88.49 18.47 -76.16
CA VAL F 219 -87.68 17.54 -76.94
C VAL F 219 -88.45 17.09 -78.16
N GLU F 220 -87.79 17.07 -79.32
CA GLU F 220 -88.38 16.60 -80.55
C GLU F 220 -88.30 15.08 -80.62
N LYS F 221 -88.61 14.52 -81.78
CA LYS F 221 -88.58 13.07 -81.94
C LYS F 221 -87.16 12.53 -81.77
N VAL F 222 -87.04 11.46 -81.00
CA VAL F 222 -85.75 10.85 -80.70
C VAL F 222 -85.39 9.86 -81.80
N ILE F 223 -84.14 9.88 -82.22
CA ILE F 223 -83.63 8.99 -83.27
C ILE F 223 -82.67 7.99 -82.63
N SER F 224 -82.95 6.71 -82.81
CA SER F 224 -82.10 5.64 -82.29
C SER F 224 -81.46 4.88 -83.44
N HIS F 225 -80.38 4.20 -83.13
CA HIS F 225 -79.67 3.42 -84.14
C HIS F 225 -80.49 2.18 -84.50
N PRO F 226 -80.88 2.00 -85.76
CA PRO F 226 -81.70 0.83 -86.12
C PRO F 226 -81.00 -0.50 -85.86
N ASN F 227 -79.67 -0.51 -85.80
CA ASN F 227 -78.92 -1.74 -85.57
C ASN F 227 -78.78 -2.07 -84.09
N TYR F 228 -79.54 -1.40 -83.22
CA TYR F 228 -79.46 -1.68 -81.80
C TYR F 228 -80.29 -2.91 -81.43
N ASP F 229 -79.93 -3.55 -80.32
CA ASP F 229 -80.62 -4.72 -79.84
C ASP F 229 -80.86 -4.60 -78.33
N SER F 230 -81.82 -5.37 -77.84
CA SER F 230 -82.17 -5.38 -76.42
C SER F 230 -81.49 -6.49 -75.66
N LYS F 231 -81.46 -7.71 -76.20
CA LYS F 231 -80.81 -8.82 -75.53
C LYS F 231 -79.29 -8.64 -75.52
N THR F 232 -78.73 -8.20 -76.65
CA THR F 232 -77.30 -7.96 -76.77
C THR F 232 -77.04 -6.46 -76.84
N LYS F 233 -76.17 -5.98 -75.95
CA LYS F 233 -75.86 -4.55 -75.89
C LYS F 233 -74.96 -4.18 -77.07
N ASN F 234 -75.51 -3.43 -78.02
CA ASN F 234 -74.76 -3.01 -79.19
C ASN F 234 -75.44 -1.79 -79.79
N ASN F 235 -74.63 -0.79 -80.16
CA ASN F 235 -75.10 0.45 -80.76
C ASN F 235 -76.11 1.15 -79.85
N ASP F 236 -75.63 1.52 -78.67
CA ASP F 236 -76.45 2.20 -77.67
C ASP F 236 -76.20 3.71 -77.74
N ILE F 237 -76.77 4.31 -78.79
CA ILE F 237 -76.63 5.74 -79.04
C ILE F 237 -77.99 6.29 -79.48
N ALA F 238 -78.42 7.37 -78.85
CA ALA F 238 -79.67 8.04 -79.19
C ALA F 238 -79.44 9.54 -79.31
N LEU F 239 -80.20 10.16 -80.21
CA LEU F 239 -80.10 11.59 -80.47
C LEU F 239 -81.47 12.22 -80.26
N MET F 240 -81.52 13.26 -79.42
CA MET F 240 -82.75 14.01 -79.14
C MET F 240 -82.61 15.41 -79.70
N LYS F 241 -83.60 15.83 -80.47
CA LYS F 241 -83.62 17.15 -81.08
C LYS F 241 -84.42 18.12 -80.22
N LEU F 242 -84.02 19.39 -80.27
CA LEU F 242 -84.68 20.45 -79.52
C LEU F 242 -85.33 21.43 -80.47
N GLN F 243 -86.46 22.00 -80.03
CA GLN F 243 -87.18 22.98 -80.86
C GLN F 243 -86.41 24.28 -80.95
N LYS F 244 -86.18 24.92 -79.80
CA LYS F 244 -85.44 26.18 -79.78
C LYS F 244 -83.94 25.92 -79.69
N PRO F 245 -83.12 26.76 -80.31
CA PRO F 245 -81.67 26.57 -80.25
C PRO F 245 -81.13 26.83 -78.84
N LEU F 246 -80.09 26.08 -78.47
CA LEU F 246 -79.48 26.21 -77.16
C LEU F 246 -78.56 27.44 -77.17
N THR F 247 -78.98 28.49 -76.46
CA THR F 247 -78.20 29.71 -76.39
C THR F 247 -76.97 29.47 -75.52
N PHE F 248 -75.79 29.77 -76.07
CA PHE F 248 -74.54 29.59 -75.36
C PHE F 248 -74.41 30.63 -74.25
N ASN F 249 -74.61 30.23 -73.00
CA ASN F 249 -74.49 31.12 -71.86
C ASN F 249 -73.02 31.19 -71.43
N ASP F 250 -72.77 31.76 -70.25
CA ASP F 250 -71.41 31.86 -69.76
C ASP F 250 -70.80 30.48 -69.49
N LEU F 251 -71.47 29.70 -68.65
CA LEU F 251 -71.02 28.34 -68.33
C LEU F 251 -71.66 27.31 -69.25
N VAL F 252 -71.53 27.53 -70.56
CA VAL F 252 -72.08 26.63 -71.57
C VAL F 252 -71.06 26.50 -72.68
N LYS F 253 -70.60 25.27 -72.93
CA LYS F 253 -69.62 25.02 -73.99
C LYS F 253 -69.77 23.58 -74.50
N PRO F 254 -70.19 23.39 -75.75
CA PRO F 254 -70.36 22.03 -76.27
C PRO F 254 -69.02 21.35 -76.53
N VAL F 255 -69.02 20.03 -76.36
CA VAL F 255 -67.83 19.24 -76.61
C VAL F 255 -67.67 18.97 -78.11
N CYS F 256 -66.43 18.82 -78.54
CA CYS F 256 -66.11 18.58 -79.94
C CYS F 256 -66.11 17.09 -80.24
N LEU F 257 -66.65 16.72 -81.39
CA LEU F 257 -66.69 15.33 -81.79
C LEU F 257 -65.28 14.84 -82.16
N PRO F 258 -64.95 13.59 -81.86
CA PRO F 258 -63.61 13.08 -82.17
C PRO F 258 -63.43 12.87 -83.66
N ASN F 259 -62.36 13.45 -84.20
CA ASN F 259 -62.05 13.29 -85.62
C ASN F 259 -61.53 11.88 -85.87
N PRO F 260 -61.82 11.29 -87.04
CA PRO F 260 -61.29 9.96 -87.36
C PRO F 260 -59.76 9.97 -87.36
N GLY F 261 -59.19 9.22 -86.43
CA GLY F 261 -57.75 9.16 -86.28
C GLY F 261 -57.26 10.00 -85.12
N MET F 262 -57.00 9.35 -83.98
CA MET F 262 -56.57 10.05 -82.77
C MET F 262 -55.35 9.44 -82.09
N MET F 263 -55.05 8.16 -82.33
CA MET F 263 -53.92 7.47 -81.72
C MET F 263 -54.02 7.53 -80.18
N LEU F 264 -55.12 6.99 -79.67
CA LEU F 264 -55.36 7.00 -78.23
C LEU F 264 -54.42 6.04 -77.52
N GLN F 265 -54.04 6.41 -76.31
CA GLN F 265 -53.18 5.55 -75.48
C GLN F 265 -54.01 4.44 -74.86
N PRO F 266 -53.51 3.20 -74.84
CA PRO F 266 -54.29 2.12 -74.20
C PRO F 266 -54.59 2.36 -72.73
N GLU F 267 -53.78 3.16 -72.03
CA GLU F 267 -54.02 3.53 -70.64
C GLU F 267 -53.91 5.05 -70.55
N GLN F 268 -55.02 5.74 -70.81
CA GLN F 268 -55.06 7.20 -70.82
C GLN F 268 -56.05 7.68 -69.77
N LEU F 269 -55.67 8.75 -69.06
CA LEU F 269 -56.53 9.32 -68.05
C LEU F 269 -57.71 10.02 -68.69
N CYS F 270 -58.91 9.77 -68.14
CA CYS F 270 -60.13 10.37 -68.64
C CYS F 270 -61.03 10.72 -67.45
N TRP F 271 -62.04 11.54 -67.71
CA TRP F 271 -62.94 12.04 -66.68
C TRP F 271 -64.37 11.59 -66.95
N ILE F 272 -65.07 11.21 -65.88
CA ILE F 272 -66.48 10.86 -65.94
C ILE F 272 -67.24 11.75 -64.97
N SER F 273 -68.22 12.49 -65.48
CA SER F 273 -68.99 13.43 -64.68
C SER F 273 -70.48 13.17 -64.87
N GLY F 274 -71.24 13.37 -63.81
CA GLY F 274 -72.68 13.16 -63.87
C GLY F 274 -73.27 13.12 -62.48
N TRP F 275 -74.55 12.73 -62.45
CA TRP F 275 -75.31 12.58 -61.22
C TRP F 275 -75.41 11.09 -60.93
N GLY F 276 -74.49 10.58 -60.10
CA GLY F 276 -74.42 9.16 -59.83
C GLY F 276 -74.79 8.77 -58.41
N ALA F 277 -74.34 7.60 -57.99
CA ALA F 277 -74.64 7.05 -56.68
C ALA F 277 -73.37 6.85 -55.87
N THR F 278 -73.50 6.97 -54.55
CA THR F 278 -72.37 6.75 -53.65
C THR F 278 -72.61 5.61 -52.66
N GLU F 279 -73.86 5.16 -52.54
CA GLU F 279 -74.22 4.09 -51.62
C GLU F 279 -74.75 2.92 -52.43
N GLU F 280 -75.30 1.92 -51.73
CA GLU F 280 -75.83 0.75 -52.40
C GLU F 280 -77.03 1.11 -53.27
N LYS F 281 -76.79 1.19 -54.57
CA LYS F 281 -77.81 1.46 -55.60
C LYS F 281 -78.20 2.93 -55.50
N GLY F 282 -77.74 3.69 -54.50
CA GLY F 282 -78.02 5.10 -54.41
C GLY F 282 -79.48 5.42 -54.16
N LYS F 283 -79.73 6.66 -53.74
CA LYS F 283 -81.08 7.19 -53.58
C LYS F 283 -81.36 8.33 -54.56
N THR F 284 -80.52 9.36 -54.56
CA THR F 284 -80.67 10.48 -55.48
C THR F 284 -79.30 11.13 -55.67
N SER F 285 -79.30 12.28 -56.35
CA SER F 285 -78.09 13.06 -56.55
C SER F 285 -78.48 14.53 -56.65
N GLU F 286 -77.98 15.34 -55.74
CA GLU F 286 -78.33 16.75 -55.67
C GLU F 286 -77.31 17.67 -56.33
N VAL F 287 -76.08 17.20 -56.55
CA VAL F 287 -75.03 18.02 -57.14
C VAL F 287 -74.24 17.18 -58.14
N LEU F 288 -73.46 17.87 -58.96
CA LEU F 288 -72.64 17.20 -59.95
C LEU F 288 -71.48 16.48 -59.28
N ASN F 289 -71.22 15.24 -59.72
CA ASN F 289 -70.14 14.42 -59.19
C ASN F 289 -69.25 13.99 -60.33
N ALA F 290 -67.95 14.26 -60.21
CA ALA F 290 -67.00 13.94 -61.25
C ALA F 290 -65.83 13.15 -60.66
N ALA F 291 -65.22 12.31 -61.48
CA ALA F 291 -64.10 11.49 -61.06
C ALA F 291 -63.21 11.21 -62.27
N LYS F 292 -62.03 10.66 -61.99
CA LYS F 292 -61.07 10.32 -63.03
C LYS F 292 -60.81 8.82 -63.04
N VAL F 293 -60.68 8.26 -64.25
CA VAL F 293 -60.41 6.85 -64.44
C VAL F 293 -59.36 6.71 -65.53
N LEU F 294 -58.97 5.46 -65.79
CA LEU F 294 -57.98 5.13 -66.81
C LEU F 294 -58.62 4.23 -67.86
N LEU F 295 -58.22 4.42 -69.11
CA LEU F 295 -58.73 3.58 -70.19
C LEU F 295 -58.13 2.18 -70.10
N ILE F 296 -58.96 1.18 -70.38
CA ILE F 296 -58.56 -0.21 -70.32
C ILE F 296 -58.51 -0.77 -71.74
N GLU F 297 -57.41 -1.42 -72.08
CA GLU F 297 -57.24 -1.99 -73.41
C GLU F 297 -58.23 -3.13 -73.61
N THR F 298 -58.61 -3.35 -74.88
CA THR F 298 -59.68 -4.29 -75.19
C THR F 298 -59.27 -5.73 -74.88
N GLN F 299 -58.13 -6.17 -75.40
CA GLN F 299 -57.68 -7.54 -75.19
C GLN F 299 -57.47 -7.83 -73.70
N ARG F 300 -57.01 -6.84 -72.95
CA ARG F 300 -56.85 -7.02 -71.52
C ARG F 300 -58.19 -7.04 -70.79
N CYS F 301 -59.24 -6.45 -71.36
CA CYS F 301 -60.54 -6.39 -70.72
C CYS F 301 -61.43 -7.58 -71.05
N ASN F 302 -61.21 -8.24 -72.19
CA ASN F 302 -62.04 -9.37 -72.61
C ASN F 302 -61.48 -10.72 -72.16
N SER F 303 -60.78 -10.75 -71.04
CA SER F 303 -60.23 -12.00 -70.53
C SER F 303 -61.36 -12.93 -70.09
N ARG F 304 -60.99 -14.20 -69.84
CA ARG F 304 -61.99 -15.20 -69.46
C ARG F 304 -62.50 -14.96 -68.04
N TYR F 305 -61.77 -14.20 -67.23
CA TYR F 305 -62.14 -13.99 -65.83
C TYR F 305 -63.03 -12.77 -65.61
N VAL F 306 -63.18 -11.91 -66.61
CA VAL F 306 -63.95 -10.68 -66.42
C VAL F 306 -65.11 -10.61 -67.41
N TYR F 307 -64.80 -10.57 -68.70
CA TYR F 307 -65.79 -10.33 -69.74
C TYR F 307 -65.61 -11.33 -70.89
N ASP F 308 -65.54 -12.62 -70.54
CA ASP F 308 -65.37 -13.68 -71.52
C ASP F 308 -66.49 -13.67 -72.56
N ASN F 309 -66.14 -13.36 -73.81
CA ASN F 309 -67.09 -13.35 -74.93
C ASN F 309 -68.26 -12.42 -74.65
N LEU F 310 -67.94 -11.23 -74.12
CA LEU F 310 -68.95 -10.22 -73.81
C LEU F 310 -68.55 -8.82 -74.25
N ILE F 311 -67.52 -8.69 -75.09
CA ILE F 311 -67.03 -7.39 -75.54
C ILE F 311 -66.98 -7.39 -77.07
N THR F 312 -67.59 -6.38 -77.66
CA THR F 312 -67.56 -6.15 -79.10
C THR F 312 -66.71 -4.91 -79.40
N PRO F 313 -66.21 -4.78 -80.63
CA PRO F 313 -65.39 -3.61 -80.97
C PRO F 313 -66.16 -2.30 -80.97
N ALA F 314 -67.45 -2.34 -80.63
CA ALA F 314 -68.29 -1.16 -80.58
C ALA F 314 -68.21 -0.43 -79.25
N MET F 315 -67.47 -0.96 -78.28
CA MET F 315 -67.33 -0.31 -76.97
C MET F 315 -65.99 -0.70 -76.36
N ILE F 316 -65.54 0.11 -75.41
CA ILE F 316 -64.28 -0.12 -74.72
C ILE F 316 -64.53 -0.15 -73.22
N CYS F 317 -63.46 -0.36 -72.44
CA CYS F 317 -63.54 -0.47 -70.99
C CYS F 317 -62.81 0.71 -70.36
N ALA F 318 -63.32 1.18 -69.22
CA ALA F 318 -62.68 2.23 -68.45
C ALA F 318 -62.86 1.94 -66.97
N GLY F 319 -62.03 2.57 -66.16
CA GLY F 319 -62.06 2.39 -64.71
C GLY F 319 -60.79 1.72 -64.21
N PHE F 320 -60.81 1.45 -62.91
CA PHE F 320 -59.69 0.82 -62.22
C PHE F 320 -60.00 -0.65 -61.99
N LEU F 321 -59.02 -1.51 -62.26
CA LEU F 321 -59.21 -2.94 -62.03
C LEU F 321 -59.31 -3.24 -60.54
N GLN F 322 -58.64 -2.45 -59.70
CA GLN F 322 -58.72 -2.64 -58.26
C GLN F 322 -60.10 -2.28 -57.71
N GLY F 323 -60.81 -1.38 -58.37
CA GLY F 323 -62.15 -0.99 -57.94
C GLY F 323 -62.20 0.29 -57.15
N ASN F 324 -63.29 0.50 -56.43
CA ASN F 324 -63.50 1.64 -55.54
C ASN F 324 -63.72 2.93 -56.32
N VAL F 325 -63.57 2.88 -57.65
CA VAL F 325 -63.82 4.02 -58.52
C VAL F 325 -64.52 3.49 -59.76
N ASP F 326 -65.82 3.73 -59.86
CA ASP F 326 -66.61 3.26 -60.98
C ASP F 326 -67.97 3.94 -60.96
N SER F 327 -68.71 3.78 -62.05
CA SER F 327 -70.06 4.33 -62.15
C SER F 327 -71.05 3.41 -61.44
N CYS F 328 -72.30 3.84 -61.36
CA CYS F 328 -73.34 3.07 -60.70
C CYS F 328 -74.66 3.30 -61.42
N GLN F 329 -75.75 2.86 -60.79
CA GLN F 329 -77.07 3.00 -61.40
C GLN F 329 -77.49 4.47 -61.45
N GLY F 330 -78.22 4.83 -62.51
CA GLY F 330 -78.67 6.18 -62.71
C GLY F 330 -77.79 7.03 -63.59
N ASP F 331 -76.58 6.57 -63.90
CA ASP F 331 -75.66 7.32 -64.76
C ASP F 331 -75.85 6.97 -66.23
N SER F 332 -77.08 7.12 -66.71
CA SER F 332 -77.38 6.87 -68.12
C SER F 332 -76.99 8.09 -68.96
N GLY F 333 -76.03 7.89 -69.86
CA GLY F 333 -75.53 8.99 -70.67
C GLY F 333 -74.31 9.70 -70.14
N GLY F 334 -73.54 9.05 -69.27
CA GLY F 334 -72.35 9.66 -68.72
C GLY F 334 -71.25 9.82 -69.74
N PRO F 335 -70.85 11.07 -69.97
CA PRO F 335 -69.82 11.33 -70.98
C PRO F 335 -68.44 10.89 -70.49
N LEU F 336 -67.59 10.49 -71.44
CA LEU F 336 -66.20 10.14 -71.16
C LEU F 336 -65.33 11.17 -71.90
N VAL F 337 -65.02 12.26 -71.21
CA VAL F 337 -64.24 13.36 -71.79
C VAL F 337 -62.77 13.18 -71.42
N THR F 338 -61.88 13.50 -72.36
CA THR F 338 -60.45 13.41 -72.15
C THR F 338 -59.77 14.70 -72.60
N SER F 339 -58.58 14.95 -72.08
CA SER F 339 -57.82 16.14 -72.39
C SER F 339 -56.74 15.78 -73.42
N LYS F 340 -56.93 16.24 -74.65
CA LYS F 340 -55.99 16.01 -75.74
C LYS F 340 -55.79 17.29 -76.52
N ASN F 341 -54.54 17.79 -76.52
CA ASN F 341 -54.19 19.03 -77.21
C ASN F 341 -55.02 20.20 -76.70
N ASN F 342 -55.27 20.23 -75.40
CA ASN F 342 -56.01 21.28 -74.69
C ASN F 342 -57.46 21.39 -75.16
N ILE F 343 -57.97 20.42 -75.90
CA ILE F 343 -59.35 20.39 -76.35
C ILE F 343 -59.98 19.09 -75.87
N TRP F 344 -61.17 19.19 -75.27
CA TRP F 344 -61.86 18.02 -74.76
C TRP F 344 -62.55 17.27 -75.90
N TRP F 345 -62.51 15.94 -75.82
CA TRP F 345 -63.14 15.08 -76.81
C TRP F 345 -64.06 14.09 -76.11
N LEU F 346 -65.15 13.75 -76.79
CA LEU F 346 -66.12 12.78 -76.29
C LEU F 346 -65.87 11.44 -76.98
N ILE F 347 -65.46 10.43 -76.20
CA ILE F 347 -65.11 9.13 -76.77
C ILE F 347 -65.92 7.99 -76.19
N GLY F 348 -66.60 8.14 -75.06
CA GLY F 348 -67.33 7.05 -74.46
C GLY F 348 -68.64 7.51 -73.87
N ASP F 349 -69.64 6.64 -73.98
CA ASP F 349 -70.97 6.88 -73.44
C ASP F 349 -71.38 5.68 -72.60
N THR F 350 -71.98 5.94 -71.44
CA THR F 350 -72.38 4.87 -70.54
C THR F 350 -73.48 4.03 -71.18
N SER F 351 -73.23 2.73 -71.29
CA SER F 351 -74.19 1.79 -71.86
C SER F 351 -74.68 0.77 -70.84
N TRP F 352 -73.76 0.10 -70.15
CA TRP F 352 -74.13 -0.91 -69.15
C TRP F 352 -72.94 -1.13 -68.23
N GLY F 353 -73.18 -1.89 -67.16
CA GLY F 353 -72.14 -2.17 -66.20
C GLY F 353 -72.61 -3.24 -65.22
N SER F 354 -71.67 -3.69 -64.40
CA SER F 354 -71.92 -4.72 -63.40
C SER F 354 -71.35 -4.24 -62.06
N GLY F 355 -72.22 -4.14 -61.06
CA GLY F 355 -71.78 -3.70 -59.75
C GLY F 355 -71.44 -2.22 -59.71
N CYS F 356 -71.02 -1.78 -58.52
CA CYS F 356 -70.66 -0.39 -58.30
C CYS F 356 -69.45 -0.34 -57.39
N ALA F 357 -68.33 0.17 -57.91
CA ALA F 357 -67.09 0.33 -57.15
C ALA F 357 -66.61 -1.01 -56.57
N LYS F 358 -66.53 -2.01 -57.43
CA LYS F 358 -66.04 -3.33 -57.06
C LYS F 358 -65.02 -3.81 -58.08
N ALA F 359 -64.06 -4.62 -57.61
CA ALA F 359 -63.00 -5.11 -58.47
C ALA F 359 -63.53 -6.15 -59.45
N TYR F 360 -62.73 -6.41 -60.48
CA TYR F 360 -63.01 -7.39 -61.53
C TYR F 360 -64.27 -7.07 -62.32
N ARG F 361 -64.81 -5.86 -62.19
CA ARG F 361 -66.01 -5.42 -62.90
C ARG F 361 -65.84 -3.97 -63.31
N PRO F 362 -65.07 -3.70 -64.35
CA PRO F 362 -64.86 -2.31 -64.78
C PRO F 362 -66.04 -1.79 -65.60
N GLY F 363 -66.00 -0.48 -65.82
CA GLY F 363 -67.06 0.15 -66.60
C GLY F 363 -66.87 -0.05 -68.09
N VAL F 364 -67.99 -0.11 -68.80
CA VAL F 364 -68.02 -0.29 -70.25
C VAL F 364 -68.65 0.95 -70.87
N TYR F 365 -67.95 1.55 -71.83
CA TYR F 365 -68.38 2.78 -72.47
C TYR F 365 -68.44 2.57 -73.98
N GLY F 366 -69.57 2.91 -74.58
CA GLY F 366 -69.72 2.75 -76.02
C GLY F 366 -68.76 3.63 -76.79
N ASN F 367 -68.12 3.02 -77.79
CA ASN F 367 -67.15 3.72 -78.64
C ASN F 367 -67.92 4.58 -79.63
N VAL F 368 -67.94 5.88 -79.39
CA VAL F 368 -68.70 6.79 -80.26
C VAL F 368 -67.96 7.02 -81.58
N MET F 369 -66.65 6.79 -81.60
CA MET F 369 -65.87 7.07 -82.81
C MET F 369 -66.33 6.23 -83.99
N VAL F 370 -66.83 5.02 -83.73
CA VAL F 370 -67.34 4.18 -84.81
C VAL F 370 -68.65 4.73 -85.34
N PHE F 371 -69.47 5.32 -84.46
CA PHE F 371 -70.79 5.83 -84.83
C PHE F 371 -70.78 7.30 -85.23
N THR F 372 -69.62 7.97 -85.15
CA THR F 372 -69.55 9.39 -85.48
C THR F 372 -70.10 9.67 -86.86
N ASP F 373 -69.69 8.87 -87.86
CA ASP F 373 -70.24 9.02 -89.20
C ASP F 373 -71.76 8.92 -89.19
N TRP F 374 -72.30 7.94 -88.47
CA TRP F 374 -73.75 7.83 -88.35
C TRP F 374 -74.35 9.09 -87.74
N ILE F 375 -73.65 9.69 -86.76
CA ILE F 375 -74.09 10.98 -86.24
C ILE F 375 -74.15 12.01 -87.35
N TYR F 376 -73.14 12.06 -88.20
CA TYR F 376 -73.17 12.96 -89.35
C TYR F 376 -74.33 12.63 -90.27
N ARG F 377 -74.72 11.35 -90.33
CA ARG F 377 -75.91 10.98 -91.08
C ARG F 377 -77.13 11.73 -90.59
N GLN F 378 -77.26 11.89 -89.27
CA GLN F 378 -78.34 12.70 -88.73
C GLN F 378 -78.24 14.14 -89.23
N MET F 379 -77.02 14.68 -89.33
CA MET F 379 -76.85 16.01 -89.91
C MET F 379 -77.28 16.04 -91.36
N ARG F 380 -77.19 14.91 -92.06
CA ARG F 380 -77.69 14.83 -93.42
C ARG F 380 -79.20 14.68 -93.44
N ALA F 381 -79.78 14.19 -92.34
CA ALA F 381 -81.23 14.01 -92.30
C ALA F 381 -81.94 15.33 -92.05
N ASP F 382 -81.64 15.98 -90.92
CA ASP F 382 -82.28 17.25 -90.59
C ASP F 382 -81.62 18.40 -91.34
#